data_2D86
#
_entry.id   2D86
#
_entity_poly.entity_id   1
_entity_poly.type   'polypeptide(L)'
_entity_poly.pdbx_seq_one_letter_code
;GSSGSSGMEPWKQCAQWLIHCKVLPTNHRVTWDSAQVFDLAQTLRDGVLLCQLLNNLRAHSINLKEINLRPQMSQFLCLK
NIRTFLTACCETFGMRKSELFEAFDLFDVRDFGKVIETLSRLSRTPIALATGIRPFPSGPSSG
;
_entity_poly.pdbx_strand_id   A
#
# COMPACT_ATOMS: atom_id res chain seq x y z
N GLY A 1 14.57 1.40 -18.13
CA GLY A 1 14.15 0.72 -19.34
C GLY A 1 12.72 1.02 -19.71
N SER A 2 12.39 2.30 -19.84
CA SER A 2 11.03 2.72 -20.18
C SER A 2 10.67 2.27 -21.60
N SER A 3 9.93 1.18 -21.70
CA SER A 3 9.52 0.64 -22.99
C SER A 3 8.02 0.81 -23.19
N GLY A 4 7.62 1.07 -24.43
CA GLY A 4 6.21 1.25 -24.74
C GLY A 4 5.36 0.08 -24.27
N SER A 5 4.28 0.38 -23.57
CA SER A 5 3.39 -0.65 -23.06
C SER A 5 1.96 -0.43 -23.55
N SER A 6 1.15 -1.48 -23.47
CA SER A 6 -0.24 -1.40 -23.91
C SER A 6 -1.17 -2.07 -22.90
N GLY A 7 -2.14 -1.31 -22.40
CA GLY A 7 -3.08 -1.84 -21.44
C GLY A 7 -3.10 -1.04 -20.15
N MET A 8 -3.98 -1.42 -19.23
CA MET A 8 -4.09 -0.73 -17.95
C MET A 8 -3.24 -1.42 -16.88
N GLU A 9 -2.50 -0.63 -16.12
CA GLU A 9 -1.64 -1.16 -15.07
C GLU A 9 -2.41 -1.30 -13.76
N PRO A 10 -1.99 -2.26 -12.92
CA PRO A 10 -2.62 -2.53 -11.63
C PRO A 10 -2.39 -1.41 -10.63
N TRP A 11 -1.50 -0.48 -10.97
CA TRP A 11 -1.17 0.65 -10.10
C TRP A 11 -2.16 1.80 -10.33
N LYS A 12 -2.77 1.84 -11.51
CA LYS A 12 -3.72 2.88 -11.84
C LYS A 12 -4.99 2.75 -11.01
N GLN A 13 -5.59 1.56 -11.04
CA GLN A 13 -6.82 1.30 -10.29
C GLN A 13 -6.54 1.34 -8.79
N CYS A 14 -5.35 0.92 -8.39
CA CYS A 14 -4.96 0.92 -6.99
C CYS A 14 -5.10 2.31 -6.38
N ALA A 15 -4.60 3.31 -7.10
CA ALA A 15 -4.67 4.69 -6.62
C ALA A 15 -6.03 5.00 -6.01
N GLN A 16 -7.09 4.65 -6.74
CA GLN A 16 -8.44 4.90 -6.26
C GLN A 16 -8.64 4.33 -4.86
N TRP A 17 -8.60 3.01 -4.74
CA TRP A 17 -8.77 2.35 -3.45
C TRP A 17 -8.11 3.16 -2.34
N LEU A 18 -6.87 3.58 -2.57
CA LEU A 18 -6.12 4.35 -1.58
C LEU A 18 -6.90 5.60 -1.17
N ILE A 19 -7.29 6.39 -2.16
CA ILE A 19 -8.05 7.61 -1.89
C ILE A 19 -9.29 7.33 -1.05
N HIS A 20 -10.03 6.29 -1.45
CA HIS A 20 -11.25 5.91 -0.73
C HIS A 20 -10.91 5.40 0.67
N CYS A 21 -9.75 4.76 0.80
CA CYS A 21 -9.31 4.22 2.08
C CYS A 21 -8.93 5.33 3.05
N LYS A 22 -9.05 6.58 2.57
CA LYS A 22 -8.72 7.73 3.39
C LYS A 22 -7.21 7.82 3.64
N VAL A 23 -6.43 7.66 2.58
CA VAL A 23 -4.97 7.72 2.67
C VAL A 23 -4.39 8.73 1.69
N LEU A 24 -5.09 8.93 0.58
CA LEU A 24 -4.64 9.87 -0.44
C LEU A 24 -5.77 10.82 -0.84
N PRO A 25 -5.41 12.07 -1.16
CA PRO A 25 -6.37 13.10 -1.56
C PRO A 25 -6.99 12.82 -2.93
N THR A 26 -8.24 13.22 -3.11
CA THR A 26 -8.94 13.01 -4.37
C THR A 26 -8.24 13.73 -5.51
N ASN A 27 -7.44 14.74 -5.17
CA ASN A 27 -6.71 15.51 -6.17
C ASN A 27 -5.20 15.25 -6.07
N HIS A 28 -4.85 14.12 -5.47
CA HIS A 28 -3.45 13.75 -5.31
C HIS A 28 -2.71 13.83 -6.65
N ARG A 29 -1.38 13.73 -6.60
CA ARG A 29 -0.57 13.80 -7.80
C ARG A 29 -0.51 12.43 -8.49
N VAL A 30 -0.85 11.39 -7.75
CA VAL A 30 -0.85 10.03 -8.29
C VAL A 30 -2.05 9.79 -9.18
N THR A 31 -3.05 10.66 -9.07
CA THR A 31 -4.27 10.53 -9.87
C THR A 31 -4.07 11.14 -11.26
N TRP A 32 -2.94 11.81 -11.44
CA TRP A 32 -2.63 12.44 -12.73
C TRP A 32 -2.11 11.42 -13.72
N ASP A 33 -2.54 11.54 -14.97
CA ASP A 33 -2.11 10.62 -16.02
C ASP A 33 -0.58 10.61 -16.15
N SER A 34 0.02 11.80 -16.06
CA SER A 34 1.46 11.93 -16.17
C SER A 34 2.17 11.11 -15.09
N ALA A 35 1.45 10.81 -14.02
CA ALA A 35 2.00 10.03 -12.92
C ALA A 35 2.34 8.62 -13.37
N GLN A 36 3.07 7.89 -12.53
CA GLN A 36 3.47 6.52 -12.84
C GLN A 36 3.72 5.72 -11.57
N VAL A 37 3.76 4.40 -11.71
CA VAL A 37 3.99 3.52 -10.56
C VAL A 37 4.97 4.14 -9.59
N PHE A 38 6.01 4.79 -10.11
CA PHE A 38 7.01 5.42 -9.28
C PHE A 38 6.38 6.41 -8.31
N ASP A 39 5.75 7.45 -8.88
CA ASP A 39 5.09 8.47 -8.08
C ASP A 39 4.36 7.85 -6.89
N LEU A 40 3.46 6.92 -7.19
CA LEU A 40 2.69 6.24 -6.15
C LEU A 40 3.59 5.39 -5.27
N ALA A 41 4.71 4.93 -5.83
CA ALA A 41 5.65 4.11 -5.10
C ALA A 41 6.55 4.96 -4.20
N GLN A 42 6.52 6.27 -4.43
CA GLN A 42 7.34 7.20 -3.65
C GLN A 42 6.61 7.62 -2.37
N THR A 43 5.37 8.05 -2.52
CA THR A 43 4.57 8.49 -1.38
C THR A 43 4.58 7.43 -0.28
N LEU A 44 4.90 6.20 -0.64
CA LEU A 44 4.94 5.10 0.32
C LEU A 44 6.39 4.68 0.61
N ARG A 45 7.27 4.97 -0.34
CA ARG A 45 8.68 4.62 -0.18
C ARG A 45 9.16 4.92 1.23
N ASP A 46 8.58 5.94 1.85
CA ASP A 46 8.95 6.31 3.21
C ASP A 46 8.35 5.34 4.22
N GLY A 47 7.13 4.90 3.96
CA GLY A 47 6.47 3.97 4.86
C GLY A 47 5.67 4.68 5.94
N VAL A 48 5.40 5.96 5.72
CA VAL A 48 4.64 6.75 6.68
C VAL A 48 3.14 6.65 6.41
N LEU A 49 2.78 6.42 5.15
CA LEU A 49 1.39 6.30 4.75
C LEU A 49 0.87 4.89 4.98
N LEU A 50 1.60 3.90 4.47
CA LEU A 50 1.22 2.50 4.63
C LEU A 50 0.61 2.26 6.01
N CYS A 51 1.34 2.63 7.06
CA CYS A 51 0.87 2.45 8.42
C CYS A 51 -0.51 3.06 8.61
N GLN A 52 -0.73 4.23 8.01
CA GLN A 52 -2.02 4.90 8.10
C GLN A 52 -3.13 4.05 7.51
N LEU A 53 -2.93 3.58 6.29
CA LEU A 53 -3.93 2.75 5.62
C LEU A 53 -4.57 1.78 6.60
N LEU A 54 -3.75 0.97 7.26
CA LEU A 54 -4.25 -0.01 8.22
C LEU A 54 -4.98 0.68 9.37
N ASN A 55 -4.43 1.81 9.82
CA ASN A 55 -5.03 2.56 10.92
C ASN A 55 -6.40 3.10 10.51
N ASN A 56 -6.63 3.20 9.21
CA ASN A 56 -7.91 3.70 8.69
C ASN A 56 -8.96 2.59 8.69
N LEU A 57 -8.58 1.43 8.19
CA LEU A 57 -9.49 0.29 8.13
C LEU A 57 -9.85 -0.20 9.54
N ARG A 58 -8.83 -0.49 10.32
CA ARG A 58 -9.03 -0.97 11.70
C ARG A 58 -8.49 0.04 12.71
N ALA A 59 -8.96 -0.06 13.94
CA ALA A 59 -8.53 0.84 15.00
C ALA A 59 -7.38 0.24 15.80
N HIS A 60 -6.45 1.08 16.22
CA HIS A 60 -5.30 0.63 17.00
C HIS A 60 -4.47 -0.38 16.19
N SER A 61 -4.39 -0.16 14.89
CA SER A 61 -3.63 -1.05 14.01
C SER A 61 -2.14 -0.75 14.09
N ILE A 62 -1.80 0.54 14.06
CA ILE A 62 -0.41 0.96 14.12
C ILE A 62 -0.27 2.28 14.89
N ASN A 63 0.60 2.28 15.88
CA ASN A 63 0.84 3.48 16.69
C ASN A 63 1.66 4.51 15.91
N LEU A 64 1.01 5.58 15.50
CA LEU A 64 1.68 6.64 14.75
C LEU A 64 2.99 7.04 15.44
N LYS A 65 3.00 7.00 16.76
CA LYS A 65 4.17 7.36 17.55
C LYS A 65 5.31 6.36 17.29
N GLU A 66 4.95 5.10 17.11
CA GLU A 66 5.93 4.04 16.87
C GLU A 66 6.62 4.26 15.53
N ILE A 67 5.96 4.96 14.62
CA ILE A 67 6.52 5.23 13.30
C ILE A 67 6.97 6.68 13.20
N ASN A 68 8.10 6.89 12.51
CA ASN A 68 8.64 8.23 12.32
C ASN A 68 7.87 8.98 11.25
N LEU A 69 6.82 9.70 11.66
CA LEU A 69 6.01 10.47 10.73
C LEU A 69 6.88 11.39 9.87
N ARG A 70 7.96 11.87 10.45
CA ARG A 70 8.88 12.76 9.73
C ARG A 70 10.24 12.11 9.57
N PRO A 71 10.38 11.23 8.57
CA PRO A 71 11.64 10.53 8.29
C PRO A 71 12.71 11.45 7.74
N GLN A 72 12.29 12.58 7.17
CA GLN A 72 13.21 13.55 6.61
C GLN A 72 14.19 12.88 5.64
N MET A 73 13.66 11.99 4.80
CA MET A 73 14.49 11.29 3.83
C MET A 73 15.59 10.50 4.53
N SER A 74 15.21 9.72 5.53
CA SER A 74 16.17 8.92 6.29
C SER A 74 16.06 7.45 5.92
N GLN A 75 17.15 6.85 5.48
CA GLN A 75 17.18 5.44 5.10
C GLN A 75 16.88 4.56 6.30
N PHE A 76 17.61 4.77 7.39
CA PHE A 76 17.42 3.98 8.61
C PHE A 76 15.97 4.10 9.10
N LEU A 77 15.48 5.32 9.20
CA LEU A 77 14.11 5.56 9.66
C LEU A 77 13.10 4.95 8.69
N CYS A 78 13.25 5.26 7.41
CA CYS A 78 12.35 4.73 6.39
C CYS A 78 12.23 3.22 6.50
N LEU A 79 13.32 2.52 6.23
CA LEU A 79 13.33 1.06 6.29
C LEU A 79 12.59 0.56 7.52
N LYS A 80 12.82 1.22 8.65
CA LYS A 80 12.18 0.84 9.90
C LYS A 80 10.66 0.96 9.79
N ASN A 81 10.19 2.13 9.35
CA ASN A 81 8.76 2.36 9.19
C ASN A 81 8.11 1.24 8.38
N ILE A 82 8.56 1.08 7.14
CA ILE A 82 8.01 0.05 6.26
C ILE A 82 7.79 -1.25 7.02
N ARG A 83 8.81 -1.72 7.71
CA ARG A 83 8.73 -2.96 8.48
C ARG A 83 7.53 -2.92 9.42
N THR A 84 7.38 -1.81 10.14
CA THR A 84 6.27 -1.65 11.08
C THR A 84 4.94 -2.01 10.44
N PHE A 85 4.75 -1.56 9.19
CA PHE A 85 3.53 -1.84 8.46
C PHE A 85 3.39 -3.33 8.18
N LEU A 86 4.49 -3.95 7.76
CA LEU A 86 4.49 -5.37 7.45
C LEU A 86 4.13 -6.20 8.68
N THR A 87 4.56 -5.74 9.85
CA THR A 87 4.28 -6.43 11.10
C THR A 87 2.81 -6.32 11.48
N ALA A 88 2.29 -5.10 11.42
CA ALA A 88 0.89 -4.85 11.76
C ALA A 88 -0.04 -5.65 10.86
N CYS A 89 0.46 -6.03 9.69
CA CYS A 89 -0.33 -6.81 8.74
C CYS A 89 -0.56 -8.23 9.24
N CYS A 90 0.29 -8.66 10.16
CA CYS A 90 0.18 -10.01 10.73
C CYS A 90 -0.18 -9.94 12.22
N GLU A 91 0.04 -8.78 12.82
CA GLU A 91 -0.25 -8.59 14.24
C GLU A 91 -1.67 -8.06 14.43
N THR A 92 -2.03 -7.03 13.68
CA THR A 92 -3.35 -6.43 13.77
C THR A 92 -4.37 -7.24 12.96
N PHE A 93 -4.01 -7.58 11.74
CA PHE A 93 -4.90 -8.36 10.87
C PHE A 93 -4.60 -9.84 10.99
N GLY A 94 -3.38 -10.23 10.64
CA GLY A 94 -2.99 -11.63 10.71
C GLY A 94 -2.98 -12.29 9.34
N MET A 95 -2.22 -11.73 8.42
CA MET A 95 -2.13 -12.28 7.07
C MET A 95 -0.86 -13.11 6.90
N ARG A 96 -0.65 -13.64 5.70
CA ARG A 96 0.53 -14.45 5.41
C ARG A 96 1.79 -13.61 5.46
N LYS A 97 2.92 -14.26 5.74
CA LYS A 97 4.19 -13.57 5.83
C LYS A 97 4.96 -13.67 4.51
N SER A 98 4.55 -14.63 3.67
CA SER A 98 5.19 -14.83 2.38
C SER A 98 4.66 -13.85 1.35
N GLU A 99 3.36 -13.56 1.41
CA GLU A 99 2.73 -12.64 0.48
C GLU A 99 3.36 -11.25 0.60
N LEU A 100 3.52 -10.78 1.83
CA LEU A 100 4.09 -9.46 2.08
C LEU A 100 5.23 -9.18 1.10
N PHE A 101 5.53 -7.89 0.90
CA PHE A 101 6.59 -7.49 -0.01
C PHE A 101 7.89 -7.26 0.75
N GLU A 102 9.00 -7.21 0.01
CA GLU A 102 10.31 -7.00 0.62
C GLU A 102 10.55 -5.52 0.89
N ALA A 103 10.79 -5.19 2.17
CA ALA A 103 11.03 -3.81 2.57
C ALA A 103 11.90 -3.09 1.54
N PHE A 104 12.97 -3.73 1.12
CA PHE A 104 13.89 -3.14 0.14
C PHE A 104 13.15 -2.82 -1.17
N ASP A 105 12.52 -3.84 -1.75
CA ASP A 105 11.79 -3.67 -2.99
C ASP A 105 11.05 -2.33 -3.01
N LEU A 106 10.45 -1.98 -1.88
CA LEU A 106 9.70 -0.74 -1.76
C LEU A 106 10.65 0.45 -1.63
N PHE A 107 11.57 0.37 -0.68
CA PHE A 107 12.54 1.44 -0.45
C PHE A 107 13.23 1.82 -1.76
N ASP A 108 14.00 0.90 -2.31
CA ASP A 108 14.71 1.14 -3.56
C ASP A 108 13.75 1.21 -4.74
N VAL A 109 12.47 0.91 -4.47
CA VAL A 109 11.45 0.95 -5.50
C VAL A 109 11.80 0.00 -6.65
N ARG A 110 12.38 -1.15 -6.31
CA ARG A 110 12.76 -2.15 -7.31
C ARG A 110 11.53 -2.78 -7.94
N ASP A 111 10.75 -3.50 -7.14
CA ASP A 111 9.55 -4.16 -7.62
C ASP A 111 8.32 -3.66 -6.87
N PHE A 112 7.74 -2.56 -7.35
CA PHE A 112 6.56 -1.98 -6.72
C PHE A 112 5.36 -2.90 -6.88
N GLY A 113 5.23 -3.49 -8.07
CA GLY A 113 4.11 -4.38 -8.34
C GLY A 113 3.88 -5.38 -7.23
N LYS A 114 4.95 -5.76 -6.54
CA LYS A 114 4.86 -6.71 -5.45
C LYS A 114 4.10 -6.11 -4.26
N VAL A 115 4.27 -4.80 -4.06
CA VAL A 115 3.59 -4.11 -2.97
C VAL A 115 2.11 -3.95 -3.25
N ILE A 116 1.78 -3.64 -4.50
CA ILE A 116 0.39 -3.47 -4.90
C ILE A 116 -0.44 -4.71 -4.59
N GLU A 117 0.12 -5.87 -4.91
CA GLU A 117 -0.57 -7.14 -4.66
C GLU A 117 -0.85 -7.32 -3.18
N THR A 118 0.14 -7.00 -2.35
CA THR A 118 0.00 -7.14 -0.91
C THR A 118 -1.32 -6.53 -0.42
N LEU A 119 -1.74 -5.45 -1.08
CA LEU A 119 -2.99 -4.78 -0.71
C LEU A 119 -4.18 -5.50 -1.30
N SER A 120 -4.01 -6.08 -2.47
CA SER A 120 -5.08 -6.80 -3.15
C SER A 120 -5.66 -7.87 -2.23
N ARG A 121 -4.80 -8.51 -1.45
CA ARG A 121 -5.23 -9.55 -0.53
C ARG A 121 -5.89 -8.96 0.70
N LEU A 122 -5.20 -8.00 1.33
CA LEU A 122 -5.71 -7.35 2.53
C LEU A 122 -7.19 -7.00 2.37
N SER A 123 -7.52 -6.38 1.24
CA SER A 123 -8.90 -5.99 0.96
C SER A 123 -9.87 -7.09 1.36
N ARG A 124 -9.47 -8.33 1.14
CA ARG A 124 -10.30 -9.48 1.49
C ARG A 124 -10.70 -9.44 2.95
N THR A 125 -9.74 -9.15 3.83
CA THR A 125 -9.98 -9.08 5.25
C THR A 125 -11.37 -8.52 5.55
N PRO A 126 -11.99 -9.01 6.63
CA PRO A 126 -13.32 -8.56 7.04
C PRO A 126 -13.33 -7.12 7.57
N ILE A 127 -12.16 -6.50 7.54
CA ILE A 127 -12.02 -5.12 8.01
C ILE A 127 -12.02 -4.13 6.85
N ALA A 128 -11.49 -4.57 5.72
CA ALA A 128 -11.42 -3.73 4.52
C ALA A 128 -12.77 -3.71 3.81
N LEU A 129 -13.41 -4.86 3.71
CA LEU A 129 -14.70 -4.97 3.04
C LEU A 129 -15.79 -4.27 3.85
N ALA A 130 -15.72 -4.42 5.17
CA ALA A 130 -16.70 -3.80 6.06
C ALA A 130 -17.01 -2.37 5.62
N THR A 131 -15.96 -1.60 5.38
CA THR A 131 -16.11 -0.21 4.97
C THR A 131 -16.95 -0.10 3.71
N GLY A 132 -16.85 -1.11 2.84
CA GLY A 132 -17.61 -1.11 1.61
C GLY A 132 -16.85 -0.45 0.47
N ILE A 133 -15.53 -0.38 0.59
CA ILE A 133 -14.70 0.23 -0.44
C ILE A 133 -14.45 -0.74 -1.59
N ARG A 134 -14.57 -0.25 -2.81
CA ARG A 134 -14.35 -1.06 -4.00
C ARG A 134 -13.26 -2.12 -3.74
N PRO A 135 -13.70 -3.33 -3.38
CA PRO A 135 -12.78 -4.44 -3.10
C PRO A 135 -12.08 -4.95 -4.34
N PHE A 136 -11.00 -5.71 -4.15
CA PHE A 136 -10.24 -6.25 -5.27
C PHE A 136 -11.01 -7.37 -5.95
N PRO A 137 -10.65 -7.66 -7.21
CA PRO A 137 -11.30 -8.70 -8.01
C PRO A 137 -10.97 -10.11 -7.50
N SER A 138 -12.00 -10.81 -7.02
CA SER A 138 -11.82 -12.17 -6.50
C SER A 138 -11.89 -13.19 -7.63
N GLY A 139 -10.89 -14.06 -7.68
CA GLY A 139 -10.86 -15.08 -8.71
C GLY A 139 -9.48 -15.24 -9.33
N PRO A 140 -9.18 -16.45 -9.83
CA PRO A 140 -7.89 -16.76 -10.45
C PRO A 140 -7.72 -16.06 -11.80
N SER A 141 -8.83 -15.81 -12.47
CA SER A 141 -8.81 -15.14 -13.77
C SER A 141 -7.95 -13.89 -13.73
N SER A 142 -7.05 -13.76 -14.70
CA SER A 142 -6.16 -12.61 -14.76
C SER A 142 -6.81 -11.46 -15.53
N GLY A 143 -7.01 -10.34 -14.84
CA GLY A 143 -7.63 -9.18 -15.46
C GLY A 143 -8.75 -8.60 -14.63
N GLY A 1 -3.62 -2.47 -30.28
CA GLY A 1 -2.95 -2.04 -31.49
C GLY A 1 -2.00 -0.89 -31.25
N SER A 2 -0.99 -1.12 -30.42
CA SER A 2 -0.01 -0.08 -30.10
C SER A 2 1.27 -0.70 -29.54
N SER A 3 2.41 -0.09 -29.86
CA SER A 3 3.70 -0.58 -29.40
C SER A 3 3.68 -0.82 -27.89
N GLY A 4 4.00 -2.06 -27.50
CA GLY A 4 4.01 -2.40 -26.09
C GLY A 4 2.65 -2.89 -25.60
N SER A 5 2.68 -3.83 -24.66
CA SER A 5 1.44 -4.39 -24.11
C SER A 5 0.64 -3.32 -23.38
N SER A 6 -0.29 -2.69 -24.09
CA SER A 6 -1.12 -1.64 -23.50
C SER A 6 -2.21 -2.24 -22.61
N GLY A 7 -2.51 -1.55 -21.52
CA GLY A 7 -3.53 -2.03 -20.61
C GLY A 7 -3.65 -1.17 -19.36
N MET A 8 -4.41 -1.66 -18.38
CA MET A 8 -4.59 -0.92 -17.14
C MET A 8 -3.69 -1.48 -16.05
N GLU A 9 -2.51 -0.87 -15.88
CA GLU A 9 -1.56 -1.31 -14.88
C GLU A 9 -2.25 -1.56 -13.54
N PRO A 10 -1.67 -2.46 -12.73
CA PRO A 10 -2.23 -2.80 -11.41
C PRO A 10 -2.09 -1.67 -10.41
N TRP A 11 -1.45 -0.58 -10.83
CA TRP A 11 -1.25 0.58 -9.97
C TRP A 11 -2.30 1.65 -10.26
N LYS A 12 -2.78 1.69 -11.50
CA LYS A 12 -3.78 2.67 -11.90
C LYS A 12 -5.04 2.54 -11.04
N GLN A 13 -5.57 1.33 -10.97
CA GLN A 13 -6.78 1.08 -10.18
C GLN A 13 -6.49 1.23 -8.69
N CYS A 14 -5.32 0.79 -8.27
CA CYS A 14 -4.93 0.87 -6.87
C CYS A 14 -5.17 2.27 -6.32
N ALA A 15 -4.70 3.27 -7.05
CA ALA A 15 -4.86 4.67 -6.64
C ALA A 15 -6.25 4.90 -6.04
N GLN A 16 -7.28 4.45 -6.75
CA GLN A 16 -8.64 4.61 -6.28
C GLN A 16 -8.81 4.10 -4.86
N TRP A 17 -8.64 2.79 -4.69
CA TRP A 17 -8.77 2.18 -3.37
C TRP A 17 -8.10 3.03 -2.30
N LEU A 18 -6.90 3.50 -2.59
CA LEU A 18 -6.15 4.33 -1.66
C LEU A 18 -6.95 5.58 -1.28
N ILE A 19 -7.44 6.29 -2.29
CA ILE A 19 -8.22 7.50 -2.07
C ILE A 19 -9.43 7.22 -1.17
N HIS A 20 -10.11 6.10 -1.44
CA HIS A 20 -11.28 5.72 -0.67
C HIS A 20 -10.87 5.24 0.72
N CYS A 21 -9.68 4.64 0.82
CA CYS A 21 -9.18 4.13 2.08
C CYS A 21 -8.79 5.27 3.01
N LYS A 22 -8.95 6.50 2.53
CA LYS A 22 -8.63 7.68 3.33
C LYS A 22 -7.12 7.78 3.55
N VAL A 23 -6.36 7.65 2.48
CA VAL A 23 -4.90 7.72 2.55
C VAL A 23 -4.35 8.77 1.60
N LEU A 24 -5.05 8.98 0.49
CA LEU A 24 -4.64 9.96 -0.51
C LEU A 24 -5.82 10.83 -0.94
N PRO A 25 -5.51 12.08 -1.35
CA PRO A 25 -6.53 13.03 -1.80
C PRO A 25 -7.14 12.64 -3.13
N THR A 26 -8.39 13.07 -3.36
CA THR A 26 -9.08 12.76 -4.60
C THR A 26 -8.38 13.38 -5.80
N ASN A 27 -7.70 14.49 -5.56
CA ASN A 27 -6.97 15.18 -6.63
C ASN A 27 -5.47 14.99 -6.48
N HIS A 28 -5.08 13.91 -5.81
CA HIS A 28 -3.68 13.61 -5.60
C HIS A 28 -2.90 13.65 -6.91
N ARG A 29 -1.58 13.59 -6.82
CA ARG A 29 -0.72 13.63 -8.00
C ARG A 29 -0.70 12.28 -8.70
N VAL A 30 -0.94 11.22 -7.94
CA VAL A 30 -0.95 9.88 -8.49
C VAL A 30 -2.15 9.65 -9.40
N THR A 31 -3.21 10.43 -9.17
CA THR A 31 -4.42 10.32 -9.97
C THR A 31 -4.18 10.81 -11.40
N TRP A 32 -3.40 11.87 -11.54
CA TRP A 32 -3.09 12.43 -12.85
C TRP A 32 -2.55 11.36 -13.78
N ASP A 33 -2.81 11.51 -15.07
CA ASP A 33 -2.35 10.56 -16.07
C ASP A 33 -0.82 10.54 -16.14
N SER A 34 -0.23 11.74 -16.21
CA SER A 34 1.22 11.85 -16.29
C SER A 34 1.89 11.04 -15.18
N ALA A 35 1.15 10.75 -14.13
CA ALA A 35 1.67 9.97 -13.01
C ALA A 35 2.00 8.55 -13.44
N GLN A 36 2.83 7.87 -12.66
CA GLN A 36 3.22 6.50 -12.96
C GLN A 36 3.46 5.71 -11.68
N VAL A 37 3.63 4.40 -11.82
CA VAL A 37 3.87 3.53 -10.69
C VAL A 37 4.82 4.17 -9.69
N PHE A 38 5.96 4.63 -10.19
CA PHE A 38 6.96 5.28 -9.34
C PHE A 38 6.31 6.30 -8.40
N ASP A 39 5.67 7.31 -8.98
CA ASP A 39 5.01 8.34 -8.20
C ASP A 39 4.31 7.74 -6.98
N LEU A 40 3.38 6.82 -7.22
CA LEU A 40 2.65 6.17 -6.15
C LEU A 40 3.58 5.35 -5.27
N ALA A 41 4.70 4.92 -5.84
CA ALA A 41 5.68 4.12 -5.11
C ALA A 41 6.54 5.01 -4.21
N GLN A 42 6.64 6.29 -4.57
CA GLN A 42 7.43 7.23 -3.78
C GLN A 42 6.66 7.70 -2.55
N THR A 43 5.45 8.19 -2.77
CA THR A 43 4.61 8.68 -1.67
C THR A 43 4.57 7.67 -0.53
N LEU A 44 4.82 6.40 -0.85
CA LEU A 44 4.80 5.34 0.15
C LEU A 44 6.23 4.91 0.50
N ARG A 45 7.15 5.15 -0.42
CA ARG A 45 8.55 4.78 -0.20
C ARG A 45 9.02 5.22 1.18
N ASP A 46 8.42 6.28 1.70
CA ASP A 46 8.77 6.80 3.01
C ASP A 46 8.39 5.81 4.11
N GLY A 47 7.19 5.25 3.99
CA GLY A 47 6.71 4.29 4.98
C GLY A 47 5.91 4.94 6.07
N VAL A 48 5.32 6.09 5.78
CA VAL A 48 4.51 6.83 6.75
C VAL A 48 3.03 6.68 6.45
N LEU A 49 2.69 6.62 5.17
CA LEU A 49 1.30 6.47 4.74
C LEU A 49 0.83 5.04 4.91
N LEU A 50 1.62 4.10 4.41
CA LEU A 50 1.29 2.68 4.50
C LEU A 50 0.66 2.36 5.85
N CYS A 51 1.37 2.68 6.93
CA CYS A 51 0.88 2.42 8.27
C CYS A 51 -0.53 2.98 8.45
N GLN A 52 -0.74 4.20 7.96
CA GLN A 52 -2.04 4.86 8.07
C GLN A 52 -3.14 4.00 7.47
N LEU A 53 -2.94 3.58 6.22
CA LEU A 53 -3.91 2.75 5.53
C LEU A 53 -4.56 1.75 6.49
N LEU A 54 -3.74 0.97 7.17
CA LEU A 54 -4.23 -0.02 8.11
C LEU A 54 -5.05 0.64 9.21
N ASN A 55 -4.54 1.74 9.74
CA ASN A 55 -5.23 2.47 10.80
C ASN A 55 -6.61 2.90 10.36
N ASN A 56 -6.75 3.19 9.06
CA ASN A 56 -8.03 3.62 8.50
C ASN A 56 -9.03 2.47 8.51
N LEU A 57 -8.62 1.33 7.97
CA LEU A 57 -9.49 0.15 7.92
C LEU A 57 -9.79 -0.36 9.33
N ARG A 58 -8.75 -0.67 10.08
CA ARG A 58 -8.91 -1.17 11.44
C ARG A 58 -8.47 -0.13 12.46
N ALA A 59 -8.92 -0.29 13.70
CA ALA A 59 -8.57 0.65 14.77
C ALA A 59 -7.40 0.13 15.58
N HIS A 60 -6.53 1.04 16.02
CA HIS A 60 -5.36 0.67 16.81
C HIS A 60 -4.47 -0.30 16.05
N SER A 61 -4.54 -0.22 14.71
CA SER A 61 -3.74 -1.10 13.87
C SER A 61 -2.25 -0.80 14.02
N ILE A 62 -1.93 0.48 14.08
CA ILE A 62 -0.54 0.91 14.23
C ILE A 62 -0.44 2.21 15.02
N ASN A 63 0.52 2.28 15.93
CA ASN A 63 0.73 3.46 16.75
C ASN A 63 1.57 4.50 16.01
N LEU A 64 0.91 5.56 15.55
CA LEU A 64 1.60 6.62 14.82
C LEU A 64 2.87 7.04 15.54
N LYS A 65 2.85 6.96 16.87
CA LYS A 65 4.00 7.32 17.69
C LYS A 65 5.14 6.33 17.49
N GLU A 66 4.79 5.06 17.29
CA GLU A 66 5.78 4.02 17.09
C GLU A 66 6.54 4.23 15.78
N ILE A 67 5.92 4.97 14.87
CA ILE A 67 6.55 5.25 13.58
C ILE A 67 7.00 6.70 13.48
N ASN A 68 8.18 6.91 12.91
CA ASN A 68 8.72 8.25 12.76
C ASN A 68 8.04 8.99 11.62
N LEU A 69 6.92 9.65 11.93
CA LEU A 69 6.17 10.39 10.93
C LEU A 69 7.10 11.27 10.09
N ARG A 70 8.17 11.73 10.70
CA ARG A 70 9.14 12.58 10.01
C ARG A 70 10.51 11.89 9.94
N PRO A 71 10.67 11.02 8.93
CA PRO A 71 11.92 10.29 8.74
C PRO A 71 13.06 11.19 8.26
N GLN A 72 12.70 12.36 7.74
CA GLN A 72 13.68 13.32 7.26
C GLN A 72 14.64 12.65 6.26
N MET A 73 14.10 11.76 5.44
CA MET A 73 14.90 11.06 4.44
C MET A 73 16.06 10.32 5.10
N SER A 74 15.75 9.53 6.12
CA SER A 74 16.77 8.78 6.84
C SER A 74 16.63 7.28 6.57
N GLN A 75 17.45 6.77 5.67
CA GLN A 75 17.40 5.35 5.33
C GLN A 75 17.15 4.49 6.56
N PHE A 76 17.75 4.88 7.68
CA PHE A 76 17.58 4.15 8.93
C PHE A 76 16.11 4.12 9.35
N LEU A 77 15.49 5.28 9.38
CA LEU A 77 14.08 5.39 9.76
C LEU A 77 13.18 4.83 8.67
N CYS A 78 13.26 5.40 7.47
CA CYS A 78 12.45 4.95 6.35
C CYS A 78 12.33 3.43 6.35
N LEU A 79 13.48 2.75 6.43
CA LEU A 79 13.50 1.29 6.42
C LEU A 79 12.73 0.73 7.61
N LYS A 80 12.99 1.29 8.79
CA LYS A 80 12.33 0.85 10.01
C LYS A 80 10.81 0.99 9.88
N ASN A 81 10.36 2.19 9.58
CA ASN A 81 8.93 2.45 9.43
C ASN A 81 8.26 1.36 8.60
N ILE A 82 8.66 1.25 7.34
CA ILE A 82 8.10 0.24 6.45
C ILE A 82 7.85 -1.07 7.18
N ARG A 83 8.90 -1.61 7.78
CA ARG A 83 8.80 -2.87 8.52
C ARG A 83 7.62 -2.82 9.50
N THR A 84 7.48 -1.69 10.19
CA THR A 84 6.40 -1.52 11.15
C THR A 84 5.04 -1.86 10.54
N PHE A 85 4.82 -1.39 9.31
CA PHE A 85 3.57 -1.65 8.60
C PHE A 85 3.38 -3.14 8.35
N LEU A 86 4.31 -3.71 7.57
CA LEU A 86 4.25 -5.14 7.24
C LEU A 86 4.02 -5.98 8.51
N THR A 87 4.60 -5.54 9.61
CA THR A 87 4.46 -6.25 10.88
C THR A 87 3.00 -6.29 11.33
N ALA A 88 2.28 -5.21 11.06
CA ALA A 88 0.87 -5.13 11.43
C ALA A 88 0.01 -6.03 10.55
N CYS A 89 0.42 -6.17 9.30
CA CYS A 89 -0.32 -7.00 8.35
C CYS A 89 -0.40 -8.44 8.84
N CYS A 90 0.41 -8.78 9.84
CA CYS A 90 0.44 -10.12 10.40
C CYS A 90 -0.05 -10.12 11.85
N GLU A 91 0.12 -8.97 12.52
CA GLU A 91 -0.30 -8.85 13.91
C GLU A 91 -1.73 -8.35 14.00
N THR A 92 -1.99 -7.18 13.40
CA THR A 92 -3.32 -6.60 13.42
C THR A 92 -4.30 -7.42 12.60
N PHE A 93 -3.97 -7.65 11.33
CA PHE A 93 -4.82 -8.43 10.44
C PHE A 93 -4.50 -9.93 10.56
N GLY A 94 -3.30 -10.30 10.12
CA GLY A 94 -2.89 -11.69 10.17
C GLY A 94 -2.99 -12.38 8.83
N MET A 95 -2.13 -11.99 7.89
CA MET A 95 -2.14 -12.58 6.56
C MET A 95 -0.83 -13.30 6.29
N ARG A 96 -0.78 -14.04 5.18
CA ARG A 96 0.41 -14.79 4.80
C ARG A 96 1.60 -13.85 4.61
N LYS A 97 2.63 -14.04 5.43
CA LYS A 97 3.83 -13.20 5.35
C LYS A 97 4.53 -13.39 4.01
N SER A 98 4.52 -14.62 3.50
CA SER A 98 5.16 -14.93 2.23
C SER A 98 4.60 -14.05 1.12
N GLU A 99 3.37 -13.59 1.30
CA GLU A 99 2.72 -12.73 0.31
C GLU A 99 3.23 -11.30 0.41
N LEU A 100 3.47 -10.84 1.64
CA LEU A 100 3.97 -9.48 1.86
C LEU A 100 5.20 -9.20 1.01
N PHE A 101 5.50 -7.92 0.82
CA PHE A 101 6.65 -7.52 0.03
C PHE A 101 7.89 -7.35 0.91
N GLU A 102 9.02 -7.02 0.29
CA GLU A 102 10.27 -6.82 1.02
C GLU A 102 10.55 -5.34 1.24
N ALA A 103 10.65 -4.95 2.50
CA ALA A 103 10.93 -3.56 2.85
C ALA A 103 11.84 -2.90 1.82
N PHE A 104 12.87 -3.63 1.42
CA PHE A 104 13.83 -3.12 0.44
C PHE A 104 13.14 -2.81 -0.88
N ASP A 105 12.54 -3.83 -1.49
CA ASP A 105 11.84 -3.66 -2.76
C ASP A 105 11.13 -2.32 -2.81
N LEU A 106 10.56 -1.91 -1.69
CA LEU A 106 9.84 -0.65 -1.61
C LEU A 106 10.81 0.53 -1.57
N PHE A 107 11.68 0.55 -0.57
CA PHE A 107 12.66 1.62 -0.43
C PHE A 107 13.37 1.88 -1.74
N ASP A 108 14.05 0.86 -2.26
CA ASP A 108 14.77 0.99 -3.53
C ASP A 108 13.80 1.01 -4.71
N VAL A 109 12.52 0.83 -4.41
CA VAL A 109 11.49 0.83 -5.46
C VAL A 109 11.83 -0.17 -6.55
N ARG A 110 12.43 -1.29 -6.17
CA ARG A 110 12.81 -2.33 -7.12
C ARG A 110 11.58 -2.84 -7.88
N ASP A 111 10.68 -3.49 -7.15
CA ASP A 111 9.47 -4.04 -7.76
C ASP A 111 8.23 -3.59 -6.99
N PHE A 112 7.60 -2.52 -7.47
CA PHE A 112 6.41 -1.98 -6.82
C PHE A 112 5.23 -2.95 -6.96
N GLY A 113 5.19 -3.66 -8.07
CA GLY A 113 4.12 -4.60 -8.32
C GLY A 113 3.92 -5.56 -7.16
N LYS A 114 5.01 -5.89 -6.47
CA LYS A 114 4.95 -6.80 -5.33
C LYS A 114 4.18 -6.17 -4.17
N VAL A 115 4.40 -4.87 -3.95
CA VAL A 115 3.73 -4.15 -2.88
C VAL A 115 2.24 -4.00 -3.16
N ILE A 116 1.91 -3.71 -4.41
CA ILE A 116 0.52 -3.54 -4.82
C ILE A 116 -0.28 -4.79 -4.53
N GLU A 117 0.23 -5.94 -4.93
CA GLU A 117 -0.45 -7.21 -4.72
C GLU A 117 -0.85 -7.37 -3.25
N THR A 118 0.12 -7.16 -2.35
CA THR A 118 -0.14 -7.27 -0.92
C THR A 118 -1.50 -6.67 -0.55
N LEU A 119 -1.74 -5.45 -1.03
CA LEU A 119 -3.00 -4.77 -0.75
C LEU A 119 -4.19 -5.55 -1.32
N SER A 120 -4.05 -6.01 -2.55
CA SER A 120 -5.10 -6.77 -3.21
C SER A 120 -5.68 -7.82 -2.27
N ARG A 121 -4.81 -8.43 -1.47
CA ARG A 121 -5.23 -9.45 -0.52
C ARG A 121 -5.77 -8.83 0.76
N LEU A 122 -4.97 -7.95 1.37
CA LEU A 122 -5.37 -7.28 2.60
C LEU A 122 -6.84 -6.87 2.55
N SER A 123 -7.25 -6.34 1.40
CA SER A 123 -8.64 -5.91 1.22
C SER A 123 -9.61 -6.99 1.67
N ARG A 124 -9.36 -8.23 1.22
CA ARG A 124 -10.22 -9.35 1.57
C ARG A 124 -10.59 -9.31 3.05
N THR A 125 -9.67 -8.82 3.88
CA THR A 125 -9.89 -8.72 5.32
C THR A 125 -11.27 -8.16 5.62
N PRO A 126 -11.88 -8.62 6.73
CA PRO A 126 -13.20 -8.17 7.16
C PRO A 126 -13.19 -6.72 7.65
N ILE A 127 -12.01 -6.12 7.66
CA ILE A 127 -11.87 -4.74 8.10
C ILE A 127 -11.91 -3.77 6.92
N ALA A 128 -11.32 -4.19 5.80
CA ALA A 128 -11.29 -3.37 4.60
C ALA A 128 -12.66 -3.33 3.92
N LEU A 129 -13.32 -4.49 3.89
CA LEU A 129 -14.64 -4.59 3.28
C LEU A 129 -15.71 -3.90 4.13
N ALA A 130 -15.60 -4.07 5.45
CA ALA A 130 -16.54 -3.46 6.37
C ALA A 130 -16.89 -2.04 5.93
N THR A 131 -15.87 -1.23 5.68
CA THR A 131 -16.07 0.15 5.25
C THR A 131 -16.92 0.22 4.00
N GLY A 132 -16.78 -0.78 3.14
CA GLY A 132 -17.55 -0.81 1.90
C GLY A 132 -16.82 -0.14 0.75
N ILE A 133 -15.50 -0.07 0.85
CA ILE A 133 -14.68 0.54 -0.19
C ILE A 133 -14.48 -0.40 -1.37
N ARG A 134 -14.52 0.14 -2.58
CA ARG A 134 -14.33 -0.65 -3.79
C ARG A 134 -13.31 -1.76 -3.55
N PRO A 135 -13.80 -2.98 -3.28
CA PRO A 135 -12.94 -4.15 -3.04
C PRO A 135 -12.22 -4.61 -4.29
N PHE A 136 -11.00 -5.09 -4.12
CA PHE A 136 -10.20 -5.57 -5.25
C PHE A 136 -10.96 -6.63 -6.04
N PRO A 137 -10.79 -6.62 -7.37
CA PRO A 137 -11.45 -7.57 -8.27
C PRO A 137 -10.90 -8.99 -8.11
N SER A 138 -11.67 -9.97 -8.57
CA SER A 138 -11.27 -11.37 -8.48
C SER A 138 -12.23 -12.26 -9.26
N GLY A 139 -11.68 -13.29 -9.89
CA GLY A 139 -12.50 -14.21 -10.66
C GLY A 139 -11.84 -15.56 -10.84
N PRO A 140 -12.62 -16.54 -11.33
CA PRO A 140 -12.14 -17.91 -11.54
C PRO A 140 -11.14 -17.99 -12.71
N SER A 141 -9.86 -17.93 -12.38
CA SER A 141 -8.82 -17.99 -13.39
C SER A 141 -8.35 -19.43 -13.61
N SER A 142 -7.79 -19.70 -14.79
CA SER A 142 -7.31 -21.03 -15.12
C SER A 142 -5.78 -21.05 -15.21
N GLY A 143 -5.18 -22.04 -14.57
CA GLY A 143 -3.73 -22.16 -14.59
C GLY A 143 -3.26 -23.61 -14.54
N GLY A 1 -0.06 -12.78 -8.95
CA GLY A 1 1.19 -12.54 -9.64
C GLY A 1 1.04 -12.58 -11.14
N SER A 2 -0.04 -11.96 -11.64
CA SER A 2 -0.31 -11.93 -13.08
C SER A 2 -0.67 -10.52 -13.53
N SER A 3 -0.64 -10.30 -14.84
CA SER A 3 -0.96 -9.00 -15.40
C SER A 3 -1.73 -9.15 -16.72
N GLY A 4 -2.13 -8.02 -17.29
CA GLY A 4 -2.87 -8.05 -18.54
C GLY A 4 -2.00 -7.70 -19.74
N SER A 5 -2.31 -8.30 -20.87
CA SER A 5 -1.55 -8.05 -22.10
C SER A 5 -1.85 -6.65 -22.65
N SER A 6 -0.84 -5.78 -22.60
CA SER A 6 -1.00 -4.42 -23.09
C SER A 6 -2.32 -3.82 -22.63
N GLY A 7 -2.65 -4.04 -21.37
CA GLY A 7 -3.90 -3.52 -20.82
C GLY A 7 -3.67 -2.43 -19.80
N MET A 8 -4.27 -2.59 -18.62
CA MET A 8 -4.13 -1.61 -17.55
C MET A 8 -3.29 -2.17 -16.40
N GLU A 9 -2.48 -1.32 -15.80
CA GLU A 9 -1.61 -1.73 -14.70
C GLU A 9 -2.42 -1.89 -13.41
N PRO A 10 -1.94 -2.76 -12.51
CA PRO A 10 -2.60 -3.01 -11.23
C PRO A 10 -2.49 -1.83 -10.28
N TRP A 11 -1.79 -0.79 -10.71
CA TRP A 11 -1.61 0.41 -9.89
C TRP A 11 -2.65 1.46 -10.24
N LYS A 12 -2.91 1.63 -11.53
CA LYS A 12 -3.89 2.60 -11.99
C LYS A 12 -5.18 2.52 -11.17
N GLN A 13 -5.63 1.29 -10.92
CA GLN A 13 -6.84 1.07 -10.15
C GLN A 13 -6.57 1.17 -8.66
N CYS A 14 -5.45 0.61 -8.23
CA CYS A 14 -5.06 0.63 -6.82
C CYS A 14 -5.16 2.05 -6.26
N ALA A 15 -4.76 3.03 -7.07
CA ALA A 15 -4.81 4.42 -6.65
C ALA A 15 -6.16 4.77 -6.04
N GLN A 16 -7.23 4.35 -6.71
CA GLN A 16 -8.58 4.62 -6.23
C GLN A 16 -8.76 4.12 -4.80
N TRP A 17 -8.59 2.82 -4.61
CA TRP A 17 -8.73 2.21 -3.29
C TRP A 17 -8.09 3.08 -2.22
N LEU A 18 -6.87 3.53 -2.48
CA LEU A 18 -6.14 4.38 -1.54
C LEU A 18 -6.95 5.62 -1.19
N ILE A 19 -7.35 6.37 -2.22
CA ILE A 19 -8.12 7.59 -2.02
C ILE A 19 -9.36 7.31 -1.16
N HIS A 20 -10.04 6.20 -1.44
CA HIS A 20 -11.23 5.83 -0.69
C HIS A 20 -10.87 5.33 0.70
N CYS A 21 -9.69 4.75 0.83
CA CYS A 21 -9.22 4.24 2.11
C CYS A 21 -8.87 5.38 3.06
N LYS A 22 -9.05 6.61 2.59
CA LYS A 22 -8.76 7.79 3.40
C LYS A 22 -7.26 7.91 3.64
N VAL A 23 -6.48 7.74 2.59
CA VAL A 23 -5.02 7.84 2.69
C VAL A 23 -4.47 8.89 1.74
N LEU A 24 -5.17 9.08 0.61
CA LEU A 24 -4.74 10.06 -0.39
C LEU A 24 -5.92 10.92 -0.84
N PRO A 25 -5.63 12.16 -1.25
CA PRO A 25 -6.65 13.10 -1.72
C PRO A 25 -7.23 12.70 -3.06
N THR A 26 -8.41 13.24 -3.37
CA THR A 26 -9.08 12.94 -4.63
C THR A 26 -8.34 13.54 -5.81
N ASN A 27 -7.66 14.66 -5.58
CA ASN A 27 -6.91 15.33 -6.63
C ASN A 27 -5.42 15.14 -6.43
N HIS A 28 -5.04 14.04 -5.77
CA HIS A 28 -3.64 13.74 -5.52
C HIS A 28 -2.83 13.78 -6.81
N ARG A 29 -1.55 13.44 -6.71
CA ARG A 29 -0.67 13.44 -7.87
C ARG A 29 -0.72 12.09 -8.60
N VAL A 30 -0.89 11.02 -7.82
CA VAL A 30 -0.95 9.68 -8.39
C VAL A 30 -2.16 9.52 -9.30
N THR A 31 -3.09 10.47 -9.21
CA THR A 31 -4.30 10.43 -10.03
C THR A 31 -4.03 11.00 -11.42
N TRP A 32 -3.10 11.96 -11.49
CA TRP A 32 -2.76 12.58 -12.77
C TRP A 32 -2.31 11.54 -13.79
N ASP A 33 -2.88 11.61 -14.98
CA ASP A 33 -2.55 10.67 -16.04
C ASP A 33 -1.03 10.53 -16.19
N SER A 34 -0.33 11.66 -16.10
CA SER A 34 1.12 11.67 -16.23
C SER A 34 1.76 10.80 -15.15
N ALA A 35 1.19 10.83 -13.96
CA ALA A 35 1.70 10.04 -12.84
C ALA A 35 2.06 8.63 -13.29
N GLN A 36 2.90 7.96 -12.51
CA GLN A 36 3.32 6.60 -12.82
C GLN A 36 3.55 5.78 -11.55
N VAL A 37 3.53 4.47 -11.69
CA VAL A 37 3.74 3.58 -10.55
C VAL A 37 4.72 4.18 -9.56
N PHE A 38 5.84 4.69 -10.07
CA PHE A 38 6.86 5.29 -9.22
C PHE A 38 6.24 6.32 -8.27
N ASP A 39 5.61 7.34 -8.84
CA ASP A 39 4.98 8.39 -8.05
C ASP A 39 4.26 7.80 -6.84
N LEU A 40 3.32 6.89 -7.10
CA LEU A 40 2.56 6.26 -6.04
C LEU A 40 3.46 5.43 -5.13
N ALA A 41 4.57 4.95 -5.70
CA ALA A 41 5.53 4.15 -4.95
C ALA A 41 6.37 5.02 -4.02
N GLN A 42 6.55 6.28 -4.41
CA GLN A 42 7.33 7.21 -3.60
C GLN A 42 6.57 7.65 -2.36
N THR A 43 5.38 8.21 -2.57
CA THR A 43 4.54 8.67 -1.48
C THR A 43 4.49 7.65 -0.35
N LEU A 44 4.79 6.39 -0.69
CA LEU A 44 4.77 5.31 0.29
C LEU A 44 6.19 4.86 0.62
N ARG A 45 7.10 5.05 -0.32
CA ARG A 45 8.50 4.66 -0.12
C ARG A 45 8.99 5.11 1.25
N ASP A 46 8.55 6.29 1.68
CA ASP A 46 8.95 6.83 2.98
C ASP A 46 8.56 5.88 4.10
N GLY A 47 7.33 5.38 4.05
CA GLY A 47 6.86 4.46 5.07
C GLY A 47 6.08 5.17 6.17
N VAL A 48 5.50 6.32 5.83
CA VAL A 48 4.74 7.10 6.79
C VAL A 48 3.24 6.97 6.53
N LEU A 49 2.88 6.82 5.26
CA LEU A 49 1.48 6.68 4.88
C LEU A 49 1.01 5.24 5.03
N LEU A 50 1.74 4.32 4.41
CA LEU A 50 1.40 2.90 4.48
C LEU A 50 0.79 2.55 5.84
N CYS A 51 1.55 2.79 6.90
CA CYS A 51 1.10 2.51 8.25
C CYS A 51 -0.30 3.06 8.48
N GLN A 52 -0.53 4.30 8.04
CA GLN A 52 -1.82 4.95 8.19
C GLN A 52 -2.94 4.10 7.58
N LEU A 53 -2.71 3.63 6.36
CA LEU A 53 -3.69 2.80 5.66
C LEU A 53 -4.44 1.90 6.64
N LEU A 54 -3.71 1.00 7.28
CA LEU A 54 -4.29 0.08 8.25
C LEU A 54 -5.00 0.84 9.36
N ASN A 55 -4.33 1.85 9.90
CA ASN A 55 -4.89 2.66 10.98
C ASN A 55 -6.25 3.21 10.59
N ASN A 56 -6.47 3.35 9.28
CA ASN A 56 -7.73 3.88 8.77
C ASN A 56 -8.80 2.78 8.73
N LEU A 57 -8.41 1.60 8.25
CA LEU A 57 -9.33 0.48 8.15
C LEU A 57 -9.70 -0.05 9.54
N ARG A 58 -8.68 -0.36 10.34
CA ARG A 58 -8.89 -0.87 11.69
C ARG A 58 -8.29 0.07 12.73
N ALA A 59 -8.77 -0.04 13.96
CA ALA A 59 -8.28 0.80 15.05
C ALA A 59 -7.17 0.10 15.82
N HIS A 60 -6.21 0.89 16.32
CA HIS A 60 -5.09 0.35 17.07
C HIS A 60 -4.25 -0.58 16.21
N SER A 61 -4.25 -0.33 14.90
CA SER A 61 -3.49 -1.14 13.97
C SER A 61 -1.99 -0.83 14.06
N ILE A 62 -1.67 0.46 14.12
CA ILE A 62 -0.28 0.90 14.21
C ILE A 62 -0.16 2.20 14.99
N ASN A 63 0.63 2.18 16.05
CA ASN A 63 0.82 3.36 16.88
C ASN A 63 1.76 4.36 16.20
N LEU A 64 1.18 5.46 15.71
CA LEU A 64 1.95 6.49 15.03
C LEU A 64 3.25 6.77 15.78
N LYS A 65 3.21 6.65 17.10
CA LYS A 65 4.40 6.88 17.93
C LYS A 65 5.45 5.81 17.70
N GLU A 66 4.99 4.57 17.53
CA GLU A 66 5.91 3.46 17.30
C GLU A 66 6.68 3.64 15.99
N ILE A 67 6.07 4.37 15.06
CA ILE A 67 6.70 4.63 13.77
C ILE A 67 7.25 6.04 13.69
N ASN A 68 8.51 6.14 13.27
CA ASN A 68 9.17 7.45 13.16
C ASN A 68 8.51 8.30 12.07
N LEU A 69 7.87 9.38 12.49
CA LEU A 69 7.20 10.28 11.55
C LEU A 69 8.17 11.31 10.99
N ARG A 70 7.87 11.81 9.80
CA ARG A 70 8.72 12.80 9.15
C ARG A 70 10.16 12.30 9.03
N PRO A 71 10.33 11.12 8.42
CA PRO A 71 11.64 10.50 8.22
C PRO A 71 12.49 11.26 7.22
N GLN A 72 11.92 12.30 6.63
CA GLN A 72 12.63 13.11 5.64
C GLN A 72 13.57 12.24 4.81
N MET A 73 13.07 11.08 4.39
CA MET A 73 13.87 10.16 3.58
C MET A 73 15.10 9.70 4.35
N SER A 74 14.89 9.17 5.55
CA SER A 74 15.98 8.69 6.39
C SER A 74 16.16 7.18 6.23
N GLN A 75 17.11 6.80 5.39
CA GLN A 75 17.38 5.38 5.15
C GLN A 75 17.17 4.56 6.42
N PHE A 76 17.67 5.06 7.54
CA PHE A 76 17.53 4.37 8.81
C PHE A 76 16.07 4.31 9.24
N LEU A 77 15.45 5.47 9.38
CA LEU A 77 14.05 5.55 9.78
C LEU A 77 13.15 4.90 8.73
N CYS A 78 13.14 5.47 7.54
CA CYS A 78 12.32 4.95 6.44
C CYS A 78 12.30 3.42 6.47
N LEU A 79 13.47 2.81 6.32
CA LEU A 79 13.58 1.36 6.33
C LEU A 79 12.81 0.75 7.48
N LYS A 80 13.14 1.18 8.70
CA LYS A 80 12.46 0.69 9.90
C LYS A 80 10.94 0.79 9.75
N ASN A 81 10.45 2.00 9.54
CA ASN A 81 9.03 2.23 9.38
C ASN A 81 8.39 1.14 8.52
N ILE A 82 8.79 1.09 7.25
CA ILE A 82 8.25 0.09 6.33
C ILE A 82 7.99 -1.23 7.04
N ARG A 83 9.01 -1.74 7.72
CA ARG A 83 8.89 -3.00 8.45
C ARG A 83 7.71 -2.95 9.42
N THR A 84 7.67 -1.91 10.24
CA THR A 84 6.60 -1.75 11.22
C THR A 84 5.25 -2.06 10.61
N PHE A 85 5.06 -1.65 9.35
CA PHE A 85 3.80 -1.88 8.65
C PHE A 85 3.61 -3.36 8.36
N LEU A 86 4.54 -3.94 7.60
CA LEU A 86 4.48 -5.35 7.24
C LEU A 86 4.14 -6.20 8.46
N THR A 87 4.52 -5.73 9.64
CA THR A 87 4.26 -6.44 10.89
C THR A 87 2.77 -6.44 11.22
N ALA A 88 2.18 -5.25 11.21
CA ALA A 88 0.76 -5.11 11.51
C ALA A 88 -0.09 -5.96 10.57
N CYS A 89 0.30 -5.99 9.30
CA CYS A 89 -0.43 -6.78 8.30
C CYS A 89 -0.61 -8.21 8.77
N CYS A 90 0.21 -8.64 9.72
CA CYS A 90 0.14 -9.99 10.25
C CYS A 90 -0.36 -9.99 11.69
N GLU A 91 -0.10 -8.90 12.40
CA GLU A 91 -0.51 -8.76 13.79
C GLU A 91 -1.94 -8.23 13.88
N THR A 92 -2.17 -7.08 13.26
CA THR A 92 -3.49 -6.46 13.28
C THR A 92 -4.49 -7.29 12.49
N PHE A 93 -4.19 -7.53 11.22
CA PHE A 93 -5.07 -8.32 10.36
C PHE A 93 -4.74 -9.80 10.44
N GLY A 94 -3.54 -10.16 10.01
CA GLY A 94 -3.12 -11.55 10.05
C GLY A 94 -3.23 -12.24 8.71
N MET A 95 -2.43 -11.78 7.75
CA MET A 95 -2.45 -12.34 6.40
C MET A 95 -1.16 -13.14 6.13
N ARG A 96 -1.03 -13.62 4.91
CA ARG A 96 0.15 -14.38 4.51
C ARG A 96 1.41 -13.51 4.56
N LYS A 97 2.18 -13.65 5.63
CA LYS A 97 3.41 -12.88 5.79
C LYS A 97 4.33 -13.06 4.59
N SER A 98 4.21 -14.21 3.92
CA SER A 98 5.03 -14.50 2.76
C SER A 98 4.63 -13.63 1.58
N GLU A 99 3.37 -13.25 1.53
CA GLU A 99 2.86 -12.41 0.45
C GLU A 99 3.41 -10.99 0.56
N LEU A 100 3.64 -10.55 1.80
CA LEU A 100 4.17 -9.21 2.04
C LEU A 100 5.43 -8.96 1.22
N PHE A 101 5.77 -7.68 1.04
CA PHE A 101 6.95 -7.31 0.27
C PHE A 101 8.15 -7.10 1.19
N GLU A 102 9.29 -6.78 0.60
CA GLU A 102 10.52 -6.56 1.37
C GLU A 102 10.69 -5.07 1.69
N ALA A 103 11.53 -4.78 2.68
CA ALA A 103 11.78 -3.41 3.09
C ALA A 103 12.50 -2.63 2.00
N PHE A 104 13.57 -3.22 1.45
CA PHE A 104 14.33 -2.59 0.39
C PHE A 104 13.52 -2.50 -0.89
N ASP A 105 12.90 -3.60 -1.28
CA ASP A 105 12.08 -3.65 -2.48
C ASP A 105 11.32 -2.34 -2.67
N LEU A 106 10.75 -1.83 -1.59
CA LEU A 106 9.98 -0.58 -1.64
C LEU A 106 10.92 0.62 -1.59
N PHE A 107 11.80 0.64 -0.59
CA PHE A 107 12.74 1.74 -0.43
C PHE A 107 13.42 2.06 -1.77
N ASP A 108 14.11 1.07 -2.33
CA ASP A 108 14.80 1.25 -3.60
C ASP A 108 13.83 1.11 -4.78
N VAL A 109 12.54 1.20 -4.48
CA VAL A 109 11.52 1.09 -5.51
C VAL A 109 11.89 0.03 -6.55
N ARG A 110 12.39 -1.10 -6.08
CA ARG A 110 12.79 -2.18 -6.97
C ARG A 110 11.59 -2.76 -7.71
N ASP A 111 10.65 -3.33 -6.96
CA ASP A 111 9.45 -3.89 -7.55
C ASP A 111 8.20 -3.47 -6.78
N PHE A 112 7.50 -2.47 -7.30
CA PHE A 112 6.30 -1.97 -6.66
C PHE A 112 5.16 -2.97 -6.79
N GLY A 113 5.10 -3.64 -7.94
CA GLY A 113 4.04 -4.61 -8.17
C GLY A 113 3.84 -5.53 -6.99
N LYS A 114 4.93 -5.89 -6.32
CA LYS A 114 4.87 -6.78 -5.17
C LYS A 114 4.12 -6.12 -4.01
N VAL A 115 4.33 -4.81 -3.86
CA VAL A 115 3.67 -4.06 -2.79
C VAL A 115 2.18 -3.88 -3.08
N ILE A 116 1.86 -3.65 -4.35
CA ILE A 116 0.47 -3.47 -4.75
C ILE A 116 -0.37 -4.71 -4.45
N GLU A 117 0.15 -5.87 -4.84
CA GLU A 117 -0.54 -7.13 -4.60
C GLU A 117 -0.90 -7.29 -3.13
N THR A 118 0.07 -7.06 -2.26
CA THR A 118 -0.14 -7.17 -0.81
C THR A 118 -1.51 -6.62 -0.42
N LEU A 119 -1.81 -5.41 -0.88
CA LEU A 119 -3.08 -4.77 -0.58
C LEU A 119 -4.25 -5.53 -1.20
N SER A 120 -4.10 -5.87 -2.48
CA SER A 120 -5.14 -6.60 -3.20
C SER A 120 -5.68 -7.75 -2.35
N ARG A 121 -4.79 -8.40 -1.61
CA ARG A 121 -5.18 -9.51 -0.76
C ARG A 121 -5.85 -9.01 0.52
N LEU A 122 -5.11 -8.23 1.30
CA LEU A 122 -5.63 -7.68 2.55
C LEU A 122 -7.09 -7.27 2.39
N SER A 123 -7.43 -6.69 1.25
CA SER A 123 -8.80 -6.25 0.98
C SER A 123 -9.80 -7.32 1.40
N ARG A 124 -9.50 -8.57 1.04
CA ARG A 124 -10.38 -9.68 1.38
C ARG A 124 -10.81 -9.62 2.84
N THR A 125 -9.89 -9.18 3.70
CA THR A 125 -10.17 -9.07 5.13
C THR A 125 -11.53 -8.41 5.38
N PRO A 126 -12.22 -8.85 6.45
CA PRO A 126 -13.52 -8.31 6.82
C PRO A 126 -13.44 -6.87 7.32
N ILE A 127 -12.23 -6.32 7.33
CA ILE A 127 -12.03 -4.96 7.79
C ILE A 127 -12.03 -3.98 6.62
N ALA A 128 -11.33 -4.34 5.55
CA ALA A 128 -11.26 -3.50 4.36
C ALA A 128 -12.63 -3.40 3.67
N LEU A 129 -13.30 -4.54 3.53
CA LEU A 129 -14.61 -4.58 2.89
C LEU A 129 -15.65 -3.87 3.74
N ALA A 130 -15.54 -4.03 5.05
CA ALA A 130 -16.47 -3.40 5.99
C ALA A 130 -16.75 -1.95 5.58
N THR A 131 -15.69 -1.22 5.26
CA THR A 131 -15.82 0.18 4.86
C THR A 131 -16.72 0.31 3.63
N GLY A 132 -16.65 -0.67 2.75
CA GLY A 132 -17.46 -0.65 1.54
C GLY A 132 -16.73 -0.01 0.37
N ILE A 133 -15.41 -0.08 0.39
CA ILE A 133 -14.60 0.50 -0.68
C ILE A 133 -14.43 -0.48 -1.84
N ARG A 134 -14.51 0.03 -3.06
CA ARG A 134 -14.37 -0.80 -4.25
C ARG A 134 -13.35 -1.91 -4.03
N PRO A 135 -13.84 -3.11 -3.71
CA PRO A 135 -12.99 -4.27 -3.47
C PRO A 135 -12.31 -4.78 -4.73
N PHE A 136 -11.06 -5.18 -4.61
CA PHE A 136 -10.30 -5.69 -5.75
C PHE A 136 -11.10 -6.73 -6.52
N PRO A 137 -10.76 -6.91 -7.80
CA PRO A 137 -11.44 -7.87 -8.67
C PRO A 137 -11.13 -9.32 -8.29
N SER A 138 -10.29 -9.49 -7.28
CA SER A 138 -9.91 -10.81 -6.82
C SER A 138 -11.07 -11.79 -6.95
N GLY A 139 -10.91 -12.77 -7.86
CA GLY A 139 -11.95 -13.75 -8.07
C GLY A 139 -11.85 -14.92 -7.11
N PRO A 140 -12.69 -15.94 -7.33
CA PRO A 140 -12.71 -17.14 -6.49
C PRO A 140 -11.47 -18.01 -6.68
N SER A 141 -10.48 -17.81 -5.82
CA SER A 141 -9.24 -18.57 -5.91
C SER A 141 -8.49 -18.26 -7.20
N SER A 142 -8.47 -16.98 -7.57
CA SER A 142 -7.79 -16.55 -8.79
C SER A 142 -8.31 -17.33 -10.00
N GLY A 143 -9.63 -17.51 -10.05
CA GLY A 143 -10.24 -18.24 -11.15
C GLY A 143 -11.75 -18.26 -11.07
N GLY A 1 5.38 -12.10 -23.10
CA GLY A 1 4.32 -11.74 -22.17
C GLY A 1 4.13 -10.24 -22.05
N SER A 2 5.23 -9.51 -21.96
CA SER A 2 5.17 -8.06 -21.84
C SER A 2 4.32 -7.46 -22.96
N SER A 3 3.07 -7.16 -22.65
CA SER A 3 2.16 -6.58 -23.63
C SER A 3 2.79 -5.38 -24.31
N GLY A 4 3.26 -4.42 -23.51
CA GLY A 4 3.87 -3.23 -24.05
C GLY A 4 3.42 -1.97 -23.34
N SER A 5 3.05 -0.95 -24.12
CA SER A 5 2.60 0.31 -23.56
C SER A 5 1.10 0.47 -23.72
N SER A 6 0.36 -0.63 -23.51
CA SER A 6 -1.09 -0.61 -23.63
C SER A 6 -1.74 -1.35 -22.46
N GLY A 7 -3.00 -1.02 -22.19
CA GLY A 7 -3.71 -1.65 -21.10
C GLY A 7 -3.80 -0.78 -19.87
N MET A 8 -4.54 -1.23 -18.87
CA MET A 8 -4.70 -0.48 -17.62
C MET A 8 -3.77 -1.03 -16.55
N GLU A 9 -2.69 -0.31 -16.28
CA GLU A 9 -1.72 -0.72 -15.26
C GLU A 9 -2.43 -1.12 -13.98
N PRO A 10 -1.72 -1.87 -13.12
CA PRO A 10 -2.26 -2.32 -11.83
C PRO A 10 -2.44 -1.17 -10.83
N TRP A 11 -1.41 -0.34 -10.71
CA TRP A 11 -1.45 0.80 -9.80
C TRP A 11 -2.59 1.75 -10.17
N LYS A 12 -2.77 1.97 -11.47
CA LYS A 12 -3.83 2.85 -11.94
C LYS A 12 -5.08 2.73 -11.08
N GLN A 13 -5.68 1.54 -11.08
CA GLN A 13 -6.89 1.30 -10.30
C GLN A 13 -6.60 1.41 -8.82
N CYS A 14 -5.46 0.88 -8.39
CA CYS A 14 -5.06 0.92 -6.99
C CYS A 14 -5.26 2.32 -6.41
N ALA A 15 -4.75 3.33 -7.11
CA ALA A 15 -4.88 4.71 -6.68
C ALA A 15 -6.26 4.98 -6.09
N GLN A 16 -7.29 4.54 -6.79
CA GLN A 16 -8.66 4.74 -6.34
C GLN A 16 -8.86 4.16 -4.94
N TRP A 17 -8.53 2.89 -4.78
CA TRP A 17 -8.68 2.23 -3.48
C TRP A 17 -8.06 3.07 -2.36
N LEU A 18 -6.85 3.58 -2.61
CA LEU A 18 -6.17 4.40 -1.62
C LEU A 18 -7.01 5.61 -1.23
N ILE A 19 -7.52 6.32 -2.23
CA ILE A 19 -8.34 7.49 -1.99
C ILE A 19 -9.57 7.14 -1.13
N HIS A 20 -10.22 6.04 -1.46
CA HIS A 20 -11.39 5.59 -0.72
C HIS A 20 -11.00 5.10 0.67
N CYS A 21 -9.79 4.56 0.78
CA CYS A 21 -9.30 4.04 2.05
C CYS A 21 -8.92 5.19 2.99
N LYS A 22 -9.10 6.41 2.51
CA LYS A 22 -8.77 7.60 3.31
C LYS A 22 -7.27 7.69 3.55
N VAL A 23 -6.49 7.58 2.49
CA VAL A 23 -5.03 7.66 2.60
C VAL A 23 -4.47 8.69 1.64
N LEU A 24 -5.16 8.89 0.52
CA LEU A 24 -4.72 9.85 -0.49
C LEU A 24 -5.86 10.80 -0.87
N PRO A 25 -5.50 12.05 -1.20
CA PRO A 25 -6.47 13.07 -1.59
C PRO A 25 -7.10 12.79 -2.95
N THR A 26 -8.30 13.32 -3.16
CA THR A 26 -9.01 13.12 -4.42
C THR A 26 -8.30 13.84 -5.56
N ASN A 27 -7.45 14.80 -5.22
CA ASN A 27 -6.72 15.56 -6.22
C ASN A 27 -5.22 15.26 -6.14
N HIS A 28 -4.88 14.16 -5.48
CA HIS A 28 -3.48 13.76 -5.34
C HIS A 28 -2.74 13.85 -6.68
N ARG A 29 -1.42 13.73 -6.63
CA ARG A 29 -0.60 13.80 -7.83
C ARG A 29 -0.67 12.49 -8.61
N VAL A 30 -0.57 11.38 -7.88
CA VAL A 30 -0.61 10.06 -8.51
C VAL A 30 -1.85 9.91 -9.39
N THR A 31 -2.92 10.60 -9.02
CA THR A 31 -4.17 10.54 -9.78
C THR A 31 -3.96 11.03 -11.20
N TRP A 32 -3.04 11.96 -11.37
CA TRP A 32 -2.75 12.51 -12.70
C TRP A 32 -2.20 11.43 -13.63
N ASP A 33 -2.69 11.41 -14.86
CA ASP A 33 -2.24 10.44 -15.84
C ASP A 33 -0.72 10.45 -15.97
N SER A 34 -0.15 11.65 -16.06
CA SER A 34 1.29 11.80 -16.19
C SER A 34 2.03 10.96 -15.14
N ALA A 35 1.53 11.01 -13.90
CA ALA A 35 2.14 10.25 -12.81
C ALA A 35 2.36 8.80 -13.21
N GLN A 36 3.25 8.12 -12.49
CA GLN A 36 3.56 6.72 -12.78
C GLN A 36 3.73 5.93 -11.48
N VAL A 37 3.70 4.61 -11.59
CA VAL A 37 3.86 3.74 -10.43
C VAL A 37 4.83 4.33 -9.42
N PHE A 38 5.97 4.80 -9.91
CA PHE A 38 6.99 5.40 -9.04
C PHE A 38 6.36 6.39 -8.08
N ASP A 39 5.79 7.46 -8.62
CA ASP A 39 5.15 8.48 -7.80
C ASP A 39 4.43 7.85 -6.61
N LEU A 40 3.54 6.91 -6.89
CA LEU A 40 2.78 6.23 -5.85
C LEU A 40 3.70 5.41 -4.96
N ALA A 41 4.76 4.87 -5.55
CA ALA A 41 5.73 4.06 -4.82
C ALA A 41 6.63 4.93 -3.95
N GLN A 42 6.62 6.23 -4.22
CA GLN A 42 7.44 7.17 -3.47
C GLN A 42 6.72 7.65 -2.22
N THR A 43 5.48 8.08 -2.38
CA THR A 43 4.68 8.56 -1.26
C THR A 43 4.59 7.50 -0.16
N LEU A 44 4.96 6.28 -0.50
CA LEU A 44 4.92 5.18 0.47
C LEU A 44 6.33 4.69 0.80
N ARG A 45 7.25 4.91 -0.12
CA ARG A 45 8.64 4.50 0.07
C ARG A 45 9.12 4.83 1.48
N ASP A 46 8.65 5.97 1.99
CA ASP A 46 9.04 6.41 3.34
C ASP A 46 8.50 5.45 4.39
N GLY A 47 7.23 5.07 4.25
CA GLY A 47 6.63 4.16 5.21
C GLY A 47 5.79 4.89 6.25
N VAL A 48 5.28 6.05 5.89
CA VAL A 48 4.46 6.84 6.79
C VAL A 48 2.98 6.70 6.48
N LEU A 49 2.66 6.63 5.19
CA LEU A 49 1.27 6.49 4.75
C LEU A 49 0.79 5.06 4.94
N LEU A 50 1.53 4.10 4.39
CA LEU A 50 1.18 2.69 4.51
C LEU A 50 0.54 2.40 5.86
N CYS A 51 1.27 2.72 6.92
CA CYS A 51 0.76 2.48 8.28
C CYS A 51 -0.64 3.05 8.44
N GLN A 52 -0.86 4.25 7.90
CA GLN A 52 -2.16 4.90 7.99
C GLN A 52 -3.25 4.01 7.42
N LEU A 53 -3.04 3.51 6.21
CA LEU A 53 -4.00 2.64 5.54
C LEU A 53 -4.63 1.67 6.53
N LEU A 54 -3.80 0.84 7.14
CA LEU A 54 -4.27 -0.14 8.12
C LEU A 54 -5.01 0.55 9.26
N ASN A 55 -4.48 1.68 9.71
CA ASN A 55 -5.09 2.44 10.79
C ASN A 55 -6.47 2.95 10.39
N ASN A 56 -6.69 3.09 9.09
CA ASN A 56 -7.96 3.58 8.57
C ASN A 56 -9.00 2.46 8.55
N LEU A 57 -8.58 1.28 8.10
CA LEU A 57 -9.47 0.13 8.03
C LEU A 57 -9.82 -0.38 9.42
N ARG A 58 -8.80 -0.66 10.21
CA ARG A 58 -8.98 -1.16 11.57
C ARG A 58 -8.43 -0.17 12.59
N ALA A 59 -8.96 -0.24 13.82
CA ALA A 59 -8.52 0.65 14.88
C ALA A 59 -7.38 0.03 15.68
N HIS A 60 -6.48 0.87 16.16
CA HIS A 60 -5.33 0.40 16.93
C HIS A 60 -4.45 -0.54 16.11
N SER A 61 -4.43 -0.31 14.79
CA SER A 61 -3.64 -1.14 13.89
C SER A 61 -2.16 -0.79 13.99
N ILE A 62 -1.87 0.51 14.03
CA ILE A 62 -0.49 0.98 14.11
C ILE A 62 -0.42 2.30 14.87
N ASN A 63 0.63 2.46 15.68
CA ASN A 63 0.82 3.68 16.46
C ASN A 63 1.67 4.68 15.70
N LEU A 64 1.05 5.78 15.27
CA LEU A 64 1.74 6.82 14.53
C LEU A 64 3.04 7.21 15.22
N LYS A 65 3.01 7.23 16.55
CA LYS A 65 4.18 7.59 17.34
C LYS A 65 5.30 6.57 17.15
N GLU A 66 4.91 5.30 17.01
CA GLU A 66 5.88 4.24 16.82
C GLU A 66 6.56 4.34 15.46
N ILE A 67 5.90 5.03 14.53
CA ILE A 67 6.44 5.22 13.18
C ILE A 67 6.95 6.63 12.99
N ASN A 68 8.12 6.75 12.36
CA ASN A 68 8.72 8.06 12.10
C ASN A 68 7.88 8.86 11.11
N LEU A 69 7.14 9.84 11.63
CA LEU A 69 6.30 10.68 10.80
C LEU A 69 7.14 11.59 9.90
N ARG A 70 8.17 12.19 10.48
CA ARG A 70 9.05 13.08 9.74
C ARG A 70 10.44 12.45 9.57
N PRO A 71 10.56 11.57 8.57
CA PRO A 71 11.82 10.88 8.28
C PRO A 71 12.88 11.83 7.72
N GLN A 72 12.46 12.68 6.79
CA GLN A 72 13.37 13.64 6.16
C GLN A 72 14.35 12.92 5.24
N MET A 73 13.88 11.87 4.58
CA MET A 73 14.72 11.10 3.67
C MET A 73 15.81 10.35 4.42
N SER A 74 15.41 9.60 5.44
CA SER A 74 16.35 8.84 6.25
C SER A 74 16.27 7.35 5.92
N GLN A 75 17.39 6.77 5.53
CA GLN A 75 17.45 5.36 5.19
C GLN A 75 17.09 4.49 6.40
N PHE A 76 17.94 4.51 7.42
CA PHE A 76 17.71 3.74 8.62
C PHE A 76 16.25 3.83 9.06
N LEU A 77 15.70 5.03 9.03
CA LEU A 77 14.31 5.26 9.42
C LEU A 77 13.36 4.68 8.37
N CYS A 78 13.31 5.32 7.21
CA CYS A 78 12.44 4.89 6.13
C CYS A 78 12.31 3.37 6.12
N LEU A 79 13.45 2.68 6.11
CA LEU A 79 13.48 1.22 6.09
C LEU A 79 12.77 0.66 7.32
N LYS A 80 13.01 1.27 8.47
CA LYS A 80 12.39 0.83 9.72
C LYS A 80 10.88 0.92 9.63
N ASN A 81 10.37 2.12 9.34
CA ASN A 81 8.93 2.33 9.22
C ASN A 81 8.27 1.20 8.43
N ILE A 82 8.64 1.08 7.17
CA ILE A 82 8.08 0.03 6.31
C ILE A 82 7.85 -1.25 7.10
N ARG A 83 8.90 -1.75 7.74
CA ARG A 83 8.80 -2.98 8.52
C ARG A 83 7.64 -2.90 9.51
N THR A 84 7.51 -1.76 10.18
CA THR A 84 6.44 -1.56 11.14
C THR A 84 5.08 -1.89 10.55
N PHE A 85 4.86 -1.46 9.31
CA PHE A 85 3.60 -1.71 8.62
C PHE A 85 3.45 -3.19 8.29
N LEU A 86 4.54 -3.80 7.82
CA LEU A 86 4.53 -5.22 7.47
C LEU A 86 4.19 -6.08 8.69
N THR A 87 4.56 -5.61 9.86
CA THR A 87 4.29 -6.33 11.10
C THR A 87 2.81 -6.26 11.47
N ALA A 88 2.23 -5.08 11.35
CA ALA A 88 0.82 -4.88 11.66
C ALA A 88 -0.07 -5.76 10.79
N CYS A 89 0.28 -5.84 9.51
CA CYS A 89 -0.49 -6.64 8.56
C CYS A 89 -0.59 -8.09 9.03
N CYS A 90 0.34 -8.50 9.88
CA CYS A 90 0.35 -9.86 10.41
C CYS A 90 -0.08 -9.88 11.87
N GLU A 91 0.00 -8.73 12.52
CA GLU A 91 -0.38 -8.62 13.92
C GLU A 91 -1.82 -8.15 14.06
N THR A 92 -2.12 -6.98 13.50
CA THR A 92 -3.47 -6.42 13.55
C THR A 92 -4.45 -7.25 12.71
N PHE A 93 -4.07 -7.52 11.47
CA PHE A 93 -4.90 -8.29 10.57
C PHE A 93 -4.58 -9.78 10.67
N GLY A 94 -3.36 -10.14 10.28
CA GLY A 94 -2.94 -11.53 10.33
C GLY A 94 -2.79 -12.14 8.95
N MET A 95 -2.01 -11.48 8.10
CA MET A 95 -1.78 -11.97 6.74
C MET A 95 -0.53 -12.84 6.67
N ARG A 96 -0.36 -13.52 5.55
CA ARG A 96 0.81 -14.39 5.36
C ARG A 96 2.05 -13.58 5.01
N LYS A 97 3.10 -13.74 5.80
CA LYS A 97 4.34 -13.02 5.57
C LYS A 97 5.03 -13.50 4.29
N SER A 98 4.57 -14.63 3.78
CA SER A 98 5.14 -15.20 2.56
C SER A 98 4.64 -14.46 1.33
N GLU A 99 3.67 -13.57 1.53
CA GLU A 99 3.10 -12.79 0.45
C GLU A 99 3.54 -11.33 0.54
N LEU A 100 3.76 -10.87 1.76
CA LEU A 100 4.18 -9.48 2.00
C LEU A 100 5.43 -9.15 1.18
N PHE A 101 5.66 -7.85 0.99
CA PHE A 101 6.83 -7.39 0.23
C PHE A 101 8.01 -7.14 1.15
N GLU A 102 9.19 -7.02 0.57
CA GLU A 102 10.41 -6.77 1.34
C GLU A 102 10.62 -5.27 1.53
N ALA A 103 10.99 -4.88 2.75
CA ALA A 103 11.24 -3.49 3.06
C ALA A 103 12.03 -2.80 1.97
N PHE A 104 13.11 -3.44 1.53
CA PHE A 104 13.97 -2.90 0.48
C PHE A 104 13.20 -2.78 -0.83
N ASP A 105 12.62 -3.88 -1.28
CA ASP A 105 11.86 -3.91 -2.52
C ASP A 105 11.07 -2.62 -2.68
N LEU A 106 10.62 -2.05 -1.56
CA LEU A 106 9.85 -0.82 -1.59
C LEU A 106 10.76 0.40 -1.50
N PHE A 107 11.70 0.37 -0.56
CA PHE A 107 12.64 1.47 -0.38
C PHE A 107 13.30 1.85 -1.70
N ASP A 108 14.09 0.93 -2.24
CA ASP A 108 14.77 1.17 -3.51
C ASP A 108 13.79 1.13 -4.68
N VAL A 109 12.54 0.82 -4.38
CA VAL A 109 11.51 0.74 -5.41
C VAL A 109 11.87 -0.28 -6.48
N ARG A 110 12.28 -1.47 -6.04
CA ARG A 110 12.67 -2.53 -6.96
C ARG A 110 11.44 -3.09 -7.69
N ASP A 111 10.63 -3.86 -6.96
CA ASP A 111 9.42 -4.45 -7.54
C ASP A 111 8.18 -3.93 -6.83
N PHE A 112 7.57 -2.89 -7.40
CA PHE A 112 6.37 -2.29 -6.82
C PHE A 112 5.19 -3.25 -6.93
N GLY A 113 5.15 -4.02 -8.02
CA GLY A 113 4.07 -4.95 -8.23
C GLY A 113 3.84 -5.86 -7.03
N LYS A 114 4.92 -6.17 -6.32
CA LYS A 114 4.84 -7.03 -5.14
C LYS A 114 4.11 -6.33 -4.00
N VAL A 115 4.32 -5.03 -3.89
CA VAL A 115 3.68 -4.24 -2.84
C VAL A 115 2.20 -4.02 -3.15
N ILE A 116 1.88 -3.89 -4.43
CA ILE A 116 0.51 -3.67 -4.86
C ILE A 116 -0.36 -4.89 -4.55
N GLU A 117 0.10 -6.06 -4.98
CA GLU A 117 -0.63 -7.30 -4.75
C GLU A 117 -1.02 -7.44 -3.28
N THR A 118 -0.06 -7.20 -2.39
CA THR A 118 -0.30 -7.29 -0.96
C THR A 118 -1.63 -6.67 -0.58
N LEU A 119 -1.89 -5.49 -1.12
CA LEU A 119 -3.13 -4.78 -0.83
C LEU A 119 -4.33 -5.48 -1.48
N SER A 120 -4.07 -6.16 -2.59
CA SER A 120 -5.13 -6.88 -3.30
C SER A 120 -5.73 -7.96 -2.42
N ARG A 121 -4.91 -8.53 -1.53
CA ARG A 121 -5.37 -9.58 -0.63
C ARG A 121 -5.96 -8.98 0.64
N LEU A 122 -5.27 -8.00 1.19
CA LEU A 122 -5.72 -7.35 2.42
C LEU A 122 -7.21 -7.00 2.33
N SER A 123 -7.59 -6.26 1.29
CA SER A 123 -8.98 -5.87 1.09
C SER A 123 -9.92 -7.01 1.45
N ARG A 124 -9.57 -8.22 1.00
CA ARG A 124 -10.39 -9.39 1.27
C ARG A 124 -10.81 -9.43 2.74
N THR A 125 -9.86 -9.15 3.63
CA THR A 125 -10.14 -9.16 5.06
C THR A 125 -11.51 -8.58 5.37
N PRO A 126 -12.14 -9.06 6.45
CA PRO A 126 -13.46 -8.60 6.87
C PRO A 126 -13.44 -7.17 7.41
N ILE A 127 -12.23 -6.62 7.56
CA ILE A 127 -12.06 -5.27 8.07
C ILE A 127 -12.10 -4.25 6.94
N ALA A 128 -11.55 -4.63 5.78
CA ALA A 128 -11.54 -3.75 4.62
C ALA A 128 -12.90 -3.70 3.95
N LEU A 129 -13.54 -4.85 3.80
CA LEU A 129 -14.85 -4.93 3.17
C LEU A 129 -15.91 -4.27 4.05
N ALA A 130 -15.75 -4.40 5.35
CA ALA A 130 -16.69 -3.82 6.31
C ALA A 130 -17.05 -2.39 5.91
N THR A 131 -16.03 -1.60 5.59
CA THR A 131 -16.24 -0.21 5.19
C THR A 131 -17.07 -0.11 3.92
N GLY A 132 -16.85 -1.04 3.00
CA GLY A 132 -17.59 -1.05 1.76
C GLY A 132 -16.85 -0.35 0.63
N ILE A 133 -15.53 -0.27 0.76
CA ILE A 133 -14.70 0.38 -0.25
C ILE A 133 -14.46 -0.53 -1.44
N ARG A 134 -14.54 0.02 -2.65
CA ARG A 134 -14.33 -0.74 -3.87
C ARG A 134 -13.31 -1.86 -3.64
N PRO A 135 -13.82 -3.07 -3.35
CA PRO A 135 -12.97 -4.24 -3.11
C PRO A 135 -12.26 -4.72 -4.38
N PHE A 136 -11.14 -5.39 -4.20
CA PHE A 136 -10.36 -5.91 -5.33
C PHE A 136 -11.17 -6.92 -6.13
N PRO A 137 -10.82 -7.11 -7.41
CA PRO A 137 -11.49 -8.05 -8.29
C PRO A 137 -11.22 -9.50 -7.91
N SER A 138 -10.26 -9.71 -7.02
CA SER A 138 -9.90 -11.05 -6.58
C SER A 138 -10.97 -11.62 -5.67
N GLY A 139 -11.80 -12.50 -6.23
CA GLY A 139 -12.86 -13.11 -5.44
C GLY A 139 -12.35 -14.21 -4.53
N PRO A 140 -13.02 -14.38 -3.38
CA PRO A 140 -12.66 -15.38 -2.38
C PRO A 140 -12.94 -16.81 -2.87
N SER A 141 -11.94 -17.68 -2.76
CA SER A 141 -12.08 -19.07 -3.19
C SER A 141 -13.20 -19.76 -2.41
N SER A 142 -13.96 -20.60 -3.09
CA SER A 142 -15.05 -21.33 -2.48
C SER A 142 -14.67 -21.77 -1.06
N GLY A 143 -13.55 -22.47 -0.94
CA GLY A 143 -13.10 -22.94 0.36
C GLY A 143 -12.48 -24.32 0.29
N GLY A 1 15.54 -1.67 -21.46
CA GLY A 1 14.80 -1.75 -22.71
C GLY A 1 13.30 -1.64 -22.51
N SER A 2 12.62 -1.05 -23.49
CA SER A 2 11.17 -0.88 -23.42
C SER A 2 10.45 -2.20 -23.69
N SER A 3 9.46 -2.51 -22.86
CA SER A 3 8.70 -3.74 -23.01
C SER A 3 7.19 -3.47 -22.96
N GLY A 4 6.79 -2.63 -22.02
CA GLY A 4 5.38 -2.29 -21.88
C GLY A 4 4.55 -3.46 -21.40
N SER A 5 3.31 -3.19 -21.01
CA SER A 5 2.41 -4.22 -20.53
C SER A 5 1.06 -4.15 -21.24
N SER A 6 0.39 -5.30 -21.33
CA SER A 6 -0.91 -5.37 -21.99
C SER A 6 -2.03 -5.47 -20.96
N GLY A 7 -2.72 -4.35 -20.74
CA GLY A 7 -3.81 -4.33 -19.78
C GLY A 7 -3.65 -3.25 -18.73
N MET A 8 -4.76 -2.66 -18.31
CA MET A 8 -4.72 -1.60 -17.29
C MET A 8 -3.66 -1.90 -16.24
N GLU A 9 -2.78 -0.94 -16.01
CA GLU A 9 -1.72 -1.10 -15.02
C GLU A 9 -2.30 -1.47 -13.65
N PRO A 10 -1.53 -2.24 -12.87
CA PRO A 10 -1.95 -2.68 -11.53
C PRO A 10 -1.98 -1.52 -10.53
N TRP A 11 -1.28 -0.44 -10.87
CA TRP A 11 -1.24 0.73 -9.99
C TRP A 11 -2.33 1.74 -10.37
N LYS A 12 -2.49 1.97 -11.67
CA LYS A 12 -3.50 2.91 -12.15
C LYS A 12 -4.80 2.75 -11.38
N GLN A 13 -5.20 1.50 -11.14
CA GLN A 13 -6.43 1.22 -10.41
C GLN A 13 -6.20 1.32 -8.90
N CYS A 14 -5.07 0.81 -8.45
CA CYS A 14 -4.73 0.84 -7.02
C CYS A 14 -4.89 2.25 -6.46
N ALA A 15 -4.49 3.25 -7.25
CA ALA A 15 -4.59 4.64 -6.83
C ALA A 15 -5.97 4.95 -6.26
N GLN A 16 -7.00 4.43 -6.92
CA GLN A 16 -8.37 4.65 -6.47
C GLN A 16 -8.58 4.13 -5.05
N TRP A 17 -8.40 2.83 -4.88
CA TRP A 17 -8.57 2.20 -3.57
C TRP A 17 -7.95 3.06 -2.48
N LEU A 18 -6.70 3.48 -2.68
CA LEU A 18 -6.00 4.32 -1.71
C LEU A 18 -6.84 5.52 -1.32
N ILE A 19 -7.27 6.28 -2.33
CA ILE A 19 -8.09 7.47 -2.08
C ILE A 19 -9.31 7.14 -1.23
N HIS A 20 -9.97 6.02 -1.56
CA HIS A 20 -11.14 5.59 -0.82
C HIS A 20 -10.76 5.04 0.55
N CYS A 21 -9.55 4.52 0.66
CA CYS A 21 -9.06 3.96 1.92
C CYS A 21 -8.74 5.07 2.91
N LYS A 22 -8.98 6.31 2.50
CA LYS A 22 -8.72 7.47 3.35
C LYS A 22 -7.22 7.62 3.60
N VAL A 23 -6.44 7.53 2.54
CA VAL A 23 -4.99 7.67 2.64
C VAL A 23 -4.48 8.76 1.71
N LEU A 24 -5.17 8.96 0.60
CA LEU A 24 -4.78 9.97 -0.37
C LEU A 24 -5.99 10.83 -0.78
N PRO A 25 -5.71 12.08 -1.16
CA PRO A 25 -6.75 13.03 -1.58
C PRO A 25 -7.38 12.65 -2.92
N THR A 26 -8.49 13.29 -3.25
CA THR A 26 -9.18 13.02 -4.51
C THR A 26 -8.44 13.64 -5.69
N ASN A 27 -7.75 14.75 -5.44
CA ASN A 27 -6.99 15.44 -6.48
C ASN A 27 -5.50 15.21 -6.31
N HIS A 28 -5.14 14.11 -5.65
CA HIS A 28 -3.74 13.78 -5.42
C HIS A 28 -2.94 13.85 -6.72
N ARG A 29 -1.66 13.50 -6.64
CA ARG A 29 -0.79 13.52 -7.80
C ARG A 29 -0.84 12.19 -8.54
N VAL A 30 -0.89 11.10 -7.78
CA VAL A 30 -0.95 9.77 -8.36
C VAL A 30 -2.14 9.61 -9.29
N THR A 31 -3.14 10.49 -9.12
CA THR A 31 -4.33 10.46 -9.95
C THR A 31 -4.06 11.01 -11.34
N TRP A 32 -3.11 11.94 -11.43
CA TRP A 32 -2.76 12.55 -12.70
C TRP A 32 -2.26 11.50 -13.69
N ASP A 33 -2.59 11.68 -14.96
CA ASP A 33 -2.18 10.74 -16.00
C ASP A 33 -0.66 10.70 -16.12
N SER A 34 -0.03 11.86 -15.92
CA SER A 34 1.42 11.96 -16.01
C SER A 34 2.10 11.09 -14.97
N ALA A 35 1.46 10.95 -13.81
CA ALA A 35 2.00 10.15 -12.72
C ALA A 35 2.35 8.74 -13.22
N GLN A 36 3.15 8.03 -12.42
CA GLN A 36 3.56 6.68 -12.77
C GLN A 36 3.77 5.83 -11.52
N VAL A 37 3.76 4.51 -11.69
CA VAL A 37 3.96 3.59 -10.58
C VAL A 37 4.91 4.17 -9.55
N PHE A 38 5.95 4.85 -10.02
CA PHE A 38 6.94 5.46 -9.15
C PHE A 38 6.29 6.49 -8.22
N ASP A 39 5.64 7.48 -8.82
CA ASP A 39 4.97 8.53 -8.06
C ASP A 39 4.27 7.95 -6.83
N LEU A 40 3.36 7.01 -7.06
CA LEU A 40 2.62 6.36 -5.98
C LEU A 40 3.55 5.51 -5.12
N ALA A 41 4.64 5.05 -5.71
CA ALA A 41 5.60 4.23 -4.99
C ALA A 41 6.50 5.08 -4.09
N GLN A 42 6.61 6.37 -4.42
CA GLN A 42 7.42 7.29 -3.64
C GLN A 42 6.70 7.71 -2.36
N THR A 43 5.50 8.25 -2.52
CA THR A 43 4.71 8.69 -1.38
C THR A 43 4.70 7.64 -0.28
N LEU A 44 4.92 6.39 -0.66
CA LEU A 44 4.92 5.29 0.29
C LEU A 44 6.36 4.86 0.63
N ARG A 45 7.25 4.98 -0.36
CA ARG A 45 8.65 4.62 -0.17
C ARG A 45 9.13 5.01 1.22
N ASP A 46 8.74 6.21 1.66
CA ASP A 46 9.12 6.70 2.98
C ASP A 46 8.69 5.74 4.07
N GLY A 47 7.45 5.27 3.98
CA GLY A 47 6.92 4.35 4.97
C GLY A 47 6.16 5.06 6.07
N VAL A 48 5.53 6.17 5.72
CA VAL A 48 4.75 6.94 6.70
C VAL A 48 3.25 6.79 6.45
N LEU A 49 2.87 6.70 5.18
CA LEU A 49 1.47 6.55 4.81
C LEU A 49 1.00 5.11 5.00
N LEU A 50 1.80 4.17 4.49
CA LEU A 50 1.47 2.75 4.60
C LEU A 50 0.84 2.44 5.96
N CYS A 51 1.58 2.74 7.02
CA CYS A 51 1.09 2.49 8.38
C CYS A 51 -0.32 3.05 8.56
N GLN A 52 -0.54 4.26 8.04
CA GLN A 52 -1.84 4.91 8.15
C GLN A 52 -2.94 4.02 7.56
N LEU A 53 -2.74 3.57 6.33
CA LEU A 53 -3.71 2.72 5.66
C LEU A 53 -4.41 1.80 6.65
N LEU A 54 -3.64 0.88 7.23
CA LEU A 54 -4.19 -0.06 8.20
C LEU A 54 -4.92 0.66 9.32
N ASN A 55 -4.34 1.77 9.78
CA ASN A 55 -4.94 2.57 10.84
C ASN A 55 -6.31 3.11 10.41
N ASN A 56 -6.48 3.30 9.11
CA ASN A 56 -7.72 3.82 8.57
C ASN A 56 -8.80 2.73 8.55
N LEU A 57 -8.41 1.53 8.12
CA LEU A 57 -9.33 0.40 8.05
C LEU A 57 -9.70 -0.08 9.45
N ARG A 58 -8.69 -0.40 10.25
CA ARG A 58 -8.92 -0.88 11.61
C ARG A 58 -8.32 0.09 12.63
N ALA A 59 -8.84 0.05 13.85
CA ALA A 59 -8.36 0.92 14.91
C ALA A 59 -7.24 0.24 15.71
N HIS A 60 -6.31 1.05 16.19
CA HIS A 60 -5.18 0.53 16.97
C HIS A 60 -4.34 -0.42 16.14
N SER A 61 -4.32 -0.20 14.83
CA SER A 61 -3.55 -1.04 13.92
C SER A 61 -2.06 -0.73 14.02
N ILE A 62 -1.73 0.56 14.04
CA ILE A 62 -0.34 0.99 14.13
C ILE A 62 -0.22 2.31 14.89
N ASN A 63 0.54 2.29 15.98
CA ASN A 63 0.73 3.49 16.79
C ASN A 63 1.64 4.49 16.08
N LEU A 64 1.07 5.60 15.63
CA LEU A 64 1.82 6.62 14.94
C LEU A 64 3.11 6.97 15.69
N LYS A 65 3.03 6.96 17.02
CA LYS A 65 4.18 7.27 17.85
C LYS A 65 5.27 6.21 17.67
N GLU A 66 4.86 4.98 17.40
CA GLU A 66 5.80 3.89 17.20
C GLU A 66 6.59 4.08 15.91
N ILE A 67 6.00 4.80 14.97
CA ILE A 67 6.65 5.06 13.68
C ILE A 67 7.23 6.47 13.63
N ASN A 68 8.40 6.60 13.04
CA ASN A 68 9.06 7.91 12.91
C ASN A 68 8.43 8.73 11.80
N LEU A 69 7.61 9.70 12.18
CA LEU A 69 6.94 10.57 11.22
C LEU A 69 7.90 11.64 10.71
N ARG A 70 7.80 11.94 9.41
CA ARG A 70 8.65 12.94 8.79
C ARG A 70 10.10 12.47 8.73
N PRO A 71 10.32 11.29 8.14
CA PRO A 71 11.65 10.70 8.00
C PRO A 71 12.52 11.46 7.02
N GLN A 72 11.95 12.47 6.38
CA GLN A 72 12.68 13.28 5.41
C GLN A 72 13.61 12.41 4.56
N MET A 73 13.12 11.23 4.18
CA MET A 73 13.91 10.31 3.38
C MET A 73 15.12 9.81 4.15
N SER A 74 14.89 9.29 5.35
CA SER A 74 15.97 8.79 6.19
C SER A 74 16.07 7.27 6.09
N GLN A 75 16.98 6.79 5.24
CA GLN A 75 17.18 5.36 5.04
C GLN A 75 16.95 4.60 6.35
N PHE A 76 17.56 5.10 7.42
CA PHE A 76 17.45 4.47 8.73
C PHE A 76 15.98 4.39 9.16
N LEU A 77 15.32 5.54 9.18
CA LEU A 77 13.91 5.60 9.58
C LEU A 77 13.03 4.86 8.58
N CYS A 78 13.06 5.29 7.33
CA CYS A 78 12.26 4.67 6.28
C CYS A 78 12.27 3.15 6.43
N LEU A 79 13.45 2.56 6.32
CA LEU A 79 13.61 1.11 6.43
C LEU A 79 12.87 0.59 7.67
N LYS A 80 13.15 1.20 8.82
CA LYS A 80 12.51 0.79 10.06
C LYS A 80 11.00 0.84 9.94
N ASN A 81 10.46 2.03 9.66
CA ASN A 81 9.03 2.20 9.52
C ASN A 81 8.41 1.08 8.69
N ILE A 82 8.81 1.00 7.42
CA ILE A 82 8.30 -0.02 6.52
C ILE A 82 8.07 -1.33 7.27
N ARG A 83 9.09 -1.82 7.95
CA ARG A 83 9.00 -3.06 8.70
C ARG A 83 7.80 -3.03 9.65
N THR A 84 7.63 -1.90 10.35
CA THR A 84 6.53 -1.76 11.29
C THR A 84 5.20 -2.12 10.64
N PHE A 85 5.00 -1.65 9.41
CA PHE A 85 3.76 -1.92 8.68
C PHE A 85 3.59 -3.42 8.46
N LEU A 86 4.54 -4.02 7.77
CA LEU A 86 4.48 -5.46 7.49
C LEU A 86 4.15 -6.25 8.75
N THR A 87 4.57 -5.71 9.90
CA THR A 87 4.31 -6.37 11.17
C THR A 87 2.82 -6.42 11.48
N ALA A 88 2.18 -5.25 11.50
CA ALA A 88 0.76 -5.17 11.78
C ALA A 88 -0.03 -6.09 10.86
N CYS A 89 0.37 -6.15 9.60
CA CYS A 89 -0.30 -6.99 8.61
C CYS A 89 -0.42 -8.43 9.11
N CYS A 90 0.41 -8.78 10.09
CA CYS A 90 0.41 -10.12 10.66
C CYS A 90 -0.08 -10.11 12.11
N GLU A 91 0.18 -9.00 12.80
CA GLU A 91 -0.22 -8.85 14.20
C GLU A 91 -1.61 -8.25 14.29
N THR A 92 -1.81 -7.11 13.64
CA THR A 92 -3.10 -6.42 13.65
C THR A 92 -4.15 -7.22 12.90
N PHE A 93 -3.86 -7.53 11.64
CA PHE A 93 -4.78 -8.28 10.80
C PHE A 93 -4.48 -9.78 10.88
N GLY A 94 -3.29 -10.16 10.44
CA GLY A 94 -2.90 -11.56 10.46
C GLY A 94 -2.98 -12.21 9.09
N MET A 95 -2.18 -11.71 8.16
CA MET A 95 -2.16 -12.25 6.80
C MET A 95 -0.88 -13.03 6.54
N ARG A 96 -0.91 -13.89 5.53
CA ARG A 96 0.25 -14.71 5.18
C ARG A 96 1.46 -13.83 4.88
N LYS A 97 2.32 -13.64 5.88
CA LYS A 97 3.52 -12.83 5.72
C LYS A 97 4.10 -12.99 4.32
N SER A 98 4.13 -14.23 3.84
CA SER A 98 4.66 -14.52 2.51
C SER A 98 4.06 -13.60 1.46
N GLU A 99 2.73 -13.46 1.51
CA GLU A 99 2.02 -12.61 0.56
C GLU A 99 2.58 -11.19 0.59
N LEU A 100 2.94 -10.72 1.77
CA LEU A 100 3.49 -9.38 1.94
C LEU A 100 4.68 -9.16 1.02
N PHE A 101 5.27 -7.96 1.10
CA PHE A 101 6.42 -7.62 0.27
C PHE A 101 7.67 -7.44 1.13
N GLU A 102 8.80 -7.20 0.49
CA GLU A 102 10.06 -7.01 1.19
C GLU A 102 10.15 -5.59 1.76
N ALA A 103 11.29 -5.28 2.36
CA ALA A 103 11.51 -3.96 2.94
C ALA A 103 12.33 -3.07 2.01
N PHE A 104 13.25 -3.68 1.27
CA PHE A 104 14.10 -2.95 0.34
C PHE A 104 13.37 -2.68 -0.96
N ASP A 105 12.55 -3.64 -1.39
CA ASP A 105 11.79 -3.51 -2.63
C ASP A 105 11.08 -2.16 -2.68
N LEU A 106 10.43 -1.80 -1.58
CA LEU A 106 9.70 -0.53 -1.50
C LEU A 106 10.66 0.64 -1.40
N PHE A 107 11.55 0.59 -0.40
CA PHE A 107 12.52 1.65 -0.20
C PHE A 107 13.25 2.00 -1.51
N ASP A 108 13.94 1.01 -2.05
CA ASP A 108 14.67 1.20 -3.30
C ASP A 108 13.73 1.15 -4.50
N VAL A 109 12.43 1.14 -4.23
CA VAL A 109 11.44 1.08 -5.29
C VAL A 109 11.85 0.13 -6.40
N ARG A 110 12.35 -1.04 -6.00
CA ARG A 110 12.78 -2.05 -6.98
C ARG A 110 11.59 -2.64 -7.72
N ASP A 111 10.69 -3.29 -6.98
CA ASP A 111 9.51 -3.90 -7.57
C ASP A 111 8.25 -3.45 -6.84
N PHE A 112 7.60 -2.42 -7.38
CA PHE A 112 6.38 -1.90 -6.77
C PHE A 112 5.22 -2.87 -6.95
N GLY A 113 5.18 -3.52 -8.11
CA GLY A 113 4.11 -4.47 -8.39
C GLY A 113 3.87 -5.42 -7.24
N LYS A 114 4.95 -5.82 -6.56
CA LYS A 114 4.84 -6.73 -5.43
C LYS A 114 4.10 -6.08 -4.27
N VAL A 115 4.34 -4.79 -4.08
CA VAL A 115 3.69 -4.05 -3.00
C VAL A 115 2.20 -3.87 -3.27
N ILE A 116 1.86 -3.58 -4.52
CA ILE A 116 0.47 -3.39 -4.91
C ILE A 116 -0.35 -4.65 -4.64
N GLU A 117 0.12 -5.78 -5.16
CA GLU A 117 -0.57 -7.04 -4.97
C GLU A 117 -0.98 -7.24 -3.51
N THR A 118 0.01 -7.23 -2.63
CA THR A 118 -0.25 -7.40 -1.20
C THR A 118 -1.57 -6.77 -0.80
N LEU A 119 -1.78 -5.52 -1.19
CA LEU A 119 -3.02 -4.81 -0.88
C LEU A 119 -4.22 -5.51 -1.49
N SER A 120 -4.11 -5.85 -2.78
CA SER A 120 -5.19 -6.52 -3.48
C SER A 120 -5.82 -7.60 -2.60
N ARG A 121 -4.98 -8.40 -1.96
CA ARG A 121 -5.45 -9.48 -1.10
C ARG A 121 -5.98 -8.92 0.23
N LEU A 122 -5.24 -7.98 0.80
CA LEU A 122 -5.63 -7.36 2.06
C LEU A 122 -7.12 -7.04 2.08
N SER A 123 -7.59 -6.41 1.01
CA SER A 123 -9.01 -6.05 0.89
C SER A 123 -9.90 -7.18 1.38
N ARG A 124 -9.57 -8.40 0.95
CA ARG A 124 -10.34 -9.58 1.33
C ARG A 124 -10.69 -9.55 2.81
N THR A 125 -9.72 -9.11 3.63
CA THR A 125 -9.92 -9.03 5.07
C THR A 125 -11.29 -8.48 5.41
N PRO A 126 -11.87 -8.95 6.52
CA PRO A 126 -13.19 -8.50 6.99
C PRO A 126 -13.17 -7.07 7.49
N ILE A 127 -12.01 -6.44 7.42
CA ILE A 127 -11.86 -5.05 7.87
C ILE A 127 -11.96 -4.08 6.70
N ALA A 128 -11.41 -4.47 5.56
CA ALA A 128 -11.44 -3.64 4.36
C ALA A 128 -12.84 -3.58 3.77
N LEU A 129 -13.49 -4.75 3.71
CA LEU A 129 -14.84 -4.83 3.16
C LEU A 129 -15.84 -4.13 4.06
N ALA A 130 -15.68 -4.30 5.37
CA ALA A 130 -16.58 -3.68 6.34
C ALA A 130 -16.89 -2.24 5.95
N THR A 131 -15.85 -1.47 5.64
CA THR A 131 -16.01 -0.08 5.26
C THR A 131 -16.93 0.05 4.04
N GLY A 132 -16.79 -0.87 3.10
CA GLY A 132 -17.61 -0.84 1.90
C GLY A 132 -16.88 -0.26 0.71
N ILE A 133 -15.56 -0.28 0.75
CA ILE A 133 -14.74 0.26 -0.33
C ILE A 133 -14.67 -0.72 -1.50
N ARG A 134 -14.70 -0.19 -2.71
CA ARG A 134 -14.64 -1.01 -3.91
C ARG A 134 -13.59 -2.10 -3.77
N PRO A 135 -14.05 -3.36 -3.66
CA PRO A 135 -13.17 -4.52 -3.51
C PRO A 135 -12.39 -4.82 -4.79
N PHE A 136 -11.13 -5.20 -4.63
CA PHE A 136 -10.27 -5.52 -5.77
C PHE A 136 -10.97 -6.48 -6.73
N PRO A 137 -10.55 -6.45 -8.00
CA PRO A 137 -11.13 -7.31 -9.03
C PRO A 137 -10.74 -8.78 -8.84
N SER A 138 -11.75 -9.62 -8.65
CA SER A 138 -11.52 -11.05 -8.45
C SER A 138 -10.63 -11.62 -9.55
N GLY A 139 -9.38 -11.90 -9.20
CA GLY A 139 -8.45 -12.45 -10.17
C GLY A 139 -7.99 -13.85 -9.81
N PRO A 140 -7.29 -14.51 -10.76
CA PRO A 140 -6.79 -15.86 -10.56
C PRO A 140 -5.65 -15.91 -9.55
N SER A 141 -5.36 -17.11 -9.04
CA SER A 141 -4.29 -17.29 -8.06
C SER A 141 -3.17 -18.14 -8.64
N SER A 142 -2.11 -18.31 -7.86
CA SER A 142 -0.96 -19.11 -8.30
C SER A 142 -1.41 -20.41 -8.93
N GLY A 143 -0.92 -20.69 -10.13
CA GLY A 143 -1.29 -21.91 -10.82
C GLY A 143 -0.20 -22.40 -11.76
N GLY A 1 13.26 2.66 -16.01
CA GLY A 1 11.89 2.20 -16.17
C GLY A 1 11.58 1.79 -17.59
N SER A 2 10.91 0.65 -17.73
CA SER A 2 10.55 0.14 -19.05
C SER A 2 9.81 1.19 -19.87
N SER A 3 10.05 1.20 -21.17
CA SER A 3 9.40 2.16 -22.07
C SER A 3 8.12 1.58 -22.66
N GLY A 4 7.00 2.21 -22.36
CA GLY A 4 5.72 1.74 -22.88
C GLY A 4 4.69 1.54 -21.78
N SER A 5 3.41 1.68 -22.14
CA SER A 5 2.34 1.53 -21.17
C SER A 5 1.25 0.60 -21.72
N SER A 6 1.68 -0.49 -22.34
CA SER A 6 0.75 -1.46 -22.91
C SER A 6 -0.16 -2.05 -21.84
N GLY A 7 -1.43 -1.64 -21.86
CA GLY A 7 -2.37 -2.13 -20.88
C GLY A 7 -2.48 -1.23 -19.67
N MET A 8 -3.43 -1.52 -18.79
CA MET A 8 -3.63 -0.73 -17.58
C MET A 8 -3.05 -1.44 -16.36
N GLU A 9 -1.85 -1.06 -15.98
CA GLU A 9 -1.18 -1.66 -14.82
C GLU A 9 -2.12 -1.71 -13.63
N PRO A 10 -1.83 -2.63 -12.69
CA PRO A 10 -2.64 -2.80 -11.48
C PRO A 10 -2.48 -1.63 -10.51
N TRP A 11 -1.40 -0.88 -10.66
CA TRP A 11 -1.13 0.26 -9.79
C TRP A 11 -2.18 1.35 -10.02
N LYS A 12 -2.62 1.51 -11.25
CA LYS A 12 -3.62 2.51 -11.59
C LYS A 12 -4.91 2.28 -10.82
N GLN A 13 -5.31 1.02 -10.70
CA GLN A 13 -6.53 0.66 -9.97
C GLN A 13 -6.36 0.92 -8.48
N CYS A 14 -5.28 0.42 -7.91
CA CYS A 14 -5.00 0.59 -6.49
C CYS A 14 -5.17 2.06 -6.08
N ALA A 15 -4.50 2.94 -6.81
CA ALA A 15 -4.58 4.37 -6.52
C ALA A 15 -5.97 4.76 -6.02
N GLN A 16 -6.99 4.23 -6.68
CA GLN A 16 -8.37 4.52 -6.31
C GLN A 16 -8.67 4.05 -4.89
N TRP A 17 -8.48 2.75 -4.66
CA TRP A 17 -8.73 2.17 -3.35
C TRP A 17 -8.10 3.01 -2.25
N LEU A 18 -6.89 3.49 -2.50
CA LEU A 18 -6.17 4.32 -1.52
C LEU A 18 -6.96 5.59 -1.22
N ILE A 19 -7.32 6.32 -2.26
CA ILE A 19 -8.08 7.56 -2.10
C ILE A 19 -9.36 7.32 -1.31
N HIS A 20 -10.00 6.18 -1.55
CA HIS A 20 -11.24 5.83 -0.86
C HIS A 20 -10.94 5.37 0.57
N CYS A 21 -9.79 4.75 0.76
CA CYS A 21 -9.40 4.26 2.08
C CYS A 21 -9.05 5.41 3.00
N LYS A 22 -9.17 6.63 2.49
CA LYS A 22 -8.87 7.83 3.28
C LYS A 22 -7.37 7.93 3.57
N VAL A 23 -6.56 7.71 2.53
CA VAL A 23 -5.11 7.78 2.68
C VAL A 23 -4.52 8.80 1.71
N LEU A 24 -5.18 8.99 0.59
CA LEU A 24 -4.71 9.94 -0.42
C LEU A 24 -5.86 10.82 -0.92
N PRO A 25 -5.52 12.07 -1.30
CA PRO A 25 -6.52 13.03 -1.80
C PRO A 25 -7.05 12.65 -3.17
N THR A 26 -8.13 13.31 -3.59
CA THR A 26 -8.73 13.03 -4.88
C THR A 26 -7.88 13.59 -6.02
N ASN A 27 -7.25 14.73 -5.77
CA ASN A 27 -6.40 15.36 -6.78
C ASN A 27 -4.92 15.13 -6.47
N HIS A 28 -4.64 14.02 -5.79
CA HIS A 28 -3.26 13.68 -5.44
C HIS A 28 -2.36 13.72 -6.68
N ARG A 29 -1.08 13.39 -6.47
CA ARG A 29 -0.12 13.39 -7.57
C ARG A 29 -0.24 12.12 -8.39
N VAL A 30 -0.62 11.03 -7.74
CA VAL A 30 -0.77 9.74 -8.41
C VAL A 30 -1.95 9.77 -9.38
N THR A 31 -2.84 10.73 -9.18
CA THR A 31 -4.02 10.86 -10.03
C THR A 31 -3.72 11.67 -11.28
N TRP A 32 -2.68 12.50 -11.20
CA TRP A 32 -2.28 13.33 -12.34
C TRP A 32 -2.11 12.48 -13.60
N ASP A 33 -2.26 13.12 -14.75
CA ASP A 33 -2.11 12.43 -16.03
C ASP A 33 -0.68 11.99 -16.25
N SER A 34 0.27 12.78 -15.76
CA SER A 34 1.69 12.48 -15.91
C SER A 34 2.20 11.70 -14.71
N ALA A 35 1.33 10.88 -14.12
CA ALA A 35 1.70 10.07 -12.96
C ALA A 35 2.08 8.66 -13.38
N GLN A 36 3.00 8.06 -12.63
CA GLN A 36 3.46 6.71 -12.92
C GLN A 36 3.68 5.93 -11.63
N VAL A 37 3.71 4.60 -11.74
CA VAL A 37 3.92 3.73 -10.58
C VAL A 37 4.87 4.38 -9.59
N PHE A 38 5.95 4.96 -10.10
CA PHE A 38 6.94 5.62 -9.25
C PHE A 38 6.27 6.58 -8.27
N ASP A 39 5.54 7.55 -8.82
CA ASP A 39 4.85 8.54 -8.00
C ASP A 39 4.24 7.89 -6.77
N LEU A 40 3.39 6.90 -6.99
CA LEU A 40 2.72 6.19 -5.90
C LEU A 40 3.73 5.40 -5.07
N ALA A 41 4.79 4.93 -5.73
CA ALA A 41 5.83 4.16 -5.07
C ALA A 41 6.67 5.05 -4.14
N GLN A 42 6.71 6.34 -4.46
CA GLN A 42 7.47 7.28 -3.65
C GLN A 42 6.73 7.64 -2.37
N THR A 43 5.56 8.26 -2.52
CA THR A 43 4.75 8.66 -1.37
C THR A 43 4.71 7.55 -0.33
N LEU A 44 4.95 6.32 -0.75
CA LEU A 44 4.95 5.17 0.14
C LEU A 44 6.36 4.74 0.48
N ARG A 45 7.28 4.93 -0.47
CA ARG A 45 8.67 4.56 -0.27
C ARG A 45 9.13 4.88 1.15
N ASP A 46 8.69 6.04 1.66
CA ASP A 46 9.05 6.47 3.00
C ASP A 46 8.62 5.44 4.04
N GLY A 47 7.36 5.02 3.95
CA GLY A 47 6.85 4.04 4.90
C GLY A 47 6.06 4.68 6.03
N VAL A 48 5.47 5.84 5.76
CA VAL A 48 4.70 6.55 6.77
C VAL A 48 3.20 6.41 6.51
N LEU A 49 2.82 6.45 5.24
CA LEU A 49 1.41 6.33 4.85
C LEU A 49 0.94 4.89 4.99
N LEU A 50 1.69 3.96 4.42
CA LEU A 50 1.35 2.54 4.48
C LEU A 50 0.73 2.20 5.83
N CYS A 51 1.45 2.52 6.91
CA CYS A 51 0.97 2.25 8.26
C CYS A 51 -0.41 2.85 8.48
N GLN A 52 -0.60 4.08 8.01
CA GLN A 52 -1.87 4.78 8.15
C GLN A 52 -3.01 3.96 7.57
N LEU A 53 -2.81 3.45 6.35
CA LEU A 53 -3.82 2.65 5.68
C LEU A 53 -4.55 1.75 6.67
N LEU A 54 -3.80 0.89 7.34
CA LEU A 54 -4.38 -0.03 8.31
C LEU A 54 -5.10 0.73 9.42
N ASN A 55 -4.43 1.76 9.96
CA ASN A 55 -5.01 2.57 11.02
C ASN A 55 -6.37 3.13 10.60
N ASN A 56 -6.56 3.29 9.29
CA ASN A 56 -7.82 3.81 8.76
C ASN A 56 -8.89 2.72 8.75
N LEU A 57 -8.53 1.55 8.25
CA LEU A 57 -9.46 0.43 8.19
C LEU A 57 -9.82 -0.08 9.58
N ARG A 58 -8.80 -0.42 10.36
CA ARG A 58 -9.01 -0.90 11.71
C ARG A 58 -8.43 0.06 12.75
N ALA A 59 -8.92 -0.02 13.98
CA ALA A 59 -8.45 0.85 15.05
C ALA A 59 -7.32 0.18 15.83
N HIS A 60 -6.41 1.00 16.36
CA HIS A 60 -5.28 0.49 17.14
C HIS A 60 -4.45 -0.48 16.31
N SER A 61 -4.35 -0.22 15.02
CA SER A 61 -3.59 -1.08 14.11
C SER A 61 -2.10 -0.77 14.20
N ILE A 62 -1.77 0.53 14.21
CA ILE A 62 -0.38 0.96 14.29
C ILE A 62 -0.26 2.28 15.03
N ASN A 63 0.60 2.31 16.05
CA ASN A 63 0.80 3.51 16.84
C ASN A 63 1.69 4.51 16.10
N LEU A 64 1.09 5.57 15.59
CA LEU A 64 1.82 6.59 14.86
C LEU A 64 3.12 6.95 15.57
N LYS A 65 3.09 6.90 16.90
CA LYS A 65 4.27 7.21 17.70
C LYS A 65 5.38 6.20 17.46
N GLU A 66 5.00 4.94 17.32
CA GLU A 66 5.97 3.87 17.07
C GLU A 66 6.71 4.10 15.77
N ILE A 67 6.04 4.75 14.82
CA ILE A 67 6.64 5.03 13.52
C ILE A 67 7.13 6.47 13.44
N ASN A 68 8.30 6.66 12.82
CA ASN A 68 8.87 8.00 12.67
C ASN A 68 8.14 8.79 11.59
N LEU A 69 7.32 9.75 11.99
CA LEU A 69 6.58 10.57 11.05
C LEU A 69 7.47 11.67 10.47
N ARG A 70 7.38 11.85 9.16
CA ARG A 70 8.17 12.88 8.48
C ARG A 70 9.66 12.51 8.49
N PRO A 71 9.98 11.31 8.00
CA PRO A 71 11.36 10.81 7.95
C PRO A 71 12.20 11.56 6.92
N GLN A 72 11.57 12.47 6.20
CA GLN A 72 12.26 13.25 5.18
C GLN A 72 13.15 12.37 4.32
N MET A 73 12.66 11.18 3.98
CA MET A 73 13.41 10.25 3.17
C MET A 73 14.68 9.79 3.87
N SER A 74 14.54 9.46 5.15
CA SER A 74 15.69 9.02 5.95
C SER A 74 15.83 7.50 5.90
N GLN A 75 16.75 7.02 5.08
CA GLN A 75 16.97 5.58 4.94
C GLN A 75 16.77 4.87 6.27
N PHE A 76 17.52 5.30 7.29
CA PHE A 76 17.42 4.70 8.62
C PHE A 76 15.96 4.60 9.06
N LEU A 77 15.28 5.75 9.08
CA LEU A 77 13.88 5.80 9.48
C LEU A 77 12.99 5.05 8.49
N CYS A 78 12.92 5.56 7.26
CA CYS A 78 12.11 4.94 6.23
C CYS A 78 12.12 3.42 6.36
N LEU A 79 13.31 2.83 6.33
CA LEU A 79 13.46 1.39 6.46
C LEU A 79 12.69 0.86 7.67
N LYS A 80 13.01 1.40 8.84
CA LYS A 80 12.36 0.99 10.08
C LYS A 80 10.84 1.11 9.96
N ASN A 81 10.38 2.30 9.60
CA ASN A 81 8.94 2.56 9.44
C ASN A 81 8.30 1.46 8.60
N ILE A 82 8.66 1.40 7.32
CA ILE A 82 8.12 0.42 6.42
C ILE A 82 7.85 -0.90 7.14
N ARG A 83 8.86 -1.41 7.83
CA ARG A 83 8.73 -2.66 8.57
C ARG A 83 7.51 -2.63 9.50
N THR A 84 7.44 -1.60 10.33
CA THR A 84 6.32 -1.45 11.27
C THR A 84 5.00 -1.83 10.61
N PHE A 85 4.82 -1.39 9.37
CA PHE A 85 3.60 -1.69 8.63
C PHE A 85 3.45 -3.18 8.39
N LEU A 86 4.34 -3.74 7.58
CA LEU A 86 4.32 -5.16 7.26
C LEU A 86 4.05 -5.99 8.51
N THR A 87 4.48 -5.47 9.66
CA THR A 87 4.28 -6.16 10.93
C THR A 87 2.80 -6.29 11.27
N ALA A 88 2.10 -5.17 11.32
CA ALA A 88 0.68 -5.16 11.62
C ALA A 88 -0.08 -6.09 10.69
N CYS A 89 0.33 -6.12 9.44
CA CYS A 89 -0.32 -6.97 8.45
C CYS A 89 -0.47 -8.40 8.96
N CYS A 90 0.43 -8.80 9.85
CA CYS A 90 0.40 -10.14 10.43
C CYS A 90 -0.09 -10.10 11.87
N GLU A 91 0.09 -8.95 12.52
CA GLU A 91 -0.34 -8.79 13.90
C GLU A 91 -1.77 -8.26 13.98
N THR A 92 -1.99 -7.08 13.40
CA THR A 92 -3.31 -6.47 13.39
C THR A 92 -4.31 -7.33 12.63
N PHE A 93 -3.98 -7.64 11.37
CA PHE A 93 -4.86 -8.45 10.53
C PHE A 93 -4.50 -9.93 10.65
N GLY A 94 -3.30 -10.28 10.19
CA GLY A 94 -2.85 -11.66 10.24
C GLY A 94 -2.82 -12.31 8.88
N MET A 95 -2.03 -11.74 7.98
CA MET A 95 -1.92 -12.27 6.62
C MET A 95 -0.66 -13.12 6.48
N ARG A 96 -0.50 -13.75 5.31
CA ARG A 96 0.66 -14.58 5.06
C ARG A 96 1.89 -13.74 4.75
N LYS A 97 2.81 -13.66 5.71
CA LYS A 97 4.03 -12.88 5.54
C LYS A 97 4.68 -13.17 4.19
N SER A 98 4.56 -14.41 3.72
CA SER A 98 5.13 -14.81 2.45
C SER A 98 4.56 -13.97 1.31
N GLU A 99 3.29 -13.62 1.43
CA GLU A 99 2.62 -12.81 0.40
C GLU A 99 3.09 -11.36 0.47
N LEU A 100 3.31 -10.86 1.67
CA LEU A 100 3.75 -9.49 1.87
C LEU A 100 5.00 -9.20 1.05
N PHE A 101 5.25 -7.92 0.78
CA PHE A 101 6.40 -7.51 0.01
C PHE A 101 7.62 -7.31 0.91
N GLU A 102 8.78 -7.12 0.28
CA GLU A 102 10.02 -6.92 1.02
C GLU A 102 10.27 -5.42 1.27
N ALA A 103 10.47 -5.07 2.53
CA ALA A 103 10.72 -3.68 2.91
C ALA A 103 11.66 -3.01 1.91
N PHE A 104 12.70 -3.73 1.49
CA PHE A 104 13.67 -3.21 0.55
C PHE A 104 13.01 -2.87 -0.78
N ASP A 105 12.40 -3.87 -1.40
CA ASP A 105 11.72 -3.68 -2.68
C ASP A 105 11.04 -2.32 -2.74
N LEU A 106 10.43 -1.92 -1.63
CA LEU A 106 9.74 -0.64 -1.56
C LEU A 106 10.73 0.51 -1.48
N PHE A 107 11.66 0.42 -0.53
CA PHE A 107 12.67 1.45 -0.36
C PHE A 107 13.47 1.66 -1.64
N ASP A 108 14.08 0.59 -2.13
CA ASP A 108 14.88 0.66 -3.35
C ASP A 108 13.98 0.63 -4.59
N VAL A 109 12.68 0.77 -4.37
CA VAL A 109 11.71 0.78 -5.46
C VAL A 109 12.10 -0.23 -6.54
N ARG A 110 12.41 -1.45 -6.11
CA ARG A 110 12.81 -2.50 -7.04
C ARG A 110 11.61 -3.04 -7.80
N ASP A 111 10.69 -3.68 -7.08
CA ASP A 111 9.49 -4.24 -7.68
C ASP A 111 8.24 -3.77 -6.95
N PHE A 112 7.63 -2.70 -7.46
CA PHE A 112 6.43 -2.14 -6.85
C PHE A 112 5.27 -3.12 -6.96
N GLY A 113 5.13 -3.76 -8.11
CA GLY A 113 4.05 -4.71 -8.32
C GLY A 113 3.87 -5.64 -7.15
N LYS A 114 4.98 -5.99 -6.49
CA LYS A 114 4.93 -6.89 -5.34
C LYS A 114 4.15 -6.27 -4.19
N VAL A 115 4.29 -4.95 -4.03
CA VAL A 115 3.59 -4.24 -2.97
C VAL A 115 2.10 -4.12 -3.27
N ILE A 116 1.77 -3.87 -4.54
CA ILE A 116 0.38 -3.75 -4.96
C ILE A 116 -0.41 -5.02 -4.64
N GLU A 117 0.18 -6.17 -4.98
CA GLU A 117 -0.47 -7.44 -4.72
C GLU A 117 -0.90 -7.57 -3.27
N THR A 118 0.03 -7.28 -2.36
CA THR A 118 -0.24 -7.35 -0.93
C THR A 118 -1.58 -6.72 -0.60
N LEU A 119 -1.79 -5.49 -1.07
CA LEU A 119 -3.04 -4.78 -0.81
C LEU A 119 -4.22 -5.52 -1.42
N SER A 120 -4.03 -6.05 -2.63
CA SER A 120 -5.08 -6.78 -3.32
C SER A 120 -5.70 -7.83 -2.41
N ARG A 121 -4.87 -8.48 -1.61
CA ARG A 121 -5.33 -9.52 -0.70
C ARG A 121 -5.90 -8.89 0.58
N LEU A 122 -5.10 -8.04 1.22
CA LEU A 122 -5.53 -7.38 2.45
C LEU A 122 -7.01 -7.03 2.40
N SER A 123 -7.42 -6.37 1.32
CA SER A 123 -8.81 -5.97 1.15
C SER A 123 -9.75 -7.10 1.55
N ARG A 124 -9.47 -8.30 1.08
CA ARG A 124 -10.29 -9.47 1.39
C ARG A 124 -10.67 -9.48 2.86
N THR A 125 -9.73 -9.10 3.73
CA THR A 125 -9.97 -9.06 5.16
C THR A 125 -11.36 -8.54 5.47
N PRO A 126 -11.94 -9.01 6.58
CA PRO A 126 -13.29 -8.59 7.01
C PRO A 126 -13.31 -7.15 7.51
N ILE A 127 -12.14 -6.52 7.54
CA ILE A 127 -12.04 -5.14 7.99
C ILE A 127 -12.13 -4.17 6.82
N ALA A 128 -11.40 -4.48 5.74
CA ALA A 128 -11.40 -3.64 4.55
C ALA A 128 -12.78 -3.62 3.89
N LEU A 129 -13.42 -4.78 3.84
CA LEU A 129 -14.75 -4.90 3.24
C LEU A 129 -15.81 -4.27 4.13
N ALA A 130 -15.66 -4.46 5.44
CA ALA A 130 -16.61 -3.92 6.41
C ALA A 130 -16.97 -2.48 6.07
N THR A 131 -15.96 -1.69 5.72
CA THR A 131 -16.17 -0.29 5.37
C THR A 131 -17.06 -0.16 4.14
N GLY A 132 -16.87 -1.05 3.17
CA GLY A 132 -17.66 -1.01 1.96
C GLY A 132 -16.97 -0.25 0.84
N ILE A 133 -15.65 -0.20 0.90
CA ILE A 133 -14.87 0.50 -0.12
C ILE A 133 -14.65 -0.38 -1.35
N ARG A 134 -14.78 0.22 -2.53
CA ARG A 134 -14.59 -0.52 -3.78
C ARG A 134 -13.53 -1.62 -3.61
N PRO A 135 -13.99 -2.84 -3.33
CA PRO A 135 -13.10 -4.00 -3.14
C PRO A 135 -12.44 -4.43 -4.44
N PHE A 136 -11.18 -4.85 -4.34
CA PHE A 136 -10.43 -5.30 -5.51
C PHE A 136 -11.27 -6.23 -6.38
N PRO A 137 -10.91 -6.32 -7.67
CA PRO A 137 -11.63 -7.17 -8.63
C PRO A 137 -11.41 -8.65 -8.36
N SER A 138 -10.68 -8.96 -7.30
CA SER A 138 -10.40 -10.34 -6.94
C SER A 138 -11.69 -11.08 -6.58
N GLY A 139 -11.78 -12.34 -7.00
CA GLY A 139 -12.96 -13.13 -6.72
C GLY A 139 -12.84 -13.90 -5.42
N PRO A 140 -13.94 -14.52 -4.98
CA PRO A 140 -13.98 -15.31 -3.75
C PRO A 140 -13.18 -16.59 -3.86
N SER A 141 -12.62 -16.85 -5.04
CA SER A 141 -11.82 -18.05 -5.26
C SER A 141 -10.41 -17.88 -4.72
N SER A 142 -9.81 -16.73 -5.00
CA SER A 142 -8.45 -16.44 -4.55
C SER A 142 -8.25 -16.92 -3.11
N GLY A 143 -7.07 -17.47 -2.84
CA GLY A 143 -6.77 -17.97 -1.50
C GLY A 143 -6.86 -19.47 -1.41
N GLY A 1 12.51 5.56 -15.75
CA GLY A 1 11.30 5.72 -16.52
C GLY A 1 11.12 4.65 -17.57
N SER A 2 10.80 3.44 -17.13
CA SER A 2 10.61 2.31 -18.04
C SER A 2 9.19 2.30 -18.62
N SER A 3 9.07 1.86 -19.86
CA SER A 3 7.76 1.81 -20.52
C SER A 3 7.19 0.39 -20.46
N GLY A 4 6.02 0.26 -19.83
CA GLY A 4 5.38 -1.03 -19.73
C GLY A 4 4.62 -1.42 -20.98
N SER A 5 3.92 -2.54 -20.93
CA SER A 5 3.15 -3.02 -22.07
C SER A 5 1.67 -3.12 -21.72
N SER A 6 1.35 -3.92 -20.70
CA SER A 6 -0.02 -4.12 -20.27
C SER A 6 -0.78 -2.79 -20.27
N GLY A 7 -1.86 -2.74 -21.05
CA GLY A 7 -2.66 -1.53 -21.13
C GLY A 7 -2.78 -0.83 -19.80
N MET A 8 -3.67 -1.31 -18.95
CA MET A 8 -3.88 -0.71 -17.63
C MET A 8 -3.13 -1.48 -16.56
N GLU A 9 -2.17 -0.83 -15.91
CA GLU A 9 -1.38 -1.46 -14.87
C GLU A 9 -2.20 -1.62 -13.58
N PRO A 10 -1.79 -2.58 -12.74
CA PRO A 10 -2.48 -2.86 -11.47
C PRO A 10 -2.29 -1.74 -10.45
N TRP A 11 -1.57 -0.70 -10.85
CA TRP A 11 -1.32 0.44 -9.97
C TRP A 11 -2.33 1.56 -10.23
N LYS A 12 -2.69 1.74 -11.49
CA LYS A 12 -3.66 2.77 -11.88
C LYS A 12 -4.94 2.64 -11.07
N GLN A 13 -5.47 1.44 -11.01
CA GLN A 13 -6.71 1.18 -10.26
C GLN A 13 -6.47 1.31 -8.76
N CYS A 14 -5.42 0.65 -8.27
CA CYS A 14 -5.09 0.70 -6.85
C CYS A 14 -5.28 2.12 -6.30
N ALA A 15 -4.77 3.11 -7.02
CA ALA A 15 -4.87 4.49 -6.60
C ALA A 15 -6.26 4.79 -6.03
N GLN A 16 -7.30 4.32 -6.71
CA GLN A 16 -8.67 4.53 -6.26
C GLN A 16 -8.85 4.02 -4.84
N TRP A 17 -8.76 2.71 -4.67
CA TRP A 17 -8.93 2.10 -3.35
C TRP A 17 -8.20 2.91 -2.28
N LEU A 18 -7.02 3.40 -2.61
CA LEU A 18 -6.23 4.20 -1.68
C LEU A 18 -6.98 5.47 -1.28
N ILE A 19 -7.41 6.22 -2.28
CA ILE A 19 -8.15 7.46 -2.04
C ILE A 19 -9.38 7.22 -1.19
N HIS A 20 -10.03 6.08 -1.39
CA HIS A 20 -11.22 5.72 -0.64
C HIS A 20 -10.85 5.21 0.76
N CYS A 21 -9.69 4.58 0.86
CA CYS A 21 -9.22 4.05 2.14
C CYS A 21 -8.81 5.18 3.08
N LYS A 22 -8.94 6.42 2.60
CA LYS A 22 -8.58 7.59 3.40
C LYS A 22 -7.07 7.65 3.62
N VAL A 23 -6.31 7.53 2.53
CA VAL A 23 -4.86 7.57 2.60
C VAL A 23 -4.29 8.58 1.62
N LEU A 24 -4.99 8.78 0.51
CA LEU A 24 -4.55 9.73 -0.51
C LEU A 24 -5.69 10.66 -0.91
N PRO A 25 -5.34 11.92 -1.25
CA PRO A 25 -6.32 12.93 -1.66
C PRO A 25 -6.94 12.63 -3.01
N THR A 26 -8.15 13.14 -3.24
CA THR A 26 -8.85 12.93 -4.50
C THR A 26 -8.11 13.59 -5.66
N ASN A 27 -7.36 14.64 -5.35
CA ASN A 27 -6.60 15.36 -6.38
C ASN A 27 -5.11 15.10 -6.23
N HIS A 28 -4.77 13.98 -5.59
CA HIS A 28 -3.37 13.62 -5.39
C HIS A 28 -2.58 13.72 -6.69
N ARG A 29 -1.29 13.45 -6.61
CA ARG A 29 -0.42 13.52 -7.79
C ARG A 29 -0.43 12.19 -8.54
N VAL A 30 -0.89 11.13 -7.87
CA VAL A 30 -0.95 9.81 -8.48
C VAL A 30 -2.20 9.66 -9.34
N THR A 31 -3.13 10.59 -9.21
CA THR A 31 -4.37 10.57 -9.97
C THR A 31 -4.17 11.18 -11.35
N TRP A 32 -3.15 12.01 -11.48
CA TRP A 32 -2.84 12.67 -12.75
C TRP A 32 -2.63 11.64 -13.86
N ASP A 33 -2.97 12.02 -15.09
CA ASP A 33 -2.81 11.14 -16.23
C ASP A 33 -1.33 10.97 -16.60
N SER A 34 -0.50 11.86 -16.07
CA SER A 34 0.93 11.83 -16.34
C SER A 34 1.69 11.20 -15.17
N ALA A 35 0.98 10.42 -14.37
CA ALA A 35 1.59 9.77 -13.21
C ALA A 35 2.01 8.35 -13.55
N GLN A 36 2.94 7.80 -12.77
CA GLN A 36 3.43 6.45 -12.99
C GLN A 36 3.61 5.71 -11.66
N VAL A 37 3.70 4.39 -11.74
CA VAL A 37 3.87 3.57 -10.55
C VAL A 37 4.81 4.25 -9.55
N PHE A 38 5.96 4.70 -10.03
CA PHE A 38 6.94 5.37 -9.18
C PHE A 38 6.25 6.34 -8.23
N ASP A 39 5.60 7.36 -8.79
CA ASP A 39 4.91 8.35 -7.99
C ASP A 39 4.22 7.71 -6.79
N LEU A 40 3.33 6.77 -7.05
CA LEU A 40 2.60 6.07 -6.00
C LEU A 40 3.55 5.25 -5.14
N ALA A 41 4.69 4.87 -5.71
CA ALA A 41 5.69 4.09 -5.00
C ALA A 41 6.51 4.97 -4.06
N GLN A 42 6.62 6.25 -4.41
CA GLN A 42 7.39 7.19 -3.60
C GLN A 42 6.64 7.54 -2.32
N THR A 43 5.42 8.04 -2.47
CA THR A 43 4.60 8.42 -1.32
C THR A 43 4.65 7.35 -0.24
N LEU A 44 4.88 6.11 -0.65
CA LEU A 44 4.95 4.99 0.29
C LEU A 44 6.40 4.59 0.55
N ARG A 45 7.27 4.89 -0.41
CA ARG A 45 8.68 4.57 -0.28
C ARG A 45 9.20 4.90 1.12
N ASP A 46 8.64 5.95 1.72
CA ASP A 46 9.03 6.37 3.06
C ASP A 46 8.60 5.35 4.11
N GLY A 47 7.31 5.03 4.11
CA GLY A 47 6.78 4.08 5.07
C GLY A 47 5.95 4.73 6.14
N VAL A 48 5.48 5.96 5.86
CA VAL A 48 4.67 6.70 6.83
C VAL A 48 3.18 6.55 6.52
N LEU A 49 2.86 6.46 5.22
CA LEU A 49 1.48 6.32 4.79
C LEU A 49 0.98 4.89 5.01
N LEU A 50 1.73 3.93 4.50
CA LEU A 50 1.38 2.51 4.64
C LEU A 50 0.74 2.25 6.00
N CYS A 51 1.46 2.60 7.06
CA CYS A 51 0.96 2.40 8.42
C CYS A 51 -0.43 3.01 8.59
N GLN A 52 -0.62 4.19 8.01
CA GLN A 52 -1.90 4.89 8.10
C GLN A 52 -3.03 4.02 7.54
N LEU A 53 -2.83 3.51 6.32
CA LEU A 53 -3.84 2.66 5.69
C LEU A 53 -4.49 1.72 6.70
N LEU A 54 -3.69 0.82 7.26
CA LEU A 54 -4.18 -0.14 8.24
C LEU A 54 -4.94 0.57 9.36
N ASN A 55 -4.40 1.70 9.80
CA ASN A 55 -5.03 2.49 10.86
C ASN A 55 -6.39 3.01 10.42
N ASN A 56 -6.52 3.29 9.12
CA ASN A 56 -7.77 3.80 8.57
C ASN A 56 -8.83 2.71 8.53
N LEU A 57 -8.43 1.52 8.07
CA LEU A 57 -9.35 0.39 7.97
C LEU A 57 -9.78 -0.08 9.36
N ARG A 58 -8.80 -0.38 10.20
CA ARG A 58 -9.08 -0.84 11.56
C ARG A 58 -8.50 0.12 12.59
N ALA A 59 -9.09 0.11 13.78
CA ALA A 59 -8.65 0.99 14.86
C ALA A 59 -7.54 0.34 15.67
N HIS A 60 -6.60 1.15 16.15
CA HIS A 60 -5.48 0.65 16.94
C HIS A 60 -4.65 -0.35 16.14
N SER A 61 -4.53 -0.11 14.84
CA SER A 61 -3.77 -0.99 13.96
C SER A 61 -2.28 -0.70 14.07
N ILE A 62 -1.93 0.58 14.08
CA ILE A 62 -0.53 0.99 14.18
C ILE A 62 -0.41 2.34 14.87
N ASN A 63 0.33 2.37 15.97
CA ASN A 63 0.53 3.61 16.73
C ASN A 63 1.50 4.53 16.00
N LEU A 64 0.97 5.65 15.51
CA LEU A 64 1.79 6.63 14.80
C LEU A 64 3.07 6.93 15.56
N LYS A 65 2.97 6.98 16.89
CA LYS A 65 4.11 7.26 17.74
C LYS A 65 5.22 6.25 17.51
N GLU A 66 4.84 4.98 17.34
CA GLU A 66 5.81 3.91 17.11
C GLU A 66 6.56 4.14 15.80
N ILE A 67 5.93 4.83 14.87
CA ILE A 67 6.54 5.11 13.58
C ILE A 67 7.02 6.56 13.51
N ASN A 68 8.20 6.76 12.93
CA ASN A 68 8.77 8.10 12.79
C ASN A 68 7.99 8.92 11.77
N LEU A 69 6.99 9.64 12.25
CA LEU A 69 6.16 10.48 11.37
C LEU A 69 7.04 11.36 10.49
N ARG A 70 8.29 11.52 10.88
CA ARG A 70 9.22 12.34 10.12
C ARG A 70 10.51 11.58 9.83
N PRO A 71 10.52 10.84 8.71
CA PRO A 71 11.68 10.04 8.30
C PRO A 71 12.84 10.91 7.84
N GLN A 72 12.58 12.21 7.66
CA GLN A 72 13.60 13.14 7.23
C GLN A 72 14.45 12.53 6.11
N MET A 73 13.79 11.89 5.16
CA MET A 73 14.48 11.27 4.04
C MET A 73 15.71 10.49 4.51
N SER A 74 15.49 9.59 5.47
CA SER A 74 16.58 8.79 6.01
C SER A 74 16.37 7.31 5.70
N GLN A 75 17.47 6.61 5.43
CA GLN A 75 17.40 5.18 5.11
C GLN A 75 17.09 4.35 6.36
N PHE A 76 17.71 4.72 7.48
CA PHE A 76 17.49 4.02 8.74
C PHE A 76 16.06 4.16 9.20
N LEU A 77 15.53 5.38 9.15
CA LEU A 77 14.15 5.64 9.56
C LEU A 77 13.17 5.07 8.56
N CYS A 78 13.29 5.49 7.30
CA CYS A 78 12.41 5.01 6.24
C CYS A 78 12.25 3.50 6.31
N LEU A 79 13.37 2.79 6.21
CA LEU A 79 13.36 1.34 6.25
C LEU A 79 12.58 0.83 7.47
N LYS A 80 12.99 1.28 8.65
CA LYS A 80 12.33 0.88 9.89
C LYS A 80 10.82 1.03 9.77
N ASN A 81 10.38 2.24 9.42
CA ASN A 81 8.96 2.53 9.27
C ASN A 81 8.26 1.41 8.50
N ILE A 82 8.60 1.29 7.22
CA ILE A 82 8.00 0.26 6.37
C ILE A 82 7.73 -1.02 7.16
N ARG A 83 8.79 -1.59 7.73
CA ARG A 83 8.66 -2.82 8.52
C ARG A 83 7.45 -2.76 9.43
N THR A 84 7.37 -1.69 10.23
CA THR A 84 6.25 -1.52 11.16
C THR A 84 4.93 -1.88 10.49
N PHE A 85 4.70 -1.35 9.30
CA PHE A 85 3.47 -1.61 8.57
C PHE A 85 3.32 -3.10 8.28
N LEU A 86 4.36 -3.70 7.72
CA LEU A 86 4.35 -5.12 7.39
C LEU A 86 4.11 -5.96 8.65
N THR A 87 4.54 -5.44 9.79
CA THR A 87 4.37 -6.14 11.06
C THR A 87 2.90 -6.31 11.41
N ALA A 88 2.22 -5.20 11.64
CA ALA A 88 0.80 -5.23 11.98
C ALA A 88 0.03 -6.12 11.02
N CYS A 89 0.35 -6.01 9.73
CA CYS A 89 -0.34 -6.81 8.72
C CYS A 89 -0.48 -8.26 9.17
N CYS A 90 0.38 -8.68 10.09
CA CYS A 90 0.34 -10.04 10.61
C CYS A 90 -0.22 -10.07 12.02
N GLU A 91 -0.14 -8.93 12.71
CA GLU A 91 -0.63 -8.83 14.08
C GLU A 91 -2.07 -8.30 14.10
N THR A 92 -2.24 -7.06 13.65
CA THR A 92 -3.56 -6.44 13.62
C THR A 92 -4.48 -7.16 12.63
N PHE A 93 -3.95 -7.51 11.47
CA PHE A 93 -4.72 -8.19 10.45
C PHE A 93 -4.48 -9.70 10.51
N GLY A 94 -3.23 -10.10 10.26
CA GLY A 94 -2.89 -11.51 10.28
C GLY A 94 -2.94 -12.15 8.91
N MET A 95 -1.94 -11.84 8.09
CA MET A 95 -1.87 -12.38 6.73
C MET A 95 -0.57 -13.17 6.52
N ARG A 96 -0.46 -13.82 5.38
CA ARG A 96 0.74 -14.59 5.05
C ARG A 96 1.95 -13.69 4.90
N LYS A 97 2.91 -13.86 5.81
CA LYS A 97 4.13 -13.05 5.77
C LYS A 97 4.85 -13.21 4.44
N SER A 98 4.73 -14.39 3.84
CA SER A 98 5.38 -14.66 2.56
C SER A 98 4.76 -13.80 1.45
N GLU A 99 3.51 -13.40 1.64
CA GLU A 99 2.81 -12.59 0.66
C GLU A 99 3.31 -11.15 0.69
N LEU A 100 3.53 -10.64 1.90
CA LEU A 100 4.02 -9.26 2.06
C LEU A 100 5.21 -8.99 1.16
N PHE A 101 5.55 -7.72 1.01
CA PHE A 101 6.69 -7.33 0.17
C PHE A 101 7.95 -7.15 1.01
N GLU A 102 9.05 -6.83 0.35
CA GLU A 102 10.33 -6.62 1.04
C GLU A 102 10.54 -5.14 1.35
N ALA A 103 11.11 -4.87 2.53
CA ALA A 103 11.37 -3.50 2.95
C ALA A 103 12.13 -2.73 1.87
N PHE A 104 13.13 -3.36 1.28
CA PHE A 104 13.93 -2.74 0.23
C PHE A 104 13.13 -2.63 -1.06
N ASP A 105 12.51 -3.73 -1.46
CA ASP A 105 11.71 -3.76 -2.68
C ASP A 105 10.94 -2.46 -2.86
N LEU A 106 10.49 -1.88 -1.75
CA LEU A 106 9.74 -0.64 -1.78
C LEU A 106 10.67 0.56 -1.68
N PHE A 107 11.59 0.51 -0.71
CA PHE A 107 12.54 1.60 -0.51
C PHE A 107 13.24 1.96 -1.81
N ASP A 108 14.09 1.06 -2.29
CA ASP A 108 14.83 1.29 -3.53
C ASP A 108 13.88 1.28 -4.73
N VAL A 109 12.64 0.90 -4.49
CA VAL A 109 11.64 0.85 -5.55
C VAL A 109 11.98 -0.23 -6.58
N ARG A 110 12.51 -1.35 -6.09
CA ARG A 110 12.87 -2.46 -6.96
C ARG A 110 11.65 -2.99 -7.70
N ASP A 111 10.71 -3.56 -6.94
CA ASP A 111 9.50 -4.13 -7.52
C ASP A 111 8.27 -3.63 -6.77
N PHE A 112 7.64 -2.59 -7.30
CA PHE A 112 6.45 -2.01 -6.67
C PHE A 112 5.26 -2.95 -6.83
N GLY A 113 5.18 -3.63 -7.97
CA GLY A 113 4.09 -4.55 -8.22
C GLY A 113 3.89 -5.53 -7.09
N LYS A 114 4.97 -5.86 -6.38
CA LYS A 114 4.90 -6.79 -5.27
C LYS A 114 4.13 -6.18 -4.09
N VAL A 115 4.29 -4.88 -3.89
CA VAL A 115 3.62 -4.18 -2.81
C VAL A 115 2.14 -3.99 -3.12
N ILE A 116 1.83 -3.72 -4.39
CA ILE A 116 0.45 -3.52 -4.82
C ILE A 116 -0.38 -4.77 -4.57
N GLU A 117 0.14 -5.92 -4.98
CA GLU A 117 -0.55 -7.19 -4.81
C GLU A 117 -1.04 -7.35 -3.38
N THR A 118 -0.13 -7.17 -2.41
CA THR A 118 -0.47 -7.29 -1.01
C THR A 118 -1.79 -6.61 -0.70
N LEU A 119 -1.97 -5.40 -1.24
CA LEU A 119 -3.18 -4.64 -1.01
C LEU A 119 -4.36 -5.23 -1.78
N SER A 120 -4.06 -5.84 -2.93
CA SER A 120 -5.08 -6.46 -3.77
C SER A 120 -5.81 -7.56 -3.00
N ARG A 121 -5.05 -8.33 -2.22
CA ARG A 121 -5.61 -9.42 -1.43
C ARG A 121 -6.07 -8.93 -0.07
N LEU A 122 -5.34 -7.97 0.49
CA LEU A 122 -5.66 -7.41 1.80
C LEU A 122 -7.13 -7.00 1.87
N SER A 123 -7.58 -6.26 0.86
CA SER A 123 -8.97 -5.81 0.80
C SER A 123 -9.92 -6.92 1.19
N ARG A 124 -9.56 -8.15 0.83
CA ARG A 124 -10.39 -9.31 1.14
C ARG A 124 -10.74 -9.35 2.63
N THR A 125 -9.74 -9.07 3.48
CA THR A 125 -9.94 -9.07 4.92
C THR A 125 -11.29 -8.46 5.29
N PRO A 126 -11.87 -8.94 6.41
CA PRO A 126 -13.16 -8.45 6.89
C PRO A 126 -13.08 -7.03 7.42
N ILE A 127 -11.87 -6.49 7.47
CA ILE A 127 -11.67 -5.13 7.96
C ILE A 127 -11.73 -4.12 6.81
N ALA A 128 -11.19 -4.50 5.67
CA ALA A 128 -11.20 -3.62 4.49
C ALA A 128 -12.60 -3.49 3.92
N LEU A 129 -13.31 -4.61 3.83
CA LEU A 129 -14.66 -4.62 3.29
C LEU A 129 -15.63 -3.93 4.25
N ALA A 130 -15.43 -4.16 5.55
CA ALA A 130 -16.29 -3.56 6.57
C ALA A 130 -16.64 -2.12 6.20
N THR A 131 -15.61 -1.34 5.87
CA THR A 131 -15.81 0.06 5.51
C THR A 131 -16.81 0.21 4.37
N GLY A 132 -16.78 -0.74 3.44
CA GLY A 132 -17.69 -0.70 2.31
C GLY A 132 -17.04 -0.16 1.06
N ILE A 133 -15.72 -0.18 1.01
CA ILE A 133 -14.98 0.31 -0.14
C ILE A 133 -14.96 -0.71 -1.28
N ARG A 134 -15.20 -0.24 -2.49
CA ARG A 134 -15.21 -1.11 -3.66
C ARG A 134 -14.02 -2.06 -3.64
N PRO A 135 -14.28 -3.35 -3.88
CA PRO A 135 -13.25 -4.39 -3.90
C PRO A 135 -12.33 -4.26 -5.11
N PHE A 136 -11.05 -4.57 -4.91
CA PHE A 136 -10.06 -4.48 -5.99
C PHE A 136 -10.60 -5.12 -7.26
N PRO A 137 -10.26 -4.52 -8.41
CA PRO A 137 -10.68 -5.02 -9.72
C PRO A 137 -10.01 -6.34 -10.09
N SER A 138 -8.87 -6.61 -9.47
CA SER A 138 -8.12 -7.84 -9.73
C SER A 138 -7.89 -8.63 -8.45
N GLY A 139 -7.93 -9.95 -8.55
CA GLY A 139 -7.71 -10.80 -7.39
C GLY A 139 -6.94 -12.05 -7.72
N PRO A 140 -6.24 -12.60 -6.72
CA PRO A 140 -5.44 -13.82 -6.88
C PRO A 140 -6.31 -15.06 -7.08
N SER A 141 -6.40 -15.52 -8.33
CA SER A 141 -7.21 -16.69 -8.64
C SER A 141 -6.32 -17.92 -8.82
N SER A 142 -6.94 -19.09 -8.82
CA SER A 142 -6.21 -20.35 -8.98
C SER A 142 -6.81 -21.20 -10.09
N GLY A 143 -6.41 -20.92 -11.33
CA GLY A 143 -6.91 -21.66 -12.46
C GLY A 143 -8.09 -20.98 -13.13
N GLY A 1 2.26 -19.82 -16.62
CA GLY A 1 2.10 -19.35 -17.98
C GLY A 1 2.33 -17.86 -18.10
N SER A 2 2.49 -17.38 -19.33
CA SER A 2 2.72 -15.97 -19.59
C SER A 2 1.40 -15.21 -19.73
N SER A 3 1.26 -14.12 -18.99
CA SER A 3 0.05 -13.32 -19.03
C SER A 3 0.26 -12.06 -19.85
N GLY A 4 -0.82 -11.53 -20.41
CA GLY A 4 -0.73 -10.32 -21.21
C GLY A 4 -2.03 -9.54 -21.24
N SER A 5 -2.39 -9.04 -22.42
CA SER A 5 -3.62 -8.26 -22.58
C SER A 5 -3.85 -7.38 -21.36
N SER A 6 -2.79 -6.75 -20.87
CA SER A 6 -2.88 -5.88 -19.71
C SER A 6 -3.79 -4.68 -20.00
N GLY A 7 -5.04 -4.78 -19.54
CA GLY A 7 -5.98 -3.70 -19.76
C GLY A 7 -5.65 -2.46 -18.95
N MET A 8 -5.69 -2.59 -17.63
CA MET A 8 -5.39 -1.46 -16.75
C MET A 8 -4.29 -1.83 -15.75
N GLU A 9 -3.19 -1.10 -15.79
CA GLU A 9 -2.07 -1.35 -14.89
C GLU A 9 -2.56 -1.70 -13.49
N PRO A 10 -1.73 -2.44 -12.75
CA PRO A 10 -2.06 -2.87 -11.38
C PRO A 10 -2.07 -1.71 -10.40
N TRP A 11 -1.41 -0.61 -10.77
CA TRP A 11 -1.34 0.56 -9.92
C TRP A 11 -2.42 1.58 -10.31
N LYS A 12 -2.64 1.73 -11.60
CA LYS A 12 -3.64 2.66 -12.11
C LYS A 12 -4.94 2.56 -11.30
N GLN A 13 -5.38 1.33 -11.08
CA GLN A 13 -6.61 1.10 -10.31
C GLN A 13 -6.36 1.25 -8.82
N CYS A 14 -5.18 0.83 -8.38
CA CYS A 14 -4.82 0.92 -6.96
C CYS A 14 -5.04 2.33 -6.44
N ALA A 15 -4.66 3.33 -7.24
CA ALA A 15 -4.82 4.73 -6.86
C ALA A 15 -6.20 4.97 -6.25
N GLN A 16 -7.22 4.41 -6.86
CA GLN A 16 -8.59 4.57 -6.37
C GLN A 16 -8.72 4.06 -4.94
N TRP A 17 -8.50 2.77 -4.75
CA TRP A 17 -8.60 2.16 -3.43
C TRP A 17 -8.00 3.09 -2.37
N LEU A 18 -6.84 3.66 -2.67
CA LEU A 18 -6.17 4.57 -1.74
C LEU A 18 -7.08 5.75 -1.38
N ILE A 19 -7.61 6.41 -2.39
CA ILE A 19 -8.50 7.55 -2.17
C ILE A 19 -9.71 7.16 -1.33
N HIS A 20 -10.25 5.99 -1.60
CA HIS A 20 -11.41 5.49 -0.86
C HIS A 20 -11.00 5.02 0.54
N CYS A 21 -9.75 4.61 0.68
CA CYS A 21 -9.24 4.14 1.96
C CYS A 21 -8.89 5.32 2.87
N LYS A 22 -9.26 6.52 2.44
CA LYS A 22 -8.98 7.72 3.21
C LYS A 22 -7.49 7.87 3.49
N VAL A 23 -6.68 7.70 2.45
CA VAL A 23 -5.23 7.80 2.59
C VAL A 23 -4.66 8.81 1.60
N LEU A 24 -5.38 9.02 0.50
CA LEU A 24 -4.93 9.96 -0.52
C LEU A 24 -6.10 10.82 -1.01
N PRO A 25 -5.80 12.06 -1.39
CA PRO A 25 -6.82 13.00 -1.88
C PRO A 25 -7.34 12.62 -3.26
N THR A 26 -8.61 12.95 -3.52
CA THR A 26 -9.24 12.62 -4.79
C THR A 26 -8.53 13.32 -5.94
N ASN A 27 -7.82 14.41 -5.63
CA ASN A 27 -7.10 15.16 -6.64
C ASN A 27 -5.59 15.01 -6.47
N HIS A 28 -5.20 13.95 -5.77
CA HIS A 28 -3.78 13.69 -5.53
C HIS A 28 -2.99 13.77 -6.82
N ARG A 29 -1.66 13.72 -6.70
CA ARG A 29 -0.78 13.79 -7.86
C ARG A 29 -0.68 12.42 -8.56
N VAL A 30 -0.99 11.37 -7.82
CA VAL A 30 -0.94 10.02 -8.36
C VAL A 30 -2.12 9.74 -9.29
N THR A 31 -3.19 10.51 -9.11
CA THR A 31 -4.38 10.35 -9.94
C THR A 31 -4.12 10.82 -11.37
N TRP A 32 -3.31 11.87 -11.51
CA TRP A 32 -2.98 12.41 -12.82
C TRP A 32 -2.43 11.33 -13.73
N ASP A 33 -2.82 11.38 -15.00
CA ASP A 33 -2.37 10.40 -15.98
C ASP A 33 -0.85 10.38 -16.06
N SER A 34 -0.25 11.56 -16.19
CA SER A 34 1.20 11.69 -16.27
C SER A 34 1.88 10.85 -15.19
N ALA A 35 1.23 10.73 -14.05
CA ALA A 35 1.76 9.96 -12.94
C ALA A 35 2.21 8.58 -13.39
N GLN A 36 2.97 7.89 -12.54
CA GLN A 36 3.45 6.55 -12.85
C GLN A 36 3.63 5.73 -11.58
N VAL A 37 3.73 4.41 -11.76
CA VAL A 37 3.90 3.50 -10.63
C VAL A 37 4.86 4.08 -9.59
N PHE A 38 5.94 4.68 -10.09
CA PHE A 38 6.95 5.27 -9.21
C PHE A 38 6.31 6.27 -8.25
N ASP A 39 5.74 7.34 -8.81
CA ASP A 39 5.08 8.36 -8.01
C ASP A 39 4.37 7.75 -6.80
N LEU A 40 3.43 6.86 -7.08
CA LEU A 40 2.67 6.20 -6.02
C LEU A 40 3.59 5.37 -5.14
N ALA A 41 4.68 4.88 -5.70
CA ALA A 41 5.65 4.09 -4.96
C ALA A 41 6.55 4.96 -4.10
N GLN A 42 6.52 6.27 -4.37
CA GLN A 42 7.34 7.22 -3.62
C GLN A 42 6.62 7.69 -2.38
N THR A 43 5.38 8.16 -2.55
CA THR A 43 4.58 8.64 -1.44
C THR A 43 4.50 7.61 -0.32
N LEU A 44 4.76 6.36 -0.67
CA LEU A 44 4.72 5.27 0.30
C LEU A 44 6.12 4.79 0.66
N ARG A 45 7.07 5.07 -0.23
CA ARG A 45 8.46 4.67 -0.01
C ARG A 45 8.91 5.03 1.40
N ASP A 46 8.55 6.23 1.85
CA ASP A 46 8.92 6.69 3.18
C ASP A 46 8.51 5.67 4.24
N GLY A 47 7.25 5.23 4.17
CA GLY A 47 6.76 4.26 5.14
C GLY A 47 5.95 4.90 6.24
N VAL A 48 5.35 6.05 5.94
CA VAL A 48 4.54 6.78 6.91
C VAL A 48 3.05 6.67 6.57
N LEU A 49 2.75 6.69 5.28
CA LEU A 49 1.36 6.59 4.82
C LEU A 49 0.85 5.16 4.93
N LEU A 50 1.61 4.22 4.38
CA LEU A 50 1.23 2.81 4.41
C LEU A 50 0.63 2.44 5.76
N CYS A 51 1.35 2.79 6.84
CA CYS A 51 0.89 2.50 8.18
C CYS A 51 -0.50 3.08 8.43
N GLN A 52 -0.71 4.30 7.96
CA GLN A 52 -1.99 4.97 8.13
C GLN A 52 -3.12 4.15 7.53
N LEU A 53 -2.94 3.72 6.28
CA LEU A 53 -3.94 2.91 5.58
C LEU A 53 -4.61 1.93 6.54
N LEU A 54 -3.79 1.14 7.23
CA LEU A 54 -4.31 0.16 8.18
C LEU A 54 -5.04 0.84 9.33
N ASN A 55 -4.44 1.90 9.86
CA ASN A 55 -5.03 2.64 10.97
C ASN A 55 -6.41 3.18 10.59
N ASN A 56 -6.64 3.30 9.28
CA ASN A 56 -7.92 3.80 8.78
C ASN A 56 -8.98 2.69 8.77
N LEU A 57 -8.61 1.54 8.22
CA LEU A 57 -9.51 0.40 8.15
C LEU A 57 -9.78 -0.18 9.54
N ARG A 58 -8.70 -0.47 10.26
CA ARG A 58 -8.81 -1.02 11.60
C ARG A 58 -8.27 -0.04 12.64
N ALA A 59 -8.74 -0.19 13.88
CA ALA A 59 -8.30 0.67 14.97
C ALA A 59 -7.08 0.10 15.67
N HIS A 60 -6.27 0.98 16.24
CA HIS A 60 -5.06 0.56 16.94
C HIS A 60 -4.25 -0.42 16.10
N SER A 61 -4.21 -0.17 14.79
CA SER A 61 -3.47 -1.03 13.88
C SER A 61 -1.98 -0.70 13.91
N ILE A 62 -1.67 0.57 14.10
CA ILE A 62 -0.27 1.01 14.15
C ILE A 62 -0.14 2.31 14.94
N ASN A 63 0.76 2.31 15.92
CA ASN A 63 0.99 3.49 16.74
C ASN A 63 1.82 4.52 16.00
N LEU A 64 1.16 5.60 15.56
CA LEU A 64 1.85 6.67 14.84
C LEU A 64 3.14 7.06 15.53
N LYS A 65 3.16 6.92 16.85
CA LYS A 65 4.35 7.26 17.64
C LYS A 65 5.45 6.22 17.44
N GLU A 66 5.05 4.97 17.24
CA GLU A 66 6.00 3.89 17.04
C GLU A 66 6.70 4.02 15.69
N ILE A 67 6.07 4.75 14.78
CA ILE A 67 6.64 4.96 13.44
C ILE A 67 7.17 6.37 13.29
N ASN A 68 8.40 6.49 12.80
CA ASN A 68 9.03 7.79 12.59
C ASN A 68 8.29 8.59 11.54
N LEU A 69 7.45 9.53 11.98
CA LEU A 69 6.68 10.37 11.07
C LEU A 69 7.60 11.24 10.23
N ARG A 70 8.68 11.73 10.84
CA ARG A 70 9.63 12.57 10.14
C ARG A 70 10.98 11.87 10.00
N PRO A 71 11.11 11.03 8.96
CA PRO A 71 12.33 10.27 8.70
C PRO A 71 13.47 11.17 8.22
N GLN A 72 13.21 12.48 8.17
CA GLN A 72 14.21 13.44 7.74
C GLN A 72 15.03 12.89 6.57
N MET A 73 14.38 12.11 5.71
CA MET A 73 15.04 11.53 4.55
C MET A 73 16.22 10.66 4.98
N SER A 74 15.96 9.76 5.94
CA SER A 74 17.01 8.87 6.43
C SER A 74 16.64 7.41 6.17
N GLN A 75 17.61 6.65 5.69
CA GLN A 75 17.39 5.24 5.39
C GLN A 75 17.03 4.46 6.66
N PHE A 76 17.97 4.41 7.60
CA PHE A 76 17.76 3.70 8.85
C PHE A 76 16.31 3.84 9.32
N LEU A 77 15.80 5.07 9.30
CA LEU A 77 14.44 5.35 9.72
C LEU A 77 13.44 4.84 8.68
N CYS A 78 13.57 5.32 7.45
CA CYS A 78 12.69 4.91 6.36
C CYS A 78 12.47 3.41 6.39
N LEU A 79 13.56 2.65 6.26
CA LEU A 79 13.48 1.20 6.26
C LEU A 79 12.59 0.69 7.39
N LYS A 80 12.97 1.03 8.62
CA LYS A 80 12.21 0.61 9.79
C LYS A 80 10.73 0.94 9.63
N ASN A 81 10.44 2.21 9.37
CA ASN A 81 9.05 2.65 9.19
C ASN A 81 8.24 1.59 8.44
N ILE A 82 8.77 1.13 7.32
CA ILE A 82 8.09 0.11 6.52
C ILE A 82 7.89 -1.17 7.32
N ARG A 83 8.88 -1.51 8.13
CA ARG A 83 8.82 -2.72 8.95
C ARG A 83 7.48 -2.80 9.69
N THR A 84 7.23 -1.84 10.56
CA THR A 84 6.00 -1.79 11.33
C THR A 84 4.80 -2.22 10.47
N PHE A 85 4.55 -1.47 9.40
CA PHE A 85 3.45 -1.77 8.50
C PHE A 85 3.38 -3.26 8.19
N LEU A 86 4.51 -3.82 7.77
CA LEU A 86 4.59 -5.24 7.43
C LEU A 86 4.28 -6.10 8.65
N THR A 87 4.59 -5.57 9.83
CA THR A 87 4.35 -6.30 11.07
C THR A 87 2.86 -6.30 11.42
N ALA A 88 2.22 -5.14 11.29
CA ALA A 88 0.80 -5.02 11.58
C ALA A 88 -0.04 -5.83 10.60
N CYS A 89 0.53 -6.13 9.45
CA CYS A 89 -0.17 -6.90 8.42
C CYS A 89 -0.39 -8.34 8.87
N CYS A 90 0.36 -8.75 9.90
CA CYS A 90 0.26 -10.11 10.42
C CYS A 90 -0.15 -10.08 11.89
N GLU A 91 0.05 -8.94 12.54
CA GLU A 91 -0.29 -8.79 13.95
C GLU A 91 -1.68 -8.20 14.13
N THR A 92 -2.00 -7.18 13.33
CA THR A 92 -3.29 -6.53 13.39
C THR A 92 -4.32 -7.27 12.55
N PHE A 93 -3.92 -7.65 11.34
CA PHE A 93 -4.82 -8.38 10.44
C PHE A 93 -4.56 -9.88 10.50
N GLY A 94 -3.34 -10.28 10.14
CA GLY A 94 -2.99 -11.69 10.17
C GLY A 94 -3.05 -12.33 8.80
N MET A 95 -2.19 -11.87 7.90
CA MET A 95 -2.15 -12.40 6.54
C MET A 95 -0.87 -13.20 6.30
N ARG A 96 -0.71 -13.69 5.09
CA ARG A 96 0.47 -14.48 4.73
C ARG A 96 1.72 -13.60 4.71
N LYS A 97 2.46 -13.61 5.81
CA LYS A 97 3.68 -12.82 5.93
C LYS A 97 4.56 -13.01 4.69
N SER A 98 4.34 -14.09 3.97
CA SER A 98 5.11 -14.39 2.77
C SER A 98 4.64 -13.54 1.59
N GLU A 99 3.33 -13.31 1.51
CA GLU A 99 2.76 -12.52 0.44
C GLU A 99 3.27 -11.09 0.50
N LEU A 100 3.58 -10.61 1.70
CA LEU A 100 4.08 -9.25 1.89
C LEU A 100 5.27 -8.99 0.98
N PHE A 101 5.64 -7.71 0.86
CA PHE A 101 6.77 -7.32 0.03
C PHE A 101 8.02 -7.09 0.87
N GLU A 102 9.17 -7.00 0.20
CA GLU A 102 10.44 -6.78 0.90
C GLU A 102 10.62 -5.30 1.22
N ALA A 103 10.99 -5.03 2.47
CA ALA A 103 11.21 -3.65 2.91
C ALA A 103 12.05 -2.88 1.89
N PHE A 104 13.02 -3.56 1.29
CA PHE A 104 13.88 -2.93 0.31
C PHE A 104 13.13 -2.68 -1.00
N ASP A 105 12.49 -3.71 -1.51
CA ASP A 105 11.72 -3.60 -2.76
C ASP A 105 11.01 -2.25 -2.83
N LEU A 106 10.40 -1.85 -1.73
CA LEU A 106 9.68 -0.58 -1.67
C LEU A 106 10.66 0.59 -1.51
N PHE A 107 11.55 0.49 -0.53
CA PHE A 107 12.52 1.54 -0.28
C PHE A 107 13.21 1.97 -1.56
N ASP A 108 13.86 1.01 -2.23
CA ASP A 108 14.56 1.29 -3.48
C ASP A 108 13.59 1.29 -4.65
N VAL A 109 12.37 0.80 -4.42
CA VAL A 109 11.35 0.74 -5.45
C VAL A 109 11.74 -0.26 -6.54
N ARG A 110 12.33 -1.38 -6.14
CA ARG A 110 12.74 -2.40 -7.08
C ARG A 110 11.55 -2.95 -7.86
N ASP A 111 10.61 -3.56 -7.15
CA ASP A 111 9.41 -4.11 -7.78
C ASP A 111 8.16 -3.68 -7.03
N PHE A 112 7.57 -2.56 -7.46
CA PHE A 112 6.37 -2.05 -6.83
C PHE A 112 5.21 -3.04 -6.97
N GLY A 113 5.15 -3.72 -8.11
CA GLY A 113 4.10 -4.68 -8.35
C GLY A 113 3.89 -5.61 -7.16
N LYS A 114 4.97 -5.96 -6.48
CA LYS A 114 4.90 -6.85 -5.33
C LYS A 114 4.18 -6.17 -4.17
N VAL A 115 4.43 -4.87 -4.01
CA VAL A 115 3.81 -4.10 -2.95
C VAL A 115 2.31 -3.92 -3.18
N ILE A 116 1.95 -3.70 -4.45
CA ILE A 116 0.55 -3.52 -4.82
C ILE A 116 -0.26 -4.77 -4.52
N GLU A 117 0.23 -5.92 -4.94
CA GLU A 117 -0.45 -7.19 -4.72
C GLU A 117 -0.82 -7.35 -3.25
N THR A 118 0.14 -7.09 -2.37
CA THR A 118 -0.10 -7.20 -0.93
C THR A 118 -1.44 -6.60 -0.54
N LEU A 119 -1.72 -5.41 -1.08
CA LEU A 119 -2.98 -4.72 -0.79
C LEU A 119 -4.15 -5.43 -1.43
N SER A 120 -3.99 -5.84 -2.69
CA SER A 120 -5.04 -6.53 -3.42
C SER A 120 -5.67 -7.61 -2.56
N ARG A 121 -4.88 -8.18 -1.65
CA ARG A 121 -5.37 -9.23 -0.76
C ARG A 121 -5.89 -8.64 0.55
N LEU A 122 -5.06 -7.82 1.19
CA LEU A 122 -5.44 -7.20 2.45
C LEU A 122 -6.90 -6.81 2.45
N SER A 123 -7.38 -6.27 1.33
CA SER A 123 -8.77 -5.86 1.20
C SER A 123 -9.71 -7.02 1.54
N ARG A 124 -9.44 -8.18 0.97
CA ARG A 124 -10.26 -9.36 1.21
C ARG A 124 -10.68 -9.45 2.67
N THR A 125 -9.82 -8.94 3.56
CA THR A 125 -10.10 -8.96 5.00
C THR A 125 -11.48 -8.37 5.29
N PRO A 126 -12.09 -8.83 6.38
CA PRO A 126 -13.41 -8.36 6.81
C PRO A 126 -13.38 -6.92 7.32
N ILE A 127 -12.18 -6.36 7.42
CA ILE A 127 -12.01 -4.99 7.89
C ILE A 127 -12.08 -4.00 6.74
N ALA A 128 -11.61 -4.42 5.57
CA ALA A 128 -11.63 -3.56 4.39
C ALA A 128 -12.99 -3.59 3.72
N LEU A 129 -13.52 -4.79 3.51
CA LEU A 129 -14.83 -4.95 2.87
C LEU A 129 -15.93 -4.35 3.74
N ALA A 130 -15.78 -4.45 5.05
CA ALA A 130 -16.77 -3.92 5.98
C ALA A 130 -17.13 -2.48 5.61
N THR A 131 -16.12 -1.64 5.45
CA THR A 131 -16.33 -0.24 5.10
C THR A 131 -17.15 -0.11 3.82
N GLY A 132 -16.90 -1.00 2.86
CA GLY A 132 -17.62 -0.96 1.61
C GLY A 132 -16.82 -0.31 0.50
N ILE A 133 -15.51 -0.21 0.68
CA ILE A 133 -14.64 0.41 -0.31
C ILE A 133 -14.43 -0.51 -1.50
N ARG A 134 -14.47 0.07 -2.70
CA ARG A 134 -14.28 -0.69 -3.93
C ARG A 134 -13.25 -1.80 -3.74
N PRO A 135 -13.74 -3.03 -3.49
CA PRO A 135 -12.87 -4.19 -3.28
C PRO A 135 -12.15 -4.62 -4.55
N PHE A 136 -10.90 -5.03 -4.41
CA PHE A 136 -10.10 -5.46 -5.55
C PHE A 136 -10.83 -6.53 -6.37
N PRO A 137 -10.62 -6.51 -7.69
CA PRO A 137 -11.26 -7.45 -8.61
C PRO A 137 -10.71 -8.87 -8.44
N SER A 138 -9.81 -9.04 -7.48
CA SER A 138 -9.21 -10.35 -7.23
C SER A 138 -10.25 -11.46 -7.38
N GLY A 139 -9.84 -12.56 -8.01
CA GLY A 139 -10.74 -13.67 -8.21
C GLY A 139 -10.16 -14.72 -9.15
N PRO A 140 -10.99 -15.70 -9.52
CA PRO A 140 -10.58 -16.78 -10.42
C PRO A 140 -10.37 -16.30 -11.85
N SER A 141 -9.21 -16.62 -12.41
CA SER A 141 -8.86 -16.21 -13.77
C SER A 141 -8.74 -17.42 -14.69
N SER A 142 -9.19 -17.27 -15.93
CA SER A 142 -9.13 -18.35 -16.90
C SER A 142 -9.64 -19.66 -16.28
N GLY A 143 -10.76 -19.59 -15.58
CA GLY A 143 -11.33 -20.77 -14.96
C GLY A 143 -12.82 -20.65 -14.75
N GLY A 1 14.62 2.61 -22.13
CA GLY A 1 14.59 3.39 -20.91
C GLY A 1 13.20 3.87 -20.56
N SER A 2 12.46 4.29 -21.58
CA SER A 2 11.10 4.79 -21.39
C SER A 2 10.07 3.74 -21.80
N SER A 3 8.81 4.01 -21.50
CA SER A 3 7.73 3.09 -21.82
C SER A 3 7.25 3.30 -23.25
N GLY A 4 6.44 2.36 -23.75
CA GLY A 4 5.91 2.47 -25.10
C GLY A 4 4.41 2.32 -25.15
N SER A 5 3.95 1.21 -25.69
CA SER A 5 2.51 0.95 -25.81
C SER A 5 2.05 -0.04 -24.74
N SER A 6 0.94 0.30 -24.08
CA SER A 6 0.40 -0.54 -23.03
C SER A 6 -1.02 -0.13 -22.67
N GLY A 7 -1.80 -1.06 -22.15
CA GLY A 7 -3.18 -0.77 -21.79
C GLY A 7 -3.29 -0.03 -20.47
N MET A 8 -3.79 -0.72 -19.44
CA MET A 8 -3.93 -0.12 -18.12
C MET A 8 -3.12 -0.88 -17.08
N GLU A 9 -2.30 -0.15 -16.33
CA GLU A 9 -1.46 -0.75 -15.31
C GLU A 9 -2.26 -1.00 -14.02
N PRO A 10 -1.73 -1.89 -13.18
CA PRO A 10 -2.37 -2.24 -11.90
C PRO A 10 -2.34 -1.10 -10.89
N TRP A 11 -1.21 -0.39 -10.85
CA TRP A 11 -1.05 0.72 -9.93
C TRP A 11 -2.09 1.81 -10.20
N LYS A 12 -2.48 1.94 -11.46
CA LYS A 12 -3.47 2.93 -11.86
C LYS A 12 -4.72 2.83 -10.99
N GLN A 13 -5.46 1.73 -11.17
CA GLN A 13 -6.68 1.50 -10.41
C GLN A 13 -6.41 1.54 -8.92
N CYS A 14 -5.30 0.94 -8.51
CA CYS A 14 -4.92 0.91 -7.10
C CYS A 14 -5.10 2.28 -6.46
N ALA A 15 -4.67 3.32 -7.17
CA ALA A 15 -4.79 4.69 -6.66
C ALA A 15 -6.17 4.94 -6.08
N GLN A 16 -7.20 4.49 -6.78
CA GLN A 16 -8.57 4.67 -6.34
C GLN A 16 -8.77 4.11 -4.93
N TRP A 17 -8.59 2.81 -4.79
CA TRP A 17 -8.74 2.14 -3.50
C TRP A 17 -8.16 3.00 -2.38
N LEU A 18 -6.97 3.53 -2.61
CA LEU A 18 -6.30 4.37 -1.63
C LEU A 18 -7.15 5.57 -1.26
N ILE A 19 -7.60 6.31 -2.27
CA ILE A 19 -8.43 7.48 -2.05
C ILE A 19 -9.64 7.15 -1.19
N HIS A 20 -10.23 5.98 -1.45
CA HIS A 20 -11.40 5.54 -0.70
C HIS A 20 -11.01 5.10 0.71
N CYS A 21 -9.86 4.45 0.83
CA CYS A 21 -9.37 3.98 2.12
C CYS A 21 -9.05 5.16 3.04
N LYS A 22 -9.14 6.37 2.50
CA LYS A 22 -8.85 7.57 3.26
C LYS A 22 -7.36 7.71 3.53
N VAL A 23 -6.56 7.62 2.47
CA VAL A 23 -5.11 7.74 2.57
C VAL A 23 -4.57 8.78 1.61
N LEU A 24 -5.23 8.93 0.47
CA LEU A 24 -4.81 9.89 -0.53
C LEU A 24 -5.98 10.79 -0.96
N PRO A 25 -5.67 12.04 -1.32
CA PRO A 25 -6.67 13.01 -1.75
C PRO A 25 -7.28 12.66 -3.10
N THR A 26 -8.49 13.16 -3.36
CA THR A 26 -9.18 12.89 -4.63
C THR A 26 -8.45 13.55 -5.79
N ASN A 27 -7.74 14.63 -5.51
CA ASN A 27 -7.00 15.35 -6.53
C ASN A 27 -5.51 15.11 -6.40
N HIS A 28 -5.15 14.04 -5.69
CA HIS A 28 -3.75 13.70 -5.48
C HIS A 28 -2.97 13.77 -6.79
N ARG A 29 -1.65 13.67 -6.69
CA ARG A 29 -0.79 13.74 -7.87
C ARG A 29 -0.83 12.42 -8.64
N VAL A 30 -0.68 11.31 -7.93
CA VAL A 30 -0.70 9.99 -8.55
C VAL A 30 -1.91 9.81 -9.45
N THR A 31 -3.01 10.47 -9.08
CA THR A 31 -4.24 10.40 -9.86
C THR A 31 -4.00 10.81 -11.31
N TRP A 32 -3.27 11.89 -11.49
CA TRP A 32 -2.97 12.39 -12.84
C TRP A 32 -2.43 11.27 -13.72
N ASP A 33 -2.76 11.33 -15.01
CA ASP A 33 -2.30 10.32 -15.96
C ASP A 33 -0.78 10.37 -16.12
N SER A 34 -0.21 11.56 -15.91
CA SER A 34 1.23 11.75 -16.04
C SER A 34 1.98 10.92 -15.00
N ALA A 35 1.41 10.80 -13.81
CA ALA A 35 2.02 10.04 -12.74
C ALA A 35 2.33 8.62 -13.19
N GLN A 36 3.25 7.96 -12.48
CA GLN A 36 3.63 6.60 -12.81
C GLN A 36 3.89 5.79 -11.54
N VAL A 37 3.97 4.47 -11.70
CA VAL A 37 4.22 3.58 -10.57
C VAL A 37 5.17 4.22 -9.56
N PHE A 38 6.20 4.88 -10.07
CA PHE A 38 7.19 5.54 -9.22
C PHE A 38 6.52 6.55 -8.29
N ASP A 39 5.94 7.59 -8.89
CA ASP A 39 5.25 8.63 -8.12
C ASP A 39 4.48 8.02 -6.95
N LEU A 40 3.58 7.10 -7.27
CA LEU A 40 2.77 6.44 -6.24
C LEU A 40 3.63 5.58 -5.34
N ALA A 41 4.80 5.17 -5.84
CA ALA A 41 5.72 4.34 -5.07
C ALA A 41 6.53 5.19 -4.10
N GLN A 42 6.70 6.47 -4.42
CA GLN A 42 7.46 7.37 -3.58
C GLN A 42 6.64 7.80 -2.37
N THR A 43 5.44 8.32 -2.62
CA THR A 43 4.56 8.76 -1.55
C THR A 43 4.49 7.73 -0.43
N LEU A 44 4.83 6.49 -0.75
CA LEU A 44 4.80 5.41 0.23
C LEU A 44 6.21 4.95 0.57
N ARG A 45 7.13 5.11 -0.38
CA ARG A 45 8.52 4.72 -0.18
C ARG A 45 8.97 5.00 1.26
N ASP A 46 8.61 6.18 1.76
CA ASP A 46 8.98 6.57 3.12
C ASP A 46 8.44 5.57 4.13
N GLY A 47 7.19 5.16 3.94
CA GLY A 47 6.58 4.20 4.85
C GLY A 47 5.74 4.88 5.93
N VAL A 48 5.45 6.16 5.73
CA VAL A 48 4.66 6.93 6.69
C VAL A 48 3.18 6.78 6.41
N LEU A 49 2.83 6.66 5.13
CA LEU A 49 1.44 6.52 4.72
C LEU A 49 0.93 5.10 4.97
N LEU A 50 1.66 4.13 4.44
CA LEU A 50 1.29 2.72 4.60
C LEU A 50 0.70 2.47 5.98
N CYS A 51 1.46 2.81 7.02
CA CYS A 51 1.00 2.63 8.40
C CYS A 51 -0.38 3.22 8.59
N GLN A 52 -0.61 4.39 8.02
CA GLN A 52 -1.90 5.07 8.14
C GLN A 52 -3.01 4.21 7.55
N LEU A 53 -2.83 3.78 6.31
CA LEU A 53 -3.83 2.95 5.63
C LEU A 53 -4.48 1.99 6.61
N LEU A 54 -3.67 1.14 7.22
CA LEU A 54 -4.18 0.16 8.19
C LEU A 54 -4.91 0.85 9.34
N ASN A 55 -4.38 2.01 9.75
CA ASN A 55 -4.98 2.76 10.84
C ASN A 55 -6.36 3.29 10.45
N ASN A 56 -6.59 3.43 9.15
CA ASN A 56 -7.87 3.92 8.64
C ASN A 56 -8.92 2.81 8.66
N LEU A 57 -8.52 1.62 8.20
CA LEU A 57 -9.42 0.48 8.17
C LEU A 57 -9.77 0.00 9.57
N ARG A 58 -8.73 -0.24 10.38
CA ARG A 58 -8.93 -0.70 11.74
C ARG A 58 -8.36 0.31 12.74
N ALA A 59 -8.83 0.24 13.99
CA ALA A 59 -8.37 1.14 15.02
C ALA A 59 -7.22 0.52 15.83
N HIS A 60 -6.27 1.34 16.23
CA HIS A 60 -5.12 0.88 17.00
C HIS A 60 -4.31 -0.13 16.20
N SER A 61 -4.29 0.04 14.88
CA SER A 61 -3.55 -0.86 14.00
C SER A 61 -2.05 -0.59 14.08
N ILE A 62 -1.68 0.69 14.01
CA ILE A 62 -0.29 1.09 14.07
C ILE A 62 -0.12 2.40 14.84
N ASN A 63 0.66 2.35 15.91
CA ASN A 63 0.91 3.53 16.73
C ASN A 63 1.77 4.55 15.99
N LEU A 64 1.15 5.64 15.57
CA LEU A 64 1.85 6.69 14.84
C LEU A 64 3.14 7.09 15.57
N LYS A 65 3.13 6.95 16.89
CA LYS A 65 4.29 7.29 17.71
C LYS A 65 5.41 6.28 17.51
N GLU A 66 5.03 5.02 17.28
CA GLU A 66 6.01 3.96 17.07
C GLU A 66 6.71 4.13 15.73
N ILE A 67 6.08 4.85 14.82
CA ILE A 67 6.65 5.08 13.50
C ILE A 67 7.15 6.51 13.36
N ASN A 68 8.27 6.67 12.67
CA ASN A 68 8.86 8.00 12.47
C ASN A 68 8.07 8.79 11.43
N LEU A 69 7.07 9.54 11.89
CA LEU A 69 6.23 10.34 11.01
C LEU A 69 7.09 11.23 10.12
N ARG A 70 8.26 11.62 10.63
CA ARG A 70 9.18 12.48 9.89
C ARG A 70 10.53 11.82 9.72
N PRO A 71 10.64 10.91 8.74
CA PRO A 71 11.89 10.19 8.45
C PRO A 71 12.96 11.09 7.87
N GLN A 72 12.55 12.27 7.41
CA GLN A 72 13.49 13.22 6.82
C GLN A 72 14.41 12.54 5.82
N MET A 73 13.85 11.63 5.02
CA MET A 73 14.62 10.92 4.02
C MET A 73 15.78 10.17 4.68
N SER A 74 15.48 9.42 5.73
CA SER A 74 16.49 8.65 6.45
C SER A 74 16.39 7.18 6.12
N GLN A 75 17.42 6.66 5.45
CA GLN A 75 17.45 5.25 5.06
C GLN A 75 17.15 4.35 6.26
N PHE A 76 17.77 4.67 7.39
CA PHE A 76 17.57 3.89 8.61
C PHE A 76 16.11 3.90 9.04
N LEU A 77 15.60 5.10 9.32
CA LEU A 77 14.21 5.25 9.74
C LEU A 77 13.25 4.67 8.70
N CYS A 78 13.28 5.23 7.50
CA CYS A 78 12.41 4.76 6.43
C CYS A 78 12.27 3.25 6.46
N LEU A 79 13.39 2.54 6.35
CA LEU A 79 13.39 1.09 6.38
C LEU A 79 12.64 0.56 7.60
N LYS A 80 12.89 1.18 8.74
CA LYS A 80 12.23 0.78 9.99
C LYS A 80 10.72 0.92 9.87
N ASN A 81 10.27 2.09 9.45
CA ASN A 81 8.85 2.35 9.30
C ASN A 81 8.18 1.25 8.49
N ILE A 82 8.59 1.10 7.24
CA ILE A 82 8.03 0.07 6.36
C ILE A 82 7.74 -1.21 7.12
N ARG A 83 8.78 -1.75 7.77
CA ARG A 83 8.63 -2.98 8.54
C ARG A 83 7.40 -2.92 9.43
N THR A 84 7.25 -1.82 10.15
CA THR A 84 6.11 -1.64 11.05
C THR A 84 4.80 -1.99 10.36
N PHE A 85 4.68 -1.58 9.10
CA PHE A 85 3.47 -1.86 8.33
C PHE A 85 3.32 -3.35 8.06
N LEU A 86 4.36 -3.96 7.51
CA LEU A 86 4.34 -5.39 7.21
C LEU A 86 4.01 -6.20 8.47
N THR A 87 4.42 -5.68 9.62
CA THR A 87 4.16 -6.36 10.89
C THR A 87 2.69 -6.25 11.29
N ALA A 88 2.14 -5.06 11.17
CA ALA A 88 0.74 -4.84 11.51
C ALA A 88 -0.19 -5.67 10.62
N CYS A 89 0.34 -6.13 9.49
CA CYS A 89 -0.44 -6.94 8.56
C CYS A 89 -0.74 -8.31 9.15
N CYS A 90 0.10 -8.74 10.09
CA CYS A 90 -0.07 -10.04 10.73
C CYS A 90 -0.50 -9.88 12.19
N GLU A 91 -0.28 -8.68 12.73
CA GLU A 91 -0.64 -8.40 14.12
C GLU A 91 -2.05 -7.82 14.21
N THR A 92 -2.31 -6.80 13.40
CA THR A 92 -3.63 -6.15 13.39
C THR A 92 -4.65 -7.00 12.64
N PHE A 93 -4.33 -7.32 11.38
CA PHE A 93 -5.21 -8.12 10.55
C PHE A 93 -4.97 -9.61 10.77
N GLY A 94 -3.74 -10.04 10.51
CA GLY A 94 -3.39 -11.44 10.69
C GLY A 94 -3.43 -12.22 9.38
N MET A 95 -2.55 -11.87 8.46
CA MET A 95 -2.49 -12.53 7.16
C MET A 95 -1.22 -13.35 7.03
N ARG A 96 -1.01 -13.95 5.86
CA ARG A 96 0.17 -14.77 5.60
C ARG A 96 1.41 -13.90 5.49
N LYS A 97 2.45 -14.27 6.24
CA LYS A 97 3.71 -13.51 6.22
C LYS A 97 4.61 -13.98 5.08
N SER A 98 3.98 -14.45 3.99
CA SER A 98 4.73 -14.93 2.83
C SER A 98 4.39 -14.11 1.60
N GLU A 99 3.18 -13.57 1.56
CA GLU A 99 2.72 -12.78 0.43
C GLU A 99 3.26 -11.34 0.53
N LEU A 100 3.57 -10.92 1.75
CA LEU A 100 4.10 -9.58 1.99
C LEU A 100 5.28 -9.29 1.08
N PHE A 101 5.60 -8.01 0.92
CA PHE A 101 6.71 -7.59 0.09
C PHE A 101 7.96 -7.31 0.92
N GLU A 102 9.11 -7.24 0.25
CA GLU A 102 10.37 -6.98 0.94
C GLU A 102 10.57 -5.48 1.17
N ALA A 103 10.74 -5.09 2.42
CA ALA A 103 10.93 -3.69 2.77
C ALA A 103 11.82 -3.00 1.75
N PHE A 104 12.86 -3.69 1.31
CA PHE A 104 13.80 -3.14 0.34
C PHE A 104 13.10 -2.89 -1.00
N ASP A 105 12.40 -3.91 -1.49
CA ASP A 105 11.68 -3.79 -2.76
C ASP A 105 10.95 -2.47 -2.86
N LEU A 106 10.42 -2.00 -1.74
CA LEU A 106 9.70 -0.73 -1.69
C LEU A 106 10.65 0.45 -1.63
N PHE A 107 11.51 0.46 -0.62
CA PHE A 107 12.48 1.53 -0.44
C PHE A 107 13.18 1.85 -1.76
N ASP A 108 13.96 0.89 -2.25
CA ASP A 108 14.68 1.07 -3.51
C ASP A 108 13.72 1.11 -4.70
N VAL A 109 12.44 0.90 -4.41
CA VAL A 109 11.42 0.91 -5.45
C VAL A 109 11.72 -0.10 -6.55
N ARG A 110 12.34 -1.21 -6.15
CA ARG A 110 12.69 -2.27 -7.10
C ARG A 110 11.47 -2.71 -7.90
N ASP A 111 10.60 -3.48 -7.25
CA ASP A 111 9.39 -3.97 -7.91
C ASP A 111 8.14 -3.52 -7.15
N PHE A 112 7.62 -2.35 -7.52
CA PHE A 112 6.43 -1.81 -6.88
C PHE A 112 5.26 -2.78 -7.00
N GLY A 113 5.14 -3.42 -8.16
CA GLY A 113 4.07 -4.36 -8.38
C GLY A 113 3.88 -5.32 -7.24
N LYS A 114 4.98 -5.65 -6.56
CA LYS A 114 4.94 -6.56 -5.43
C LYS A 114 4.17 -5.95 -4.26
N VAL A 115 4.32 -4.65 -4.07
CA VAL A 115 3.64 -3.94 -2.99
C VAL A 115 2.15 -3.79 -3.30
N ILE A 116 1.83 -3.55 -4.56
CA ILE A 116 0.44 -3.38 -4.98
C ILE A 116 -0.36 -4.65 -4.73
N GLU A 117 0.20 -5.80 -5.10
CA GLU A 117 -0.48 -7.08 -4.91
C GLU A 117 -0.89 -7.25 -3.45
N THR A 118 0.05 -7.06 -2.55
CA THR A 118 -0.21 -7.21 -1.12
C THR A 118 -1.57 -6.61 -0.75
N LEU A 119 -1.83 -5.40 -1.22
CA LEU A 119 -3.10 -4.72 -0.95
C LEU A 119 -4.27 -5.50 -1.54
N SER A 120 -4.07 -6.03 -2.74
CA SER A 120 -5.12 -6.80 -3.42
C SER A 120 -5.65 -7.90 -2.51
N ARG A 121 -4.76 -8.50 -1.72
CA ARG A 121 -5.14 -9.57 -0.80
C ARG A 121 -5.72 -9.00 0.49
N LEU A 122 -5.04 -8.02 1.06
CA LEU A 122 -5.49 -7.40 2.30
C LEU A 122 -6.96 -7.01 2.21
N SER A 123 -7.34 -6.37 1.09
CA SER A 123 -8.71 -5.95 0.89
C SER A 123 -9.69 -7.07 1.24
N ARG A 124 -9.21 -8.31 1.17
CA ARG A 124 -10.03 -9.47 1.48
C ARG A 124 -10.39 -9.51 2.96
N THR A 125 -9.40 -9.20 3.81
CA THR A 125 -9.60 -9.21 5.25
C THR A 125 -10.97 -8.64 5.62
N PRO A 126 -11.54 -9.13 6.72
CA PRO A 126 -12.85 -8.69 7.20
C PRO A 126 -12.82 -7.25 7.73
N ILE A 127 -11.66 -6.62 7.64
CA ILE A 127 -11.49 -5.25 8.11
C ILE A 127 -11.64 -4.26 6.96
N ALA A 128 -11.08 -4.61 5.81
CA ALA A 128 -11.15 -3.76 4.63
C ALA A 128 -12.53 -3.83 3.99
N LEU A 129 -13.10 -5.02 3.92
CA LEU A 129 -14.41 -5.22 3.33
C LEU A 129 -15.51 -4.59 4.20
N ALA A 130 -15.32 -4.69 5.51
CA ALA A 130 -16.28 -4.14 6.45
C ALA A 130 -16.73 -2.74 6.04
N THR A 131 -15.75 -1.88 5.73
CA THR A 131 -16.04 -0.51 5.32
C THR A 131 -16.95 -0.49 4.09
N GLY A 132 -16.76 -1.47 3.21
CA GLY A 132 -17.57 -1.54 2.01
C GLY A 132 -16.91 -0.85 0.83
N ILE A 133 -15.59 -0.72 0.88
CA ILE A 133 -14.84 -0.07 -0.19
C ILE A 133 -14.63 -1.02 -1.36
N ARG A 134 -14.83 -0.52 -2.57
CA ARG A 134 -14.66 -1.32 -3.77
C ARG A 134 -13.56 -2.36 -3.59
N PRO A 135 -13.97 -3.59 -3.22
CA PRO A 135 -13.03 -4.69 -2.99
C PRO A 135 -12.39 -5.18 -4.29
N PHE A 136 -11.12 -5.55 -4.21
CA PHE A 136 -10.39 -6.04 -5.38
C PHE A 136 -11.18 -7.15 -6.08
N PRO A 137 -10.92 -7.32 -7.39
CA PRO A 137 -11.59 -8.34 -8.20
C PRO A 137 -11.16 -9.75 -7.83
N SER A 138 -12.07 -10.50 -7.22
CA SER A 138 -11.78 -11.88 -6.81
C SER A 138 -11.86 -12.83 -8.00
N GLY A 139 -12.87 -12.62 -8.84
CA GLY A 139 -13.04 -13.48 -10.01
C GLY A 139 -14.43 -14.08 -10.08
N PRO A 140 -14.85 -14.50 -11.29
CA PRO A 140 -16.16 -15.10 -11.52
C PRO A 140 -16.27 -16.49 -10.89
N SER A 141 -15.14 -17.17 -10.77
CA SER A 141 -15.11 -18.50 -10.18
C SER A 141 -15.61 -18.49 -8.75
N SER A 142 -16.47 -19.45 -8.42
CA SER A 142 -17.03 -19.54 -7.08
C SER A 142 -16.90 -20.96 -6.53
N GLY A 143 -16.23 -21.09 -5.38
CA GLY A 143 -16.05 -22.40 -4.77
C GLY A 143 -14.62 -22.63 -4.32
N GLY A 1 10.04 -0.26 -24.98
CA GLY A 1 11.09 0.55 -24.42
C GLY A 1 11.72 -0.09 -23.20
N SER A 2 10.90 -0.39 -22.20
CA SER A 2 11.39 -1.01 -20.97
C SER A 2 10.53 -2.20 -20.58
N SER A 3 9.22 -2.01 -20.61
CA SER A 3 8.28 -3.07 -20.27
C SER A 3 6.92 -2.83 -20.91
N GLY A 4 6.43 -3.83 -21.64
CA GLY A 4 5.14 -3.70 -22.30
C GLY A 4 3.99 -3.78 -21.33
N SER A 5 2.95 -2.98 -21.57
CA SER A 5 1.78 -2.95 -20.70
C SER A 5 0.54 -3.43 -21.45
N SER A 6 0.29 -2.84 -22.62
CA SER A 6 -0.86 -3.22 -23.44
C SER A 6 -2.09 -3.43 -22.56
N GLY A 7 -2.27 -2.56 -21.57
CA GLY A 7 -3.41 -2.68 -20.67
C GLY A 7 -3.24 -1.89 -19.40
N MET A 8 -4.31 -1.26 -18.94
CA MET A 8 -4.27 -0.45 -17.73
C MET A 8 -3.47 -1.17 -16.64
N GLU A 9 -2.42 -0.50 -16.16
CA GLU A 9 -1.57 -1.07 -15.12
C GLU A 9 -2.38 -1.33 -13.84
N PRO A 10 -1.88 -2.23 -12.99
CA PRO A 10 -2.53 -2.58 -11.73
C PRO A 10 -2.46 -1.45 -10.71
N TRP A 11 -1.58 -0.49 -10.96
CA TRP A 11 -1.43 0.64 -10.06
C TRP A 11 -2.46 1.73 -10.36
N LYS A 12 -2.80 1.86 -11.63
CA LYS A 12 -3.79 2.86 -12.04
C LYS A 12 -5.07 2.74 -11.22
N GLN A 13 -5.55 1.51 -11.06
CA GLN A 13 -6.76 1.26 -10.29
C GLN A 13 -6.50 1.39 -8.80
N CYS A 14 -5.37 0.86 -8.35
CA CYS A 14 -5.00 0.92 -6.94
C CYS A 14 -5.18 2.32 -6.39
N ALA A 15 -4.68 3.30 -7.13
CA ALA A 15 -4.78 4.70 -6.70
C ALA A 15 -6.15 4.99 -6.10
N GLN A 16 -7.19 4.49 -6.76
CA GLN A 16 -8.56 4.70 -6.28
C GLN A 16 -8.73 4.19 -4.86
N TRP A 17 -8.63 2.87 -4.70
CA TRP A 17 -8.77 2.26 -3.38
C TRP A 17 -8.18 3.14 -2.29
N LEU A 18 -6.95 3.60 -2.51
CA LEU A 18 -6.26 4.46 -1.55
C LEU A 18 -7.12 5.68 -1.22
N ILE A 19 -7.53 6.41 -2.25
CA ILE A 19 -8.35 7.59 -2.07
C ILE A 19 -9.58 7.29 -1.22
N HIS A 20 -10.21 6.15 -1.50
CA HIS A 20 -11.40 5.74 -0.76
C HIS A 20 -11.04 5.28 0.65
N CYS A 21 -9.85 4.71 0.80
CA CYS A 21 -9.38 4.23 2.09
C CYS A 21 -9.01 5.39 3.00
N LYS A 22 -9.20 6.61 2.50
CA LYS A 22 -8.89 7.81 3.27
C LYS A 22 -7.39 7.91 3.53
N VAL A 23 -6.60 7.68 2.48
CA VAL A 23 -5.15 7.75 2.59
C VAL A 23 -4.56 8.77 1.61
N LEU A 24 -5.28 9.01 0.53
CA LEU A 24 -4.85 9.97 -0.48
C LEU A 24 -5.99 10.88 -0.91
N PRO A 25 -5.65 12.12 -1.28
CA PRO A 25 -6.64 13.11 -1.71
C PRO A 25 -7.25 12.77 -3.07
N THR A 26 -8.33 13.46 -3.42
CA THR A 26 -9.02 13.23 -4.68
C THR A 26 -8.22 13.81 -5.85
N ASN A 27 -7.50 14.90 -5.58
CA ASN A 27 -6.70 15.55 -6.61
C ASN A 27 -5.22 15.29 -6.39
N HIS A 28 -4.91 14.16 -5.74
CA HIS A 28 -3.52 13.80 -5.48
C HIS A 28 -2.68 13.87 -6.75
N ARG A 29 -1.42 13.49 -6.64
CA ARG A 29 -0.51 13.51 -7.78
C ARG A 29 -0.48 12.16 -8.48
N VAL A 30 -0.93 11.12 -7.77
CA VAL A 30 -0.96 9.77 -8.33
C VAL A 30 -2.09 9.62 -9.33
N THR A 31 -3.19 10.32 -9.08
CA THR A 31 -4.36 10.26 -9.95
C THR A 31 -4.05 10.84 -11.33
N TRP A 32 -3.27 11.91 -11.34
CA TRP A 32 -2.89 12.57 -12.59
C TRP A 32 -2.33 11.56 -13.59
N ASP A 33 -2.78 11.66 -14.83
CA ASP A 33 -2.32 10.75 -15.88
C ASP A 33 -0.80 10.71 -15.94
N SER A 34 -0.17 11.87 -15.73
CA SER A 34 1.28 11.96 -15.76
C SER A 34 1.91 11.03 -14.73
N ALA A 35 1.33 11.01 -13.53
CA ALA A 35 1.84 10.16 -12.45
C ALA A 35 2.17 8.77 -12.97
N GLN A 36 2.96 8.03 -12.19
CA GLN A 36 3.36 6.68 -12.58
C GLN A 36 3.64 5.83 -11.34
N VAL A 37 3.64 4.52 -11.52
CA VAL A 37 3.88 3.59 -10.42
C VAL A 37 4.88 4.17 -9.43
N PHE A 38 6.00 4.67 -9.94
CA PHE A 38 7.04 5.26 -9.10
C PHE A 38 6.44 6.27 -8.13
N ASP A 39 5.78 7.28 -8.67
CA ASP A 39 5.16 8.32 -7.84
C ASP A 39 4.45 7.70 -6.65
N LEU A 40 3.49 6.83 -6.92
CA LEU A 40 2.73 6.17 -5.85
C LEU A 40 3.64 5.30 -4.99
N ALA A 41 4.75 4.87 -5.58
CA ALA A 41 5.72 4.04 -4.86
C ALA A 41 6.62 4.88 -3.97
N GLN A 42 6.71 6.18 -4.28
CA GLN A 42 7.54 7.08 -3.51
C GLN A 42 6.82 7.55 -2.24
N THR A 43 5.61 8.08 -2.42
CA THR A 43 4.82 8.56 -1.31
C THR A 43 4.73 7.52 -0.20
N LEU A 44 4.89 6.25 -0.58
CA LEU A 44 4.82 5.16 0.38
C LEU A 44 6.23 4.66 0.74
N ARG A 45 7.14 4.76 -0.22
CA ARG A 45 8.52 4.33 -0.01
C ARG A 45 8.98 4.66 1.41
N ASP A 46 8.69 5.88 1.85
CA ASP A 46 9.08 6.32 3.19
C ASP A 46 8.56 5.35 4.24
N GLY A 47 7.27 5.03 4.18
CA GLY A 47 6.69 4.12 5.13
C GLY A 47 5.89 4.84 6.21
N VAL A 48 5.38 6.03 5.88
CA VAL A 48 4.62 6.81 6.83
C VAL A 48 3.12 6.71 6.54
N LEU A 49 2.76 6.63 5.26
CA LEU A 49 1.37 6.52 4.86
C LEU A 49 0.89 5.07 4.95
N LEU A 50 1.67 4.16 4.38
CA LEU A 50 1.32 2.74 4.39
C LEU A 50 0.69 2.36 5.73
N CYS A 51 1.37 2.68 6.82
CA CYS A 51 0.88 2.37 8.16
C CYS A 51 -0.51 2.94 8.37
N GLN A 52 -0.71 4.19 7.92
CA GLN A 52 -2.00 4.85 8.07
C GLN A 52 -3.12 4.00 7.48
N LEU A 53 -2.94 3.53 6.26
CA LEU A 53 -3.94 2.71 5.59
C LEU A 53 -4.63 1.77 6.59
N LEU A 54 -3.85 0.84 7.15
CA LEU A 54 -4.39 -0.10 8.12
C LEU A 54 -5.13 0.61 9.24
N ASN A 55 -4.51 1.67 9.76
CA ASN A 55 -5.11 2.45 10.84
C ASN A 55 -6.48 2.96 10.44
N ASN A 56 -6.66 3.21 9.14
CA ASN A 56 -7.93 3.70 8.64
C ASN A 56 -8.98 2.59 8.59
N LEU A 57 -8.56 1.42 8.12
CA LEU A 57 -9.45 0.27 8.03
C LEU A 57 -9.83 -0.25 9.41
N ARG A 58 -8.82 -0.57 10.22
CA ARG A 58 -9.05 -1.07 11.57
C ARG A 58 -8.50 -0.09 12.60
N ALA A 59 -9.02 -0.19 13.83
CA ALA A 59 -8.59 0.69 14.90
C ALA A 59 -7.44 0.06 15.69
N HIS A 60 -6.53 0.90 16.17
CA HIS A 60 -5.37 0.42 16.93
C HIS A 60 -4.51 -0.51 16.09
N SER A 61 -4.44 -0.24 14.79
CA SER A 61 -3.65 -1.05 13.87
C SER A 61 -2.17 -0.71 13.99
N ILE A 62 -1.87 0.59 14.03
CA ILE A 62 -0.49 1.05 14.13
C ILE A 62 -0.41 2.35 14.91
N ASN A 63 0.66 2.50 15.68
CA ASN A 63 0.86 3.71 16.48
C ASN A 63 1.75 4.71 15.74
N LEU A 64 1.15 5.82 15.32
CA LEU A 64 1.89 6.85 14.60
C LEU A 64 3.18 7.21 15.33
N LYS A 65 3.10 7.35 16.64
CA LYS A 65 4.27 7.68 17.45
C LYS A 65 5.40 6.69 17.20
N GLU A 66 5.04 5.42 17.08
CA GLU A 66 6.03 4.37 16.85
C GLU A 66 6.70 4.54 15.48
N ILE A 67 6.00 5.21 14.57
CA ILE A 67 6.52 5.45 13.23
C ILE A 67 6.95 6.90 13.06
N ASN A 68 8.13 7.11 12.47
CA ASN A 68 8.64 8.45 12.24
C ASN A 68 7.89 9.15 11.12
N LEU A 69 6.77 9.79 11.48
CA LEU A 69 5.96 10.50 10.50
C LEU A 69 6.83 11.33 9.56
N ARG A 70 7.88 11.92 10.11
CA ARG A 70 8.79 12.74 9.32
C ARG A 70 10.21 12.16 9.35
N PRO A 71 10.47 11.18 8.48
CA PRO A 71 11.78 10.53 8.39
C PRO A 71 12.84 11.45 7.80
N GLN A 72 12.40 12.50 7.11
CA GLN A 72 13.32 13.45 6.52
C GLN A 72 14.25 12.77 5.51
N MET A 73 13.68 11.84 4.75
CA MET A 73 14.44 11.10 3.75
C MET A 73 15.60 10.34 4.39
N SER A 74 15.31 9.72 5.53
CA SER A 74 16.33 8.96 6.26
C SER A 74 16.23 7.47 5.93
N GLN A 75 17.31 6.92 5.38
CA GLN A 75 17.36 5.51 5.02
C GLN A 75 17.06 4.63 6.22
N PHE A 76 17.60 4.99 7.37
CA PHE A 76 17.41 4.24 8.60
C PHE A 76 15.95 4.29 9.04
N LEU A 77 15.45 5.50 9.27
CA LEU A 77 14.07 5.69 9.69
C LEU A 77 13.10 5.05 8.71
N CYS A 78 13.31 5.32 7.43
CA CYS A 78 12.45 4.76 6.38
C CYS A 78 12.40 3.24 6.48
N LEU A 79 13.55 2.60 6.31
CA LEU A 79 13.62 1.14 6.38
C LEU A 79 12.88 0.61 7.60
N LYS A 80 13.11 1.24 8.74
CA LYS A 80 12.46 0.84 9.98
C LYS A 80 10.95 0.97 9.87
N ASN A 81 10.49 2.15 9.48
CA ASN A 81 9.06 2.40 9.35
C ASN A 81 8.39 1.28 8.57
N ILE A 82 8.84 1.04 7.35
CA ILE A 82 8.29 -0.01 6.51
C ILE A 82 8.07 -1.30 7.31
N ARG A 83 9.10 -1.73 8.03
CA ARG A 83 9.01 -2.93 8.84
C ARG A 83 7.79 -2.90 9.75
N THR A 84 7.58 -1.75 10.39
CA THR A 84 6.45 -1.58 11.30
C THR A 84 5.14 -1.99 10.63
N PHE A 85 4.90 -1.47 9.43
CA PHE A 85 3.69 -1.78 8.69
C PHE A 85 3.58 -3.28 8.43
N LEU A 86 4.49 -3.81 7.62
CA LEU A 86 4.49 -5.23 7.30
C LEU A 86 4.13 -6.07 8.52
N THR A 87 4.59 -5.64 9.69
CA THR A 87 4.31 -6.35 10.93
C THR A 87 2.81 -6.34 11.24
N ALA A 88 2.22 -5.15 11.27
CA ALA A 88 0.81 -5.01 11.55
C ALA A 88 -0.02 -5.93 10.66
N CYS A 89 0.34 -6.00 9.38
CA CYS A 89 -0.36 -6.84 8.42
C CYS A 89 -0.58 -8.24 8.98
N CYS A 90 0.24 -8.61 9.95
CA CYS A 90 0.15 -9.93 10.57
C CYS A 90 -0.29 -9.82 12.03
N GLU A 91 0.02 -8.69 12.65
CA GLU A 91 -0.34 -8.46 14.04
C GLU A 91 -1.78 -7.96 14.16
N THR A 92 -2.08 -6.89 13.44
CA THR A 92 -3.42 -6.31 13.47
C THR A 92 -4.41 -7.19 12.72
N PHE A 93 -4.03 -7.61 11.51
CA PHE A 93 -4.89 -8.46 10.68
C PHE A 93 -4.54 -9.93 10.89
N GLY A 94 -3.37 -10.32 10.39
CA GLY A 94 -2.94 -11.70 10.52
C GLY A 94 -2.98 -12.45 9.21
N MET A 95 -2.29 -11.92 8.21
CA MET A 95 -2.25 -12.54 6.89
C MET A 95 -0.91 -13.24 6.65
N ARG A 96 -0.82 -13.97 5.55
CA ARG A 96 0.40 -14.69 5.21
C ARG A 96 1.56 -13.73 4.95
N LYS A 97 2.59 -13.80 5.78
CA LYS A 97 3.76 -12.94 5.64
C LYS A 97 4.40 -13.11 4.27
N SER A 98 4.53 -14.36 3.84
CA SER A 98 5.13 -14.67 2.55
C SER A 98 4.53 -13.80 1.45
N GLU A 99 3.24 -13.50 1.57
CA GLU A 99 2.55 -12.67 0.59
C GLU A 99 3.08 -11.25 0.61
N LEU A 100 3.30 -10.71 1.81
CA LEU A 100 3.80 -9.35 1.96
C LEU A 100 5.01 -9.12 1.05
N PHE A 101 5.43 -7.86 0.93
CA PHE A 101 6.56 -7.50 0.10
C PHE A 101 7.83 -7.38 0.94
N GLU A 102 8.95 -7.12 0.26
CA GLU A 102 10.23 -6.97 0.95
C GLU A 102 10.50 -5.51 1.29
N ALA A 103 11.11 -5.29 2.45
CA ALA A 103 11.43 -3.94 2.90
C ALA A 103 12.17 -3.17 1.82
N PHE A 104 13.30 -3.72 1.37
CA PHE A 104 14.10 -3.08 0.35
C PHE A 104 13.30 -2.88 -0.94
N ASP A 105 12.72 -3.97 -1.44
CA ASP A 105 11.91 -3.91 -2.65
C ASP A 105 11.16 -2.59 -2.75
N LEU A 106 10.59 -2.15 -1.64
CA LEU A 106 9.84 -0.91 -1.59
C LEU A 106 10.78 0.28 -1.46
N PHE A 107 11.76 0.17 -0.57
CA PHE A 107 12.73 1.24 -0.35
C PHE A 107 13.38 1.66 -1.67
N ASP A 108 13.98 0.70 -2.36
CA ASP A 108 14.66 0.96 -3.62
C ASP A 108 13.67 0.83 -4.79
N VAL A 109 12.38 0.87 -4.48
CA VAL A 109 11.35 0.75 -5.51
C VAL A 109 11.73 -0.29 -6.55
N ARG A 110 12.37 -1.37 -6.09
CA ARG A 110 12.79 -2.44 -6.99
C ARG A 110 11.60 -2.99 -7.77
N ASP A 111 10.66 -3.61 -7.05
CA ASP A 111 9.48 -4.18 -7.67
C ASP A 111 8.22 -3.75 -6.93
N PHE A 112 7.65 -2.61 -7.34
CA PHE A 112 6.44 -2.09 -6.73
C PHE A 112 5.28 -3.06 -6.89
N GLY A 113 5.19 -3.69 -8.06
CA GLY A 113 4.13 -4.63 -8.32
C GLY A 113 3.89 -5.57 -7.15
N LYS A 114 4.97 -5.97 -6.49
CA LYS A 114 4.87 -6.88 -5.36
C LYS A 114 4.11 -6.23 -4.21
N VAL A 115 4.32 -4.93 -4.02
CA VAL A 115 3.64 -4.20 -2.96
C VAL A 115 2.15 -4.02 -3.26
N ILE A 116 1.85 -3.74 -4.52
CA ILE A 116 0.47 -3.55 -4.95
C ILE A 116 -0.37 -4.78 -4.65
N GLU A 117 0.14 -5.95 -5.05
CA GLU A 117 -0.56 -7.21 -4.82
C GLU A 117 -0.97 -7.36 -3.36
N THR A 118 -0.02 -7.13 -2.46
CA THR A 118 -0.27 -7.24 -1.03
C THR A 118 -1.62 -6.63 -0.67
N LEU A 119 -1.85 -5.40 -1.13
CA LEU A 119 -3.10 -4.71 -0.85
C LEU A 119 -4.30 -5.48 -1.41
N SER A 120 -4.14 -5.97 -2.64
CA SER A 120 -5.20 -6.73 -3.29
C SER A 120 -5.73 -7.83 -2.38
N ARG A 121 -4.81 -8.52 -1.70
CA ARG A 121 -5.17 -9.60 -0.80
C ARG A 121 -5.69 -9.04 0.53
N LEU A 122 -5.04 -8.00 1.02
CA LEU A 122 -5.43 -7.37 2.28
C LEU A 122 -6.88 -6.91 2.23
N SER A 123 -7.30 -6.46 1.05
CA SER A 123 -8.67 -5.98 0.87
C SER A 123 -9.68 -7.08 1.20
N ARG A 124 -9.28 -8.32 0.98
CA ARG A 124 -10.15 -9.46 1.25
C ARG A 124 -10.55 -9.50 2.72
N THR A 125 -9.60 -9.20 3.61
CA THR A 125 -9.85 -9.20 5.04
C THR A 125 -11.24 -8.65 5.36
N PRO A 126 -11.83 -9.14 6.45
CA PRO A 126 -13.16 -8.71 6.88
C PRO A 126 -13.18 -7.28 7.41
N ILE A 127 -12.01 -6.64 7.37
CA ILE A 127 -11.88 -5.26 7.84
C ILE A 127 -11.96 -4.27 6.68
N ALA A 128 -11.31 -4.61 5.57
CA ALA A 128 -11.31 -3.75 4.39
C ALA A 128 -12.69 -3.72 3.74
N LEU A 129 -13.35 -4.87 3.70
CA LEU A 129 -14.68 -4.96 3.11
C LEU A 129 -15.74 -4.37 4.04
N ALA A 130 -15.55 -4.56 5.34
CA ALA A 130 -16.47 -4.04 6.33
C ALA A 130 -16.85 -2.59 6.03
N THR A 131 -15.83 -1.79 5.69
CA THR A 131 -16.05 -0.38 5.38
C THR A 131 -16.92 -0.21 4.14
N GLY A 132 -16.73 -1.10 3.16
CA GLY A 132 -17.52 -1.03 1.95
C GLY A 132 -16.81 -0.25 0.85
N ILE A 133 -15.49 -0.24 0.89
CA ILE A 133 -14.69 0.46 -0.10
C ILE A 133 -14.45 -0.40 -1.34
N ARG A 134 -14.49 0.22 -2.51
CA ARG A 134 -14.27 -0.50 -3.76
C ARG A 134 -13.27 -1.63 -3.57
N PRO A 135 -13.78 -2.85 -3.36
CA PRO A 135 -12.95 -4.05 -3.17
C PRO A 135 -12.22 -4.46 -4.44
N PHE A 136 -11.11 -5.18 -4.27
CA PHE A 136 -10.32 -5.63 -5.42
C PHE A 136 -11.09 -6.67 -6.22
N PRO A 137 -10.75 -6.77 -7.52
CA PRO A 137 -11.39 -7.72 -8.43
C PRO A 137 -11.03 -9.17 -8.12
N SER A 138 -11.99 -10.07 -8.29
CA SER A 138 -11.76 -11.49 -8.02
C SER A 138 -11.08 -12.16 -9.21
N GLY A 139 -11.66 -12.00 -10.39
CA GLY A 139 -11.09 -12.60 -11.58
C GLY A 139 -11.78 -13.90 -11.96
N PRO A 140 -11.69 -14.27 -13.25
CA PRO A 140 -12.30 -15.51 -13.76
C PRO A 140 -11.58 -16.76 -13.25
N SER A 141 -10.49 -16.55 -12.52
CA SER A 141 -9.71 -17.66 -11.98
C SER A 141 -10.26 -18.11 -10.63
N SER A 142 -10.10 -19.39 -10.32
CA SER A 142 -10.58 -19.93 -9.06
C SER A 142 -9.47 -19.97 -8.02
N GLY A 143 -9.79 -19.58 -6.79
CA GLY A 143 -8.80 -19.57 -5.73
C GLY A 143 -9.42 -19.83 -4.37
N GLY A 1 12.49 1.91 -17.12
CA GLY A 1 13.35 2.50 -18.13
C GLY A 1 12.69 2.57 -19.49
N SER A 2 12.15 1.44 -19.95
CA SER A 2 11.49 1.38 -21.24
C SER A 2 10.01 1.71 -21.11
N SER A 3 9.39 2.13 -22.21
CA SER A 3 7.98 2.48 -22.22
C SER A 3 7.19 1.58 -21.28
N GLY A 4 7.23 0.29 -21.54
CA GLY A 4 6.52 -0.67 -20.70
C GLY A 4 5.17 -0.14 -20.24
N SER A 5 4.32 0.19 -21.20
CA SER A 5 2.99 0.72 -20.89
C SER A 5 1.94 0.13 -21.84
N SER A 6 1.09 -0.73 -21.29
CA SER A 6 0.04 -1.37 -22.08
C SER A 6 -1.21 -1.57 -21.25
N GLY A 7 -2.37 -1.41 -21.90
CA GLY A 7 -3.64 -1.58 -21.19
C GLY A 7 -3.75 -0.70 -19.97
N MET A 8 -3.81 -1.32 -18.79
CA MET A 8 -3.91 -0.57 -17.55
C MET A 8 -3.13 -1.26 -16.43
N GLU A 9 -2.07 -0.60 -15.96
CA GLU A 9 -1.23 -1.16 -14.90
C GLU A 9 -2.05 -1.40 -13.64
N PRO A 10 -1.57 -2.32 -12.78
CA PRO A 10 -2.24 -2.65 -11.53
C PRO A 10 -2.16 -1.52 -10.50
N TRP A 11 -1.33 -0.53 -10.80
CA TRP A 11 -1.16 0.62 -9.90
C TRP A 11 -2.19 1.70 -10.21
N LYS A 12 -2.49 1.89 -11.49
CA LYS A 12 -3.46 2.89 -11.91
C LYS A 12 -4.74 2.77 -11.09
N GLN A 13 -5.27 1.55 -11.00
CA GLN A 13 -6.50 1.31 -10.26
C GLN A 13 -6.27 1.43 -8.76
N CYS A 14 -5.15 0.86 -8.30
CA CYS A 14 -4.82 0.90 -6.87
C CYS A 14 -5.05 2.30 -6.31
N ALA A 15 -4.50 3.30 -6.98
CA ALA A 15 -4.65 4.69 -6.54
C ALA A 15 -6.05 4.94 -5.98
N GLN A 16 -7.06 4.44 -6.68
CA GLN A 16 -8.44 4.61 -6.25
C GLN A 16 -8.65 4.07 -4.84
N TRP A 17 -8.51 2.76 -4.69
CA TRP A 17 -8.68 2.12 -3.39
C TRP A 17 -8.08 2.99 -2.28
N LEU A 18 -6.88 3.49 -2.51
CA LEU A 18 -6.20 4.33 -1.53
C LEU A 18 -7.05 5.55 -1.17
N ILE A 19 -7.47 6.30 -2.18
CA ILE A 19 -8.30 7.48 -1.96
C ILE A 19 -9.54 7.14 -1.13
N HIS A 20 -10.13 6.00 -1.41
CA HIS A 20 -11.32 5.56 -0.69
C HIS A 20 -10.96 5.07 0.71
N CYS A 21 -9.77 4.50 0.84
CA CYS A 21 -9.30 3.98 2.12
C CYS A 21 -8.97 5.13 3.07
N LYS A 22 -9.13 6.35 2.59
CA LYS A 22 -8.85 7.53 3.39
C LYS A 22 -7.35 7.66 3.67
N VAL A 23 -6.55 7.54 2.61
CA VAL A 23 -5.11 7.65 2.73
C VAL A 23 -4.55 8.72 1.80
N LEU A 24 -5.26 8.97 0.69
CA LEU A 24 -4.83 9.96 -0.28
C LEU A 24 -6.00 10.85 -0.68
N PRO A 25 -5.69 12.10 -1.07
CA PRO A 25 -6.70 13.07 -1.50
C PRO A 25 -7.34 12.71 -2.84
N THR A 26 -8.47 13.33 -3.14
CA THR A 26 -9.17 13.07 -4.38
C THR A 26 -8.42 13.66 -5.57
N ASN A 27 -7.70 14.75 -5.32
CA ASN A 27 -6.94 15.41 -6.38
C ASN A 27 -5.45 15.14 -6.23
N HIS A 28 -5.12 14.05 -5.53
CA HIS A 28 -3.73 13.67 -5.31
C HIS A 28 -2.95 13.71 -6.62
N ARG A 29 -1.63 13.57 -6.52
CA ARG A 29 -0.77 13.59 -7.69
C ARG A 29 -0.83 12.25 -8.43
N VAL A 30 -0.79 11.16 -7.68
CA VAL A 30 -0.84 9.83 -8.26
C VAL A 30 -2.02 9.70 -9.22
N THR A 31 -3.10 10.42 -8.93
CA THR A 31 -4.29 10.39 -9.77
C THR A 31 -4.00 10.90 -11.17
N TRP A 32 -3.23 11.98 -11.25
CA TRP A 32 -2.88 12.58 -12.53
C TRP A 32 -2.35 11.52 -13.49
N ASP A 33 -2.92 11.48 -14.69
CA ASP A 33 -2.51 10.52 -15.71
C ASP A 33 -0.99 10.51 -15.86
N SER A 34 -0.38 11.69 -15.79
CA SER A 34 1.06 11.82 -15.93
C SER A 34 1.79 10.96 -14.90
N ALA A 35 1.25 10.94 -13.67
CA ALA A 35 1.84 10.15 -12.60
C ALA A 35 2.19 8.74 -13.07
N GLN A 36 3.02 8.06 -12.30
CA GLN A 36 3.43 6.70 -12.64
C GLN A 36 3.72 5.88 -11.38
N VAL A 37 3.81 4.57 -11.55
CA VAL A 37 4.08 3.67 -10.42
C VAL A 37 5.04 4.31 -9.43
N PHE A 38 6.16 4.81 -9.93
CA PHE A 38 7.17 5.46 -9.09
C PHE A 38 6.52 6.45 -8.14
N ASP A 39 5.84 7.45 -8.70
CA ASP A 39 5.18 8.46 -7.89
C ASP A 39 4.51 7.84 -6.67
N LEU A 40 3.57 6.93 -6.92
CA LEU A 40 2.85 6.26 -5.84
C LEU A 40 3.80 5.44 -4.99
N ALA A 41 4.90 4.98 -5.59
CA ALA A 41 5.89 4.18 -4.88
C ALA A 41 6.74 5.05 -3.97
N GLN A 42 6.78 6.34 -4.25
CA GLN A 42 7.56 7.28 -3.45
C GLN A 42 6.80 7.70 -2.21
N THR A 43 5.58 8.22 -2.39
CA THR A 43 4.75 8.66 -1.29
C THR A 43 4.68 7.59 -0.20
N LEU A 44 4.94 6.35 -0.58
CA LEU A 44 4.89 5.23 0.36
C LEU A 44 6.31 4.79 0.72
N ARG A 45 7.24 4.96 -0.20
CA ARG A 45 8.63 4.58 0.04
C ARG A 45 9.06 4.93 1.45
N ASP A 46 8.66 6.10 1.92
CA ASP A 46 8.99 6.55 3.27
C ASP A 46 8.52 5.55 4.31
N GLY A 47 7.27 5.11 4.18
CA GLY A 47 6.72 4.16 5.12
C GLY A 47 5.91 4.82 6.21
N VAL A 48 5.47 6.06 5.96
CA VAL A 48 4.69 6.81 6.94
C VAL A 48 3.19 6.72 6.63
N LEU A 49 2.87 6.58 5.36
CA LEU A 49 1.48 6.48 4.93
C LEU A 49 0.95 5.07 5.13
N LEU A 50 1.75 4.09 4.72
CA LEU A 50 1.37 2.68 4.85
C LEU A 50 0.68 2.43 6.19
N CYS A 51 1.37 2.74 7.27
CA CYS A 51 0.83 2.55 8.61
C CYS A 51 -0.57 3.16 8.72
N GLN A 52 -0.73 4.35 8.16
CA GLN A 52 -2.02 5.04 8.20
C GLN A 52 -3.12 4.17 7.60
N LEU A 53 -2.84 3.58 6.44
CA LEU A 53 -3.80 2.73 5.76
C LEU A 53 -4.51 1.81 6.75
N LEU A 54 -3.75 0.92 7.38
CA LEU A 54 -4.29 -0.02 8.36
C LEU A 54 -5.03 0.72 9.47
N ASN A 55 -4.42 1.80 9.96
CA ASN A 55 -5.01 2.60 11.02
C ASN A 55 -6.35 3.18 10.58
N ASN A 56 -6.53 3.31 9.28
CA ASN A 56 -7.77 3.85 8.72
C ASN A 56 -8.85 2.78 8.67
N LEU A 57 -8.49 1.59 8.20
CA LEU A 57 -9.42 0.48 8.09
C LEU A 57 -9.83 -0.02 9.48
N ARG A 58 -8.83 -0.31 10.32
CA ARG A 58 -9.07 -0.79 11.66
C ARG A 58 -8.55 0.19 12.71
N ALA A 59 -9.09 0.11 13.91
CA ALA A 59 -8.68 0.99 15.00
C ALA A 59 -7.56 0.36 15.82
N HIS A 60 -6.59 1.18 16.21
CA HIS A 60 -5.47 0.70 17.01
C HIS A 60 -4.63 -0.28 16.22
N SER A 61 -4.54 -0.07 14.91
CA SER A 61 -3.77 -0.95 14.04
C SER A 61 -2.28 -0.67 14.18
N ILE A 62 -1.91 0.60 14.16
CA ILE A 62 -0.52 1.00 14.28
C ILE A 62 -0.38 2.34 15.00
N ASN A 63 0.56 2.42 15.93
CA ASN A 63 0.79 3.64 16.69
C ASN A 63 1.66 4.62 15.90
N LEU A 64 1.11 5.79 15.60
CA LEU A 64 1.83 6.81 14.85
C LEU A 64 3.15 7.15 15.52
N LYS A 65 3.11 7.32 16.84
CA LYS A 65 4.31 7.64 17.60
C LYS A 65 5.40 6.59 17.38
N GLU A 66 4.98 5.34 17.23
CA GLU A 66 5.92 4.24 17.02
C GLU A 66 6.62 4.39 15.67
N ILE A 67 5.96 5.06 14.73
CA ILE A 67 6.53 5.27 13.41
C ILE A 67 7.09 6.68 13.27
N ASN A 68 8.33 6.78 12.79
CA ASN A 68 8.97 8.07 12.60
C ASN A 68 8.29 8.86 11.50
N LEU A 69 7.72 10.01 11.86
CA LEU A 69 7.04 10.87 10.90
C LEU A 69 7.98 11.94 10.36
N ARG A 70 7.97 12.13 9.04
CA ARG A 70 8.83 13.12 8.41
C ARG A 70 10.29 12.67 8.41
N PRO A 71 10.53 11.46 7.86
CA PRO A 71 11.88 10.89 7.78
C PRO A 71 12.77 11.63 6.79
N GLN A 72 12.23 12.69 6.20
CA GLN A 72 12.97 13.49 5.23
C GLN A 72 13.65 12.59 4.19
N MET A 73 12.99 11.48 3.86
CA MET A 73 13.52 10.54 2.89
C MET A 73 14.83 9.93 3.38
N SER A 74 14.82 9.43 4.61
CA SER A 74 16.01 8.82 5.19
C SER A 74 16.14 7.36 4.77
N GLN A 75 17.16 6.69 5.28
CA GLN A 75 17.40 5.30 4.96
C GLN A 75 17.06 4.40 6.14
N PHE A 76 17.56 4.75 7.31
CA PHE A 76 17.32 3.97 8.52
C PHE A 76 15.87 4.14 8.99
N LEU A 77 15.41 5.39 9.03
CA LEU A 77 14.05 5.68 9.46
C LEU A 77 13.03 5.01 8.54
N CYS A 78 13.19 5.22 7.24
CA CYS A 78 12.28 4.65 6.25
C CYS A 78 12.26 3.13 6.37
N LEU A 79 13.42 2.51 6.15
CA LEU A 79 13.54 1.06 6.23
C LEU A 79 12.84 0.51 7.47
N LYS A 80 13.09 1.15 8.61
CA LYS A 80 12.48 0.75 9.87
C LYS A 80 10.97 0.90 9.82
N ASN A 81 10.51 2.12 9.54
CA ASN A 81 9.08 2.39 9.45
C ASN A 81 8.35 1.30 8.68
N ILE A 82 8.72 1.14 7.41
CA ILE A 82 8.11 0.12 6.56
C ILE A 82 7.85 -1.16 7.33
N ARG A 83 8.91 -1.71 7.93
CA ARG A 83 8.79 -2.94 8.70
C ARG A 83 7.61 -2.88 9.66
N THR A 84 7.48 -1.76 10.37
CA THR A 84 6.39 -1.58 11.32
C THR A 84 5.05 -1.94 10.69
N PHE A 85 4.86 -1.55 9.44
CA PHE A 85 3.62 -1.84 8.73
C PHE A 85 3.46 -3.34 8.50
N LEU A 86 4.40 -3.92 7.74
CA LEU A 86 4.36 -5.35 7.44
C LEU A 86 4.07 -6.16 8.70
N THR A 87 4.51 -5.64 9.84
CA THR A 87 4.30 -6.32 11.11
C THR A 87 2.82 -6.38 11.46
N ALA A 88 2.17 -5.22 11.50
CA ALA A 88 0.75 -5.15 11.82
C ALA A 88 -0.07 -6.04 10.89
N CYS A 89 0.36 -6.11 9.64
CA CYS A 89 -0.34 -6.92 8.65
C CYS A 89 -0.47 -8.36 9.12
N CYS A 90 0.40 -8.76 10.04
CA CYS A 90 0.39 -10.12 10.57
C CYS A 90 -0.04 -10.12 12.04
N GLU A 91 0.24 -9.03 12.73
CA GLU A 91 -0.11 -8.90 14.14
C GLU A 91 -1.51 -8.33 14.30
N THR A 92 -1.75 -7.17 13.69
CA THR A 92 -3.04 -6.51 13.77
C THR A 92 -4.11 -7.30 13.01
N PHE A 93 -3.88 -7.52 11.72
CA PHE A 93 -4.81 -8.27 10.90
C PHE A 93 -4.52 -9.76 10.94
N GLY A 94 -3.36 -10.15 10.40
CA GLY A 94 -2.98 -11.55 10.38
C GLY A 94 -3.11 -12.17 9.01
N MET A 95 -2.39 -11.63 8.04
CA MET A 95 -2.42 -12.14 6.68
C MET A 95 -1.18 -12.96 6.36
N ARG A 96 -1.22 -13.70 5.27
CA ARG A 96 -0.10 -14.53 4.86
C ARG A 96 1.16 -13.68 4.67
N LYS A 97 2.04 -13.73 5.66
CA LYS A 97 3.28 -12.96 5.61
C LYS A 97 4.01 -13.20 4.29
N SER A 98 3.86 -14.39 3.73
CA SER A 98 4.50 -14.74 2.48
C SER A 98 4.03 -13.83 1.35
N GLU A 99 2.78 -13.38 1.45
CA GLU A 99 2.20 -12.50 0.44
C GLU A 99 2.82 -11.10 0.51
N LEU A 100 3.02 -10.62 1.73
CA LEU A 100 3.61 -9.29 1.94
C LEU A 100 4.83 -9.10 1.05
N PHE A 101 5.26 -7.85 0.92
CA PHE A 101 6.42 -7.52 0.10
C PHE A 101 7.68 -7.38 0.96
N GLU A 102 8.79 -7.02 0.32
CA GLU A 102 10.05 -6.85 1.04
C GLU A 102 10.35 -5.37 1.28
N ALA A 103 10.71 -5.04 2.51
CA ALA A 103 11.02 -3.67 2.88
C ALA A 103 11.95 -3.03 1.85
N PHE A 104 12.98 -3.78 1.44
CA PHE A 104 13.94 -3.29 0.47
C PHE A 104 13.26 -2.92 -0.84
N ASP A 105 12.66 -3.92 -1.49
CA ASP A 105 11.97 -3.71 -2.76
C ASP A 105 11.30 -2.34 -2.79
N LEU A 106 10.65 -1.98 -1.69
CA LEU A 106 9.97 -0.69 -1.59
C LEU A 106 10.98 0.45 -1.52
N PHE A 107 11.82 0.43 -0.50
CA PHE A 107 12.83 1.48 -0.33
C PHE A 107 13.60 1.71 -1.62
N ASP A 108 14.23 0.66 -2.13
CA ASP A 108 15.01 0.75 -3.36
C ASP A 108 14.08 0.74 -4.58
N VAL A 109 12.78 0.75 -4.33
CA VAL A 109 11.80 0.75 -5.40
C VAL A 109 12.20 -0.19 -6.52
N ARG A 110 12.54 -1.43 -6.16
CA ARG A 110 12.96 -2.43 -7.14
C ARG A 110 11.74 -3.00 -7.87
N ASP A 111 10.84 -3.62 -7.12
CA ASP A 111 9.64 -4.21 -7.70
C ASP A 111 8.40 -3.75 -6.94
N PHE A 112 7.86 -2.61 -7.35
CA PHE A 112 6.66 -2.06 -6.72
C PHE A 112 5.46 -2.99 -6.93
N GLY A 113 5.35 -3.54 -8.13
CA GLY A 113 4.25 -4.43 -8.44
C GLY A 113 3.98 -5.42 -7.33
N LYS A 114 5.02 -5.83 -6.63
CA LYS A 114 4.90 -6.78 -5.53
C LYS A 114 4.15 -6.16 -4.36
N VAL A 115 4.42 -4.88 -4.10
CA VAL A 115 3.76 -4.16 -3.01
C VAL A 115 2.28 -3.96 -3.30
N ILE A 116 1.96 -3.65 -4.55
CA ILE A 116 0.57 -3.43 -4.95
C ILE A 116 -0.28 -4.67 -4.68
N GLU A 117 0.20 -5.82 -5.13
CA GLU A 117 -0.52 -7.07 -4.94
C GLU A 117 -0.88 -7.27 -3.47
N THR A 118 0.11 -7.07 -2.60
CA THR A 118 -0.10 -7.23 -1.16
C THR A 118 -1.43 -6.62 -0.72
N LEU A 119 -1.74 -5.46 -1.27
CA LEU A 119 -2.98 -4.76 -0.94
C LEU A 119 -4.18 -5.46 -1.58
N SER A 120 -4.02 -5.88 -2.83
CA SER A 120 -5.07 -6.56 -3.56
C SER A 120 -5.68 -7.69 -2.72
N ARG A 121 -4.82 -8.39 -1.98
CA ARG A 121 -5.27 -9.50 -1.14
C ARG A 121 -5.80 -8.98 0.19
N LEU A 122 -5.05 -8.07 0.81
CA LEU A 122 -5.45 -7.49 2.09
C LEU A 122 -6.92 -7.10 2.08
N SER A 123 -7.35 -6.45 1.00
CA SER A 123 -8.74 -6.02 0.86
C SER A 123 -9.70 -7.14 1.26
N ARG A 124 -9.30 -8.38 0.96
CA ARG A 124 -10.13 -9.54 1.28
C ARG A 124 -10.53 -9.53 2.75
N THR A 125 -9.59 -9.18 3.62
CA THR A 125 -9.84 -9.13 5.05
C THR A 125 -11.23 -8.56 5.34
N PRO A 126 -11.85 -9.04 6.43
CA PRO A 126 -13.18 -8.60 6.85
C PRO A 126 -13.19 -7.16 7.36
N ILE A 127 -12.01 -6.54 7.36
CA ILE A 127 -11.88 -5.16 7.82
C ILE A 127 -11.96 -4.18 6.65
N ALA A 128 -11.32 -4.54 5.54
CA ALA A 128 -11.32 -3.69 4.35
C ALA A 128 -12.71 -3.67 3.70
N LEU A 129 -13.35 -4.83 3.62
CA LEU A 129 -14.68 -4.93 3.03
C LEU A 129 -15.73 -4.28 3.92
N ALA A 130 -15.57 -4.44 5.22
CA ALA A 130 -16.51 -3.85 6.18
C ALA A 130 -16.86 -2.43 5.80
N THR A 131 -15.85 -1.64 5.44
CA THR A 131 -16.06 -0.26 5.05
C THR A 131 -16.95 -0.16 3.82
N GLY A 132 -16.78 -1.09 2.89
CA GLY A 132 -17.58 -1.09 1.68
C GLY A 132 -16.89 -0.40 0.53
N ILE A 133 -15.56 -0.39 0.56
CA ILE A 133 -14.77 0.24 -0.49
C ILE A 133 -14.55 -0.72 -1.65
N ARG A 134 -14.67 -0.20 -2.87
CA ARG A 134 -14.47 -1.01 -4.07
C ARG A 134 -13.43 -2.09 -3.83
N PRO A 135 -13.89 -3.30 -3.49
CA PRO A 135 -13.02 -4.45 -3.24
C PRO A 135 -12.33 -4.95 -4.50
N PHE A 136 -11.08 -5.38 -4.36
CA PHE A 136 -10.32 -5.89 -5.50
C PHE A 136 -11.08 -7.01 -6.21
N PRO A 137 -10.84 -7.14 -7.51
CA PRO A 137 -11.50 -8.17 -8.33
C PRO A 137 -11.01 -9.57 -8.00
N SER A 138 -11.93 -10.42 -7.57
CA SER A 138 -11.59 -11.81 -7.21
C SER A 138 -11.29 -12.63 -8.46
N GLY A 139 -10.97 -13.91 -8.26
CA GLY A 139 -10.68 -14.78 -9.37
C GLY A 139 -11.74 -15.82 -9.60
N PRO A 140 -11.72 -16.46 -10.78
CA PRO A 140 -12.70 -17.49 -11.14
C PRO A 140 -12.52 -18.77 -10.34
N SER A 141 -11.27 -19.21 -10.21
CA SER A 141 -10.96 -20.43 -9.46
C SER A 141 -10.46 -20.09 -8.06
N SER A 142 -10.81 -20.94 -7.09
CA SER A 142 -10.40 -20.73 -5.71
C SER A 142 -9.29 -21.71 -5.32
N GLY A 143 -9.51 -22.99 -5.65
CA GLY A 143 -8.52 -24.00 -5.32
C GLY A 143 -7.27 -23.89 -6.17
N GLY A 1 13.09 -0.87 -25.89
CA GLY A 1 12.91 -0.40 -24.53
C GLY A 1 11.55 0.25 -24.33
N SER A 2 10.50 -0.44 -24.76
CA SER A 2 9.14 0.07 -24.62
C SER A 2 8.17 -1.06 -24.28
N SER A 3 7.53 -0.94 -23.12
CA SER A 3 6.57 -1.94 -22.67
C SER A 3 5.55 -2.24 -23.75
N GLY A 4 5.16 -3.51 -23.87
CA GLY A 4 4.19 -3.90 -24.87
C GLY A 4 2.79 -3.47 -24.51
N SER A 5 1.87 -4.43 -24.43
CA SER A 5 0.49 -4.14 -24.09
C SER A 5 0.40 -3.05 -23.04
N SER A 6 -0.70 -2.31 -23.04
CA SER A 6 -0.91 -1.22 -22.08
C SER A 6 -2.06 -1.54 -21.14
N GLY A 7 -3.19 -1.97 -21.70
CA GLY A 7 -4.35 -2.31 -20.89
C GLY A 7 -4.48 -1.40 -19.69
N MET A 8 -4.74 -2.01 -18.53
CA MET A 8 -4.90 -1.25 -17.29
C MET A 8 -3.91 -1.74 -16.23
N GLU A 9 -2.92 -0.91 -15.92
CA GLU A 9 -1.92 -1.26 -14.93
C GLU A 9 -2.57 -1.56 -13.58
N PRO A 10 -1.90 -2.41 -12.78
CA PRO A 10 -2.41 -2.79 -11.46
C PRO A 10 -2.34 -1.65 -10.46
N TRP A 11 -1.63 -0.59 -10.82
CA TRP A 11 -1.49 0.58 -9.95
C TRP A 11 -2.53 1.63 -10.28
N LYS A 12 -2.94 1.67 -11.55
CA LYS A 12 -3.93 2.64 -12.00
C LYS A 12 -5.22 2.51 -11.20
N GLN A 13 -5.64 1.27 -10.95
CA GLN A 13 -6.85 1.02 -10.18
C GLN A 13 -6.60 1.14 -8.68
N CYS A 14 -5.42 0.70 -8.26
CA CYS A 14 -5.05 0.77 -6.85
C CYS A 14 -5.25 2.17 -6.30
N ALA A 15 -4.74 3.17 -7.03
CA ALA A 15 -4.86 4.56 -6.61
C ALA A 15 -6.23 4.84 -6.01
N GLN A 16 -7.28 4.35 -6.68
CA GLN A 16 -8.64 4.54 -6.22
C GLN A 16 -8.81 4.07 -4.77
N TRP A 17 -8.61 2.77 -4.55
CA TRP A 17 -8.74 2.20 -3.22
C TRP A 17 -8.07 3.10 -2.18
N LEU A 18 -6.89 3.60 -2.50
CA LEU A 18 -6.16 4.48 -1.59
C LEU A 18 -6.97 5.73 -1.27
N ILE A 19 -7.42 6.41 -2.31
CA ILE A 19 -8.21 7.63 -2.13
C ILE A 19 -9.45 7.36 -1.29
N HIS A 20 -10.06 6.20 -1.49
CA HIS A 20 -11.25 5.82 -0.74
C HIS A 20 -10.88 5.30 0.65
N CYS A 21 -9.66 4.80 0.78
CA CYS A 21 -9.19 4.28 2.06
C CYS A 21 -8.76 5.41 2.99
N LYS A 22 -9.09 6.63 2.61
CA LYS A 22 -8.74 7.80 3.41
C LYS A 22 -7.23 7.88 3.63
N VAL A 23 -6.47 7.69 2.56
CA VAL A 23 -5.01 7.74 2.63
C VAL A 23 -4.44 8.74 1.65
N LEU A 24 -5.16 8.98 0.56
CA LEU A 24 -4.74 9.91 -0.47
C LEU A 24 -5.89 10.80 -0.93
N PRO A 25 -5.57 12.04 -1.32
CA PRO A 25 -6.58 13.00 -1.79
C PRO A 25 -7.16 12.61 -3.14
N THR A 26 -8.32 13.17 -3.47
CA THR A 26 -8.99 12.89 -4.74
C THR A 26 -8.23 13.50 -5.90
N ASN A 27 -7.50 14.58 -5.64
CA ASN A 27 -6.72 15.26 -6.66
C ASN A 27 -5.23 15.02 -6.48
N HIS A 28 -4.90 13.95 -5.75
CA HIS A 28 -3.50 13.61 -5.50
C HIS A 28 -2.69 13.66 -6.78
N ARG A 29 -1.37 13.55 -6.65
CA ARG A 29 -0.49 13.59 -7.80
C ARG A 29 -0.49 12.26 -8.54
N VAL A 30 -0.85 11.19 -7.83
CA VAL A 30 -0.89 9.86 -8.41
C VAL A 30 -2.14 9.69 -9.29
N THR A 31 -3.08 10.62 -9.16
CA THR A 31 -4.32 10.57 -9.93
C THR A 31 -4.10 11.11 -11.34
N TRP A 32 -3.09 11.94 -11.51
CA TRP A 32 -2.77 12.53 -12.81
C TRP A 32 -2.23 11.46 -13.76
N ASP A 33 -2.67 11.54 -15.01
CA ASP A 33 -2.23 10.58 -16.03
C ASP A 33 -0.71 10.56 -16.13
N SER A 34 -0.08 11.70 -15.88
CA SER A 34 1.37 11.83 -15.94
C SER A 34 2.04 10.95 -14.88
N ALA A 35 1.36 10.79 -13.75
CA ALA A 35 1.88 9.98 -12.66
C ALA A 35 2.04 8.53 -13.08
N GLN A 36 2.87 7.79 -12.36
CA GLN A 36 3.10 6.37 -12.66
C GLN A 36 3.41 5.59 -11.39
N VAL A 37 3.50 4.27 -11.52
CA VAL A 37 3.78 3.41 -10.39
C VAL A 37 4.76 4.07 -9.42
N PHE A 38 5.84 4.61 -9.96
CA PHE A 38 6.84 5.28 -9.14
C PHE A 38 6.20 6.29 -8.20
N ASP A 39 5.55 7.30 -8.77
CA ASP A 39 4.90 8.34 -7.98
C ASP A 39 4.19 7.73 -6.77
N LEU A 40 3.28 6.80 -7.03
CA LEU A 40 2.53 6.14 -5.96
C LEU A 40 3.45 5.25 -5.13
N ALA A 41 4.58 4.86 -5.71
CA ALA A 41 5.54 4.01 -5.02
C ALA A 41 6.50 4.84 -4.16
N GLN A 42 6.46 6.15 -4.35
CA GLN A 42 7.32 7.06 -3.60
C GLN A 42 6.65 7.47 -2.28
N THR A 43 5.45 8.03 -2.39
CA THR A 43 4.71 8.47 -1.22
C THR A 43 4.72 7.40 -0.13
N LEU A 44 4.93 6.16 -0.53
CA LEU A 44 4.95 5.04 0.41
C LEU A 44 6.39 4.66 0.75
N ARG A 45 7.29 4.82 -0.22
CA ARG A 45 8.70 4.49 -0.02
C ARG A 45 9.14 4.87 1.39
N ASP A 46 8.73 6.04 1.85
CA ASP A 46 9.09 6.51 3.18
C ASP A 46 8.56 5.57 4.26
N GLY A 47 7.30 5.18 4.12
CA GLY A 47 6.69 4.27 5.09
C GLY A 47 5.89 5.01 6.14
N VAL A 48 5.41 6.21 5.80
CA VAL A 48 4.61 7.01 6.72
C VAL A 48 3.13 6.90 6.41
N LEU A 49 2.81 6.66 5.14
CA LEU A 49 1.42 6.53 4.71
C LEU A 49 0.93 5.10 4.90
N LEU A 50 1.66 4.14 4.33
CA LEU A 50 1.30 2.73 4.44
C LEU A 50 0.69 2.43 5.81
N CYS A 51 1.42 2.75 6.87
CA CYS A 51 0.94 2.52 8.23
C CYS A 51 -0.46 3.09 8.41
N GLN A 52 -0.66 4.31 7.92
CA GLN A 52 -1.96 4.96 8.04
C GLN A 52 -3.08 4.07 7.49
N LEU A 53 -2.86 3.54 6.29
CA LEU A 53 -3.85 2.68 5.66
C LEU A 53 -4.48 1.73 6.68
N LEU A 54 -3.66 0.87 7.26
CA LEU A 54 -4.14 -0.10 8.25
C LEU A 54 -4.87 0.61 9.39
N ASN A 55 -4.36 1.77 9.79
CA ASN A 55 -4.97 2.55 10.86
C ASN A 55 -6.34 3.08 10.44
N ASN A 56 -6.53 3.22 9.13
CA ASN A 56 -7.80 3.71 8.60
C ASN A 56 -8.85 2.60 8.57
N LEU A 57 -8.43 1.41 8.13
CA LEU A 57 -9.33 0.27 8.05
C LEU A 57 -9.70 -0.23 9.44
N ARG A 58 -8.69 -0.56 10.23
CA ARG A 58 -8.90 -1.06 11.59
C ARG A 58 -8.36 -0.06 12.62
N ALA A 59 -8.96 -0.06 13.81
CA ALA A 59 -8.53 0.83 14.87
C ALA A 59 -7.40 0.22 15.69
N HIS A 60 -6.48 1.07 16.14
CA HIS A 60 -5.35 0.60 16.94
C HIS A 60 -4.49 -0.38 16.15
N SER A 61 -4.41 -0.15 14.84
CA SER A 61 -3.62 -1.02 13.97
C SER A 61 -2.13 -0.71 14.09
N ILE A 62 -1.80 0.57 14.07
CA ILE A 62 -0.40 1.00 14.19
C ILE A 62 -0.29 2.33 14.93
N ASN A 63 0.59 2.37 15.92
CA ASN A 63 0.78 3.59 16.71
C ASN A 63 1.63 4.59 15.95
N LEU A 64 1.01 5.68 15.52
CA LEU A 64 1.73 6.72 14.77
C LEU A 64 2.99 7.13 15.49
N LYS A 65 2.92 7.19 16.82
CA LYS A 65 4.08 7.57 17.64
C LYS A 65 5.22 6.58 17.46
N GLU A 66 4.87 5.30 17.34
CA GLU A 66 5.87 4.25 17.17
C GLU A 66 6.61 4.41 15.85
N ILE A 67 5.93 5.01 14.86
CA ILE A 67 6.52 5.23 13.55
C ILE A 67 6.98 6.67 13.38
N ASN A 68 8.16 6.84 12.79
CA ASN A 68 8.71 8.17 12.57
C ASN A 68 7.94 8.92 11.49
N LEU A 69 6.90 9.64 11.91
CA LEU A 69 6.08 10.40 10.98
C LEU A 69 6.93 11.31 10.11
N ARG A 70 8.10 11.68 10.64
CA ARG A 70 9.02 12.56 9.92
C ARG A 70 10.40 11.93 9.79
N PRO A 71 10.56 11.03 8.81
CA PRO A 71 11.82 10.34 8.57
C PRO A 71 12.91 11.27 8.03
N GLN A 72 12.49 12.44 7.56
CA GLN A 72 13.42 13.43 7.03
C GLN A 72 14.36 12.78 6.01
N MET A 73 13.81 11.90 5.18
CA MET A 73 14.59 11.22 4.16
C MET A 73 15.75 10.45 4.78
N SER A 74 15.44 9.63 5.79
CA SER A 74 16.46 8.84 6.47
C SER A 74 16.33 7.37 6.12
N GLN A 75 17.41 6.81 5.58
CA GLN A 75 17.42 5.39 5.19
C GLN A 75 17.05 4.50 6.38
N PHE A 76 17.60 4.83 7.54
CA PHE A 76 17.33 4.06 8.76
C PHE A 76 15.85 4.14 9.13
N LEU A 77 15.39 5.34 9.45
CA LEU A 77 13.99 5.54 9.83
C LEU A 77 13.06 5.00 8.75
N CYS A 78 13.24 5.47 7.51
CA CYS A 78 12.41 5.04 6.40
C CYS A 78 12.29 3.52 6.38
N LEU A 79 13.43 2.84 6.33
CA LEU A 79 13.45 1.38 6.30
C LEU A 79 12.66 0.80 7.46
N LYS A 80 12.87 1.34 8.66
CA LYS A 80 12.17 0.88 9.84
C LYS A 80 10.66 0.99 9.66
N ASN A 81 10.18 2.19 9.42
CA ASN A 81 8.75 2.43 9.22
C ASN A 81 8.11 1.27 8.45
N ILE A 82 8.61 1.03 7.25
CA ILE A 82 8.09 -0.05 6.40
C ILE A 82 7.89 -1.33 7.22
N ARG A 83 8.93 -1.72 7.95
CA ARG A 83 8.88 -2.93 8.77
C ARG A 83 7.70 -2.88 9.74
N THR A 84 7.55 -1.75 10.42
CA THR A 84 6.47 -1.58 11.37
C THR A 84 5.12 -1.94 10.75
N PHE A 85 4.96 -1.61 9.47
CA PHE A 85 3.72 -1.89 8.76
C PHE A 85 3.63 -3.37 8.42
N LEU A 86 4.59 -3.86 7.65
CA LEU A 86 4.61 -5.27 7.25
C LEU A 86 4.25 -6.18 8.42
N THR A 87 4.70 -5.80 9.61
CA THR A 87 4.43 -6.58 10.82
C THR A 87 2.95 -6.52 11.18
N ALA A 88 2.42 -5.30 11.25
CA ALA A 88 1.01 -5.10 11.59
C ALA A 88 0.10 -5.94 10.68
N CYS A 89 0.50 -6.08 9.43
CA CYS A 89 -0.28 -6.86 8.47
C CYS A 89 -0.53 -8.27 8.98
N CYS A 90 0.20 -8.65 10.01
CA CYS A 90 0.06 -9.99 10.60
C CYS A 90 -0.37 -9.89 12.07
N GLU A 91 0.21 -8.94 12.79
CA GLU A 91 -0.13 -8.74 14.19
C GLU A 91 -1.52 -8.15 14.35
N THR A 92 -1.84 -7.17 13.51
CA THR A 92 -3.14 -6.51 13.56
C THR A 92 -4.18 -7.29 12.76
N PHE A 93 -3.82 -7.65 11.53
CA PHE A 93 -4.73 -8.40 10.67
C PHE A 93 -4.47 -9.91 10.79
N GLY A 94 -3.29 -10.34 10.34
CA GLY A 94 -2.95 -11.75 10.40
C GLY A 94 -2.97 -12.41 9.04
N MET A 95 -2.14 -11.91 8.12
CA MET A 95 -2.06 -12.46 6.78
C MET A 95 -0.75 -13.19 6.57
N ARG A 96 -0.69 -14.01 5.52
CA ARG A 96 0.51 -14.78 5.21
C ARG A 96 1.70 -13.85 4.99
N LYS A 97 2.57 -13.75 6.00
CA LYS A 97 3.74 -12.90 5.93
C LYS A 97 4.45 -13.06 4.58
N SER A 98 4.24 -14.22 3.95
CA SER A 98 4.86 -14.50 2.66
C SER A 98 4.30 -13.57 1.58
N GLU A 99 3.00 -13.37 1.59
CA GLU A 99 2.34 -12.51 0.62
C GLU A 99 2.89 -11.09 0.69
N LEU A 100 3.32 -10.69 1.89
CA LEU A 100 3.87 -9.35 2.09
C LEU A 100 5.04 -9.10 1.15
N PHE A 101 5.45 -7.84 1.04
CA PHE A 101 6.56 -7.45 0.18
C PHE A 101 7.82 -7.18 0.99
N GLU A 102 8.96 -7.15 0.32
CA GLU A 102 10.23 -6.90 0.99
C GLU A 102 10.33 -5.46 1.45
N ALA A 103 11.11 -5.22 2.50
CA ALA A 103 11.29 -3.87 3.04
C ALA A 103 12.16 -3.03 2.13
N PHE A 104 12.96 -3.69 1.29
CA PHE A 104 13.85 -3.00 0.36
C PHE A 104 13.15 -2.73 -0.96
N ASP A 105 12.57 -3.78 -1.54
CA ASP A 105 11.87 -3.66 -2.81
C ASP A 105 11.10 -2.35 -2.89
N LEU A 106 10.50 -1.95 -1.78
CA LEU A 106 9.74 -0.72 -1.72
C LEU A 106 10.66 0.49 -1.61
N PHE A 107 11.60 0.43 -0.68
CA PHE A 107 12.55 1.52 -0.47
C PHE A 107 13.26 1.88 -1.79
N ASP A 108 13.93 0.90 -2.37
CA ASP A 108 14.65 1.10 -3.63
C ASP A 108 13.69 1.08 -4.81
N VAL A 109 12.40 0.94 -4.53
CA VAL A 109 11.38 0.90 -5.56
C VAL A 109 11.74 -0.11 -6.66
N ARG A 110 12.36 -1.21 -6.25
CA ARG A 110 12.76 -2.25 -7.19
C ARG A 110 11.57 -2.75 -7.99
N ASP A 111 10.65 -3.42 -7.31
CA ASP A 111 9.45 -3.95 -7.96
C ASP A 111 8.20 -3.56 -7.19
N PHE A 112 7.58 -2.45 -7.57
CA PHE A 112 6.38 -1.96 -6.91
C PHE A 112 5.24 -2.97 -7.07
N GLY A 113 5.22 -3.66 -8.21
CA GLY A 113 4.18 -4.64 -8.46
C GLY A 113 3.97 -5.58 -7.29
N LYS A 114 5.05 -5.92 -6.61
CA LYS A 114 4.98 -6.81 -5.46
C LYS A 114 4.25 -6.15 -4.29
N VAL A 115 4.45 -4.84 -4.15
CA VAL A 115 3.82 -4.08 -3.07
C VAL A 115 2.32 -3.91 -3.34
N ILE A 116 1.96 -3.73 -4.60
CA ILE A 116 0.57 -3.55 -4.98
C ILE A 116 -0.24 -4.81 -4.72
N GLU A 117 0.24 -5.93 -5.25
CA GLU A 117 -0.45 -7.21 -5.07
C GLU A 117 -0.85 -7.41 -3.62
N THR A 118 0.11 -7.22 -2.71
CA THR A 118 -0.16 -7.39 -1.28
C THR A 118 -1.46 -6.71 -0.88
N LEU A 119 -1.66 -5.48 -1.35
CA LEU A 119 -2.86 -4.73 -1.04
C LEU A 119 -4.08 -5.37 -1.69
N SER A 120 -3.89 -5.90 -2.90
CA SER A 120 -4.98 -6.55 -3.62
C SER A 120 -5.65 -7.63 -2.77
N ARG A 121 -4.83 -8.38 -2.05
CA ARG A 121 -5.32 -9.46 -1.20
C ARG A 121 -5.83 -8.90 0.14
N LEU A 122 -5.02 -8.06 0.76
CA LEU A 122 -5.38 -7.46 2.05
C LEU A 122 -6.86 -7.07 2.05
N SER A 123 -7.27 -6.32 1.03
CA SER A 123 -8.66 -5.88 0.93
C SER A 123 -9.62 -7.00 1.29
N ARG A 124 -9.32 -8.21 0.84
CA ARG A 124 -10.16 -9.37 1.12
C ARG A 124 -10.56 -9.40 2.58
N THR A 125 -9.62 -9.08 3.46
CA THR A 125 -9.88 -9.08 4.90
C THR A 125 -11.25 -8.50 5.21
N PRO A 126 -11.89 -9.02 6.27
CA PRO A 126 -13.22 -8.57 6.70
C PRO A 126 -13.20 -7.16 7.26
N ILE A 127 -12.03 -6.55 7.31
CA ILE A 127 -11.87 -5.20 7.83
C ILE A 127 -11.91 -4.17 6.70
N ALA A 128 -11.35 -4.53 5.55
CA ALA A 128 -11.34 -3.65 4.40
C ALA A 128 -12.71 -3.55 3.75
N LEU A 129 -13.36 -4.70 3.59
CA LEU A 129 -14.68 -4.74 2.98
C LEU A 129 -15.73 -4.12 3.90
N ALA A 130 -15.60 -4.38 5.19
CA ALA A 130 -16.52 -3.85 6.18
C ALA A 130 -16.87 -2.39 5.88
N THR A 131 -15.85 -1.58 5.64
CA THR A 131 -16.05 -0.17 5.33
C THR A 131 -16.96 0.01 4.11
N GLY A 132 -16.81 -0.89 3.14
CA GLY A 132 -17.61 -0.82 1.93
C GLY A 132 -16.91 -0.09 0.80
N ILE A 133 -15.58 -0.04 0.87
CA ILE A 133 -14.79 0.63 -0.15
C ILE A 133 -14.58 -0.27 -1.36
N ARG A 134 -14.58 0.32 -2.55
CA ARG A 134 -14.38 -0.42 -3.79
C ARG A 134 -13.30 -1.48 -3.61
N PRO A 135 -13.73 -2.74 -3.43
CA PRO A 135 -12.80 -3.87 -3.26
C PRO A 135 -12.04 -4.20 -4.53
N PHE A 136 -11.02 -5.05 -4.41
CA PHE A 136 -10.22 -5.45 -5.55
C PHE A 136 -10.97 -6.43 -6.44
N PRO A 137 -10.73 -6.36 -7.75
CA PRO A 137 -11.38 -7.23 -8.74
C PRO A 137 -10.91 -8.68 -8.63
N SER A 138 -11.51 -9.42 -7.70
CA SER A 138 -11.15 -10.81 -7.48
C SER A 138 -12.29 -11.57 -6.80
N GLY A 139 -12.77 -12.62 -7.47
CA GLY A 139 -13.85 -13.40 -6.92
C GLY A 139 -13.46 -14.85 -6.68
N PRO A 140 -14.31 -15.58 -5.95
CA PRO A 140 -14.07 -17.00 -5.64
C PRO A 140 -14.19 -17.89 -6.86
N SER A 141 -14.56 -17.29 -7.99
CA SER A 141 -14.72 -18.04 -9.23
C SER A 141 -13.37 -18.28 -9.90
N SER A 142 -12.98 -19.55 -10.01
CA SER A 142 -11.70 -19.91 -10.62
C SER A 142 -11.90 -21.01 -11.67
N GLY A 143 -12.59 -22.08 -11.27
CA GLY A 143 -12.82 -23.18 -12.19
C GLY A 143 -12.15 -24.47 -11.73
N GLY A 1 9.97 -8.23 -22.44
CA GLY A 1 9.71 -9.07 -23.59
C GLY A 1 8.59 -8.53 -24.46
N SER A 2 7.57 -9.34 -24.69
CA SER A 2 6.43 -8.93 -25.51
C SER A 2 5.29 -8.41 -24.65
N SER A 3 4.75 -7.26 -25.03
CA SER A 3 3.65 -6.64 -24.28
C SER A 3 2.33 -7.34 -24.62
N GLY A 4 2.08 -7.54 -25.91
CA GLY A 4 0.85 -8.18 -26.34
C GLY A 4 -0.36 -7.28 -26.20
N SER A 5 -0.86 -7.14 -24.98
CA SER A 5 -2.02 -6.30 -24.72
C SER A 5 -1.80 -5.43 -23.49
N SER A 6 -1.51 -4.15 -23.72
CA SER A 6 -1.27 -3.22 -22.62
C SER A 6 -2.29 -2.09 -22.64
N GLY A 7 -3.02 -1.94 -21.54
CA GLY A 7 -4.02 -0.89 -21.46
C GLY A 7 -3.91 -0.08 -20.18
N MET A 8 -4.21 -0.70 -19.05
CA MET A 8 -4.14 -0.02 -17.76
C MET A 8 -3.36 -0.87 -16.75
N GLU A 9 -2.29 -0.28 -16.20
CA GLU A 9 -1.47 -0.97 -15.22
C GLU A 9 -2.25 -1.23 -13.93
N PRO A 10 -1.75 -2.19 -13.13
CA PRO A 10 -2.39 -2.55 -11.86
C PRO A 10 -2.24 -1.46 -10.81
N TRP A 11 -1.31 -0.53 -11.04
CA TRP A 11 -1.07 0.56 -10.11
C TRP A 11 -2.06 1.69 -10.34
N LYS A 12 -2.41 1.93 -11.60
CA LYS A 12 -3.36 2.98 -11.94
C LYS A 12 -4.65 2.84 -11.14
N GLN A 13 -5.20 1.64 -11.12
CA GLN A 13 -6.43 1.37 -10.37
C GLN A 13 -6.19 1.44 -8.87
N CYS A 14 -5.08 0.84 -8.43
CA CYS A 14 -4.74 0.84 -7.01
C CYS A 14 -4.86 2.24 -6.41
N ALA A 15 -4.45 3.24 -7.17
CA ALA A 15 -4.51 4.62 -6.71
C ALA A 15 -5.89 4.94 -6.13
N GLN A 16 -6.93 4.53 -6.84
CA GLN A 16 -8.30 4.77 -6.39
C GLN A 16 -8.51 4.22 -4.98
N TRP A 17 -8.42 2.90 -4.85
CA TRP A 17 -8.61 2.25 -3.56
C TRP A 17 -7.97 3.06 -2.44
N LEU A 18 -6.76 3.54 -2.69
CA LEU A 18 -6.05 4.34 -1.70
C LEU A 18 -6.85 5.58 -1.30
N ILE A 19 -7.33 6.30 -2.30
CA ILE A 19 -8.12 7.50 -2.06
C ILE A 19 -9.35 7.20 -1.20
N HIS A 20 -10.02 6.11 -1.52
CA HIS A 20 -11.21 5.69 -0.78
C HIS A 20 -10.83 5.19 0.61
N CYS A 21 -9.65 4.59 0.72
CA CYS A 21 -9.17 4.07 2.00
C CYS A 21 -8.84 5.20 2.96
N LYS A 22 -9.00 6.43 2.50
CA LYS A 22 -8.72 7.59 3.32
C LYS A 22 -7.22 7.73 3.60
N VAL A 23 -6.43 7.65 2.54
CA VAL A 23 -4.98 7.75 2.66
C VAL A 23 -4.42 8.80 1.71
N LEU A 24 -5.10 9.00 0.59
CA LEU A 24 -4.68 9.97 -0.41
C LEU A 24 -5.86 10.85 -0.84
N PRO A 25 -5.54 12.10 -1.24
CA PRO A 25 -6.55 13.05 -1.69
C PRO A 25 -7.17 12.68 -3.04
N THR A 26 -8.44 13.00 -3.21
CA THR A 26 -9.14 12.69 -4.45
C THR A 26 -8.46 13.35 -5.65
N ASN A 27 -7.76 14.46 -5.38
CA ASN A 27 -7.06 15.18 -6.44
C ASN A 27 -5.55 15.04 -6.30
N HIS A 28 -5.12 13.94 -5.67
CA HIS A 28 -3.71 13.68 -5.47
C HIS A 28 -2.94 13.77 -6.79
N ARG A 29 -1.64 13.54 -6.73
CA ARG A 29 -0.80 13.60 -7.92
C ARG A 29 -0.83 12.28 -8.68
N VAL A 30 -0.83 11.17 -7.94
CA VAL A 30 -0.86 9.85 -8.55
C VAL A 30 -2.06 9.70 -9.48
N THR A 31 -3.11 10.48 -9.21
CA THR A 31 -4.32 10.44 -10.01
C THR A 31 -4.07 10.99 -11.41
N TRP A 32 -3.14 11.94 -11.50
CA TRP A 32 -2.81 12.55 -12.78
C TRP A 32 -2.22 11.52 -13.75
N ASP A 33 -2.83 11.42 -14.92
CA ASP A 33 -2.37 10.47 -15.94
C ASP A 33 -0.84 10.47 -16.03
N SER A 34 -0.25 11.64 -15.84
CA SER A 34 1.20 11.77 -15.91
C SER A 34 1.88 10.89 -14.86
N ALA A 35 1.29 10.85 -13.67
CA ALA A 35 1.83 10.05 -12.58
C ALA A 35 2.21 8.65 -13.07
N GLN A 36 3.12 8.00 -12.33
CA GLN A 36 3.57 6.66 -12.69
C GLN A 36 3.83 5.83 -11.44
N VAL A 37 3.91 4.51 -11.62
CA VAL A 37 4.15 3.60 -10.51
C VAL A 37 5.12 4.22 -9.50
N PHE A 38 6.21 4.77 -10.00
CA PHE A 38 7.21 5.40 -9.14
C PHE A 38 6.56 6.41 -8.20
N ASP A 39 5.93 7.42 -8.77
CA ASP A 39 5.26 8.45 -7.98
C ASP A 39 4.51 7.84 -6.82
N LEU A 40 3.57 6.95 -7.12
CA LEU A 40 2.76 6.29 -6.10
C LEU A 40 3.64 5.42 -5.21
N ALA A 41 4.81 5.06 -5.70
CA ALA A 41 5.74 4.22 -4.96
C ALA A 41 6.61 5.06 -4.02
N GLN A 42 6.70 6.36 -4.31
CA GLN A 42 7.49 7.27 -3.49
C GLN A 42 6.70 7.72 -2.26
N THR A 43 5.44 8.09 -2.46
CA THR A 43 4.60 8.54 -1.37
C THR A 43 4.53 7.49 -0.26
N LEU A 44 4.85 6.24 -0.61
CA LEU A 44 4.83 5.16 0.36
C LEU A 44 6.25 4.74 0.75
N ARG A 45 7.17 4.87 -0.20
CA ARG A 45 8.56 4.51 0.04
C ARG A 45 8.97 4.84 1.47
N ASP A 46 8.65 6.06 1.90
CA ASP A 46 8.98 6.51 3.25
C ASP A 46 8.46 5.53 4.29
N GLY A 47 7.16 5.23 4.22
CA GLY A 47 6.55 4.31 5.16
C GLY A 47 5.72 5.03 6.21
N VAL A 48 5.32 6.25 5.91
CA VAL A 48 4.51 7.03 6.83
C VAL A 48 3.02 6.91 6.52
N LEU A 49 2.72 6.68 5.25
CA LEU A 49 1.33 6.54 4.82
C LEU A 49 0.85 5.10 5.00
N LEU A 50 1.58 4.16 4.41
CA LEU A 50 1.22 2.75 4.51
C LEU A 50 0.61 2.43 5.87
N CYS A 51 1.36 2.69 6.93
CA CYS A 51 0.89 2.44 8.29
C CYS A 51 -0.52 2.99 8.48
N GLN A 52 -0.75 4.19 7.95
CA GLN A 52 -2.06 4.83 8.07
C GLN A 52 -3.16 3.95 7.48
N LEU A 53 -2.95 3.49 6.25
CA LEU A 53 -3.92 2.65 5.58
C LEU A 53 -4.60 1.70 6.57
N LEU A 54 -3.79 0.90 7.27
CA LEU A 54 -4.31 -0.04 8.25
C LEU A 54 -5.07 0.68 9.36
N ASN A 55 -4.50 1.79 9.83
CA ASN A 55 -5.13 2.57 10.88
C ASN A 55 -6.50 3.08 10.45
N ASN A 56 -6.72 3.14 9.14
CA ASN A 56 -7.98 3.61 8.59
C ASN A 56 -9.01 2.50 8.60
N LEU A 57 -8.59 1.29 8.23
CA LEU A 57 -9.49 0.14 8.20
C LEU A 57 -9.81 -0.33 9.61
N ARG A 58 -8.78 -0.61 10.39
CA ARG A 58 -8.96 -1.06 11.77
C ARG A 58 -8.39 -0.06 12.76
N ALA A 59 -8.95 -0.04 13.97
CA ALA A 59 -8.49 0.87 15.01
C ALA A 59 -7.31 0.28 15.78
N HIS A 60 -6.43 1.15 16.26
CA HIS A 60 -5.25 0.71 17.02
C HIS A 60 -4.41 -0.27 16.19
N SER A 61 -4.40 -0.07 14.89
CA SER A 61 -3.63 -0.93 13.99
C SER A 61 -2.14 -0.64 14.09
N ILE A 62 -1.80 0.65 14.16
CA ILE A 62 -0.41 1.06 14.25
C ILE A 62 -0.28 2.37 15.04
N ASN A 63 0.66 2.40 15.97
CA ASN A 63 0.89 3.58 16.79
C ASN A 63 1.74 4.61 16.04
N LEU A 64 1.08 5.64 15.52
CA LEU A 64 1.76 6.69 14.78
C LEU A 64 3.06 7.08 15.47
N LYS A 65 3.05 7.04 16.80
CA LYS A 65 4.23 7.39 17.59
C LYS A 65 5.35 6.38 17.37
N GLU A 66 4.99 5.11 17.26
CA GLU A 66 5.96 4.04 17.05
C GLU A 66 6.63 4.18 15.69
N ILE A 67 6.01 4.96 14.81
CA ILE A 67 6.55 5.18 13.47
C ILE A 67 6.97 6.63 13.28
N ASN A 68 8.09 6.83 12.58
CA ASN A 68 8.60 8.17 12.32
C ASN A 68 7.78 8.86 11.23
N LEU A 69 6.76 9.60 11.65
CA LEU A 69 5.90 10.32 10.72
C LEU A 69 6.72 11.19 9.77
N ARG A 70 7.81 11.76 10.29
CA ARG A 70 8.68 12.61 9.49
C ARG A 70 10.11 12.08 9.51
N PRO A 71 10.38 11.10 8.65
CA PRO A 71 11.70 10.48 8.53
C PRO A 71 12.73 11.44 7.92
N GLN A 72 12.25 12.53 7.36
CA GLN A 72 13.13 13.52 6.73
C GLN A 72 14.04 12.86 5.70
N MET A 73 13.49 11.92 4.95
CA MET A 73 14.25 11.21 3.92
C MET A 73 15.42 10.45 4.54
N SER A 74 15.12 9.66 5.57
CA SER A 74 16.14 8.88 6.25
C SER A 74 16.03 7.40 5.89
N GLN A 75 17.13 6.82 5.44
CA GLN A 75 17.16 5.41 5.05
C GLN A 75 16.86 4.52 6.25
N PHE A 76 17.39 4.90 7.41
CA PHE A 76 17.19 4.13 8.63
C PHE A 76 15.73 4.23 9.09
N LEU A 77 15.24 5.45 9.24
CA LEU A 77 13.88 5.68 9.68
C LEU A 77 12.87 5.10 8.68
N CYS A 78 13.12 5.34 7.41
CA CYS A 78 12.24 4.84 6.36
C CYS A 78 12.18 3.32 6.37
N LEU A 79 13.32 2.69 6.13
CA LEU A 79 13.40 1.22 6.12
C LEU A 79 12.63 0.63 7.28
N LYS A 80 12.89 1.15 8.48
CA LYS A 80 12.21 0.67 9.68
C LYS A 80 10.69 0.81 9.56
N ASN A 81 10.25 2.02 9.19
CA ASN A 81 8.82 2.28 9.03
C ASN A 81 8.15 1.16 8.24
N ILE A 82 8.60 0.95 7.01
CA ILE A 82 8.04 -0.09 6.16
C ILE A 82 7.82 -1.38 6.94
N ARG A 83 8.83 -1.79 7.70
CA ARG A 83 8.75 -3.01 8.49
C ARG A 83 7.61 -2.93 9.50
N THR A 84 7.49 -1.77 10.15
CA THR A 84 6.44 -1.57 11.14
C THR A 84 5.07 -1.91 10.58
N PHE A 85 4.86 -1.58 9.31
CA PHE A 85 3.59 -1.86 8.65
C PHE A 85 3.43 -3.36 8.40
N LEU A 86 4.42 -3.95 7.76
CA LEU A 86 4.39 -5.38 7.45
C LEU A 86 4.06 -6.20 8.70
N THR A 87 4.46 -5.68 9.86
CA THR A 87 4.20 -6.37 11.12
C THR A 87 2.72 -6.38 11.44
N ALA A 88 2.09 -5.21 11.41
CA ALA A 88 0.67 -5.09 11.70
C ALA A 88 -0.15 -5.98 10.78
N CYS A 89 0.31 -6.13 9.55
CA CYS A 89 -0.38 -6.96 8.56
C CYS A 89 -0.46 -8.41 9.03
N CYS A 90 0.31 -8.74 10.06
CA CYS A 90 0.34 -10.09 10.60
C CYS A 90 -0.11 -10.10 12.06
N GLU A 91 0.04 -8.95 12.72
CA GLU A 91 -0.35 -8.83 14.13
C GLU A 91 -1.78 -8.31 14.25
N THR A 92 -2.02 -7.15 13.64
CA THR A 92 -3.35 -6.53 13.69
C THR A 92 -4.37 -7.37 12.93
N PHE A 93 -4.13 -7.56 11.64
CA PHE A 93 -5.03 -8.35 10.80
C PHE A 93 -4.71 -9.84 10.91
N GLY A 94 -3.50 -10.21 10.49
CA GLY A 94 -3.09 -11.60 10.54
C GLY A 94 -3.07 -12.24 9.18
N MET A 95 -2.16 -11.79 8.32
CA MET A 95 -2.04 -12.33 6.97
C MET A 95 -0.79 -13.20 6.85
N ARG A 96 -0.61 -13.78 5.66
CA ARG A 96 0.55 -14.64 5.41
C ARG A 96 1.80 -13.80 5.17
N LYS A 97 2.79 -13.94 6.05
CA LYS A 97 4.03 -13.20 5.93
C LYS A 97 4.71 -13.49 4.60
N SER A 98 4.52 -14.71 4.09
CA SER A 98 5.12 -15.11 2.83
C SER A 98 4.51 -14.33 1.67
N GLU A 99 3.35 -13.73 1.91
CA GLU A 99 2.66 -12.95 0.87
C GLU A 99 3.13 -11.50 0.89
N LEU A 100 3.39 -10.98 2.09
CA LEU A 100 3.85 -9.60 2.23
C LEU A 100 5.06 -9.33 1.33
N PHE A 101 5.29 -8.05 1.04
CA PHE A 101 6.41 -7.66 0.19
C PHE A 101 7.65 -7.36 1.03
N GLU A 102 8.81 -7.40 0.39
CA GLU A 102 10.07 -7.15 1.08
C GLU A 102 10.14 -5.70 1.56
N ALA A 103 11.26 -5.33 2.16
CA ALA A 103 11.46 -3.98 2.67
C ALA A 103 12.20 -3.12 1.65
N PHE A 104 13.17 -3.72 0.98
CA PHE A 104 13.97 -3.01 -0.03
C PHE A 104 13.16 -2.80 -1.31
N ASP A 105 12.48 -3.86 -1.75
CA ASP A 105 11.67 -3.80 -2.96
C ASP A 105 10.97 -2.45 -3.08
N LEU A 106 10.46 -1.95 -1.95
CA LEU A 106 9.76 -0.67 -1.93
C LEU A 106 10.75 0.48 -1.79
N PHE A 107 11.62 0.39 -0.79
CA PHE A 107 12.62 1.43 -0.56
C PHE A 107 13.32 1.82 -1.86
N ASP A 108 13.93 0.85 -2.52
CA ASP A 108 14.63 1.09 -3.77
C ASP A 108 13.67 1.03 -4.95
N VAL A 109 12.38 1.14 -4.66
CA VAL A 109 11.34 1.10 -5.70
C VAL A 109 11.74 0.13 -6.80
N ARG A 110 12.28 -1.02 -6.41
CA ARG A 110 12.69 -2.04 -7.37
C ARG A 110 11.47 -2.69 -8.04
N ASP A 111 10.71 -3.44 -7.26
CA ASP A 111 9.52 -4.11 -7.78
C ASP A 111 8.27 -3.64 -7.03
N PHE A 112 7.71 -2.53 -7.49
CA PHE A 112 6.51 -1.96 -6.88
C PHE A 112 5.32 -2.90 -7.05
N GLY A 113 5.25 -3.55 -8.21
CA GLY A 113 4.15 -4.46 -8.48
C GLY A 113 3.91 -5.43 -7.34
N LYS A 114 5.00 -5.90 -6.72
CA LYS A 114 4.90 -6.84 -5.61
C LYS A 114 4.15 -6.22 -4.45
N VAL A 115 4.36 -4.92 -4.23
CA VAL A 115 3.69 -4.20 -3.15
C VAL A 115 2.21 -4.01 -3.44
N ILE A 116 1.89 -3.72 -4.69
CA ILE A 116 0.50 -3.51 -5.10
C ILE A 116 -0.35 -4.74 -4.81
N GLU A 117 0.12 -5.90 -5.24
CA GLU A 117 -0.60 -7.15 -5.02
C GLU A 117 -0.84 -7.37 -3.53
N THR A 118 0.16 -7.06 -2.72
CA THR A 118 0.05 -7.24 -1.27
C THR A 118 -1.27 -6.69 -0.76
N LEU A 119 -1.72 -5.58 -1.33
CA LEU A 119 -2.98 -4.97 -0.93
C LEU A 119 -4.17 -5.78 -1.43
N SER A 120 -4.14 -6.14 -2.70
CA SER A 120 -5.22 -6.91 -3.31
C SER A 120 -5.80 -7.90 -2.30
N ARG A 121 -4.94 -8.61 -1.60
CA ARG A 121 -5.36 -9.59 -0.61
C ARG A 121 -5.92 -8.88 0.63
N LEU A 122 -5.08 -8.08 1.27
CA LEU A 122 -5.48 -7.36 2.47
C LEU A 122 -6.89 -6.79 2.33
N SER A 123 -7.31 -6.57 1.07
CA SER A 123 -8.63 -6.03 0.79
C SER A 123 -9.69 -7.12 0.88
N ARG A 124 -9.33 -8.24 1.48
CA ARG A 124 -10.25 -9.37 1.62
C ARG A 124 -10.65 -9.56 3.09
N THR A 125 -9.88 -8.97 3.98
CA THR A 125 -10.15 -9.07 5.42
C THR A 125 -11.52 -8.48 5.74
N PRO A 126 -12.13 -8.98 6.85
CA PRO A 126 -13.44 -8.51 7.29
C PRO A 126 -13.40 -7.09 7.84
N ILE A 127 -12.24 -6.46 7.75
CA ILE A 127 -12.07 -5.10 8.24
C ILE A 127 -11.94 -4.11 7.08
N ALA A 128 -11.39 -4.58 5.97
CA ALA A 128 -11.22 -3.75 4.78
C ALA A 128 -12.53 -3.59 4.03
N LEU A 129 -13.33 -4.64 4.00
CA LEU A 129 -14.61 -4.61 3.32
C LEU A 129 -15.67 -3.89 4.17
N ALA A 130 -15.65 -4.16 5.47
CA ALA A 130 -16.59 -3.53 6.39
C ALA A 130 -16.84 -2.08 6.02
N THR A 131 -15.77 -1.39 5.60
CA THR A 131 -15.87 0.02 5.22
C THR A 131 -16.76 0.19 3.98
N GLY A 132 -16.63 -0.73 3.03
CA GLY A 132 -17.42 -0.67 1.82
C GLY A 132 -16.67 0.00 0.68
N ILE A 133 -15.34 -0.11 0.70
CA ILE A 133 -14.52 0.48 -0.35
C ILE A 133 -14.34 -0.47 -1.52
N ARG A 134 -14.39 0.08 -2.73
CA ARG A 134 -14.24 -0.73 -3.94
C ARG A 134 -13.27 -1.88 -3.70
N PRO A 135 -13.82 -3.07 -3.41
CA PRO A 135 -13.00 -4.26 -3.16
C PRO A 135 -12.33 -4.78 -4.43
N PHE A 136 -11.14 -5.36 -4.27
CA PHE A 136 -10.39 -5.89 -5.40
C PHE A 136 -11.18 -6.97 -6.11
N PRO A 137 -10.98 -7.07 -7.44
CA PRO A 137 -11.67 -8.06 -8.27
C PRO A 137 -11.21 -9.49 -7.98
N SER A 138 -11.87 -10.46 -8.62
CA SER A 138 -11.52 -11.86 -8.43
C SER A 138 -10.14 -12.17 -9.01
N GLY A 139 -9.10 -11.92 -8.22
CA GLY A 139 -7.74 -12.18 -8.67
C GLY A 139 -7.41 -13.65 -8.70
N PRO A 140 -6.26 -14.00 -9.29
CA PRO A 140 -5.79 -15.38 -9.39
C PRO A 140 -5.37 -15.94 -8.04
N SER A 141 -5.99 -17.05 -7.65
CA SER A 141 -5.69 -17.70 -6.37
C SER A 141 -6.16 -19.15 -6.36
N SER A 142 -5.22 -20.07 -6.23
CA SER A 142 -5.55 -21.50 -6.21
C SER A 142 -6.32 -21.85 -4.94
N GLY A 143 -6.80 -23.09 -4.89
CA GLY A 143 -7.55 -23.55 -3.74
C GLY A 143 -6.67 -24.24 -2.70
N GLY A 1 10.29 -14.78 -18.94
CA GLY A 1 8.92 -14.32 -19.06
C GLY A 1 8.81 -12.82 -19.09
N SER A 2 8.23 -12.25 -18.03
CA SER A 2 8.06 -10.81 -17.94
C SER A 2 7.15 -10.29 -19.05
N SER A 3 6.22 -11.14 -19.48
CA SER A 3 5.29 -10.78 -20.54
C SER A 3 3.87 -10.64 -19.99
N GLY A 4 3.34 -9.43 -20.03
CA GLY A 4 2.00 -9.17 -19.53
C GLY A 4 1.63 -7.71 -19.58
N SER A 5 1.50 -7.09 -18.41
CA SER A 5 1.14 -5.68 -18.33
C SER A 5 0.02 -5.35 -19.30
N SER A 6 -0.99 -6.21 -19.35
CA SER A 6 -2.13 -6.01 -20.25
C SER A 6 -3.19 -5.15 -19.58
N GLY A 7 -4.20 -4.75 -20.36
CA GLY A 7 -5.26 -3.93 -19.83
C GLY A 7 -4.75 -2.69 -19.13
N MET A 8 -5.15 -2.50 -17.87
CA MET A 8 -4.72 -1.36 -17.09
C MET A 8 -3.73 -1.77 -16.01
N GLU A 9 -2.70 -0.95 -15.81
CA GLU A 9 -1.67 -1.24 -14.82
C GLU A 9 -2.30 -1.47 -13.45
N PRO A 10 -1.68 -2.34 -12.65
CA PRO A 10 -2.16 -2.67 -11.30
C PRO A 10 -1.98 -1.51 -10.33
N TRP A 11 -1.18 -0.54 -10.72
CA TRP A 11 -0.93 0.63 -9.87
C TRP A 11 -1.95 1.73 -10.15
N LYS A 12 -2.33 1.87 -11.41
CA LYS A 12 -3.31 2.87 -11.81
C LYS A 12 -4.61 2.72 -11.01
N GLN A 13 -5.10 1.49 -10.94
CA GLN A 13 -6.33 1.22 -10.21
C GLN A 13 -6.12 1.36 -8.70
N CYS A 14 -5.05 0.75 -8.20
CA CYS A 14 -4.73 0.81 -6.78
C CYS A 14 -4.98 2.21 -6.22
N ALA A 15 -4.57 3.23 -6.99
CA ALA A 15 -4.75 4.60 -6.57
C ALA A 15 -6.15 4.85 -6.03
N GLN A 16 -7.16 4.40 -6.78
CA GLN A 16 -8.55 4.57 -6.37
C GLN A 16 -8.77 4.04 -4.95
N TRP A 17 -8.53 2.75 -4.77
CA TRP A 17 -8.71 2.11 -3.46
C TRP A 17 -8.06 2.96 -2.37
N LEU A 18 -6.89 3.51 -2.66
CA LEU A 18 -6.17 4.34 -1.69
C LEU A 18 -6.98 5.59 -1.35
N ILE A 19 -7.44 6.28 -2.38
CA ILE A 19 -8.23 7.50 -2.18
C ILE A 19 -9.46 7.23 -1.33
N HIS A 20 -10.07 6.07 -1.55
CA HIS A 20 -11.27 5.68 -0.80
C HIS A 20 -10.90 5.17 0.59
N CYS A 21 -9.71 4.60 0.70
CA CYS A 21 -9.23 4.07 1.98
C CYS A 21 -8.89 5.20 2.94
N LYS A 22 -9.08 6.43 2.49
CA LYS A 22 -8.80 7.61 3.31
C LYS A 22 -7.30 7.74 3.55
N VAL A 23 -6.52 7.65 2.48
CA VAL A 23 -5.06 7.75 2.58
C VAL A 23 -4.53 8.80 1.61
N LEU A 24 -5.22 8.96 0.48
CA LEU A 24 -4.82 9.92 -0.54
C LEU A 24 -5.99 10.80 -0.95
N PRO A 25 -5.68 12.06 -1.31
CA PRO A 25 -6.69 13.03 -1.74
C PRO A 25 -7.30 12.68 -3.09
N THR A 26 -8.49 13.21 -3.35
CA THR A 26 -9.18 12.96 -4.61
C THR A 26 -8.47 13.63 -5.78
N ASN A 27 -7.71 14.69 -5.46
CA ASN A 27 -6.98 15.42 -6.49
C ASN A 27 -5.47 15.21 -6.34
N HIS A 28 -5.10 14.11 -5.69
CA HIS A 28 -3.69 13.78 -5.49
C HIS A 28 -2.91 13.90 -6.80
N ARG A 29 -1.61 13.64 -6.72
CA ARG A 29 -0.76 13.72 -7.90
C ARG A 29 -0.60 12.35 -8.55
N VAL A 30 -1.12 11.32 -7.89
CA VAL A 30 -1.05 9.95 -8.40
C VAL A 30 -2.22 9.65 -9.34
N THR A 31 -3.22 10.53 -9.33
CA THR A 31 -4.39 10.36 -10.17
C THR A 31 -4.14 10.91 -11.57
N TRP A 32 -3.18 11.81 -11.69
CA TRP A 32 -2.84 12.42 -12.96
C TRP A 32 -2.26 11.39 -13.93
N ASP A 33 -2.80 11.34 -15.14
CA ASP A 33 -2.33 10.40 -16.15
C ASP A 33 -0.80 10.37 -16.20
N SER A 34 -0.20 11.54 -16.32
CA SER A 34 1.26 11.65 -16.39
C SER A 34 1.91 10.83 -15.27
N ALA A 35 1.25 10.79 -14.12
CA ALA A 35 1.76 10.05 -12.97
C ALA A 35 2.23 8.66 -13.39
N GLN A 36 3.07 8.04 -12.55
CA GLN A 36 3.58 6.72 -12.83
C GLN A 36 3.79 5.93 -11.55
N VAL A 37 3.93 4.61 -11.67
CA VAL A 37 4.13 3.74 -10.51
C VAL A 37 5.03 4.42 -9.48
N PHE A 38 6.15 4.95 -9.94
CA PHE A 38 7.09 5.62 -9.05
C PHE A 38 6.37 6.61 -8.13
N ASP A 39 5.74 7.61 -8.72
CA ASP A 39 5.01 8.62 -7.96
C ASP A 39 4.34 7.98 -6.75
N LEU A 40 3.46 7.02 -7.01
CA LEU A 40 2.75 6.34 -5.93
C LEU A 40 3.70 5.53 -5.07
N ALA A 41 4.78 5.05 -5.67
CA ALA A 41 5.78 4.26 -4.96
C ALA A 41 6.62 5.14 -4.05
N GLN A 42 6.65 6.44 -4.34
CA GLN A 42 7.43 7.38 -3.55
C GLN A 42 6.70 7.75 -2.27
N THR A 43 5.52 8.34 -2.41
CA THR A 43 4.72 8.74 -1.26
C THR A 43 4.72 7.66 -0.18
N LEU A 44 4.97 6.42 -0.61
CA LEU A 44 5.00 5.30 0.33
C LEU A 44 6.43 4.84 0.59
N ARG A 45 7.31 5.09 -0.37
CA ARG A 45 8.71 4.71 -0.24
C ARG A 45 9.24 5.04 1.15
N ASP A 46 8.79 6.16 1.70
CA ASP A 46 9.21 6.59 3.02
C ASP A 46 8.69 5.65 4.10
N GLY A 47 7.37 5.45 4.12
CA GLY A 47 6.77 4.57 5.11
C GLY A 47 5.96 5.33 6.14
N VAL A 48 5.35 6.43 5.72
CA VAL A 48 4.53 7.24 6.62
C VAL A 48 3.05 7.07 6.33
N LEU A 49 2.72 6.80 5.07
CA LEU A 49 1.33 6.61 4.66
C LEU A 49 0.89 5.16 4.89
N LEU A 50 1.66 4.23 4.32
CA LEU A 50 1.35 2.81 4.46
C LEU A 50 0.74 2.51 5.82
N CYS A 51 1.49 2.83 6.87
CA CYS A 51 1.03 2.60 8.24
C CYS A 51 -0.39 3.12 8.43
N GLN A 52 -0.65 4.31 7.88
CA GLN A 52 -1.96 4.93 8.00
C GLN A 52 -3.05 4.02 7.43
N LEU A 53 -2.84 3.57 6.19
CA LEU A 53 -3.80 2.70 5.52
C LEU A 53 -4.47 1.76 6.52
N LEU A 54 -3.68 0.87 7.11
CA LEU A 54 -4.20 -0.08 8.09
C LEU A 54 -4.94 0.65 9.21
N ASN A 55 -4.34 1.70 9.73
CA ASN A 55 -4.94 2.48 10.81
C ASN A 55 -6.33 2.97 10.40
N ASN A 56 -6.51 3.21 9.11
CA ASN A 56 -7.79 3.68 8.59
C ASN A 56 -8.82 2.56 8.56
N LEU A 57 -8.39 1.38 8.10
CA LEU A 57 -9.27 0.23 8.02
C LEU A 57 -9.66 -0.26 9.41
N ARG A 58 -8.65 -0.61 10.21
CA ARG A 58 -8.89 -1.09 11.57
C ARG A 58 -8.34 -0.10 12.60
N ALA A 59 -8.87 -0.18 13.82
CA ALA A 59 -8.43 0.71 14.88
C ALA A 59 -7.29 0.09 15.68
N HIS A 60 -6.36 0.93 16.12
CA HIS A 60 -5.21 0.46 16.89
C HIS A 60 -4.35 -0.49 16.07
N SER A 61 -4.29 -0.24 14.77
CA SER A 61 -3.50 -1.06 13.86
C SER A 61 -2.02 -0.71 13.94
N ILE A 62 -1.74 0.59 13.92
CA ILE A 62 -0.36 1.07 14.00
C ILE A 62 -0.27 2.41 14.72
N ASN A 63 0.61 2.49 15.70
CA ASN A 63 0.79 3.73 16.46
C ASN A 63 1.69 4.70 15.72
N LEU A 64 1.13 5.83 15.32
CA LEU A 64 1.89 6.85 14.60
C LEU A 64 3.15 7.22 15.37
N LYS A 65 3.06 7.25 16.69
CA LYS A 65 4.20 7.59 17.53
C LYS A 65 5.31 6.57 17.39
N GLU A 66 4.93 5.30 17.23
CA GLU A 66 5.90 4.22 17.08
C GLU A 66 6.66 4.36 15.75
N ILE A 67 6.03 4.99 14.78
CA ILE A 67 6.65 5.20 13.47
C ILE A 67 7.15 6.62 13.32
N ASN A 68 8.34 6.76 12.73
CA ASN A 68 8.94 8.07 12.51
C ASN A 68 8.14 8.88 11.49
N LEU A 69 7.16 9.63 11.98
CA LEU A 69 6.32 10.45 11.11
C LEU A 69 7.18 11.25 10.13
N ARG A 70 8.39 11.58 10.55
CA ARG A 70 9.31 12.34 9.71
C ARG A 70 10.59 11.54 9.43
N PRO A 71 10.52 10.62 8.46
CA PRO A 71 11.66 9.78 8.08
C PRO A 71 12.75 10.57 7.39
N GLN A 72 12.48 11.84 7.11
CA GLN A 72 13.44 12.71 6.44
C GLN A 72 14.25 11.93 5.41
N MET A 73 13.54 11.28 4.48
CA MET A 73 14.19 10.50 3.44
C MET A 73 15.46 9.84 3.96
N SER A 74 15.35 9.18 5.11
CA SER A 74 16.50 8.52 5.72
C SER A 74 16.56 7.04 5.30
N GLN A 75 17.59 6.34 5.76
CA GLN A 75 17.76 4.93 5.43
C GLN A 75 17.30 4.05 6.59
N PHE A 76 17.55 4.50 7.81
CA PHE A 76 17.16 3.76 9.01
C PHE A 76 15.69 3.97 9.32
N LEU A 77 15.31 5.23 9.54
CA LEU A 77 13.92 5.55 9.85
C LEU A 77 12.97 4.97 8.82
N CYS A 78 13.22 5.26 7.55
CA CYS A 78 12.38 4.75 6.46
C CYS A 78 12.20 3.24 6.59
N LEU A 79 13.30 2.51 6.40
CA LEU A 79 13.26 1.05 6.49
C LEU A 79 12.53 0.59 7.75
N LYS A 80 12.78 1.30 8.85
CA LYS A 80 12.15 0.98 10.13
C LYS A 80 10.63 1.06 10.03
N ASN A 81 10.14 2.23 9.62
CA ASN A 81 8.70 2.45 9.48
C ASN A 81 8.06 1.33 8.68
N ILE A 82 8.45 1.21 7.41
CA ILE A 82 7.91 0.18 6.54
C ILE A 82 7.68 -1.12 7.30
N ARG A 83 8.76 -1.66 7.88
CA ARG A 83 8.67 -2.90 8.63
C ARG A 83 7.43 -2.90 9.54
N THR A 84 7.26 -1.82 10.29
CA THR A 84 6.13 -1.69 11.20
C THR A 84 4.83 -2.11 10.51
N PHE A 85 4.63 -1.64 9.29
CA PHE A 85 3.43 -1.97 8.52
C PHE A 85 3.34 -3.46 8.27
N LEU A 86 4.38 -4.02 7.66
CA LEU A 86 4.41 -5.45 7.36
C LEU A 86 4.11 -6.28 8.60
N THR A 87 4.43 -5.73 9.77
CA THR A 87 4.19 -6.42 11.03
C THR A 87 2.71 -6.41 11.39
N ALA A 88 2.10 -5.23 11.31
CA ALA A 88 0.68 -5.09 11.62
C ALA A 88 -0.18 -5.96 10.69
N CYS A 89 0.28 -6.12 9.46
CA CYS A 89 -0.45 -6.92 8.48
C CYS A 89 -0.61 -8.36 8.96
N CYS A 90 0.28 -8.77 9.86
CA CYS A 90 0.23 -10.12 10.41
C CYS A 90 -0.21 -10.11 11.87
N GLU A 91 -0.03 -8.98 12.52
CA GLU A 91 -0.41 -8.83 13.92
C GLU A 91 -1.83 -8.30 14.06
N THR A 92 -2.10 -7.18 13.42
CA THR A 92 -3.42 -6.57 13.46
C THR A 92 -4.41 -7.33 12.58
N PHE A 93 -3.99 -7.64 11.37
CA PHE A 93 -4.84 -8.36 10.42
C PHE A 93 -4.58 -9.87 10.51
N GLY A 94 -3.42 -10.29 10.04
CA GLY A 94 -3.07 -11.69 10.07
C GLY A 94 -2.88 -12.29 8.68
N MET A 95 -2.03 -11.65 7.88
CA MET A 95 -1.77 -12.12 6.52
C MET A 95 -0.45 -12.90 6.46
N ARG A 96 -0.30 -13.71 5.43
CA ARG A 96 0.89 -14.51 5.25
C ARG A 96 2.10 -13.63 4.94
N LYS A 97 3.18 -13.83 5.68
CA LYS A 97 4.40 -13.05 5.49
C LYS A 97 4.99 -13.29 4.10
N SER A 98 4.81 -14.51 3.60
CA SER A 98 5.33 -14.87 2.28
C SER A 98 4.62 -14.10 1.19
N GLU A 99 3.45 -13.54 1.52
CA GLU A 99 2.66 -12.77 0.57
C GLU A 99 3.10 -11.31 0.55
N LEU A 100 3.48 -10.80 1.71
CA LEU A 100 3.92 -9.41 1.83
C LEU A 100 5.11 -9.14 0.92
N PHE A 101 5.55 -7.89 0.88
CA PHE A 101 6.67 -7.50 0.05
C PHE A 101 7.92 -7.26 0.89
N GLU A 102 9.07 -7.12 0.23
CA GLU A 102 10.33 -6.91 0.92
C GLU A 102 10.55 -5.43 1.22
N ALA A 103 10.67 -5.10 2.50
CA ALA A 103 10.88 -3.71 2.92
C ALA A 103 11.73 -2.96 1.89
N PHE A 104 12.83 -3.58 1.48
CA PHE A 104 13.73 -2.97 0.50
C PHE A 104 12.99 -2.66 -0.80
N ASP A 105 12.41 -3.69 -1.40
CA ASP A 105 11.68 -3.54 -2.65
C ASP A 105 10.97 -2.19 -2.70
N LEU A 106 10.43 -1.76 -1.56
CA LEU A 106 9.73 -0.49 -1.48
C LEU A 106 10.71 0.68 -1.37
N PHE A 107 11.57 0.62 -0.36
CA PHE A 107 12.58 1.66 -0.14
C PHE A 107 13.30 2.00 -1.44
N ASP A 108 14.09 1.04 -1.93
CA ASP A 108 14.85 1.23 -3.16
C ASP A 108 13.91 1.26 -4.37
N VAL A 109 12.65 0.91 -4.15
CA VAL A 109 11.66 0.90 -5.22
C VAL A 109 12.05 -0.09 -6.31
N ARG A 110 12.39 -1.31 -5.90
CA ARG A 110 12.78 -2.35 -6.84
C ARG A 110 11.57 -2.85 -7.63
N ASP A 111 10.62 -3.46 -6.92
CA ASP A 111 9.41 -3.98 -7.54
C ASP A 111 8.17 -3.51 -6.80
N PHE A 112 7.51 -2.48 -7.34
CA PHE A 112 6.31 -1.93 -6.73
C PHE A 112 5.15 -2.92 -6.83
N GLY A 113 5.00 -3.54 -7.99
CA GLY A 113 3.93 -4.50 -8.20
C GLY A 113 3.77 -5.44 -7.02
N LYS A 114 4.88 -5.77 -6.36
CA LYS A 114 4.85 -6.66 -5.20
C LYS A 114 4.10 -6.01 -4.04
N VAL A 115 4.28 -4.70 -3.87
CA VAL A 115 3.62 -3.97 -2.80
C VAL A 115 2.13 -3.79 -3.08
N ILE A 116 1.81 -3.56 -4.35
CA ILE A 116 0.42 -3.37 -4.76
C ILE A 116 -0.41 -4.62 -4.49
N GLU A 117 0.14 -5.77 -4.87
CA GLU A 117 -0.55 -7.04 -4.67
C GLU A 117 -1.01 -7.19 -3.23
N THR A 118 -0.05 -7.10 -2.29
CA THR A 118 -0.35 -7.24 -0.88
C THR A 118 -1.71 -6.61 -0.54
N LEU A 119 -1.92 -5.39 -1.03
CA LEU A 119 -3.17 -4.68 -0.78
C LEU A 119 -4.33 -5.36 -1.49
N SER A 120 -4.14 -5.65 -2.77
CA SER A 120 -5.17 -6.30 -3.57
C SER A 120 -5.84 -7.43 -2.79
N ARG A 121 -5.02 -8.22 -2.10
CA ARG A 121 -5.52 -9.34 -1.31
C ARG A 121 -5.99 -8.87 0.07
N LEU A 122 -5.18 -8.03 0.70
CA LEU A 122 -5.51 -7.52 2.03
C LEU A 122 -7.00 -7.17 2.12
N SER A 123 -7.51 -6.49 1.09
CA SER A 123 -8.91 -6.10 1.05
C SER A 123 -9.81 -7.25 1.51
N ARG A 124 -9.51 -8.45 1.01
CA ARG A 124 -10.29 -9.63 1.37
C ARG A 124 -10.64 -9.63 2.86
N THR A 125 -9.70 -9.19 3.68
CA THR A 125 -9.91 -9.14 5.13
C THR A 125 -11.28 -8.57 5.46
N PRO A 126 -11.85 -9.03 6.58
CA PRO A 126 -13.17 -8.56 7.04
C PRO A 126 -13.13 -7.12 7.53
N ILE A 127 -11.97 -6.50 7.45
CA ILE A 127 -11.81 -5.11 7.88
C ILE A 127 -11.96 -4.14 6.71
N ALA A 128 -11.26 -4.44 5.61
CA ALA A 128 -11.32 -3.59 4.43
C ALA A 128 -12.74 -3.55 3.86
N LEU A 129 -13.36 -4.71 3.74
CA LEU A 129 -14.72 -4.79 3.21
C LEU A 129 -15.72 -4.16 4.18
N ALA A 130 -15.47 -4.35 5.47
CA ALA A 130 -16.35 -3.80 6.51
C ALA A 130 -16.71 -2.35 6.20
N THR A 131 -15.71 -1.54 5.90
CA THR A 131 -15.92 -0.13 5.60
C THR A 131 -16.89 0.04 4.43
N GLY A 132 -16.80 -0.87 3.47
CA GLY A 132 -17.68 -0.80 2.31
C GLY A 132 -17.03 -0.13 1.12
N ILE A 133 -15.70 -0.13 1.10
CA ILE A 133 -14.96 0.48 0.01
C ILE A 133 -14.86 -0.47 -1.19
N ARG A 134 -14.88 0.11 -2.39
CA ARG A 134 -14.79 -0.68 -3.61
C ARG A 134 -13.66 -1.70 -3.53
N PRO A 135 -14.02 -2.98 -3.38
CA PRO A 135 -13.05 -4.07 -3.29
C PRO A 135 -12.33 -4.33 -4.60
N PHE A 136 -11.04 -4.61 -4.52
CA PHE A 136 -10.23 -4.88 -5.71
C PHE A 136 -10.97 -5.80 -6.68
N PRO A 137 -10.64 -5.70 -7.97
CA PRO A 137 -11.27 -6.50 -9.02
C PRO A 137 -10.86 -7.97 -8.93
N SER A 138 -11.79 -8.87 -9.25
CA SER A 138 -11.53 -10.29 -9.21
C SER A 138 -11.86 -10.94 -10.55
N GLY A 139 -10.88 -11.66 -11.10
CA GLY A 139 -11.09 -12.32 -12.38
C GLY A 139 -9.95 -13.28 -12.73
N PRO A 140 -10.07 -13.94 -13.88
CA PRO A 140 -9.06 -14.90 -14.35
C PRO A 140 -7.76 -14.21 -14.76
N SER A 141 -6.89 -13.97 -13.78
CA SER A 141 -5.61 -13.33 -14.04
C SER A 141 -4.50 -14.36 -14.16
N SER A 142 -3.38 -13.94 -14.77
CA SER A 142 -2.24 -14.83 -14.96
C SER A 142 -1.89 -15.54 -13.65
N GLY A 143 -1.60 -16.84 -13.75
CA GLY A 143 -1.26 -17.61 -12.58
C GLY A 143 -0.27 -18.72 -12.88
N GLY A 1 2.35 -18.06 -26.42
CA GLY A 1 2.51 -18.37 -25.01
C GLY A 1 2.41 -17.13 -24.14
N SER A 2 3.38 -16.23 -24.29
CA SER A 2 3.40 -15.00 -23.51
C SER A 2 2.28 -14.06 -23.93
N SER A 3 1.13 -14.20 -23.28
CA SER A 3 -0.03 -13.37 -23.59
C SER A 3 0.00 -12.07 -22.79
N GLY A 4 0.03 -10.95 -23.51
CA GLY A 4 0.06 -9.65 -22.86
C GLY A 4 -1.32 -9.13 -22.54
N SER A 5 -1.79 -8.18 -23.34
CA SER A 5 -3.11 -7.59 -23.14
C SER A 5 -3.16 -6.81 -21.83
N SER A 6 -2.13 -6.00 -21.58
CA SER A 6 -2.05 -5.20 -20.36
C SER A 6 -1.99 -3.72 -20.68
N GLY A 7 -3.16 -3.12 -20.92
CA GLY A 7 -3.22 -1.71 -21.25
C GLY A 7 -3.25 -0.83 -20.01
N MET A 8 -4.12 -1.17 -19.07
CA MET A 8 -4.24 -0.41 -17.83
C MET A 8 -3.34 -0.99 -16.75
N GLU A 9 -2.42 -0.16 -16.25
CA GLU A 9 -1.50 -0.59 -15.21
C GLU A 9 -2.25 -1.07 -13.98
N PRO A 10 -1.57 -1.90 -13.16
CA PRO A 10 -2.15 -2.45 -11.93
C PRO A 10 -2.36 -1.38 -10.85
N TRP A 11 -1.45 -0.42 -10.81
CA TRP A 11 -1.52 0.66 -9.82
C TRP A 11 -2.65 1.62 -10.17
N LYS A 12 -2.77 1.96 -11.44
CA LYS A 12 -3.82 2.86 -11.90
C LYS A 12 -5.08 2.70 -11.08
N GLN A 13 -5.60 1.48 -11.03
CA GLN A 13 -6.81 1.18 -10.29
C GLN A 13 -6.56 1.30 -8.78
N CYS A 14 -5.43 0.77 -8.33
CA CYS A 14 -5.07 0.82 -6.92
C CYS A 14 -5.32 2.20 -6.34
N ALA A 15 -4.82 3.22 -7.01
CA ALA A 15 -5.00 4.60 -6.55
C ALA A 15 -6.40 4.81 -5.98
N GLN A 16 -7.42 4.42 -6.74
CA GLN A 16 -8.80 4.56 -6.31
C GLN A 16 -8.98 4.06 -4.88
N TRP A 17 -8.75 2.76 -4.69
CA TRP A 17 -8.89 2.15 -3.37
C TRP A 17 -8.23 3.01 -2.30
N LEU A 18 -7.00 3.45 -2.57
CA LEU A 18 -6.27 4.29 -1.62
C LEU A 18 -7.06 5.54 -1.27
N ILE A 19 -7.51 6.26 -2.30
CA ILE A 19 -8.29 7.48 -2.10
C ILE A 19 -9.51 7.21 -1.22
N HIS A 20 -10.19 6.10 -1.48
CA HIS A 20 -11.37 5.73 -0.71
C HIS A 20 -10.98 5.22 0.67
N CYS A 21 -9.79 4.65 0.77
CA CYS A 21 -9.31 4.12 2.04
C CYS A 21 -8.91 5.24 2.99
N LYS A 22 -9.13 6.48 2.55
CA LYS A 22 -8.80 7.65 3.36
C LYS A 22 -7.30 7.77 3.56
N VAL A 23 -6.54 7.58 2.48
CA VAL A 23 -5.09 7.67 2.54
C VAL A 23 -4.56 8.71 1.56
N LEU A 24 -5.29 8.92 0.48
CA LEU A 24 -4.90 9.88 -0.55
C LEU A 24 -6.09 10.76 -0.95
N PRO A 25 -5.80 11.99 -1.37
CA PRO A 25 -6.83 12.94 -1.82
C PRO A 25 -7.47 12.54 -3.13
N THR A 26 -8.57 13.20 -3.48
CA THR A 26 -9.28 12.91 -4.72
C THR A 26 -8.55 13.48 -5.93
N ASN A 27 -7.84 14.58 -5.71
CA ASN A 27 -7.10 15.23 -6.79
C ASN A 27 -5.60 15.00 -6.63
N HIS A 28 -5.24 13.92 -5.92
CA HIS A 28 -3.85 13.58 -5.70
C HIS A 28 -3.06 13.63 -7.00
N ARG A 29 -1.74 13.53 -6.90
CA ARG A 29 -0.88 13.56 -8.07
C ARG A 29 -0.93 12.24 -8.82
N VAL A 30 -0.84 11.14 -8.07
CA VAL A 30 -0.87 9.81 -8.66
C VAL A 30 -2.04 9.67 -9.63
N THR A 31 -3.17 10.28 -9.28
CA THR A 31 -4.35 10.24 -10.12
C THR A 31 -4.04 10.67 -11.55
N TRP A 32 -3.34 11.79 -11.68
CA TRP A 32 -2.98 12.31 -12.99
C TRP A 32 -2.28 11.25 -13.82
N ASP A 33 -2.79 11.01 -15.02
CA ASP A 33 -2.20 10.02 -15.92
C ASP A 33 -0.68 10.10 -15.91
N SER A 34 -0.15 11.31 -16.13
CA SER A 34 1.28 11.53 -16.15
C SER A 34 1.98 10.70 -15.07
N ALA A 35 1.35 10.64 -13.89
CA ALA A 35 1.91 9.87 -12.78
C ALA A 35 2.20 8.43 -13.19
N GLN A 36 3.04 7.76 -12.41
CA GLN A 36 3.41 6.38 -12.69
C GLN A 36 3.70 5.62 -11.40
N VAL A 37 3.72 4.29 -11.50
CA VAL A 37 3.98 3.44 -10.35
C VAL A 37 4.96 4.12 -9.38
N PHE A 38 6.06 4.63 -9.93
CA PHE A 38 7.08 5.30 -9.12
C PHE A 38 6.43 6.31 -8.17
N ASP A 39 5.77 7.30 -8.75
CA ASP A 39 5.11 8.33 -7.95
C ASP A 39 4.39 7.72 -6.75
N LEU A 40 3.42 6.86 -7.03
CA LEU A 40 2.65 6.20 -5.98
C LEU A 40 3.56 5.39 -5.06
N ALA A 41 4.67 4.90 -5.61
CA ALA A 41 5.62 4.11 -4.84
C ALA A 41 6.44 5.00 -3.91
N GLN A 42 6.59 6.27 -4.28
CA GLN A 42 7.35 7.22 -3.48
C GLN A 42 6.56 7.63 -2.25
N THR A 43 5.38 8.20 -2.47
CA THR A 43 4.53 8.66 -1.38
C THR A 43 4.49 7.62 -0.25
N LEU A 44 4.75 6.37 -0.60
CA LEU A 44 4.74 5.29 0.38
C LEU A 44 6.17 4.86 0.73
N ARG A 45 7.06 4.96 -0.25
CA ARG A 45 8.46 4.59 -0.06
C ARG A 45 8.93 4.94 1.35
N ASP A 46 8.56 6.14 1.80
CA ASP A 46 8.94 6.60 3.13
C ASP A 46 8.44 5.63 4.21
N GLY A 47 7.15 5.30 4.14
CA GLY A 47 6.57 4.39 5.11
C GLY A 47 5.76 5.11 6.17
N VAL A 48 5.23 6.28 5.81
CA VAL A 48 4.43 7.07 6.74
C VAL A 48 2.94 6.93 6.45
N LEU A 49 2.61 6.77 5.17
CA LEU A 49 1.22 6.61 4.76
C LEU A 49 0.76 5.17 4.94
N LEU A 50 1.60 4.23 4.51
CA LEU A 50 1.27 2.81 4.63
C LEU A 50 0.61 2.51 5.98
N CYS A 51 1.31 2.83 7.05
CA CYS A 51 0.79 2.60 8.40
C CYS A 51 -0.62 3.16 8.55
N GLN A 52 -0.83 4.36 8.01
CA GLN A 52 -2.14 5.01 8.08
C GLN A 52 -3.21 4.12 7.48
N LEU A 53 -2.94 3.56 6.32
CA LEU A 53 -3.88 2.69 5.64
C LEU A 53 -4.58 1.76 6.63
N LEU A 54 -3.79 0.87 7.24
CA LEU A 54 -4.32 -0.07 8.21
C LEU A 54 -5.06 0.66 9.33
N ASN A 55 -4.44 1.71 9.85
CA ASN A 55 -5.04 2.49 10.93
C ASN A 55 -6.42 3.02 10.52
N ASN A 56 -6.61 3.24 9.22
CA ASN A 56 -7.87 3.74 8.70
C ASN A 56 -8.92 2.63 8.67
N LEU A 57 -8.51 1.46 8.19
CA LEU A 57 -9.42 0.32 8.11
C LEU A 57 -9.80 -0.19 9.50
N ARG A 58 -8.79 -0.52 10.29
CA ARG A 58 -9.02 -1.02 11.65
C ARG A 58 -8.48 -0.04 12.68
N ALA A 59 -8.97 -0.13 13.90
CA ALA A 59 -8.55 0.75 14.98
C ALA A 59 -7.39 0.13 15.76
N HIS A 60 -6.46 0.96 16.21
CA HIS A 60 -5.31 0.50 16.97
C HIS A 60 -4.46 -0.47 16.14
N SER A 61 -4.38 -0.19 14.84
CA SER A 61 -3.61 -1.04 13.93
C SER A 61 -2.12 -0.71 14.04
N ILE A 62 -1.80 0.57 14.10
CA ILE A 62 -0.42 1.01 14.21
C ILE A 62 -0.32 2.35 14.93
N ASN A 63 0.54 2.39 15.95
CA ASN A 63 0.72 3.62 16.73
C ASN A 63 1.62 4.60 15.99
N LEU A 64 1.00 5.68 15.50
CA LEU A 64 1.73 6.71 14.77
C LEU A 64 3.03 7.07 15.49
N LYS A 65 2.98 7.10 16.82
CA LYS A 65 4.16 7.42 17.61
C LYS A 65 5.27 6.41 17.39
N GLU A 66 4.90 5.14 17.25
CA GLU A 66 5.86 4.08 17.03
C GLU A 66 6.57 4.26 15.69
N ILE A 67 5.90 4.92 14.75
CA ILE A 67 6.47 5.16 13.43
C ILE A 67 7.02 6.59 13.32
N ASN A 68 8.18 6.72 12.70
CA ASN A 68 8.80 8.03 12.54
C ASN A 68 8.05 8.87 11.51
N LEU A 69 7.03 9.58 11.97
CA LEU A 69 6.23 10.43 11.10
C LEU A 69 7.11 11.26 10.19
N ARG A 70 8.31 11.59 10.66
CA ARG A 70 9.25 12.39 9.88
C ARG A 70 10.54 11.62 9.63
N PRO A 71 10.51 10.74 8.62
CA PRO A 71 11.67 9.92 8.25
C PRO A 71 12.80 10.76 7.64
N GLN A 72 12.47 11.97 7.21
CA GLN A 72 13.45 12.85 6.60
C GLN A 72 14.22 12.14 5.50
N MET A 73 13.52 11.35 4.71
CA MET A 73 14.14 10.60 3.62
C MET A 73 15.41 9.88 4.10
N SER A 74 15.33 9.28 5.28
CA SER A 74 16.46 8.57 5.85
C SER A 74 16.49 7.12 5.38
N GLN A 75 17.52 6.39 5.78
CA GLN A 75 17.66 4.99 5.39
C GLN A 75 17.27 4.07 6.54
N PHE A 76 17.84 4.31 7.71
CA PHE A 76 17.55 3.50 8.89
C PHE A 76 16.10 3.66 9.31
N LEU A 77 15.62 4.90 9.33
CA LEU A 77 14.24 5.19 9.72
C LEU A 77 13.26 4.62 8.70
N CYS A 78 13.41 5.04 7.44
CA CYS A 78 12.53 4.58 6.37
C CYS A 78 12.42 3.06 6.39
N LEU A 79 13.56 2.39 6.23
CA LEU A 79 13.60 0.92 6.21
C LEU A 79 12.78 0.36 7.37
N LYS A 80 13.00 0.89 8.56
CA LYS A 80 12.28 0.44 9.75
C LYS A 80 10.78 0.64 9.58
N ASN A 81 10.37 1.89 9.39
CA ASN A 81 8.95 2.21 9.21
C ASN A 81 8.25 1.13 8.39
N ILE A 82 8.69 0.97 7.14
CA ILE A 82 8.11 -0.02 6.25
C ILE A 82 7.81 -1.32 6.99
N ARG A 83 8.83 -1.87 7.65
CA ARG A 83 8.68 -3.10 8.39
C ARG A 83 7.49 -3.03 9.35
N THR A 84 7.46 -1.97 10.16
CA THR A 84 6.39 -1.78 11.12
C THR A 84 5.03 -2.11 10.51
N PHE A 85 4.80 -1.63 9.28
CA PHE A 85 3.56 -1.87 8.59
C PHE A 85 3.38 -3.35 8.29
N LEU A 86 4.34 -3.93 7.58
CA LEU A 86 4.29 -5.35 7.24
C LEU A 86 4.01 -6.21 8.47
N THR A 87 4.45 -5.73 9.63
CA THR A 87 4.25 -6.45 10.88
C THR A 87 2.78 -6.43 11.29
N ALA A 88 2.17 -5.24 11.25
CA ALA A 88 0.77 -5.10 11.61
C ALA A 88 -0.12 -5.96 10.72
N CYS A 89 0.24 -6.07 9.46
CA CYS A 89 -0.53 -6.86 8.51
C CYS A 89 -0.62 -8.32 8.95
N CYS A 90 0.26 -8.70 9.87
CA CYS A 90 0.29 -10.06 10.39
C CYS A 90 -0.10 -10.10 11.86
N GLU A 91 0.15 -9.00 12.56
CA GLU A 91 -0.18 -8.92 13.98
C GLU A 91 -1.58 -8.36 14.18
N THR A 92 -1.84 -7.20 13.57
CA THR A 92 -3.15 -6.56 13.68
C THR A 92 -4.21 -7.31 12.89
N PHE A 93 -3.90 -7.61 11.63
CA PHE A 93 -4.83 -8.33 10.77
C PHE A 93 -4.67 -9.83 10.94
N GLY A 94 -3.50 -10.35 10.54
CA GLY A 94 -3.24 -11.77 10.65
C GLY A 94 -2.97 -12.42 9.32
N MET A 95 -2.26 -11.70 8.45
CA MET A 95 -1.93 -12.22 7.13
C MET A 95 -0.55 -12.86 7.12
N ARG A 96 -0.29 -13.72 6.14
CA ARG A 96 1.00 -14.40 6.03
C ARG A 96 2.09 -13.42 5.64
N LYS A 97 3.31 -13.93 5.47
CA LYS A 97 4.45 -13.11 5.09
C LYS A 97 4.90 -13.41 3.67
N SER A 98 4.64 -14.64 3.22
CA SER A 98 5.01 -15.05 1.87
C SER A 98 4.36 -14.16 0.83
N GLU A 99 3.25 -13.54 1.20
CA GLU A 99 2.51 -12.66 0.29
C GLU A 99 2.98 -11.22 0.45
N LEU A 100 3.46 -10.88 1.63
CA LEU A 100 3.94 -9.53 1.92
C LEU A 100 5.15 -9.19 1.05
N PHE A 101 5.54 -7.92 1.06
CA PHE A 101 6.68 -7.46 0.28
C PHE A 101 7.84 -7.07 1.18
N GLU A 102 9.06 -7.15 0.64
CA GLU A 102 10.25 -6.81 1.40
C GLU A 102 10.22 -5.34 1.85
N ALA A 103 11.21 -4.94 2.63
CA ALA A 103 11.30 -3.57 3.11
C ALA A 103 12.13 -2.70 2.17
N PHE A 104 13.15 -3.31 1.56
CA PHE A 104 14.03 -2.59 0.65
C PHE A 104 13.33 -2.36 -0.69
N ASP A 105 12.85 -3.45 -1.29
CA ASP A 105 12.16 -3.37 -2.58
C ASP A 105 11.37 -2.07 -2.70
N LEU A 106 10.71 -1.69 -1.61
CA LEU A 106 9.91 -0.47 -1.59
C LEU A 106 10.80 0.75 -1.40
N PHE A 107 11.75 0.65 -0.47
CA PHE A 107 12.66 1.75 -0.20
C PHE A 107 13.38 2.20 -1.46
N ASP A 108 13.99 1.24 -2.16
CA ASP A 108 14.71 1.54 -3.39
C ASP A 108 13.80 1.41 -4.60
N VAL A 109 12.49 1.40 -4.36
CA VAL A 109 11.51 1.28 -5.42
C VAL A 109 11.94 0.23 -6.45
N ARG A 110 12.56 -0.84 -5.96
CA ARG A 110 13.03 -1.91 -6.84
C ARG A 110 11.87 -2.52 -7.62
N ASP A 111 10.84 -2.95 -6.90
CA ASP A 111 9.67 -3.56 -7.53
C ASP A 111 8.39 -3.16 -6.79
N PHE A 112 7.53 -2.40 -7.46
CA PHE A 112 6.28 -1.96 -6.87
C PHE A 112 5.20 -3.03 -7.02
N GLY A 113 5.16 -3.67 -8.18
CA GLY A 113 4.16 -4.70 -8.43
C GLY A 113 4.01 -5.64 -7.26
N LYS A 114 5.10 -5.89 -6.55
CA LYS A 114 5.09 -6.78 -5.39
C LYS A 114 4.31 -6.17 -4.24
N VAL A 115 4.47 -4.85 -4.06
CA VAL A 115 3.79 -4.13 -2.99
C VAL A 115 2.28 -4.04 -3.27
N ILE A 116 1.93 -3.81 -4.53
CA ILE A 116 0.53 -3.70 -4.92
C ILE A 116 -0.23 -4.97 -4.58
N GLU A 117 0.29 -6.10 -5.02
CA GLU A 117 -0.34 -7.40 -4.76
C GLU A 117 -0.73 -7.52 -3.29
N THR A 118 0.18 -7.14 -2.41
CA THR A 118 -0.06 -7.22 -0.97
C THR A 118 -1.40 -6.61 -0.62
N LEU A 119 -1.67 -5.41 -1.14
CA LEU A 119 -2.93 -4.72 -0.87
C LEU A 119 -4.12 -5.56 -1.33
N SER A 120 -4.00 -6.14 -2.52
CA SER A 120 -5.06 -6.96 -3.08
C SER A 120 -5.51 -8.02 -2.08
N ARG A 121 -4.55 -8.63 -1.40
CA ARG A 121 -4.84 -9.67 -0.42
C ARG A 121 -5.38 -9.05 0.87
N LEU A 122 -4.94 -7.84 1.16
CA LEU A 122 -5.37 -7.13 2.37
C LEU A 122 -6.84 -6.74 2.26
N SER A 123 -7.19 -6.03 1.19
CA SER A 123 -8.56 -5.59 0.98
C SER A 123 -9.55 -6.70 1.31
N ARG A 124 -9.25 -7.91 0.84
CA ARG A 124 -10.11 -9.05 1.09
C ARG A 124 -10.53 -9.11 2.56
N THR A 125 -9.59 -8.84 3.45
CA THR A 125 -9.86 -8.86 4.88
C THR A 125 -11.23 -8.26 5.19
N PRO A 126 -11.85 -8.73 6.28
CA PRO A 126 -13.17 -8.26 6.71
C PRO A 126 -13.12 -6.82 7.24
N ILE A 127 -11.91 -6.30 7.40
CA ILE A 127 -11.72 -4.94 7.90
C ILE A 127 -11.80 -3.93 6.76
N ALA A 128 -11.21 -4.28 5.63
CA ALA A 128 -11.20 -3.39 4.46
C ALA A 128 -12.59 -3.27 3.86
N LEU A 129 -13.29 -4.40 3.74
CA LEU A 129 -14.63 -4.43 3.18
C LEU A 129 -15.62 -3.78 4.13
N ALA A 130 -15.42 -3.99 5.43
CA ALA A 130 -16.30 -3.42 6.44
C ALA A 130 -16.66 -1.97 6.11
N THR A 131 -15.65 -1.18 5.77
CA THR A 131 -15.87 0.22 5.43
C THR A 131 -16.86 0.36 4.29
N GLY A 132 -16.81 -0.57 3.34
CA GLY A 132 -17.71 -0.53 2.20
C GLY A 132 -17.07 0.06 0.98
N ILE A 133 -15.74 0.01 0.92
CA ILE A 133 -15.00 0.56 -0.21
C ILE A 133 -14.92 -0.45 -1.34
N ARG A 134 -15.10 0.01 -2.57
CA ARG A 134 -15.05 -0.85 -3.75
C ARG A 134 -13.81 -1.74 -3.70
N PRO A 135 -14.03 -3.06 -3.61
CA PRO A 135 -12.93 -4.04 -3.57
C PRO A 135 -12.20 -4.15 -4.89
N PHE A 136 -10.88 -4.29 -4.82
CA PHE A 136 -10.06 -4.42 -6.03
C PHE A 136 -9.07 -5.57 -5.90
N PRO A 137 -9.18 -6.53 -6.84
CA PRO A 137 -8.31 -7.71 -6.85
C PRO A 137 -6.87 -7.36 -7.21
N SER A 138 -6.08 -8.38 -7.54
CA SER A 138 -4.68 -8.19 -7.91
C SER A 138 -4.57 -7.63 -9.32
N GLY A 139 -5.09 -8.38 -10.28
CA GLY A 139 -5.03 -7.97 -11.67
C GLY A 139 -6.40 -7.95 -12.33
N PRO A 140 -6.44 -7.55 -13.61
CA PRO A 140 -7.69 -7.49 -14.38
C PRO A 140 -8.24 -8.88 -14.69
N SER A 141 -7.56 -9.90 -14.22
CA SER A 141 -7.98 -11.28 -14.44
C SER A 141 -8.65 -11.86 -13.21
N SER A 142 -9.61 -12.75 -13.42
CA SER A 142 -10.34 -13.38 -12.32
C SER A 142 -10.20 -14.90 -12.38
N GLY A 143 -10.35 -15.46 -13.58
CA GLY A 143 -10.25 -16.89 -13.76
C GLY A 143 -11.16 -17.41 -14.85
N GLY A 1 13.57 -4.03 -22.62
CA GLY A 1 14.61 -3.25 -21.96
C GLY A 1 14.19 -1.81 -21.73
N SER A 2 13.56 -1.21 -22.74
CA SER A 2 13.12 0.17 -22.65
C SER A 2 11.71 0.25 -22.09
N SER A 3 11.39 1.37 -21.44
CA SER A 3 10.07 1.57 -20.86
C SER A 3 9.05 1.89 -21.94
N GLY A 4 7.83 1.40 -21.77
CA GLY A 4 6.78 1.63 -22.74
C GLY A 4 5.39 1.48 -22.15
N SER A 5 4.76 2.60 -21.79
CA SER A 5 3.43 2.58 -21.21
C SER A 5 2.38 2.23 -22.26
N SER A 6 1.46 1.33 -21.89
CA SER A 6 0.41 0.90 -22.79
C SER A 6 -0.62 0.07 -22.06
N GLY A 7 -1.86 0.58 -21.98
CA GLY A 7 -2.92 -0.13 -21.30
C GLY A 7 -3.21 0.43 -19.92
N MET A 8 -4.00 -0.29 -19.15
CA MET A 8 -4.36 0.13 -17.80
C MET A 8 -3.40 -0.46 -16.77
N GLU A 9 -2.37 0.29 -16.41
CA GLU A 9 -1.40 -0.17 -15.43
C GLU A 9 -2.09 -0.76 -14.20
N PRO A 10 -1.34 -1.54 -13.41
CA PRO A 10 -1.85 -2.18 -12.20
C PRO A 10 -2.14 -1.17 -11.09
N TRP A 11 -1.20 -0.24 -10.89
CA TRP A 11 -1.35 0.78 -9.87
C TRP A 11 -2.55 1.67 -10.15
N LYS A 12 -2.76 1.97 -11.43
CA LYS A 12 -3.88 2.82 -11.84
C LYS A 12 -5.10 2.59 -10.94
N GLN A 13 -5.70 1.41 -11.06
CA GLN A 13 -6.87 1.06 -10.26
C GLN A 13 -6.57 1.22 -8.77
N CYS A 14 -5.43 0.71 -8.35
CA CYS A 14 -5.02 0.79 -6.94
C CYS A 14 -5.25 2.19 -6.39
N ALA A 15 -4.78 3.20 -7.12
CA ALA A 15 -4.94 4.58 -6.71
C ALA A 15 -6.33 4.82 -6.13
N GLN A 16 -7.35 4.41 -6.86
CA GLN A 16 -8.74 4.58 -6.43
C GLN A 16 -8.92 4.04 -5.02
N TRP A 17 -8.71 2.74 -4.86
CA TRP A 17 -8.87 2.10 -3.56
C TRP A 17 -8.21 2.92 -2.46
N LEU A 18 -7.00 3.41 -2.72
CA LEU A 18 -6.27 4.21 -1.77
C LEU A 18 -7.08 5.43 -1.33
N ILE A 19 -7.52 6.21 -2.32
CA ILE A 19 -8.31 7.41 -2.05
C ILE A 19 -9.51 7.08 -1.17
N HIS A 20 -10.21 5.99 -1.50
CA HIS A 20 -11.37 5.57 -0.74
C HIS A 20 -10.97 5.07 0.64
N CYS A 21 -9.79 4.46 0.73
CA CYS A 21 -9.30 3.93 1.99
C CYS A 21 -8.94 5.06 2.95
N LYS A 22 -9.07 6.30 2.48
CA LYS A 22 -8.77 7.46 3.29
C LYS A 22 -7.26 7.59 3.53
N VAL A 23 -6.49 7.49 2.46
CA VAL A 23 -5.04 7.59 2.54
C VAL A 23 -4.51 8.68 1.62
N LEU A 24 -5.22 8.91 0.52
CA LEU A 24 -4.82 9.93 -0.45
C LEU A 24 -6.01 10.80 -0.84
N PRO A 25 -5.72 12.05 -1.22
CA PRO A 25 -6.76 13.01 -1.63
C PRO A 25 -7.38 12.65 -2.98
N THR A 26 -8.45 13.36 -3.34
CA THR A 26 -9.12 13.11 -4.61
C THR A 26 -8.39 13.76 -5.77
N ASN A 27 -7.61 14.79 -5.47
CA ASN A 27 -6.85 15.50 -6.49
C ASN A 27 -5.35 15.24 -6.33
N HIS A 28 -5.01 14.12 -5.70
CA HIS A 28 -3.62 13.75 -5.48
C HIS A 28 -2.84 13.78 -6.80
N ARG A 29 -1.53 13.59 -6.70
CA ARG A 29 -0.67 13.60 -7.89
C ARG A 29 -0.73 12.24 -8.60
N VAL A 30 -0.71 11.16 -7.82
CA VAL A 30 -0.76 9.82 -8.37
C VAL A 30 -1.91 9.68 -9.36
N THR A 31 -3.04 10.30 -9.05
CA THR A 31 -4.22 10.24 -9.91
C THR A 31 -3.90 10.74 -11.32
N TRP A 32 -3.16 11.84 -11.39
CA TRP A 32 -2.79 12.41 -12.67
C TRP A 32 -2.16 11.36 -13.58
N ASP A 33 -2.60 11.34 -14.84
CA ASP A 33 -2.08 10.38 -15.81
C ASP A 33 -0.56 10.44 -15.87
N SER A 34 -0.02 11.65 -15.94
CA SER A 34 1.42 11.86 -16.01
C SER A 34 2.14 11.06 -14.92
N ALA A 35 1.42 10.79 -13.84
CA ALA A 35 1.98 10.03 -12.72
C ALA A 35 2.25 8.58 -13.12
N GLN A 36 3.15 7.93 -12.40
CA GLN A 36 3.51 6.54 -12.67
C GLN A 36 3.73 5.77 -11.38
N VAL A 37 3.75 4.45 -11.48
CA VAL A 37 3.95 3.59 -10.31
C VAL A 37 4.91 4.24 -9.32
N PHE A 38 6.02 4.77 -9.83
CA PHE A 38 7.02 5.42 -8.99
C PHE A 38 6.35 6.41 -8.02
N ASP A 39 5.71 7.42 -8.58
CA ASP A 39 5.03 8.44 -7.77
C ASP A 39 4.33 7.79 -6.57
N LEU A 40 3.46 6.83 -6.85
CA LEU A 40 2.72 6.14 -5.80
C LEU A 40 3.66 5.31 -4.93
N ALA A 41 4.81 4.94 -5.48
CA ALA A 41 5.80 4.15 -4.76
C ALA A 41 6.65 5.04 -3.87
N GLN A 42 6.74 6.31 -4.22
CA GLN A 42 7.53 7.26 -3.44
C GLN A 42 6.81 7.65 -2.15
N THR A 43 5.54 8.03 -2.28
CA THR A 43 4.74 8.42 -1.13
C THR A 43 4.74 7.33 -0.06
N LEU A 44 4.97 6.10 -0.48
CA LEU A 44 5.00 4.96 0.44
C LEU A 44 6.42 4.51 0.71
N ARG A 45 7.30 4.75 -0.26
CA ARG A 45 8.70 4.37 -0.13
C ARG A 45 9.20 4.60 1.30
N ASP A 46 8.79 5.73 1.89
CA ASP A 46 9.18 6.07 3.24
C ASP A 46 8.64 5.06 4.24
N GLY A 47 7.32 4.87 4.21
CA GLY A 47 6.69 3.93 5.12
C GLY A 47 5.89 4.62 6.21
N VAL A 48 5.43 5.84 5.92
CA VAL A 48 4.65 6.61 6.87
C VAL A 48 3.15 6.51 6.57
N LEU A 49 2.82 6.50 5.29
CA LEU A 49 1.43 6.40 4.87
C LEU A 49 0.92 4.97 4.97
N LEU A 50 1.71 4.03 4.47
CA LEU A 50 1.35 2.61 4.51
C LEU A 50 0.72 2.26 5.85
N CYS A 51 1.36 2.69 6.94
CA CYS A 51 0.86 2.41 8.28
C CYS A 51 -0.52 3.03 8.48
N GLN A 52 -0.70 4.24 7.98
CA GLN A 52 -1.98 4.94 8.12
C GLN A 52 -3.11 4.12 7.53
N LEU A 53 -2.92 3.63 6.31
CA LEU A 53 -3.92 2.82 5.64
C LEU A 53 -4.64 1.90 6.63
N LEU A 54 -3.88 1.02 7.26
CA LEU A 54 -4.44 0.09 8.23
C LEU A 54 -5.16 0.83 9.34
N ASN A 55 -4.59 1.95 9.78
CA ASN A 55 -5.18 2.75 10.84
C ASN A 55 -6.54 3.31 10.41
N ASN A 56 -6.72 3.43 9.09
CA ASN A 56 -7.97 3.95 8.54
C ASN A 56 -9.06 2.87 8.54
N LEU A 57 -8.69 1.67 8.11
CA LEU A 57 -9.63 0.57 8.06
C LEU A 57 -9.95 0.04 9.46
N ARG A 58 -8.91 -0.29 10.21
CA ARG A 58 -9.07 -0.80 11.56
C ARG A 58 -8.54 0.21 12.59
N ALA A 59 -8.95 0.04 13.83
CA ALA A 59 -8.52 0.93 14.91
C ALA A 59 -7.38 0.31 15.72
N HIS A 60 -6.45 1.15 16.15
CA HIS A 60 -5.30 0.67 16.94
C HIS A 60 -4.45 -0.28 16.12
N SER A 61 -4.49 -0.14 14.80
CA SER A 61 -3.72 -1.00 13.90
C SER A 61 -2.23 -0.68 14.00
N ILE A 62 -1.91 0.60 14.09
CA ILE A 62 -0.52 1.04 14.19
C ILE A 62 -0.41 2.37 14.93
N ASN A 63 0.43 2.41 15.95
CA ASN A 63 0.63 3.63 16.74
C ASN A 63 1.58 4.58 16.04
N LEU A 64 1.03 5.69 15.54
CA LEU A 64 1.84 6.69 14.85
C LEU A 64 3.15 6.95 15.58
N LYS A 65 3.10 6.87 16.91
CA LYS A 65 4.28 7.09 17.73
C LYS A 65 5.32 6.01 17.50
N GLU A 66 4.85 4.77 17.30
CA GLU A 66 5.75 3.64 17.07
C GLU A 66 6.48 3.80 15.74
N ILE A 67 5.96 4.68 14.89
CA ILE A 67 6.57 4.93 13.58
C ILE A 67 7.15 6.34 13.50
N ASN A 68 8.40 6.44 13.08
CA ASN A 68 9.06 7.73 12.96
C ASN A 68 8.44 8.55 11.83
N LEU A 69 7.69 9.59 12.20
CA LEU A 69 7.04 10.45 11.22
C LEU A 69 8.01 11.52 10.71
N ARG A 70 7.99 11.73 9.41
CA ARG A 70 8.86 12.73 8.79
C ARG A 70 10.31 12.23 8.75
N PRO A 71 10.51 11.04 8.17
CA PRO A 71 11.84 10.43 8.05
C PRO A 71 12.73 11.18 7.07
N GLN A 72 12.22 12.27 6.51
CA GLN A 72 12.96 13.07 5.56
C GLN A 72 13.66 12.17 4.53
N MET A 73 12.94 11.18 4.03
CA MET A 73 13.48 10.26 3.04
C MET A 73 14.83 9.71 3.49
N SER A 74 14.90 9.29 4.76
CA SER A 74 16.13 8.75 5.31
C SER A 74 16.28 7.27 4.96
N GLN A 75 17.38 6.67 5.43
CA GLN A 75 17.64 5.27 5.16
C GLN A 75 17.35 4.41 6.40
N PHE A 76 17.73 4.93 7.56
CA PHE A 76 17.51 4.22 8.82
C PHE A 76 16.06 4.34 9.27
N LEU A 77 15.50 5.55 9.12
CA LEU A 77 14.12 5.80 9.51
C LEU A 77 13.14 5.11 8.56
N CYS A 78 13.16 5.54 7.31
CA CYS A 78 12.28 4.97 6.29
C CYS A 78 12.25 3.45 6.39
N LEU A 79 13.41 2.82 6.22
CA LEU A 79 13.51 1.37 6.29
C LEU A 79 12.71 0.83 7.47
N LYS A 80 13.09 1.23 8.67
CA LYS A 80 12.42 0.78 9.88
C LYS A 80 10.90 0.94 9.74
N ASN A 81 10.46 2.16 9.49
CA ASN A 81 9.04 2.45 9.34
C ASN A 81 8.33 1.32 8.58
N ILE A 82 8.76 1.11 7.33
CA ILE A 82 8.17 0.07 6.50
C ILE A 82 7.90 -1.20 7.32
N ARG A 83 8.96 -1.79 7.85
CA ARG A 83 8.84 -3.00 8.65
C ARG A 83 7.60 -2.96 9.52
N THR A 84 7.42 -1.85 10.24
CA THR A 84 6.27 -1.68 11.12
C THR A 84 4.98 -2.09 10.42
N PHE A 85 4.66 -1.40 9.33
CA PHE A 85 3.45 -1.70 8.57
C PHE A 85 3.35 -3.19 8.27
N LEU A 86 4.42 -3.75 7.74
CA LEU A 86 4.44 -5.18 7.40
C LEU A 86 4.15 -6.03 8.63
N THR A 87 4.58 -5.56 9.80
CA THR A 87 4.35 -6.28 11.04
C THR A 87 2.88 -6.25 11.44
N ALA A 88 2.28 -5.07 11.37
CA ALA A 88 0.87 -4.90 11.71
C ALA A 88 -0.01 -5.78 10.82
N CYS A 89 0.38 -5.92 9.56
CA CYS A 89 -0.39 -6.72 8.61
C CYS A 89 -0.46 -8.17 9.06
N CYS A 90 0.38 -8.53 10.03
CA CYS A 90 0.41 -9.89 10.56
C CYS A 90 -0.06 -9.92 12.01
N GLU A 91 0.04 -8.77 12.68
CA GLU A 91 -0.37 -8.67 14.08
C GLU A 91 -1.80 -8.16 14.19
N THR A 92 -2.07 -7.01 13.58
CA THR A 92 -3.39 -6.42 13.62
C THR A 92 -4.37 -7.22 12.77
N PHE A 93 -3.99 -7.49 11.52
CA PHE A 93 -4.84 -8.25 10.62
C PHE A 93 -4.51 -9.74 10.68
N GLY A 94 -3.34 -10.11 10.21
CA GLY A 94 -2.93 -11.50 10.21
C GLY A 94 -2.81 -12.09 8.83
N MET A 95 -1.92 -11.52 8.02
CA MET A 95 -1.72 -11.99 6.65
C MET A 95 -0.46 -12.84 6.55
N ARG A 96 -0.30 -13.55 5.44
CA ARG A 96 0.86 -14.40 5.22
C ARG A 96 2.10 -13.56 4.91
N LYS A 97 3.12 -13.67 5.76
CA LYS A 97 4.35 -12.93 5.58
C LYS A 97 4.85 -13.04 4.15
N SER A 98 4.64 -14.21 3.55
CA SER A 98 5.08 -14.45 2.18
C SER A 98 4.34 -13.54 1.20
N GLU A 99 3.10 -13.22 1.54
CA GLU A 99 2.28 -12.35 0.69
C GLU A 99 2.80 -10.91 0.70
N LEU A 100 3.27 -10.47 1.87
CA LEU A 100 3.80 -9.12 2.02
C LEU A 100 5.01 -8.92 1.12
N PHE A 101 5.55 -7.70 1.12
CA PHE A 101 6.73 -7.38 0.32
C PHE A 101 7.93 -7.10 1.20
N GLU A 102 9.11 -7.06 0.58
CA GLU A 102 10.35 -6.81 1.32
C GLU A 102 10.53 -5.31 1.56
N ALA A 103 10.86 -4.96 2.81
CA ALA A 103 11.07 -3.57 3.19
C ALA A 103 11.94 -2.85 2.17
N PHE A 104 12.95 -3.56 1.65
CA PHE A 104 13.85 -2.99 0.66
C PHE A 104 13.14 -2.72 -0.66
N ASP A 105 12.62 -3.79 -1.26
CA ASP A 105 11.92 -3.68 -2.53
C ASP A 105 11.14 -2.36 -2.60
N LEU A 106 10.49 -2.00 -1.51
CA LEU A 106 9.71 -0.77 -1.44
C LEU A 106 10.63 0.45 -1.36
N PHE A 107 11.61 0.39 -0.47
CA PHE A 107 12.56 1.48 -0.29
C PHE A 107 13.30 1.78 -1.59
N ASP A 108 13.98 0.77 -2.12
CA ASP A 108 14.74 0.92 -3.36
C ASP A 108 13.82 0.86 -4.57
N VAL A 109 12.51 0.83 -4.30
CA VAL A 109 11.51 0.78 -5.37
C VAL A 109 11.95 -0.19 -6.47
N ARG A 110 12.38 -1.38 -6.07
CA ARG A 110 12.82 -2.39 -7.02
C ARG A 110 11.63 -2.99 -7.77
N ASP A 111 10.70 -3.57 -7.02
CA ASP A 111 9.51 -4.18 -7.61
C ASP A 111 8.25 -3.72 -6.89
N PHE A 112 7.61 -2.70 -7.44
CA PHE A 112 6.39 -2.15 -6.85
C PHE A 112 5.24 -3.15 -6.97
N GLY A 113 5.16 -3.81 -8.13
CA GLY A 113 4.10 -4.77 -8.36
C GLY A 113 3.85 -5.65 -7.14
N LYS A 114 4.92 -5.99 -6.43
CA LYS A 114 4.82 -6.82 -5.24
C LYS A 114 4.03 -6.13 -4.15
N VAL A 115 4.23 -4.82 -4.01
CA VAL A 115 3.54 -4.04 -3.01
C VAL A 115 2.07 -3.87 -3.36
N ILE A 116 1.79 -3.73 -4.65
CA ILE A 116 0.42 -3.57 -5.12
C ILE A 116 -0.43 -4.79 -4.79
N GLU A 117 0.05 -5.96 -5.20
CA GLU A 117 -0.66 -7.21 -4.94
C GLU A 117 -1.04 -7.33 -3.46
N THR A 118 -0.04 -7.16 -2.59
CA THR A 118 -0.25 -7.25 -1.16
C THR A 118 -1.60 -6.64 -0.77
N LEU A 119 -1.87 -5.44 -1.25
CA LEU A 119 -3.11 -4.75 -0.96
C LEU A 119 -4.31 -5.53 -1.52
N SER A 120 -4.20 -5.93 -2.77
CA SER A 120 -5.28 -6.68 -3.43
C SER A 120 -5.81 -7.78 -2.51
N ARG A 121 -4.90 -8.42 -1.78
CA ARG A 121 -5.28 -9.49 -0.87
C ARG A 121 -5.83 -8.93 0.44
N LEU A 122 -5.02 -8.11 1.10
CA LEU A 122 -5.43 -7.50 2.37
C LEU A 122 -6.91 -7.16 2.36
N SER A 123 -7.37 -6.56 1.26
CA SER A 123 -8.78 -6.18 1.12
C SER A 123 -9.69 -7.30 1.60
N ARG A 124 -9.41 -8.52 1.16
CA ARG A 124 -10.21 -9.68 1.54
C ARG A 124 -10.56 -9.63 3.02
N THR A 125 -9.62 -9.14 3.83
CA THR A 125 -9.82 -9.05 5.27
C THR A 125 -11.18 -8.43 5.59
N PRO A 126 -11.78 -8.88 6.71
CA PRO A 126 -13.09 -8.39 7.15
C PRO A 126 -13.03 -6.95 7.65
N ILE A 127 -11.83 -6.36 7.60
CA ILE A 127 -11.64 -4.98 8.04
C ILE A 127 -11.72 -4.01 6.87
N ALA A 128 -11.17 -4.41 5.73
CA ALA A 128 -11.18 -3.58 4.53
C ALA A 128 -12.58 -3.51 3.93
N LEU A 129 -13.21 -4.68 3.77
CA LEU A 129 -14.54 -4.74 3.20
C LEU A 129 -15.56 -4.07 4.11
N ALA A 130 -15.36 -4.19 5.42
CA ALA A 130 -16.25 -3.59 6.39
C ALA A 130 -16.63 -2.17 5.99
N THR A 131 -15.63 -1.35 5.70
CA THR A 131 -15.85 0.03 5.30
C THR A 131 -16.82 0.11 4.12
N GLY A 132 -16.71 -0.84 3.20
CA GLY A 132 -17.58 -0.87 2.04
C GLY A 132 -16.90 -0.33 0.79
N ILE A 133 -15.56 -0.31 0.81
CA ILE A 133 -14.80 0.18 -0.33
C ILE A 133 -14.75 -0.85 -1.45
N ARG A 134 -14.95 -0.39 -2.68
CA ARG A 134 -14.93 -1.27 -3.83
C ARG A 134 -13.77 -2.26 -3.76
N PRO A 135 -14.08 -3.55 -3.78
CA PRO A 135 -13.08 -4.62 -3.71
C PRO A 135 -12.23 -4.70 -4.98
N PHE A 136 -10.94 -4.97 -4.81
CA PHE A 136 -10.04 -5.08 -5.95
C PHE A 136 -10.67 -5.89 -7.08
N PRO A 137 -10.83 -7.20 -6.84
CA PRO A 137 -11.43 -8.10 -7.83
C PRO A 137 -12.91 -7.85 -8.03
N SER A 138 -13.58 -8.76 -8.73
CA SER A 138 -15.02 -8.63 -9.01
C SER A 138 -15.80 -8.55 -7.70
N GLY A 139 -15.66 -9.56 -6.86
CA GLY A 139 -16.37 -9.58 -5.59
C GLY A 139 -16.73 -10.99 -5.16
N PRO A 140 -17.54 -11.09 -4.09
CA PRO A 140 -17.99 -12.38 -3.55
C PRO A 140 -18.96 -13.10 -4.49
N SER A 141 -19.96 -12.38 -4.95
CA SER A 141 -20.96 -12.94 -5.85
C SER A 141 -21.70 -14.10 -5.18
N SER A 142 -22.08 -13.88 -3.92
CA SER A 142 -22.80 -14.90 -3.16
C SER A 142 -24.16 -14.37 -2.69
N GLY A 143 -24.14 -13.22 -2.03
CA GLY A 143 -25.36 -12.63 -1.53
C GLY A 143 -25.41 -12.56 -0.03
N GLY A 1 -1.62 -10.92 -22.89
CA GLY A 1 -0.18 -10.81 -22.74
C GLY A 1 0.23 -10.73 -21.28
N SER A 2 1.41 -11.29 -20.97
CA SER A 2 1.91 -11.28 -19.61
C SER A 2 2.95 -10.19 -19.41
N SER A 3 3.98 -10.21 -20.25
CA SER A 3 5.05 -9.21 -20.17
C SER A 3 4.49 -7.80 -20.33
N GLY A 4 3.80 -7.57 -21.45
CA GLY A 4 3.22 -6.26 -21.71
C GLY A 4 1.74 -6.22 -21.42
N SER A 5 1.39 -5.73 -20.22
CA SER A 5 -0.01 -5.64 -19.82
C SER A 5 -0.83 -4.91 -20.87
N SER A 6 -2.04 -5.42 -21.13
CA SER A 6 -2.93 -4.81 -22.12
C SER A 6 -4.25 -4.41 -21.47
N GLY A 7 -4.50 -3.11 -21.42
CA GLY A 7 -5.73 -2.61 -20.84
C GLY A 7 -5.50 -1.47 -19.87
N MET A 8 -5.32 -1.81 -18.59
CA MET A 8 -5.09 -0.81 -17.56
C MET A 8 -4.07 -1.30 -16.54
N GLU A 9 -3.08 -0.46 -16.26
CA GLU A 9 -2.03 -0.82 -15.30
C GLU A 9 -2.63 -1.21 -13.96
N PRO A 10 -1.90 -2.04 -13.19
CA PRO A 10 -2.34 -2.51 -11.88
C PRO A 10 -2.35 -1.39 -10.84
N TRP A 11 -1.43 -0.45 -10.99
CA TRP A 11 -1.33 0.66 -10.06
C TRP A 11 -2.43 1.70 -10.33
N LYS A 12 -2.58 2.08 -11.59
CA LYS A 12 -3.58 3.06 -11.98
C LYS A 12 -4.88 2.84 -11.21
N GLN A 13 -5.44 1.64 -11.32
CA GLN A 13 -6.69 1.32 -10.63
C GLN A 13 -6.48 1.31 -9.12
N CYS A 14 -5.29 0.89 -8.68
CA CYS A 14 -4.96 0.83 -7.27
C CYS A 14 -5.21 2.18 -6.60
N ALA A 15 -4.78 3.25 -7.26
CA ALA A 15 -4.96 4.59 -6.73
C ALA A 15 -6.37 4.78 -6.18
N GLN A 16 -7.37 4.39 -6.97
CA GLN A 16 -8.76 4.53 -6.56
C GLN A 16 -8.97 3.96 -5.16
N TRP A 17 -8.64 2.69 -4.97
CA TRP A 17 -8.79 2.04 -3.68
C TRP A 17 -8.19 2.89 -2.57
N LEU A 18 -6.98 3.39 -2.80
CA LEU A 18 -6.29 4.21 -1.82
C LEU A 18 -7.15 5.41 -1.42
N ILE A 19 -7.61 6.16 -2.41
CA ILE A 19 -8.44 7.33 -2.16
C ILE A 19 -9.63 6.98 -1.28
N HIS A 20 -10.26 5.84 -1.56
CA HIS A 20 -11.42 5.39 -0.80
C HIS A 20 -10.99 4.93 0.60
N CYS A 21 -9.82 4.30 0.67
CA CYS A 21 -9.31 3.81 1.94
C CYS A 21 -8.97 4.96 2.88
N LYS A 22 -9.09 6.18 2.38
CA LYS A 22 -8.80 7.37 3.16
C LYS A 22 -7.30 7.51 3.40
N VAL A 23 -6.52 7.38 2.32
CA VAL A 23 -5.06 7.49 2.42
C VAL A 23 -4.52 8.54 1.47
N LEU A 24 -5.26 8.77 0.37
CA LEU A 24 -4.85 9.75 -0.63
C LEU A 24 -6.02 10.65 -1.01
N PRO A 25 -5.72 11.91 -1.34
CA PRO A 25 -6.72 12.90 -1.73
C PRO A 25 -7.34 12.59 -3.09
N THR A 26 -8.49 13.18 -3.36
CA THR A 26 -9.18 12.97 -4.63
C THR A 26 -8.44 13.63 -5.78
N ASN A 27 -7.76 14.73 -5.49
CA ASN A 27 -6.99 15.46 -6.49
C ASN A 27 -5.50 15.21 -6.32
N HIS A 28 -5.15 14.09 -5.72
CA HIS A 28 -3.75 13.74 -5.49
C HIS A 28 -2.95 13.84 -6.79
N ARG A 29 -1.63 13.67 -6.68
CA ARG A 29 -0.76 13.75 -7.85
C ARG A 29 -0.73 12.42 -8.59
N VAL A 30 -0.71 11.33 -7.84
CA VAL A 30 -0.68 9.99 -8.42
C VAL A 30 -1.85 9.78 -9.37
N THR A 31 -2.98 10.40 -9.05
CA THR A 31 -4.18 10.28 -9.88
C THR A 31 -3.92 10.77 -11.30
N TRP A 32 -3.28 11.94 -11.40
CA TRP A 32 -2.98 12.52 -12.71
C TRP A 32 -2.24 11.52 -13.60
N ASP A 33 -2.67 11.42 -14.85
CA ASP A 33 -2.06 10.51 -15.79
C ASP A 33 -0.53 10.63 -15.77
N SER A 34 -0.05 11.86 -15.88
CA SER A 34 1.38 12.12 -15.86
C SER A 34 2.09 11.24 -14.84
N ALA A 35 1.42 10.99 -13.72
CA ALA A 35 1.98 10.17 -12.66
C ALA A 35 2.27 8.75 -13.16
N GLN A 36 3.04 8.01 -12.38
CA GLN A 36 3.40 6.64 -12.74
C GLN A 36 3.66 5.79 -11.50
N VAL A 37 3.69 4.47 -11.69
CA VAL A 37 3.92 3.56 -10.59
C VAL A 37 4.88 4.15 -9.56
N PHE A 38 5.95 4.76 -10.05
CA PHE A 38 6.95 5.38 -9.17
C PHE A 38 6.28 6.34 -8.20
N ASP A 39 5.65 7.38 -8.74
CA ASP A 39 4.98 8.38 -7.92
C ASP A 39 4.31 7.72 -6.71
N LEU A 40 3.40 6.80 -6.97
CA LEU A 40 2.69 6.10 -5.91
C LEU A 40 3.66 5.31 -5.03
N ALA A 41 4.73 4.81 -5.64
CA ALA A 41 5.73 4.05 -4.91
C ALA A 41 6.60 4.96 -4.04
N GLN A 42 6.66 6.24 -4.41
CA GLN A 42 7.44 7.21 -3.66
C GLN A 42 6.72 7.64 -2.39
N THR A 43 5.50 8.17 -2.56
CA THR A 43 4.71 8.62 -1.43
C THR A 43 4.70 7.58 -0.31
N LEU A 44 4.96 6.33 -0.67
CA LEU A 44 4.97 5.24 0.30
C LEU A 44 6.40 4.82 0.63
N ARG A 45 7.29 4.98 -0.35
CA ARG A 45 8.70 4.62 -0.16
C ARG A 45 9.17 4.97 1.25
N ASP A 46 8.69 6.11 1.76
CA ASP A 46 9.05 6.55 3.10
C ASP A 46 8.58 5.55 4.16
N GLY A 47 7.32 5.14 4.05
CA GLY A 47 6.78 4.20 5.01
C GLY A 47 5.95 4.88 6.09
N VAL A 48 5.45 6.08 5.79
CA VAL A 48 4.65 6.84 6.74
C VAL A 48 3.17 6.73 6.41
N LEU A 49 2.86 6.62 5.13
CA LEU A 49 1.47 6.51 4.69
C LEU A 49 0.97 5.07 4.83
N LEU A 50 1.70 4.13 4.24
CA LEU A 50 1.33 2.72 4.32
C LEU A 50 0.69 2.39 5.66
N CYS A 51 1.38 2.74 6.74
CA CYS A 51 0.88 2.47 8.08
C CYS A 51 -0.49 3.09 8.28
N GLN A 52 -0.68 4.30 7.79
CA GLN A 52 -1.95 5.01 7.91
C GLN A 52 -3.09 4.15 7.37
N LEU A 53 -2.88 3.55 6.20
CA LEU A 53 -3.89 2.70 5.57
C LEU A 53 -4.54 1.79 6.59
N LEU A 54 -3.73 0.92 7.20
CA LEU A 54 -4.23 -0.02 8.21
C LEU A 54 -4.97 0.72 9.33
N ASN A 55 -4.42 1.87 9.73
CA ASN A 55 -5.04 2.66 10.79
C ASN A 55 -6.40 3.19 10.36
N ASN A 56 -6.59 3.32 9.05
CA ASN A 56 -7.86 3.80 8.50
C ASN A 56 -8.92 2.72 8.52
N LEU A 57 -8.55 1.53 8.05
CA LEU A 57 -9.46 0.40 8.01
C LEU A 57 -9.87 -0.03 9.42
N ARG A 58 -8.86 -0.31 10.24
CA ARG A 58 -9.11 -0.72 11.63
C ARG A 58 -8.53 0.28 12.61
N ALA A 59 -9.06 0.28 13.83
CA ALA A 59 -8.59 1.20 14.86
C ALA A 59 -7.47 0.59 15.68
N HIS A 60 -6.51 1.41 16.08
CA HIS A 60 -5.37 0.94 16.87
C HIS A 60 -4.56 -0.10 16.08
N SER A 61 -4.46 0.10 14.77
CA SER A 61 -3.73 -0.82 13.92
C SER A 61 -2.23 -0.55 13.99
N ILE A 62 -1.86 0.73 13.94
CA ILE A 62 -0.46 1.13 14.00
C ILE A 62 -0.30 2.46 14.73
N ASN A 63 0.46 2.45 15.81
CA ASN A 63 0.71 3.65 16.60
C ASN A 63 1.60 4.62 15.85
N LEU A 64 1.03 5.72 15.38
CA LEU A 64 1.78 6.73 14.64
C LEU A 64 3.08 7.08 15.37
N LYS A 65 3.03 7.09 16.70
CA LYS A 65 4.19 7.40 17.51
C LYS A 65 5.29 6.37 17.31
N GLU A 66 4.89 5.11 17.08
CA GLU A 66 5.84 4.03 16.87
C GLU A 66 6.57 4.20 15.54
N ILE A 67 5.96 4.94 14.63
CA ILE A 67 6.55 5.18 13.32
C ILE A 67 7.09 6.60 13.21
N ASN A 68 8.30 6.74 12.68
CA ASN A 68 8.93 8.04 12.53
C ASN A 68 8.28 8.83 11.39
N LEU A 69 7.24 9.59 11.73
CA LEU A 69 6.53 10.39 10.74
C LEU A 69 7.49 11.25 9.94
N ARG A 70 8.52 11.76 10.60
CA ARG A 70 9.53 12.59 9.95
C ARG A 70 10.87 11.88 9.90
N PRO A 71 11.08 11.09 8.84
CA PRO A 71 12.32 10.35 8.64
C PRO A 71 13.50 11.25 8.31
N GLN A 72 13.21 12.38 7.66
CA GLN A 72 14.24 13.34 7.29
C GLN A 72 15.27 12.70 6.36
N MET A 73 14.80 11.80 5.50
CA MET A 73 15.67 11.11 4.56
C MET A 73 16.72 10.29 5.30
N SER A 74 16.28 9.47 6.25
CA SER A 74 17.18 8.63 7.03
C SER A 74 16.92 7.16 6.76
N GLN A 75 17.65 6.59 5.81
CA GLN A 75 17.49 5.18 5.46
C GLN A 75 17.18 4.35 6.69
N PHE A 76 17.97 4.55 7.75
CA PHE A 76 17.79 3.81 8.99
C PHE A 76 16.34 3.89 9.46
N LEU A 77 15.81 5.11 9.51
CA LEU A 77 14.44 5.32 9.95
C LEU A 77 13.44 4.83 8.90
N CYS A 78 13.58 5.35 7.68
CA CYS A 78 12.69 4.96 6.60
C CYS A 78 12.51 3.44 6.56
N LEU A 79 13.61 2.71 6.46
CA LEU A 79 13.57 1.25 6.42
C LEU A 79 12.76 0.70 7.60
N LYS A 80 13.06 1.19 8.80
CA LYS A 80 12.37 0.76 10.00
C LYS A 80 10.86 0.94 9.86
N ASN A 81 10.44 2.17 9.57
CA ASN A 81 9.02 2.48 9.42
C ASN A 81 8.32 1.39 8.59
N ILE A 82 8.80 1.20 7.37
CA ILE A 82 8.21 0.19 6.49
C ILE A 82 7.90 -1.10 7.25
N ARG A 83 8.94 -1.71 7.81
CA ARG A 83 8.78 -2.95 8.56
C ARG A 83 7.52 -2.90 9.43
N THR A 84 7.42 -1.86 10.26
CA THR A 84 6.27 -1.70 11.14
C THR A 84 4.98 -2.10 10.43
N PHE A 85 4.69 -1.46 9.31
CA PHE A 85 3.50 -1.74 8.54
C PHE A 85 3.40 -3.23 8.22
N LEU A 86 4.41 -3.74 7.52
CA LEU A 86 4.44 -5.15 7.14
C LEU A 86 4.20 -6.05 8.35
N THR A 87 4.62 -5.58 9.53
CA THR A 87 4.44 -6.33 10.76
C THR A 87 2.98 -6.37 11.17
N ALA A 88 2.39 -5.20 11.36
CA ALA A 88 0.99 -5.10 11.75
C ALA A 88 0.11 -6.00 10.89
N CYS A 89 0.32 -5.94 9.58
CA CYS A 89 -0.46 -6.73 8.65
C CYS A 89 -0.62 -8.16 9.15
N CYS A 90 0.30 -8.58 10.01
CA CYS A 90 0.26 -9.93 10.57
C CYS A 90 -0.20 -9.90 12.03
N GLU A 91 0.00 -8.76 12.69
CA GLU A 91 -0.39 -8.61 14.08
C GLU A 91 -1.82 -8.09 14.19
N THR A 92 -2.06 -6.92 13.57
CA THR A 92 -3.38 -6.31 13.61
C THR A 92 -4.39 -7.14 12.80
N PHE A 93 -4.01 -7.49 11.57
CA PHE A 93 -4.87 -8.27 10.70
C PHE A 93 -4.55 -9.76 10.81
N GLY A 94 -3.36 -10.14 10.35
CA GLY A 94 -2.95 -11.52 10.39
C GLY A 94 -2.88 -12.16 9.03
N MET A 95 -2.06 -11.57 8.15
CA MET A 95 -1.91 -12.09 6.79
C MET A 95 -0.65 -12.94 6.67
N ARG A 96 -0.39 -13.43 5.47
CA ARG A 96 0.79 -14.26 5.23
C ARG A 96 1.99 -13.39 4.85
N LYS A 97 3.01 -13.40 5.71
CA LYS A 97 4.22 -12.63 5.47
C LYS A 97 4.75 -12.86 4.07
N SER A 98 4.67 -14.11 3.60
CA SER A 98 5.14 -14.47 2.28
C SER A 98 4.50 -13.58 1.21
N GLU A 99 3.24 -13.20 1.45
CA GLU A 99 2.52 -12.36 0.51
C GLU A 99 3.04 -10.93 0.55
N LEU A 100 3.40 -10.46 1.74
CA LEU A 100 3.92 -9.11 1.91
C LEU A 100 5.10 -8.86 0.98
N PHE A 101 5.44 -7.59 0.79
CA PHE A 101 6.55 -7.20 -0.07
C PHE A 101 7.84 -7.05 0.73
N GLU A 102 8.97 -7.01 0.03
CA GLU A 102 10.26 -6.87 0.68
C GLU A 102 10.48 -5.44 1.16
N ALA A 103 11.10 -5.30 2.33
CA ALA A 103 11.36 -3.98 2.90
C ALA A 103 12.16 -3.11 1.92
N PHE A 104 12.99 -3.75 1.11
CA PHE A 104 13.80 -3.03 0.13
C PHE A 104 12.98 -2.67 -1.10
N ASP A 105 12.37 -3.67 -1.72
CA ASP A 105 11.55 -3.46 -2.91
C ASP A 105 10.82 -2.13 -2.83
N LEU A 106 10.26 -1.83 -1.66
CA LEU A 106 9.54 -0.59 -1.46
C LEU A 106 10.50 0.60 -1.34
N PHE A 107 11.54 0.42 -0.54
CA PHE A 107 12.54 1.46 -0.33
C PHE A 107 13.18 1.87 -1.65
N ASP A 108 13.78 0.90 -2.33
CA ASP A 108 14.43 1.15 -3.62
C ASP A 108 13.44 1.03 -4.76
N VAL A 109 12.15 1.03 -4.44
CA VAL A 109 11.10 0.92 -5.44
C VAL A 109 11.53 -0.01 -6.58
N ARG A 110 12.01 -1.20 -6.22
CA ARG A 110 12.46 -2.17 -7.22
C ARG A 110 11.26 -2.88 -7.85
N ASP A 111 10.50 -3.60 -7.03
CA ASP A 111 9.33 -4.33 -7.52
C ASP A 111 8.07 -3.86 -6.81
N PHE A 112 7.66 -2.63 -7.10
CA PHE A 112 6.46 -2.05 -6.50
C PHE A 112 5.30 -3.04 -6.56
N GLY A 113 5.25 -3.82 -7.65
CA GLY A 113 4.18 -4.79 -7.81
C GLY A 113 3.87 -5.53 -6.52
N LYS A 114 4.90 -6.08 -5.89
CA LYS A 114 4.73 -6.82 -4.64
C LYS A 114 3.90 -6.03 -3.65
N VAL A 115 4.06 -4.70 -3.67
CA VAL A 115 3.32 -3.82 -2.77
C VAL A 115 1.87 -3.68 -3.22
N ILE A 116 1.66 -3.59 -4.52
CA ILE A 116 0.33 -3.45 -5.08
C ILE A 116 -0.51 -4.71 -4.85
N GLU A 117 0.07 -5.86 -5.19
CA GLU A 117 -0.62 -7.14 -5.02
C GLU A 117 -1.02 -7.34 -3.56
N THR A 118 -0.07 -7.18 -2.65
CA THR A 118 -0.32 -7.35 -1.22
C THR A 118 -1.67 -6.78 -0.84
N LEU A 119 -1.91 -5.53 -1.21
CA LEU A 119 -3.17 -4.85 -0.92
C LEU A 119 -4.35 -5.64 -1.47
N SER A 120 -4.23 -6.09 -2.72
CA SER A 120 -5.29 -6.85 -3.36
C SER A 120 -5.84 -7.92 -2.42
N ARG A 121 -4.94 -8.63 -1.74
CA ARG A 121 -5.33 -9.68 -0.82
C ARG A 121 -5.92 -9.09 0.46
N LEU A 122 -5.17 -8.19 1.09
CA LEU A 122 -5.61 -7.55 2.32
C LEU A 122 -7.11 -7.24 2.26
N SER A 123 -7.53 -6.56 1.20
CA SER A 123 -8.94 -6.21 1.03
C SER A 123 -9.84 -7.33 1.52
N ARG A 124 -9.48 -8.57 1.21
CA ARG A 124 -10.25 -9.73 1.63
C ARG A 124 -10.62 -9.63 3.11
N THR A 125 -9.65 -9.28 3.93
CA THR A 125 -9.88 -9.16 5.37
C THR A 125 -11.27 -8.60 5.66
N PRO A 126 -11.86 -9.04 6.78
CA PRO A 126 -13.19 -8.59 7.20
C PRO A 126 -13.20 -7.13 7.64
N ILE A 127 -12.04 -6.50 7.62
CA ILE A 127 -11.92 -5.11 8.02
C ILE A 127 -11.95 -4.18 6.79
N ALA A 128 -11.35 -4.63 5.71
CA ALA A 128 -11.31 -3.85 4.48
C ALA A 128 -12.68 -3.80 3.81
N LEU A 129 -13.38 -4.93 3.83
CA LEU A 129 -14.70 -5.01 3.23
C LEU A 129 -15.74 -4.31 4.10
N ALA A 130 -15.60 -4.45 5.41
CA ALA A 130 -16.52 -3.83 6.35
C ALA A 130 -16.86 -2.40 5.92
N THR A 131 -15.84 -1.64 5.56
CA THR A 131 -16.03 -0.26 5.13
C THR A 131 -16.92 -0.19 3.89
N GLY A 132 -16.80 -1.20 3.03
CA GLY A 132 -17.60 -1.23 1.82
C GLY A 132 -16.91 -0.55 0.65
N ILE A 133 -15.58 -0.53 0.68
CA ILE A 133 -14.80 0.10 -0.38
C ILE A 133 -14.59 -0.86 -1.55
N ARG A 134 -14.63 -0.32 -2.76
CA ARG A 134 -14.45 -1.11 -3.97
C ARG A 134 -13.49 -2.26 -3.71
N PRO A 135 -14.04 -3.45 -3.42
CA PRO A 135 -13.24 -4.66 -3.15
C PRO A 135 -12.54 -5.18 -4.40
N PHE A 136 -11.34 -5.70 -4.22
CA PHE A 136 -10.57 -6.24 -5.34
C PHE A 136 -11.33 -7.35 -6.05
N PRO A 137 -11.06 -7.52 -7.35
CA PRO A 137 -11.71 -8.54 -8.17
C PRO A 137 -11.28 -9.94 -7.80
N SER A 138 -12.18 -10.91 -7.98
CA SER A 138 -11.89 -12.30 -7.67
C SER A 138 -12.83 -13.25 -8.42
N GLY A 139 -12.36 -14.46 -8.68
CA GLY A 139 -13.17 -15.43 -9.39
C GLY A 139 -14.61 -15.43 -8.92
N PRO A 140 -15.53 -15.79 -9.83
CA PRO A 140 -16.97 -15.83 -9.53
C PRO A 140 -17.31 -16.97 -8.56
N SER A 141 -16.72 -18.14 -8.80
CA SER A 141 -16.98 -19.31 -7.95
C SER A 141 -17.19 -18.89 -6.50
N SER A 142 -16.30 -18.04 -6.00
CA SER A 142 -16.38 -17.57 -4.62
C SER A 142 -17.66 -16.77 -4.41
N GLY A 143 -18.38 -17.09 -3.34
CA GLY A 143 -19.62 -16.39 -3.03
C GLY A 143 -20.85 -17.18 -3.43
N GLY A 1 3.53 -8.73 -19.90
CA GLY A 1 3.31 -7.40 -20.45
C GLY A 1 4.14 -7.13 -21.69
N SER A 2 5.41 -7.53 -21.64
CA SER A 2 6.32 -7.33 -22.77
C SER A 2 5.69 -7.80 -24.07
N SER A 3 5.32 -9.08 -24.11
CA SER A 3 4.71 -9.66 -25.30
C SER A 3 3.19 -9.64 -25.19
N GLY A 4 2.56 -8.77 -25.99
CA GLY A 4 1.12 -8.67 -25.98
C GLY A 4 0.64 -7.23 -26.09
N SER A 5 -0.01 -6.73 -25.04
CA SER A 5 -0.52 -5.37 -25.04
C SER A 5 -0.22 -4.68 -23.71
N SER A 6 -0.40 -3.37 -23.67
CA SER A 6 -0.16 -2.59 -22.46
C SER A 6 -1.44 -1.96 -21.95
N GLY A 7 -2.25 -2.75 -21.25
CA GLY A 7 -3.50 -2.25 -20.70
C GLY A 7 -3.31 -1.47 -19.43
N MET A 8 -4.41 -0.98 -18.86
CA MET A 8 -4.35 -0.20 -17.62
C MET A 8 -3.56 -0.94 -16.55
N GLU A 9 -2.40 -0.39 -16.21
CA GLU A 9 -1.55 -1.00 -15.19
C GLU A 9 -2.34 -1.28 -13.92
N PRO A 10 -1.84 -2.24 -13.12
CA PRO A 10 -2.48 -2.64 -11.86
C PRO A 10 -2.36 -1.56 -10.79
N TRP A 11 -1.54 -0.55 -11.06
CA TRP A 11 -1.34 0.55 -10.13
C TRP A 11 -2.36 1.65 -10.36
N LYS A 12 -2.79 1.81 -11.60
CA LYS A 12 -3.77 2.83 -11.96
C LYS A 12 -5.04 2.69 -11.12
N GLN A 13 -5.54 1.45 -11.03
CA GLN A 13 -6.75 1.17 -10.27
C GLN A 13 -6.47 1.23 -8.76
N CYS A 14 -5.33 0.67 -8.36
CA CYS A 14 -4.95 0.65 -6.96
C CYS A 14 -5.04 2.05 -6.35
N ALA A 15 -4.63 3.04 -7.12
CA ALA A 15 -4.67 4.43 -6.66
C ALA A 15 -6.01 4.76 -6.04
N GLN A 16 -7.08 4.40 -6.74
CA GLN A 16 -8.44 4.65 -6.25
C GLN A 16 -8.63 4.13 -4.83
N TRP A 17 -8.49 2.83 -4.67
CA TRP A 17 -8.64 2.20 -3.37
C TRP A 17 -8.02 3.06 -2.27
N LEU A 18 -6.81 3.54 -2.52
CA LEU A 18 -6.11 4.38 -1.55
C LEU A 18 -6.93 5.62 -1.20
N ILE A 19 -7.37 6.34 -2.23
CA ILE A 19 -8.17 7.54 -2.04
C ILE A 19 -9.40 7.25 -1.19
N HIS A 20 -10.07 6.14 -1.48
CA HIS A 20 -11.26 5.74 -0.74
C HIS A 20 -10.89 5.23 0.65
N CYS A 21 -9.69 4.67 0.77
CA CYS A 21 -9.22 4.13 2.03
C CYS A 21 -8.87 5.26 3.01
N LYS A 22 -9.09 6.49 2.57
CA LYS A 22 -8.80 7.65 3.40
C LYS A 22 -7.30 7.79 3.65
N VAL A 23 -6.51 7.64 2.58
CA VAL A 23 -5.06 7.74 2.69
C VAL A 23 -4.52 8.81 1.74
N LEU A 24 -5.23 9.04 0.64
CA LEU A 24 -4.82 10.03 -0.35
C LEU A 24 -6.00 10.90 -0.75
N PRO A 25 -5.70 12.15 -1.15
CA PRO A 25 -6.73 13.11 -1.58
C PRO A 25 -7.35 12.73 -2.92
N THR A 26 -8.56 13.23 -3.16
CA THR A 26 -9.26 12.94 -4.41
C THR A 26 -8.55 13.56 -5.60
N ASN A 27 -7.87 14.68 -5.36
CA ASN A 27 -7.14 15.37 -6.42
C ASN A 27 -5.64 15.16 -6.28
N HIS A 28 -5.26 14.05 -5.63
CA HIS A 28 -3.85 13.74 -5.42
C HIS A 28 -3.09 13.77 -6.75
N ARG A 29 -1.79 13.48 -6.68
CA ARG A 29 -0.95 13.47 -7.87
C ARG A 29 -1.01 12.13 -8.58
N VAL A 30 -1.15 11.06 -7.79
CA VAL A 30 -1.20 9.71 -8.34
C VAL A 30 -2.45 9.52 -9.20
N THR A 31 -3.40 10.44 -9.06
CA THR A 31 -4.64 10.38 -9.83
C THR A 31 -4.43 10.91 -11.24
N TRP A 32 -3.46 11.80 -11.40
CA TRP A 32 -3.16 12.39 -12.70
C TRP A 32 -2.62 11.33 -13.66
N ASP A 33 -3.07 11.38 -14.91
CA ASP A 33 -2.63 10.43 -15.92
C ASP A 33 -1.11 10.45 -16.07
N SER A 34 -0.51 11.62 -15.80
CA SER A 34 0.93 11.77 -15.90
C SER A 34 1.65 10.94 -14.85
N ALA A 35 1.00 10.74 -13.71
CA ALA A 35 1.57 9.95 -12.62
C ALA A 35 1.84 8.52 -13.07
N GLN A 36 2.73 7.84 -12.35
CA GLN A 36 3.09 6.46 -12.68
C GLN A 36 3.43 5.68 -11.41
N VAL A 37 3.50 4.37 -11.54
CA VAL A 37 3.84 3.50 -10.41
C VAL A 37 4.82 4.18 -9.47
N PHE A 38 5.88 4.73 -10.03
CA PHE A 38 6.91 5.42 -9.23
C PHE A 38 6.26 6.44 -8.29
N ASP A 39 5.55 7.40 -8.87
CA ASP A 39 4.89 8.44 -8.09
C ASP A 39 4.18 7.84 -6.88
N LEU A 40 3.27 6.90 -7.14
CA LEU A 40 2.52 6.25 -6.07
C LEU A 40 3.43 5.37 -5.23
N ALA A 41 4.59 5.03 -5.78
CA ALA A 41 5.55 4.19 -5.08
C ALA A 41 6.42 5.02 -4.14
N GLN A 42 6.61 6.29 -4.49
CA GLN A 42 7.43 7.19 -3.67
C GLN A 42 6.68 7.61 -2.41
N THR A 43 5.47 8.11 -2.58
CA THR A 43 4.65 8.56 -1.47
C THR A 43 4.62 7.50 -0.36
N LEU A 44 4.83 6.25 -0.74
CA LEU A 44 4.82 5.14 0.21
C LEU A 44 6.25 4.70 0.54
N ARG A 45 7.15 4.87 -0.43
CA ARG A 45 8.54 4.49 -0.24
C ARG A 45 9.04 4.86 1.15
N ASP A 46 8.56 6.01 1.65
CA ASP A 46 8.96 6.48 2.97
C ASP A 46 8.51 5.51 4.06
N GLY A 47 7.22 5.18 4.05
CA GLY A 47 6.68 4.26 5.04
C GLY A 47 5.88 4.97 6.11
N VAL A 48 5.35 6.14 5.78
CA VAL A 48 4.56 6.92 6.72
C VAL A 48 3.08 6.79 6.43
N LEU A 49 2.74 6.71 5.15
CA LEU A 49 1.35 6.58 4.73
C LEU A 49 0.85 5.16 4.91
N LEU A 50 1.56 4.20 4.31
CA LEU A 50 1.19 2.80 4.41
C LEU A 50 0.62 2.48 5.79
N CYS A 51 1.41 2.72 6.82
CA CYS A 51 0.98 2.47 8.20
C CYS A 51 -0.42 3.04 8.45
N GLN A 52 -0.65 4.25 7.94
CA GLN A 52 -1.95 4.90 8.11
C GLN A 52 -3.08 4.04 7.56
N LEU A 53 -2.92 3.60 6.32
CA LEU A 53 -3.92 2.77 5.67
C LEU A 53 -4.59 1.83 6.68
N LEU A 54 -3.79 0.95 7.29
CA LEU A 54 -4.30 0.01 8.27
C LEU A 54 -4.97 0.75 9.43
N ASN A 55 -4.37 1.85 9.86
CA ASN A 55 -4.91 2.64 10.96
C ASN A 55 -6.28 3.21 10.60
N ASN A 56 -6.53 3.34 9.30
CA ASN A 56 -7.81 3.86 8.82
C ASN A 56 -8.88 2.79 8.83
N LEU A 57 -8.55 1.62 8.26
CA LEU A 57 -9.49 0.51 8.20
C LEU A 57 -9.83 0.01 9.61
N ARG A 58 -8.79 -0.30 10.39
CA ARG A 58 -8.98 -0.78 11.75
C ARG A 58 -8.39 0.19 12.76
N ALA A 59 -8.83 0.10 14.01
CA ALA A 59 -8.35 0.96 15.06
C ALA A 59 -7.20 0.32 15.83
N HIS A 60 -6.26 1.13 16.30
CA HIS A 60 -5.11 0.63 17.04
C HIS A 60 -4.27 -0.31 16.18
N SER A 61 -4.34 -0.12 14.87
CA SER A 61 -3.59 -0.95 13.94
C SER A 61 -2.10 -0.65 14.03
N ILE A 62 -1.76 0.62 14.14
CA ILE A 62 -0.36 1.03 14.24
C ILE A 62 -0.23 2.34 15.01
N ASN A 63 0.77 2.42 15.88
CA ASN A 63 1.02 3.61 16.68
C ASN A 63 1.97 4.57 15.95
N LEU A 64 1.41 5.68 15.47
CA LEU A 64 2.21 6.68 14.76
C LEU A 64 3.50 6.97 15.49
N LYS A 65 3.41 7.09 16.81
CA LYS A 65 4.58 7.37 17.64
C LYS A 65 5.64 6.27 17.48
N GLU A 66 5.18 5.04 17.27
CA GLU A 66 6.07 3.91 17.09
C GLU A 66 6.76 3.96 15.73
N ILE A 67 6.11 4.62 14.77
CA ILE A 67 6.65 4.75 13.43
C ILE A 67 7.23 6.14 13.20
N ASN A 68 8.44 6.19 12.65
CA ASN A 68 9.10 7.45 12.36
C ASN A 68 8.23 8.34 11.48
N LEU A 69 7.85 9.50 12.00
CA LEU A 69 7.01 10.44 11.26
C LEU A 69 7.88 11.43 10.47
N ARG A 70 9.11 11.62 10.92
CA ARG A 70 10.03 12.53 10.26
C ARG A 70 11.20 11.77 9.62
N PRO A 71 10.88 10.91 8.64
CA PRO A 71 11.88 10.11 7.93
C PRO A 71 12.78 10.96 7.04
N GLN A 72 12.80 12.27 7.29
CA GLN A 72 13.61 13.19 6.51
C GLN A 72 14.83 12.48 5.95
N MET A 73 14.72 11.98 4.73
CA MET A 73 15.83 11.27 4.08
C MET A 73 16.66 10.52 5.11
N SER A 74 16.00 9.73 5.95
CA SER A 74 16.67 8.96 6.98
C SER A 74 16.45 7.46 6.77
N GLN A 75 17.28 6.85 5.93
CA GLN A 75 17.17 5.43 5.64
C GLN A 75 16.70 4.66 6.87
N PHE A 76 17.44 4.79 7.96
CA PHE A 76 17.10 4.11 9.21
C PHE A 76 15.61 4.26 9.52
N LEU A 77 15.11 5.47 9.34
CA LEU A 77 13.69 5.77 9.60
C LEU A 77 12.80 5.15 8.53
N CYS A 78 13.17 5.36 7.28
CA CYS A 78 12.40 4.83 6.16
C CYS A 78 12.27 3.32 6.26
N LEU A 79 13.40 2.62 6.17
CA LEU A 79 13.42 1.17 6.25
C LEU A 79 12.54 0.68 7.40
N LYS A 80 12.88 1.10 8.61
CA LYS A 80 12.12 0.71 9.79
C LYS A 80 10.62 0.92 9.57
N ASN A 81 10.24 2.16 9.27
CA ASN A 81 8.84 2.49 9.04
C ASN A 81 8.15 1.39 8.26
N ILE A 82 8.66 1.07 7.07
CA ILE A 82 8.09 0.04 6.23
C ILE A 82 7.79 -1.22 7.04
N ARG A 83 8.82 -1.78 7.65
CA ARG A 83 8.66 -2.98 8.46
C ARG A 83 7.45 -2.87 9.39
N THR A 84 7.38 -1.77 10.13
CA THR A 84 6.28 -1.53 11.06
C THR A 84 4.95 -1.95 10.43
N PHE A 85 4.75 -1.58 9.17
CA PHE A 85 3.51 -1.91 8.47
C PHE A 85 3.38 -3.43 8.29
N LEU A 86 4.32 -4.01 7.54
CA LEU A 86 4.32 -5.43 7.29
C LEU A 86 4.05 -6.22 8.57
N THR A 87 4.42 -5.63 9.70
CA THR A 87 4.23 -6.27 10.99
C THR A 87 2.75 -6.28 11.38
N ALA A 88 2.11 -5.12 11.35
CA ALA A 88 0.70 -5.00 11.69
C ALA A 88 -0.16 -5.88 10.77
N CYS A 89 0.34 -6.13 9.57
CA CYS A 89 -0.37 -6.95 8.60
C CYS A 89 -0.62 -8.35 9.14
N CYS A 90 0.27 -8.79 10.02
CA CYS A 90 0.16 -10.13 10.61
C CYS A 90 -0.32 -10.04 12.06
N GLU A 91 -0.06 -8.90 12.69
CA GLU A 91 -0.45 -8.69 14.09
C GLU A 91 -1.87 -8.12 14.16
N THR A 92 -2.06 -6.93 13.59
CA THR A 92 -3.36 -6.28 13.61
C THR A 92 -4.38 -7.09 12.82
N PHE A 93 -4.05 -7.40 11.57
CA PHE A 93 -4.94 -8.17 10.71
C PHE A 93 -4.69 -9.67 10.86
N GLY A 94 -3.51 -10.12 10.41
CA GLY A 94 -3.16 -11.52 10.51
C GLY A 94 -3.27 -12.23 9.18
N MET A 95 -2.32 -11.95 8.28
CA MET A 95 -2.31 -12.57 6.96
C MET A 95 -1.02 -13.35 6.74
N ARG A 96 -0.97 -14.11 5.65
CA ARG A 96 0.20 -14.91 5.32
C ARG A 96 1.45 -14.04 5.24
N LYS A 97 2.23 -14.03 6.31
CA LYS A 97 3.45 -13.24 6.37
C LYS A 97 4.31 -13.48 5.13
N SER A 98 4.33 -14.72 4.67
CA SER A 98 5.12 -15.08 3.49
C SER A 98 4.70 -14.25 2.28
N GLU A 99 3.40 -14.01 2.16
CA GLU A 99 2.88 -13.22 1.04
C GLU A 99 3.42 -11.79 1.09
N LEU A 100 3.48 -11.22 2.28
CA LEU A 100 3.98 -9.86 2.46
C LEU A 100 5.23 -9.63 1.63
N PHE A 101 5.58 -8.37 1.42
CA PHE A 101 6.76 -8.01 0.65
C PHE A 101 7.87 -7.50 1.56
N GLU A 102 9.07 -7.37 0.99
CA GLU A 102 10.22 -6.88 1.75
C GLU A 102 10.18 -5.37 1.91
N ALA A 103 11.23 -4.81 2.51
CA ALA A 103 11.31 -3.37 2.72
C ALA A 103 12.12 -2.70 1.61
N PHE A 104 13.18 -3.36 1.18
CA PHE A 104 14.04 -2.82 0.13
C PHE A 104 13.24 -2.60 -1.16
N ASP A 105 12.67 -3.68 -1.68
CA ASP A 105 11.88 -3.60 -2.91
C ASP A 105 11.09 -2.30 -2.96
N LEU A 106 10.58 -1.87 -1.81
CA LEU A 106 9.80 -0.65 -1.73
C LEU A 106 10.70 0.56 -1.59
N PHE A 107 11.67 0.48 -0.68
CA PHE A 107 12.60 1.57 -0.44
C PHE A 107 13.31 1.97 -1.74
N ASP A 108 13.95 1.00 -2.38
CA ASP A 108 14.66 1.26 -3.63
C ASP A 108 13.71 1.16 -4.82
N VAL A 109 12.41 1.23 -4.54
CA VAL A 109 11.40 1.15 -5.60
C VAL A 109 11.79 0.12 -6.65
N ARG A 110 12.51 -0.92 -6.23
CA ARG A 110 12.94 -1.97 -7.14
C ARG A 110 11.74 -2.64 -7.81
N ASP A 111 10.90 -3.27 -7.00
CA ASP A 111 9.71 -3.95 -7.53
C ASP A 111 8.46 -3.49 -6.79
N PHE A 112 7.80 -2.48 -7.34
CA PHE A 112 6.59 -1.93 -6.74
C PHE A 112 5.41 -2.90 -6.92
N GLY A 113 5.35 -3.53 -8.10
CA GLY A 113 4.27 -4.46 -8.37
C GLY A 113 4.01 -5.40 -7.21
N LYS A 114 5.06 -5.77 -6.49
CA LYS A 114 4.95 -6.67 -5.36
C LYS A 114 4.11 -6.03 -4.25
N VAL A 115 4.28 -4.72 -4.06
CA VAL A 115 3.55 -3.99 -3.04
C VAL A 115 2.08 -3.87 -3.39
N ILE A 116 1.80 -3.64 -4.67
CA ILE A 116 0.44 -3.51 -5.15
C ILE A 116 -0.36 -4.78 -4.91
N GLU A 117 0.26 -5.92 -5.22
CA GLU A 117 -0.39 -7.21 -5.04
C GLU A 117 -0.82 -7.41 -3.59
N THR A 118 0.13 -7.27 -2.67
CA THR A 118 -0.14 -7.44 -1.25
C THR A 118 -1.48 -6.80 -0.87
N LEU A 119 -1.67 -5.54 -1.27
CA LEU A 119 -2.90 -4.83 -0.97
C LEU A 119 -4.10 -5.51 -1.62
N SER A 120 -3.89 -6.01 -2.84
CA SER A 120 -4.95 -6.68 -3.58
C SER A 120 -5.63 -7.74 -2.72
N ARG A 121 -4.82 -8.54 -2.02
CA ARG A 121 -5.34 -9.60 -1.16
C ARG A 121 -5.79 -9.03 0.18
N LEU A 122 -5.05 -8.04 0.68
CA LEU A 122 -5.37 -7.41 1.95
C LEU A 122 -6.85 -7.03 2.02
N SER A 123 -7.33 -6.40 0.94
CA SER A 123 -8.73 -5.99 0.88
C SER A 123 -9.67 -7.15 1.19
N ARG A 124 -9.17 -8.37 0.98
CA ARG A 124 -9.96 -9.57 1.24
C ARG A 124 -10.38 -9.64 2.71
N THR A 125 -9.57 -9.04 3.57
CA THR A 125 -9.85 -9.04 5.01
C THR A 125 -11.21 -8.42 5.30
N PRO A 126 -11.84 -8.86 6.39
CA PRO A 126 -13.16 -8.36 6.81
C PRO A 126 -13.10 -6.93 7.31
N ILE A 127 -11.91 -6.34 7.28
CA ILE A 127 -11.72 -4.97 7.73
C ILE A 127 -11.82 -3.99 6.57
N ALA A 128 -11.23 -4.35 5.44
CA ALA A 128 -11.27 -3.50 4.25
C ALA A 128 -12.67 -3.47 3.64
N LEU A 129 -13.21 -4.64 3.35
CA LEU A 129 -14.55 -4.74 2.77
C LEU A 129 -15.59 -4.07 3.67
N ALA A 130 -15.42 -4.24 4.97
CA ALA A 130 -16.35 -3.66 5.95
C ALA A 130 -16.65 -2.20 5.60
N THR A 131 -15.60 -1.42 5.35
CA THR A 131 -15.77 -0.02 5.00
C THR A 131 -16.69 0.16 3.81
N GLY A 132 -16.61 -0.77 2.86
CA GLY A 132 -17.45 -0.70 1.68
C GLY A 132 -16.74 -0.09 0.49
N ILE A 133 -15.41 -0.11 0.53
CA ILE A 133 -14.62 0.45 -0.55
C ILE A 133 -14.51 -0.53 -1.72
N ARG A 134 -14.58 0.01 -2.93
CA ARG A 134 -14.49 -0.82 -4.14
C ARG A 134 -13.37 -1.85 -4.01
N PRO A 135 -13.74 -3.11 -3.75
CA PRO A 135 -12.78 -4.21 -3.60
C PRO A 135 -12.12 -4.57 -4.92
N PHE A 136 -10.82 -4.87 -4.87
CA PHE A 136 -10.06 -5.24 -6.05
C PHE A 136 -10.89 -6.15 -6.96
N PRO A 137 -10.55 -6.16 -8.26
CA PRO A 137 -11.24 -6.98 -9.25
C PRO A 137 -10.97 -8.47 -9.07
N SER A 138 -10.09 -8.79 -8.13
CA SER A 138 -9.73 -10.18 -7.86
C SER A 138 -10.42 -10.68 -6.59
N GLY A 139 -11.39 -11.57 -6.76
CA GLY A 139 -12.11 -12.12 -5.63
C GLY A 139 -13.50 -12.61 -6.01
N PRO A 140 -14.04 -13.53 -5.20
CA PRO A 140 -15.37 -14.10 -5.43
C PRO A 140 -16.49 -13.08 -5.20
N SER A 141 -17.73 -13.53 -5.38
CA SER A 141 -18.89 -12.65 -5.20
C SER A 141 -18.85 -12.00 -3.81
N SER A 142 -19.45 -10.82 -3.71
CA SER A 142 -19.48 -10.08 -2.45
C SER A 142 -20.80 -10.34 -1.72
N GLY A 143 -20.79 -11.33 -0.83
CA GLY A 143 -22.00 -11.65 -0.08
C GLY A 143 -21.81 -11.42 1.41
N GLY A 1 12.10 5.45 -21.89
CA GLY A 1 11.11 4.66 -22.58
C GLY A 1 10.31 5.49 -23.58
N SER A 2 9.16 4.95 -24.00
CA SER A 2 8.30 5.64 -24.96
C SER A 2 6.85 5.25 -24.76
N SER A 3 6.06 6.18 -24.20
CA SER A 3 4.65 5.92 -23.96
C SER A 3 3.99 5.25 -25.17
N GLY A 4 2.93 4.51 -24.92
CA GLY A 4 2.23 3.83 -26.00
C GLY A 4 1.91 2.38 -25.66
N SER A 5 0.96 2.18 -24.77
CA SER A 5 0.55 0.84 -24.36
C SER A 5 -0.96 0.72 -24.26
N SER A 6 -1.46 -0.50 -24.36
CA SER A 6 -2.89 -0.76 -24.29
C SER A 6 -3.22 -1.73 -23.16
N GLY A 7 -4.01 -1.26 -22.21
CA GLY A 7 -4.38 -2.10 -21.08
C GLY A 7 -4.57 -1.32 -19.80
N MET A 8 -5.04 -1.99 -18.75
CA MET A 8 -5.27 -1.34 -17.47
C MET A 8 -4.17 -1.70 -16.47
N GLU A 9 -3.22 -0.78 -16.28
CA GLU A 9 -2.12 -1.00 -15.36
C GLU A 9 -2.62 -1.48 -14.00
N PRO A 10 -1.74 -2.12 -13.23
CA PRO A 10 -2.07 -2.63 -11.90
C PRO A 10 -2.29 -1.52 -10.89
N TRP A 11 -1.43 -0.51 -10.92
CA TRP A 11 -1.54 0.63 -10.01
C TRP A 11 -2.69 1.55 -10.42
N LYS A 12 -2.80 1.79 -11.72
CA LYS A 12 -3.85 2.65 -12.24
C LYS A 12 -5.12 2.54 -11.39
N GLN A 13 -5.64 1.33 -11.28
CA GLN A 13 -6.85 1.10 -10.49
C GLN A 13 -6.58 1.26 -9.00
N CYS A 14 -5.46 0.71 -8.55
CA CYS A 14 -5.08 0.80 -7.14
C CYS A 14 -5.28 2.22 -6.60
N ALA A 15 -4.71 3.19 -7.31
CA ALA A 15 -4.82 4.59 -6.92
C ALA A 15 -6.18 4.87 -6.30
N GLN A 16 -7.24 4.39 -6.95
CA GLN A 16 -8.60 4.60 -6.45
C GLN A 16 -8.75 4.07 -5.04
N TRP A 17 -8.68 2.75 -4.90
CA TRP A 17 -8.81 2.11 -3.58
C TRP A 17 -8.16 2.95 -2.50
N LEU A 18 -6.93 3.38 -2.74
CA LEU A 18 -6.20 4.20 -1.78
C LEU A 18 -7.01 5.43 -1.39
N ILE A 19 -7.42 6.21 -2.38
CA ILE A 19 -8.20 7.42 -2.13
C ILE A 19 -9.39 7.11 -1.24
N HIS A 20 -10.08 6.00 -1.51
CA HIS A 20 -11.24 5.59 -0.74
C HIS A 20 -10.81 5.11 0.65
N CYS A 21 -9.66 4.47 0.72
CA CYS A 21 -9.14 3.95 1.99
C CYS A 21 -8.80 5.09 2.94
N LYS A 22 -8.92 6.31 2.45
CA LYS A 22 -8.61 7.50 3.26
C LYS A 22 -7.11 7.63 3.47
N VAL A 23 -6.35 7.48 2.40
CA VAL A 23 -4.90 7.59 2.48
C VAL A 23 -4.37 8.65 1.52
N LEU A 24 -5.09 8.84 0.41
CA LEU A 24 -4.70 9.83 -0.58
C LEU A 24 -5.89 10.69 -0.99
N PRO A 25 -5.62 11.96 -1.33
CA PRO A 25 -6.65 12.91 -1.74
C PRO A 25 -7.24 12.57 -3.12
N THR A 26 -8.37 13.18 -3.44
CA THR A 26 -9.03 12.95 -4.71
C THR A 26 -8.30 13.65 -5.85
N ASN A 27 -7.58 14.72 -5.52
CA ASN A 27 -6.84 15.48 -6.51
C ASN A 27 -5.34 15.28 -6.33
N HIS A 28 -4.97 14.13 -5.77
CA HIS A 28 -3.56 13.82 -5.55
C HIS A 28 -2.77 13.88 -6.86
N ARG A 29 -1.49 13.51 -6.80
CA ARG A 29 -0.63 13.52 -7.97
C ARG A 29 -0.67 12.18 -8.70
N VAL A 30 -0.82 11.11 -7.93
CA VAL A 30 -0.89 9.77 -8.50
C VAL A 30 -2.12 9.60 -9.38
N THR A 31 -3.11 10.46 -9.18
CA THR A 31 -4.35 10.42 -9.95
C THR A 31 -4.12 10.86 -11.38
N TRP A 32 -3.25 11.84 -11.57
CA TRP A 32 -2.94 12.36 -12.90
C TRP A 32 -2.40 11.25 -13.79
N ASP A 33 -2.95 11.15 -14.99
CA ASP A 33 -2.52 10.14 -15.95
C ASP A 33 -1.00 10.14 -16.09
N SER A 34 -0.43 11.34 -16.20
CA SER A 34 1.01 11.48 -16.34
C SER A 34 1.76 10.67 -15.29
N ALA A 35 1.27 10.73 -14.06
CA ALA A 35 1.87 10.00 -12.96
C ALA A 35 2.18 8.56 -13.35
N GLN A 36 2.97 7.88 -12.53
CA GLN A 36 3.34 6.50 -12.79
C GLN A 36 3.58 5.74 -11.49
N VAL A 37 3.60 4.41 -11.59
CA VAL A 37 3.82 3.56 -10.41
C VAL A 37 4.79 4.23 -9.43
N PHE A 38 5.88 4.78 -9.97
CA PHE A 38 6.88 5.45 -9.15
C PHE A 38 6.23 6.45 -8.20
N ASP A 39 5.52 7.42 -8.77
CA ASP A 39 4.84 8.44 -7.99
C ASP A 39 4.19 7.83 -6.75
N LEU A 40 3.25 6.92 -6.97
CA LEU A 40 2.55 6.26 -5.87
C LEU A 40 3.51 5.44 -5.02
N ALA A 41 4.64 5.05 -5.62
CA ALA A 41 5.65 4.26 -4.91
C ALA A 41 6.53 5.15 -4.04
N GLN A 42 6.65 6.43 -4.43
CA GLN A 42 7.45 7.38 -3.69
C GLN A 42 6.74 7.84 -2.42
N THR A 43 5.51 8.33 -2.59
CA THR A 43 4.71 8.81 -1.47
C THR A 43 4.67 7.78 -0.35
N LEU A 44 4.91 6.52 -0.70
CA LEU A 44 4.89 5.44 0.28
C LEU A 44 6.31 5.00 0.63
N ARG A 45 7.23 5.18 -0.32
CA ARG A 45 8.62 4.80 -0.10
C ARG A 45 9.08 5.21 1.30
N ASP A 46 8.55 6.32 1.79
CA ASP A 46 8.91 6.81 3.11
C ASP A 46 8.48 5.83 4.20
N GLY A 47 7.24 5.36 4.11
CA GLY A 47 6.72 4.43 5.08
C GLY A 47 5.89 5.11 6.16
N VAL A 48 5.35 6.27 5.84
CA VAL A 48 4.54 7.02 6.80
C VAL A 48 3.05 6.88 6.48
N LEU A 49 2.72 6.82 5.20
CA LEU A 49 1.34 6.68 4.77
C LEU A 49 0.86 5.23 4.91
N LEU A 50 1.66 4.31 4.39
CA LEU A 50 1.32 2.88 4.46
C LEU A 50 0.70 2.54 5.81
N CYS A 51 1.44 2.81 6.89
CA CYS A 51 0.97 2.53 8.23
C CYS A 51 -0.45 3.07 8.44
N GLN A 52 -0.68 4.29 7.96
CA GLN A 52 -1.99 4.92 8.09
C GLN A 52 -3.08 4.04 7.48
N LEU A 53 -2.86 3.60 6.25
CA LEU A 53 -3.82 2.76 5.55
C LEU A 53 -4.52 1.82 6.52
N LEU A 54 -3.74 0.94 7.14
CA LEU A 54 -4.29 -0.03 8.10
C LEU A 54 -5.02 0.69 9.23
N ASN A 55 -4.39 1.75 9.75
CA ASN A 55 -4.98 2.51 10.84
C ASN A 55 -6.35 3.04 10.45
N ASN A 56 -6.56 3.25 9.16
CA ASN A 56 -7.83 3.76 8.65
C ASN A 56 -8.89 2.66 8.64
N LEU A 57 -8.49 1.46 8.21
CA LEU A 57 -9.40 0.33 8.16
C LEU A 57 -9.78 -0.14 9.56
N ARG A 58 -8.77 -0.43 10.37
CA ARG A 58 -9.00 -0.88 11.74
C ARG A 58 -8.40 0.10 12.75
N ALA A 59 -8.91 0.06 13.97
CA ALA A 59 -8.42 0.94 15.03
C ALA A 59 -7.29 0.29 15.80
N HIS A 60 -6.33 1.11 16.24
CA HIS A 60 -5.19 0.62 16.99
C HIS A 60 -4.35 -0.33 16.15
N SER A 61 -4.43 -0.16 14.83
CA SER A 61 -3.68 -1.02 13.91
C SER A 61 -2.18 -0.71 13.98
N ILE A 62 -1.85 0.57 14.01
CA ILE A 62 -0.45 0.99 14.08
C ILE A 62 -0.31 2.30 14.84
N ASN A 63 0.54 2.31 15.86
CA ASN A 63 0.77 3.50 16.66
C ASN A 63 1.69 4.48 15.93
N LEU A 64 1.11 5.58 15.46
CA LEU A 64 1.88 6.60 14.74
C LEU A 64 3.19 6.89 15.46
N LYS A 65 3.18 6.78 16.78
CA LYS A 65 4.37 7.02 17.58
C LYS A 65 5.44 5.96 17.33
N GLU A 66 4.99 4.72 17.16
CA GLU A 66 5.90 3.61 16.90
C GLU A 66 6.66 3.82 15.60
N ILE A 67 6.07 4.60 14.69
CA ILE A 67 6.68 4.88 13.40
C ILE A 67 7.25 6.29 13.36
N ASN A 68 8.41 6.44 12.73
CA ASN A 68 9.05 7.75 12.61
C ASN A 68 8.35 8.61 11.58
N LEU A 69 7.39 9.41 12.03
CA LEU A 69 6.64 10.29 11.14
C LEU A 69 7.59 11.14 10.28
N ARG A 70 8.81 11.34 10.78
CA ARG A 70 9.81 12.11 10.06
C ARG A 70 11.06 11.29 9.79
N PRO A 71 11.05 10.55 8.68
CA PRO A 71 12.19 9.70 8.28
C PRO A 71 13.39 10.51 7.84
N GLN A 72 13.26 11.83 7.90
CA GLN A 72 14.34 12.73 7.51
C GLN A 72 15.15 12.13 6.35
N MET A 73 14.44 11.67 5.33
CA MET A 73 15.09 11.08 4.16
C MET A 73 16.29 10.24 4.57
N SER A 74 16.08 9.36 5.55
CA SER A 74 17.15 8.50 6.04
C SER A 74 16.97 7.07 5.53
N GLN A 75 17.95 6.22 5.83
CA GLN A 75 17.89 4.83 5.40
C GLN A 75 17.38 3.93 6.53
N PHE A 76 17.78 4.24 7.75
CA PHE A 76 17.37 3.47 8.92
C PHE A 76 15.91 3.76 9.27
N LEU A 77 15.61 5.03 9.50
CA LEU A 77 14.25 5.44 9.85
C LEU A 77 13.25 4.96 8.81
N CYS A 78 13.47 5.35 7.56
CA CYS A 78 12.59 4.95 6.46
C CYS A 78 12.32 3.45 6.50
N LEU A 79 13.38 2.66 6.40
CA LEU A 79 13.27 1.20 6.42
C LEU A 79 12.46 0.73 7.62
N LYS A 80 12.88 1.16 8.81
CA LYS A 80 12.19 0.79 10.04
C LYS A 80 10.69 1.01 9.91
N ASN A 81 10.30 2.21 9.51
CA ASN A 81 8.90 2.56 9.34
C ASN A 81 8.17 1.48 8.55
N ILE A 82 8.64 1.22 7.33
CA ILE A 82 8.04 0.21 6.48
C ILE A 82 7.77 -1.08 7.25
N ARG A 83 8.83 -1.66 7.81
CA ARG A 83 8.71 -2.89 8.57
C ARG A 83 7.49 -2.86 9.48
N THR A 84 7.40 -1.82 10.31
CA THR A 84 6.27 -1.67 11.23
C THR A 84 4.96 -2.06 10.56
N PHE A 85 4.74 -1.52 9.36
CA PHE A 85 3.51 -1.81 8.62
C PHE A 85 3.38 -3.31 8.36
N LEU A 86 4.37 -3.88 7.68
CA LEU A 86 4.36 -5.31 7.37
C LEU A 86 4.08 -6.13 8.61
N THR A 87 4.46 -5.61 9.77
CA THR A 87 4.25 -6.30 11.04
C THR A 87 2.77 -6.31 11.42
N ALA A 88 2.13 -5.16 11.30
CA ALA A 88 0.71 -5.04 11.63
C ALA A 88 -0.13 -5.97 10.77
N CYS A 89 0.31 -6.19 9.53
CA CYS A 89 -0.40 -7.06 8.61
C CYS A 89 -0.68 -8.42 9.24
N CYS A 90 0.15 -8.79 10.21
CA CYS A 90 -0.01 -10.07 10.90
C CYS A 90 -0.46 -9.87 12.34
N GLU A 91 -0.03 -8.75 12.93
CA GLU A 91 -0.38 -8.44 14.31
C GLU A 91 -1.80 -7.87 14.39
N THR A 92 -2.07 -6.84 13.60
CA THR A 92 -3.39 -6.22 13.58
C THR A 92 -4.40 -7.09 12.85
N PHE A 93 -4.07 -7.46 11.62
CA PHE A 93 -4.95 -8.29 10.81
C PHE A 93 -4.69 -9.76 11.06
N GLY A 94 -3.54 -10.25 10.59
CA GLY A 94 -3.19 -11.65 10.78
C GLY A 94 -3.13 -12.41 9.47
N MET A 95 -2.50 -11.81 8.46
CA MET A 95 -2.36 -12.44 7.16
C MET A 95 -1.01 -13.13 7.02
N ARG A 96 -0.83 -13.84 5.91
CA ARG A 96 0.42 -14.55 5.67
C ARG A 96 1.60 -13.58 5.60
N LYS A 97 2.81 -14.13 5.53
CA LYS A 97 4.01 -13.32 5.46
C LYS A 97 4.56 -13.27 4.04
N SER A 98 4.41 -14.37 3.32
CA SER A 98 4.89 -14.46 1.94
C SER A 98 4.23 -13.39 1.06
N GLU A 99 3.00 -13.03 1.42
CA GLU A 99 2.27 -12.02 0.66
C GLU A 99 2.94 -10.65 0.78
N LEU A 100 3.30 -10.29 2.01
CA LEU A 100 3.95 -9.01 2.26
C LEU A 100 5.06 -8.74 1.24
N PHE A 101 5.40 -7.48 1.06
CA PHE A 101 6.44 -7.09 0.11
C PHE A 101 7.74 -6.74 0.85
N GLU A 102 8.86 -6.95 0.17
CA GLU A 102 10.17 -6.67 0.75
C GLU A 102 10.33 -5.18 1.02
N ALA A 103 10.67 -4.84 2.26
CA ALA A 103 10.86 -3.44 2.64
C ALA A 103 11.78 -2.72 1.67
N PHE A 104 12.91 -3.34 1.36
CA PHE A 104 13.88 -2.76 0.45
C PHE A 104 13.24 -2.45 -0.90
N ASP A 105 12.60 -3.45 -1.50
CA ASP A 105 11.94 -3.28 -2.78
C ASP A 105 11.18 -1.96 -2.84
N LEU A 106 10.66 -1.54 -1.70
CA LEU A 106 9.91 -0.29 -1.61
C LEU A 106 10.86 0.90 -1.43
N PHE A 107 11.78 0.79 -0.48
CA PHE A 107 12.73 1.85 -0.21
C PHE A 107 13.43 2.29 -1.49
N ASP A 108 14.11 1.35 -2.15
CA ASP A 108 14.82 1.65 -3.39
C ASP A 108 13.86 1.63 -4.58
N VAL A 109 12.61 1.24 -4.33
CA VAL A 109 11.61 1.19 -5.37
C VAL A 109 12.00 0.19 -6.47
N ARG A 110 12.45 -0.99 -6.05
CA ARG A 110 12.85 -2.02 -7.00
C ARG A 110 11.66 -2.59 -7.74
N ASP A 111 10.77 -3.24 -7.00
CA ASP A 111 9.57 -3.83 -7.59
C ASP A 111 8.32 -3.38 -6.85
N PHE A 112 7.65 -2.37 -7.38
CA PHE A 112 6.44 -1.85 -6.76
C PHE A 112 5.29 -2.85 -6.88
N GLY A 113 5.21 -3.53 -8.02
CA GLY A 113 4.17 -4.51 -8.23
C GLY A 113 3.94 -5.38 -7.01
N LYS A 114 5.02 -5.71 -6.31
CA LYS A 114 4.93 -6.55 -5.11
C LYS A 114 4.13 -5.85 -4.01
N VAL A 115 4.33 -4.55 -3.89
CA VAL A 115 3.63 -3.76 -2.89
C VAL A 115 2.13 -3.65 -3.21
N ILE A 116 1.82 -3.53 -4.49
CA ILE A 116 0.44 -3.42 -4.93
C ILE A 116 -0.35 -4.68 -4.59
N GLU A 117 0.21 -5.84 -4.96
CA GLU A 117 -0.44 -7.11 -4.69
C GLU A 117 -0.85 -7.21 -3.23
N THR A 118 0.10 -6.99 -2.34
CA THR A 118 -0.17 -7.06 -0.90
C THR A 118 -1.54 -6.48 -0.56
N LEU A 119 -1.83 -5.31 -1.10
CA LEU A 119 -3.11 -4.66 -0.86
C LEU A 119 -4.25 -5.43 -1.51
N SER A 120 -4.02 -5.87 -2.75
CA SER A 120 -5.03 -6.62 -3.49
C SER A 120 -5.63 -7.73 -2.62
N ARG A 121 -4.79 -8.34 -1.79
CA ARG A 121 -5.23 -9.41 -0.91
C ARG A 121 -5.82 -8.85 0.39
N LEU A 122 -5.03 -8.06 1.09
CA LEU A 122 -5.46 -7.45 2.34
C LEU A 122 -6.94 -7.11 2.30
N SER A 123 -7.36 -6.51 1.19
CA SER A 123 -8.77 -6.12 1.01
C SER A 123 -9.69 -7.26 1.44
N ARG A 124 -9.41 -8.46 0.96
CA ARG A 124 -10.23 -9.63 1.30
C ARG A 124 -10.60 -9.63 2.77
N THR A 125 -9.66 -9.19 3.62
CA THR A 125 -9.89 -9.15 5.06
C THR A 125 -11.29 -8.61 5.37
N PRO A 126 -11.86 -9.08 6.48
CA PRO A 126 -13.20 -8.66 6.92
C PRO A 126 -13.22 -7.22 7.41
N ILE A 127 -12.06 -6.57 7.38
CA ILE A 127 -11.94 -5.19 7.82
C ILE A 127 -12.02 -4.23 6.63
N ALA A 128 -11.36 -4.58 5.54
CA ALA A 128 -11.37 -3.76 4.34
C ALA A 128 -12.75 -3.70 3.71
N LEU A 129 -13.42 -4.86 3.67
CA LEU A 129 -14.76 -4.94 3.10
C LEU A 129 -15.78 -4.25 3.99
N ALA A 130 -15.69 -4.50 5.29
CA ALA A 130 -16.60 -3.90 6.26
C ALA A 130 -16.93 -2.46 5.87
N THR A 131 -15.90 -1.69 5.55
CA THR A 131 -16.08 -0.29 5.17
C THR A 131 -16.94 -0.17 3.92
N GLY A 132 -16.76 -1.10 2.99
CA GLY A 132 -17.53 -1.08 1.76
C GLY A 132 -16.78 -0.40 0.62
N ILE A 133 -15.46 -0.42 0.70
CA ILE A 133 -14.63 0.19 -0.33
C ILE A 133 -14.45 -0.73 -1.53
N ARG A 134 -14.38 -0.15 -2.72
CA ARG A 134 -14.21 -0.93 -3.94
C ARG A 134 -13.29 -2.12 -3.70
N PRO A 135 -13.89 -3.30 -3.50
CA PRO A 135 -13.14 -4.54 -3.27
C PRO A 135 -12.41 -5.01 -4.51
N PHE A 136 -11.19 -5.53 -4.31
CA PHE A 136 -10.38 -6.01 -5.42
C PHE A 136 -11.11 -7.11 -6.19
N PRO A 137 -10.72 -7.31 -7.45
CA PRO A 137 -11.32 -8.31 -8.32
C PRO A 137 -10.97 -9.73 -7.90
N SER A 138 -11.90 -10.41 -7.25
CA SER A 138 -11.68 -11.77 -6.79
C SER A 138 -12.48 -12.77 -7.63
N GLY A 139 -13.72 -12.42 -7.93
CA GLY A 139 -14.55 -13.29 -8.73
C GLY A 139 -13.94 -13.62 -10.08
N PRO A 140 -14.70 -14.33 -10.92
CA PRO A 140 -14.24 -14.73 -12.25
C PRO A 140 -14.14 -13.54 -13.21
N SER A 141 -13.44 -13.73 -14.32
CA SER A 141 -13.27 -12.67 -15.31
C SER A 141 -13.09 -13.26 -16.71
N SER A 142 -13.88 -12.78 -17.66
CA SER A 142 -13.81 -13.26 -19.03
C SER A 142 -13.86 -12.09 -20.01
N GLY A 143 -13.73 -12.40 -21.29
CA GLY A 143 -13.76 -11.37 -22.32
C GLY A 143 -12.42 -10.68 -22.49
N GLY A 1 -10.91 15.02 -21.76
CA GLY A 1 -12.05 14.14 -21.86
C GLY A 1 -12.01 13.02 -20.83
N SER A 2 -12.44 11.83 -21.23
CA SER A 2 -12.45 10.67 -20.34
C SER A 2 -11.41 9.65 -20.78
N SER A 3 -10.22 9.74 -20.22
CA SER A 3 -9.14 8.82 -20.54
C SER A 3 -9.52 7.39 -20.19
N GLY A 4 -9.09 6.45 -21.03
CA GLY A 4 -9.40 5.05 -20.81
C GLY A 4 -8.80 4.14 -21.87
N SER A 5 -8.20 3.04 -21.43
CA SER A 5 -7.59 2.09 -22.35
C SER A 5 -7.77 0.66 -21.85
N SER A 6 -7.36 -0.30 -22.68
CA SER A 6 -7.47 -1.72 -22.32
C SER A 6 -6.12 -2.28 -21.91
N GLY A 7 -6.00 -2.64 -20.63
CA GLY A 7 -4.76 -3.19 -20.12
C GLY A 7 -3.83 -2.13 -19.58
N MET A 8 -3.98 -1.81 -18.29
CA MET A 8 -3.15 -0.80 -17.65
C MET A 8 -2.45 -1.38 -16.42
N GLU A 9 -1.38 -0.72 -16.00
CA GLU A 9 -0.62 -1.17 -14.84
C GLU A 9 -1.53 -1.34 -13.62
N PRO A 10 -1.13 -2.23 -12.70
CA PRO A 10 -1.89 -2.50 -11.48
C PRO A 10 -1.86 -1.34 -10.50
N TRP A 11 -0.93 -0.42 -10.71
CA TRP A 11 -0.79 0.75 -9.85
C TRP A 11 -1.83 1.81 -10.20
N LYS A 12 -2.23 1.84 -11.46
CA LYS A 12 -3.23 2.81 -11.93
C LYS A 12 -4.53 2.65 -11.15
N GLN A 13 -5.05 1.42 -11.10
CA GLN A 13 -6.29 1.15 -10.38
C GLN A 13 -6.10 1.29 -8.88
N CYS A 14 -5.02 0.72 -8.37
CA CYS A 14 -4.73 0.79 -6.93
C CYS A 14 -5.00 2.18 -6.40
N ALA A 15 -4.49 3.19 -7.09
CA ALA A 15 -4.67 4.58 -6.68
C ALA A 15 -6.08 4.81 -6.14
N GLN A 16 -7.08 4.33 -6.89
CA GLN A 16 -8.47 4.49 -6.49
C GLN A 16 -8.70 3.95 -5.09
N TRP A 17 -8.45 2.65 -4.91
CA TRP A 17 -8.64 2.01 -3.61
C TRP A 17 -8.04 2.87 -2.49
N LEU A 18 -6.81 3.32 -2.70
CA LEU A 18 -6.13 4.15 -1.71
C LEU A 18 -6.98 5.36 -1.33
N ILE A 19 -7.45 6.09 -2.33
CA ILE A 19 -8.28 7.27 -2.10
C ILE A 19 -9.51 6.91 -1.26
N HIS A 20 -10.12 5.77 -1.57
CA HIS A 20 -11.30 5.31 -0.84
C HIS A 20 -10.92 4.79 0.54
N CYS A 21 -9.72 4.25 0.66
CA CYS A 21 -9.23 3.72 1.93
C CYS A 21 -8.95 4.84 2.92
N LYS A 22 -9.17 6.08 2.49
CA LYS A 22 -8.94 7.24 3.32
C LYS A 22 -7.45 7.42 3.60
N VAL A 23 -6.64 7.36 2.55
CA VAL A 23 -5.20 7.52 2.68
C VAL A 23 -4.68 8.60 1.73
N LEU A 24 -5.35 8.75 0.60
CA LEU A 24 -4.95 9.75 -0.39
C LEU A 24 -6.15 10.58 -0.84
N PRO A 25 -5.89 11.85 -1.17
CA PRO A 25 -6.94 12.78 -1.61
C PRO A 25 -7.47 12.43 -3.00
N THR A 26 -8.68 12.87 -3.29
CA THR A 26 -9.31 12.61 -4.58
C THR A 26 -8.57 13.32 -5.71
N ASN A 27 -7.94 14.45 -5.38
CA ASN A 27 -7.20 15.23 -6.36
C ASN A 27 -5.69 15.06 -6.15
N HIS A 28 -5.30 13.98 -5.49
CA HIS A 28 -3.89 13.70 -5.23
C HIS A 28 -3.07 13.85 -6.51
N ARG A 29 -1.75 13.71 -6.37
CA ARG A 29 -0.86 13.83 -7.50
C ARG A 29 -0.69 12.48 -8.21
N VAL A 30 -0.99 11.41 -7.50
CA VAL A 30 -0.88 10.06 -8.05
C VAL A 30 -1.99 9.79 -9.06
N THR A 31 -3.09 10.55 -8.94
CA THR A 31 -4.22 10.39 -9.83
C THR A 31 -3.95 11.04 -11.19
N TRP A 32 -2.94 11.90 -11.22
CA TRP A 32 -2.57 12.59 -12.47
C TRP A 32 -2.03 11.61 -13.49
N ASP A 33 -2.57 11.67 -14.71
CA ASP A 33 -2.13 10.79 -15.78
C ASP A 33 -0.61 10.86 -15.96
N SER A 34 -0.03 11.99 -15.55
CA SER A 34 1.41 12.18 -15.67
C SER A 34 2.16 11.34 -14.63
N ALA A 35 1.57 11.20 -13.45
CA ALA A 35 2.17 10.43 -12.38
C ALA A 35 2.67 9.07 -12.90
N GLN A 36 3.48 8.40 -12.09
CA GLN A 36 4.02 7.10 -12.47
C GLN A 36 4.14 6.19 -11.24
N VAL A 37 4.24 4.89 -11.49
CA VAL A 37 4.36 3.91 -10.42
C VAL A 37 5.25 4.44 -9.30
N PHE A 38 6.31 5.14 -9.67
CA PHE A 38 7.24 5.70 -8.70
C PHE A 38 6.53 6.68 -7.76
N ASP A 39 5.92 7.70 -8.35
CA ASP A 39 5.20 8.70 -7.57
C ASP A 39 4.41 8.05 -6.43
N LEU A 40 3.52 7.14 -6.78
CA LEU A 40 2.70 6.44 -5.79
C LEU A 40 3.56 5.54 -4.91
N ALA A 41 4.68 5.09 -5.46
CA ALA A 41 5.60 4.22 -4.72
C ALA A 41 6.44 5.03 -3.74
N GLN A 42 6.57 6.32 -3.99
CA GLN A 42 7.35 7.20 -3.13
C GLN A 42 6.57 7.54 -1.86
N THR A 43 5.34 7.99 -2.02
CA THR A 43 4.50 8.35 -0.89
C THR A 43 4.39 7.20 0.10
N LEU A 44 4.58 5.99 -0.40
CA LEU A 44 4.51 4.80 0.45
C LEU A 44 5.91 4.28 0.78
N ARG A 45 6.89 4.71 0.00
CA ARG A 45 8.28 4.29 0.22
C ARG A 45 8.73 4.61 1.64
N ASP A 46 8.31 5.78 2.13
CA ASP A 46 8.68 6.21 3.47
C ASP A 46 7.77 5.56 4.51
N GLY A 47 7.04 4.53 4.09
CA GLY A 47 6.14 3.84 5.00
C GLY A 47 5.36 4.80 5.88
N VAL A 48 5.09 5.99 5.36
CA VAL A 48 4.34 7.00 6.11
C VAL A 48 2.85 6.74 6.04
N LEU A 49 2.32 6.62 4.81
CA LEU A 49 0.90 6.37 4.61
C LEU A 49 0.57 4.90 4.85
N LEU A 50 1.39 4.01 4.30
CA LEU A 50 1.19 2.58 4.46
C LEU A 50 0.61 2.26 5.84
N CYS A 51 1.34 2.65 6.88
CA CYS A 51 0.89 2.40 8.25
C CYS A 51 -0.49 3.00 8.48
N GLN A 52 -0.71 4.20 7.94
CA GLN A 52 -1.99 4.88 8.11
C GLN A 52 -3.13 4.05 7.52
N LEU A 53 -2.91 3.51 6.32
CA LEU A 53 -3.91 2.69 5.66
C LEU A 53 -4.58 1.73 6.65
N LEU A 54 -3.77 0.93 7.33
CA LEU A 54 -4.28 -0.03 8.29
C LEU A 54 -5.00 0.68 9.44
N ASN A 55 -4.39 1.76 9.93
CA ASN A 55 -4.97 2.52 11.03
C ASN A 55 -6.35 3.07 10.64
N ASN A 56 -6.57 3.20 9.33
CA ASN A 56 -7.85 3.71 8.83
C ASN A 56 -8.92 2.62 8.87
N LEU A 57 -8.58 1.45 8.35
CA LEU A 57 -9.51 0.33 8.32
C LEU A 57 -9.85 -0.13 9.73
N ARG A 58 -8.83 -0.41 10.52
CA ARG A 58 -9.02 -0.86 11.89
C ARG A 58 -8.40 0.12 12.88
N ALA A 59 -8.87 0.10 14.12
CA ALA A 59 -8.36 0.99 15.15
C ALA A 59 -7.22 0.33 15.93
N HIS A 60 -6.28 1.14 16.40
CA HIS A 60 -5.15 0.64 17.16
C HIS A 60 -4.30 -0.31 16.31
N SER A 61 -4.37 -0.14 15.00
CA SER A 61 -3.62 -0.97 14.08
C SER A 61 -2.12 -0.66 14.15
N ILE A 62 -1.78 0.63 14.12
CA ILE A 62 -0.40 1.05 14.20
C ILE A 62 -0.27 2.39 14.92
N ASN A 63 0.64 2.45 15.88
CA ASN A 63 0.86 3.67 16.65
C ASN A 63 1.74 4.64 15.88
N LEU A 64 1.15 5.76 15.45
CA LEU A 64 1.89 6.77 14.69
C LEU A 64 3.19 7.13 15.39
N LYS A 65 3.15 7.16 16.72
CA LYS A 65 4.33 7.49 17.51
C LYS A 65 5.44 6.46 17.29
N GLU A 66 5.05 5.19 17.17
CA GLU A 66 6.01 4.12 16.96
C GLU A 66 6.71 4.27 15.61
N ILE A 67 6.06 4.98 14.69
CA ILE A 67 6.61 5.20 13.35
C ILE A 67 7.13 6.62 13.21
N ASN A 68 8.38 6.75 12.77
CA ASN A 68 8.99 8.06 12.59
C ASN A 68 8.44 8.75 11.34
N LEU A 69 7.53 9.69 11.56
CA LEU A 69 6.92 10.42 10.45
C LEU A 69 7.83 11.54 9.98
N ARG A 70 7.92 11.72 8.66
CA ARG A 70 8.76 12.77 8.08
C ARG A 70 10.23 12.39 8.17
N PRO A 71 10.57 11.21 7.65
CA PRO A 71 11.96 10.70 7.65
C PRO A 71 12.86 11.51 6.72
N GLN A 72 12.31 12.52 6.08
CA GLN A 72 13.07 13.36 5.17
C GLN A 72 13.97 12.52 4.26
N MET A 73 13.44 11.38 3.83
CA MET A 73 14.19 10.48 2.96
C MET A 73 15.36 9.84 3.70
N SER A 74 15.07 9.30 4.89
CA SER A 74 16.10 8.67 5.71
C SER A 74 16.07 7.16 5.53
N GLN A 75 17.20 6.60 5.12
CA GLN A 75 17.31 5.16 4.92
C GLN A 75 16.86 4.39 6.15
N PHE A 76 17.45 4.72 7.29
CA PHE A 76 17.10 4.06 8.55
C PHE A 76 15.60 4.16 8.82
N LEU A 77 15.16 5.37 9.16
CA LEU A 77 13.74 5.61 9.45
C LEU A 77 12.86 4.93 8.41
N CYS A 78 13.08 5.24 7.15
CA CYS A 78 12.31 4.66 6.06
C CYS A 78 12.17 3.15 6.23
N LEU A 79 13.28 2.44 6.08
CA LEU A 79 13.29 0.99 6.22
C LEU A 79 12.53 0.56 7.47
N LYS A 80 12.75 1.27 8.57
CA LYS A 80 12.08 0.96 9.83
C LYS A 80 10.56 1.02 9.66
N ASN A 81 10.07 2.17 9.21
CA ASN A 81 8.64 2.36 9.01
C ASN A 81 8.04 1.20 8.21
N ILE A 82 8.51 1.04 6.98
CA ILE A 82 8.03 -0.03 6.11
C ILE A 82 7.68 -1.28 6.92
N ARG A 83 8.65 -1.77 7.69
CA ARG A 83 8.46 -2.95 8.51
C ARG A 83 7.29 -2.75 9.48
N THR A 84 7.36 -1.70 10.27
CA THR A 84 6.32 -1.39 11.25
C THR A 84 4.93 -1.67 10.67
N PHE A 85 4.78 -1.47 9.36
CA PHE A 85 3.52 -1.71 8.69
C PHE A 85 3.35 -3.19 8.34
N LEU A 86 4.44 -3.82 7.91
CA LEU A 86 4.42 -5.23 7.55
C LEU A 86 4.01 -6.09 8.75
N THR A 87 4.48 -5.69 9.94
CA THR A 87 4.16 -6.43 11.15
C THR A 87 2.68 -6.35 11.48
N ALA A 88 2.12 -5.14 11.42
CA ALA A 88 0.70 -4.94 11.70
C ALA A 88 -0.17 -5.79 10.78
N CYS A 89 0.32 -6.04 9.57
CA CYS A 89 -0.41 -6.84 8.60
C CYS A 89 -0.56 -8.28 9.07
N CYS A 90 0.23 -8.66 10.07
CA CYS A 90 0.19 -10.01 10.62
C CYS A 90 -0.15 -9.99 12.10
N GLU A 91 0.07 -8.84 12.73
CA GLU A 91 -0.22 -8.68 14.15
C GLU A 91 -1.62 -8.14 14.38
N THR A 92 -1.98 -7.11 13.60
CA THR A 92 -3.30 -6.50 13.71
C THR A 92 -4.34 -7.28 12.93
N PHE A 93 -4.05 -7.53 11.65
CA PHE A 93 -4.96 -8.27 10.79
C PHE A 93 -4.72 -9.77 10.90
N GLY A 94 -3.48 -10.18 10.63
CA GLY A 94 -3.15 -11.60 10.70
C GLY A 94 -3.15 -12.26 9.34
N MET A 95 -2.35 -11.73 8.41
CA MET A 95 -2.27 -12.28 7.07
C MET A 95 -0.99 -13.11 6.90
N ARG A 96 -0.82 -13.67 5.71
CA ARG A 96 0.36 -14.49 5.41
C ARG A 96 1.56 -13.61 5.13
N LYS A 97 2.49 -13.53 6.09
CA LYS A 97 3.69 -12.73 5.94
C LYS A 97 4.44 -13.10 4.66
N SER A 98 4.15 -14.29 4.14
CA SER A 98 4.79 -14.76 2.92
C SER A 98 4.32 -13.96 1.71
N GLU A 99 3.09 -13.48 1.77
CA GLU A 99 2.53 -12.69 0.68
C GLU A 99 3.07 -11.27 0.70
N LEU A 100 3.28 -10.74 1.90
CA LEU A 100 3.79 -9.38 2.06
C LEU A 100 5.02 -9.16 1.18
N PHE A 101 5.33 -7.90 0.92
CA PHE A 101 6.48 -7.55 0.10
C PHE A 101 7.72 -7.29 0.97
N GLU A 102 8.89 -7.36 0.34
CA GLU A 102 10.14 -7.15 1.06
C GLU A 102 10.24 -5.71 1.56
N ALA A 103 11.34 -5.39 2.23
CA ALA A 103 11.55 -4.05 2.76
C ALA A 103 12.42 -3.22 1.82
N PHE A 104 13.25 -3.90 1.03
CA PHE A 104 14.13 -3.23 0.08
C PHE A 104 13.40 -2.93 -1.22
N ASP A 105 12.74 -3.94 -1.77
CA ASP A 105 12.01 -3.79 -3.02
C ASP A 105 11.30 -2.43 -3.08
N LEU A 106 10.69 -2.04 -1.97
CA LEU A 106 9.98 -0.77 -1.88
C LEU A 106 10.97 0.39 -1.76
N PHE A 107 11.89 0.29 -0.80
CA PHE A 107 12.89 1.32 -0.58
C PHE A 107 13.59 1.68 -1.89
N ASP A 108 14.30 0.70 -2.45
CA ASP A 108 15.02 0.92 -3.70
C ASP A 108 14.06 0.97 -4.88
N VAL A 109 12.77 0.91 -4.59
CA VAL A 109 11.76 0.96 -5.64
C VAL A 109 12.08 0.00 -6.77
N ARG A 110 12.50 -1.22 -6.40
CA ARG A 110 12.84 -2.23 -7.39
C ARG A 110 11.59 -2.72 -8.12
N ASP A 111 10.66 -3.30 -7.37
CA ASP A 111 9.42 -3.81 -7.95
C ASP A 111 8.22 -3.35 -7.12
N PHE A 112 7.57 -2.29 -7.57
CA PHE A 112 6.40 -1.75 -6.88
C PHE A 112 5.22 -2.70 -7.00
N GLY A 113 5.07 -3.31 -8.17
CA GLY A 113 3.98 -4.23 -8.40
C GLY A 113 3.80 -5.22 -7.26
N LYS A 114 4.90 -5.79 -6.79
CA LYS A 114 4.86 -6.74 -5.70
C LYS A 114 4.19 -6.15 -4.47
N VAL A 115 4.33 -4.83 -4.31
CA VAL A 115 3.73 -4.14 -3.18
C VAL A 115 2.23 -3.93 -3.39
N ILE A 116 1.86 -3.62 -4.62
CA ILE A 116 0.45 -3.40 -4.95
C ILE A 116 -0.37 -4.68 -4.76
N GLU A 117 0.24 -5.81 -5.07
CA GLU A 117 -0.44 -7.10 -4.93
C GLU A 117 -0.92 -7.30 -3.50
N THR A 118 -0.02 -7.12 -2.54
CA THR A 118 -0.36 -7.29 -1.13
C THR A 118 -1.68 -6.62 -0.81
N LEU A 119 -1.83 -5.37 -1.21
CA LEU A 119 -3.05 -4.61 -0.95
C LEU A 119 -4.27 -5.35 -1.52
N SER A 120 -4.22 -5.65 -2.81
CA SER A 120 -5.31 -6.35 -3.48
C SER A 120 -5.86 -7.47 -2.59
N ARG A 121 -4.95 -8.20 -1.95
CA ARG A 121 -5.34 -9.30 -1.08
C ARG A 121 -5.90 -8.77 0.25
N LEU A 122 -5.17 -7.87 0.87
CA LEU A 122 -5.59 -7.28 2.14
C LEU A 122 -7.08 -6.96 2.12
N SER A 123 -7.52 -6.27 1.07
CA SER A 123 -8.93 -5.89 0.94
C SER A 123 -9.83 -7.03 1.37
N ARG A 124 -9.50 -8.25 0.93
CA ARG A 124 -10.29 -9.43 1.28
C ARG A 124 -10.65 -9.42 2.76
N THR A 125 -9.69 -9.07 3.60
CA THR A 125 -9.90 -9.04 5.04
C THR A 125 -11.24 -8.39 5.38
N PRO A 126 -11.87 -8.89 6.46
CA PRO A 126 -13.17 -8.38 6.91
C PRO A 126 -13.08 -6.98 7.49
N ILE A 127 -11.86 -6.43 7.50
CA ILE A 127 -11.63 -5.10 8.02
C ILE A 127 -11.67 -4.04 6.92
N ALA A 128 -11.09 -4.40 5.77
CA ALA A 128 -11.06 -3.49 4.62
C ALA A 128 -12.44 -3.35 4.00
N LEU A 129 -13.10 -4.48 3.75
CA LEU A 129 -14.43 -4.48 3.15
C LEU A 129 -15.44 -3.81 4.08
N ALA A 130 -15.27 -3.99 5.38
CA ALA A 130 -16.16 -3.39 6.37
C ALA A 130 -16.48 -1.95 6.01
N THR A 131 -15.44 -1.17 5.76
CA THR A 131 -15.61 0.24 5.40
C THR A 131 -16.66 0.41 4.30
N GLY A 132 -16.72 -0.57 3.40
CA GLY A 132 -17.68 -0.51 2.31
C GLY A 132 -17.03 -0.16 0.99
N ILE A 133 -15.70 -0.21 0.95
CA ILE A 133 -14.96 0.11 -0.26
C ILE A 133 -15.03 -1.03 -1.27
N ARG A 134 -15.17 -0.69 -2.54
CA ARG A 134 -15.26 -1.68 -3.60
C ARG A 134 -13.95 -2.46 -3.73
N PRO A 135 -14.06 -3.79 -3.91
CA PRO A 135 -12.90 -4.67 -4.04
C PRO A 135 -12.17 -4.45 -5.36
N PHE A 136 -10.84 -4.55 -5.31
CA PHE A 136 -10.02 -4.37 -6.51
C PHE A 136 -9.02 -5.51 -6.66
N PRO A 137 -9.07 -6.20 -7.82
CA PRO A 137 -8.18 -7.31 -8.11
C PRO A 137 -6.73 -6.87 -8.32
N SER A 138 -5.86 -7.83 -8.63
CA SER A 138 -4.46 -7.54 -8.85
C SER A 138 -4.02 -7.98 -10.24
N GLY A 139 -3.20 -7.16 -10.89
CA GLY A 139 -2.73 -7.48 -12.23
C GLY A 139 -3.50 -6.76 -13.31
N PRO A 140 -2.97 -6.80 -14.55
CA PRO A 140 -3.60 -6.16 -15.69
C PRO A 140 -4.88 -6.86 -16.13
N SER A 141 -5.22 -7.92 -15.42
CA SER A 141 -6.44 -8.68 -15.73
C SER A 141 -7.61 -7.76 -15.98
N SER A 142 -8.37 -8.04 -17.05
CA SER A 142 -9.52 -7.22 -17.40
C SER A 142 -10.51 -7.14 -16.24
N GLY A 143 -11.20 -6.01 -16.14
CA GLY A 143 -12.17 -5.83 -15.08
C GLY A 143 -11.53 -5.85 -13.70
#